data_9H5V
#
_entry.id   9H5V
#
_cell.length_a   1.00
_cell.length_b   1.00
_cell.length_c   1.00
_cell.angle_alpha   90.00
_cell.angle_beta   90.00
_cell.angle_gamma   90.00
#
_symmetry.space_group_name_H-M   'P 1'
#
_entity_poly.entity_id   1
_entity_poly.type   'polypeptide(L)'
_entity_poly.pdbx_seq_one_letter_code
;GSAKDVKFGADARALMLQGVDLLADAVAVTMGPKGRTVIIEQSWGSPKVTKDGVTVAKSIDLKDKYKNIGAKLVQDVANN
TNEEAGDGTTTATVLARSIAKEGFEKISKGANPVEIRRGVMLAVDAVIAELKKQSKPVTTPEEIAQVATISANGDKEIGN
IISDAMKKVGRKGVITVKDGKTLNDELEIIEGMKFDRGYISPYFINTSKGQKCEFQDAYVLLSEKKISSIQSIVPALEIA
NAHRKPLVIIAEDVDGEALSTLVLNRLKVGLQVVAVKAPGFGDNRKNQLKDMAIATGGAVFGEEGLTLNLEDVQPHDLGK
VGEVIVTKDDAMLLKGKGDKAQIEKRIQEIIEQLDVTTSEYEKEKLNERLAKLSDGVAVLKVGGTSDVEVNEKKDRVTDA
LNATRAAVEEGIVLGGGCALLRCIPALDSLTPANEDQKIGIEIIKRTLKIPAMTIAKNAGVEGSLIVEKIMQSSSEVGYD
AMAGDFVNMVEKGIIDPTKVVRTALLDAAGVASLLTTAEVVVTEIPKEEKDPGMGAMGGMGGGMGGGMF
;
_entity_poly.pdbx_strand_id   A,B,C,D,E,F,G
#
# COMPACT_ATOMS: atom_id res chain seq x y z
N SER A 2 4.46 17.02 -18.80
CA SER A 2 3.59 17.58 -17.78
C SER A 2 3.01 18.90 -18.23
N ALA A 3 1.78 19.19 -17.81
CA ALA A 3 1.13 20.43 -18.19
C ALA A 3 1.93 21.62 -17.67
N LYS A 4 1.85 22.73 -18.41
CA LYS A 4 2.58 23.93 -18.07
C LYS A 4 1.65 25.13 -18.06
N ASP A 5 1.94 26.09 -17.19
CA ASP A 5 1.25 27.36 -17.14
C ASP A 5 2.19 28.46 -17.62
N VAL A 6 1.64 29.45 -18.32
CA VAL A 6 2.43 30.51 -18.92
C VAL A 6 1.82 31.86 -18.57
N LYS A 7 2.67 32.85 -18.29
CA LYS A 7 2.26 34.21 -18.03
C LYS A 7 3.03 35.16 -18.93
N PHE A 8 2.47 36.35 -19.13
CA PHE A 8 2.99 37.29 -20.12
C PHE A 8 3.20 38.67 -19.50
N GLY A 9 4.31 39.30 -19.88
CA GLY A 9 4.51 40.71 -19.58
C GLY A 9 4.46 41.04 -18.11
N ALA A 10 3.80 42.15 -17.79
CA ALA A 10 3.77 42.62 -16.42
C ALA A 10 3.19 41.58 -15.48
N ASP A 11 2.22 40.80 -15.94
CA ASP A 11 1.55 39.84 -15.07
C ASP A 11 2.50 38.74 -14.62
N ALA A 12 3.66 38.61 -15.24
CA ALA A 12 4.73 37.73 -14.76
C ALA A 12 5.90 38.49 -14.17
N ARG A 13 6.23 39.67 -14.71
CA ARG A 13 7.31 40.46 -14.14
C ARG A 13 7.01 40.85 -12.71
N ALA A 14 5.75 41.18 -12.42
CA ALA A 14 5.37 41.51 -11.04
C ALA A 14 5.57 40.32 -10.13
N LEU A 15 5.19 39.12 -10.58
CA LEU A 15 5.38 37.93 -9.77
C LEU A 15 6.86 37.71 -9.48
N MET A 16 7.70 37.79 -10.51
CA MET A 16 9.12 37.58 -10.30
C MET A 16 9.73 38.66 -9.41
N LEU A 17 9.27 39.91 -9.56
CA LEU A 17 9.77 40.98 -8.71
C LEU A 17 9.38 40.76 -7.25
N GLN A 18 8.13 40.36 -7.01
CA GLN A 18 7.72 40.05 -5.65
C GLN A 18 8.56 38.93 -5.09
N GLY A 19 8.85 37.90 -5.90
CA GLY A 19 9.67 36.81 -5.41
C GLY A 19 11.07 37.25 -5.05
N VAL A 20 11.70 38.03 -5.93
CA VAL A 20 13.07 38.48 -5.65
C VAL A 20 13.12 39.45 -4.49
N ASP A 21 12.02 40.16 -4.22
CA ASP A 21 12.00 41.07 -3.07
C ASP A 21 12.28 40.32 -1.78
N LEU A 22 11.71 39.11 -1.64
CA LEU A 22 11.93 38.34 -0.43
C LEU A 22 13.41 38.06 -0.23
N LEU A 23 14.08 37.54 -1.26
CA LEU A 23 15.51 37.27 -1.14
C LEU A 23 16.29 38.55 -0.88
N ALA A 24 15.94 39.63 -1.58
CA ALA A 24 16.67 40.88 -1.42
C ALA A 24 16.61 41.35 0.03
N ASP A 25 15.42 41.33 0.61
CA ASP A 25 15.30 41.75 2.01
C ASP A 25 15.97 40.76 2.95
N ALA A 26 15.91 39.47 2.64
CA ALA A 26 16.50 38.47 3.52
C ALA A 26 18.02 38.51 3.51
N VAL A 27 18.62 39.09 2.47
CA VAL A 27 20.07 39.18 2.39
C VAL A 27 20.59 40.59 2.62
N ALA A 28 19.73 41.61 2.57
CA ALA A 28 20.20 42.98 2.77
C ALA A 28 20.73 43.19 4.19
N VAL A 29 20.06 42.62 5.19
CA VAL A 29 20.39 42.95 6.57
C VAL A 29 21.82 42.55 6.90
N THR A 30 22.23 41.35 6.50
CA THR A 30 23.54 40.85 6.92
C THR A 30 24.69 41.66 6.34
N MET A 31 24.44 42.51 5.35
CA MET A 31 25.50 43.29 4.73
C MET A 31 26.09 44.28 5.73
N GLY A 32 27.39 44.50 5.64
CA GLY A 32 28.08 45.44 6.50
C GLY A 32 28.58 44.82 7.78
N PRO A 33 29.61 45.42 8.38
CA PRO A 33 30.15 44.85 9.64
C PRO A 33 29.13 44.80 10.75
N LYS A 34 28.19 45.75 10.80
CA LYS A 34 27.12 45.74 11.78
C LYS A 34 25.88 45.02 11.28
N GLY A 35 26.05 44.08 10.35
CA GLY A 35 24.90 43.30 9.89
C GLY A 35 24.29 42.52 11.04
N ARG A 36 22.98 42.39 11.00
CA ARG A 36 22.25 41.65 12.04
C ARG A 36 22.39 40.16 11.76
N THR A 37 21.61 39.35 12.48
CA THR A 37 21.64 37.90 12.32
C THR A 37 20.35 37.42 11.69
N VAL A 38 20.33 36.14 11.37
CA VAL A 38 19.16 35.49 10.80
C VAL A 38 19.05 34.09 11.38
N ILE A 39 17.82 33.64 11.61
CA ILE A 39 17.55 32.34 12.20
C ILE A 39 17.17 31.39 11.09
N ILE A 40 17.97 30.33 10.91
CA ILE A 40 17.71 29.33 9.89
C ILE A 40 17.24 28.05 10.58
N GLU A 41 16.12 27.52 10.13
CA GLU A 41 15.56 26.31 10.72
C GLU A 41 16.37 25.09 10.32
N GLN A 42 16.61 24.21 11.27
CA GLN A 42 17.19 22.88 11.02
C GLN A 42 16.17 21.84 11.44
N SER A 43 15.68 21.08 10.46
CA SER A 43 14.57 20.16 10.70
C SER A 43 14.90 19.10 11.75
N TRP A 44 16.19 18.87 12.02
CA TRP A 44 16.61 17.82 12.94
C TRP A 44 17.32 18.35 14.18
N GLY A 45 18.06 19.45 14.06
CA GLY A 45 18.79 19.99 15.19
C GLY A 45 18.32 21.38 15.55
N SER A 46 19.08 22.06 16.40
CA SER A 46 18.68 23.40 16.83
C SER A 46 18.75 24.36 15.65
N PRO A 47 17.88 25.37 15.61
CA PRO A 47 17.94 26.33 14.51
C PRO A 47 19.31 27.00 14.44
N LYS A 48 19.78 27.21 13.22
CA LYS A 48 21.11 27.77 13.00
C LYS A 48 21.04 29.30 13.00
N VAL A 49 21.94 29.92 13.75
CA VAL A 49 22.07 31.37 13.79
C VAL A 49 23.30 31.74 12.97
N THR A 50 23.15 32.72 12.09
CA THR A 50 24.23 33.07 11.18
C THR A 50 24.06 34.51 10.74
N LYS A 51 25.16 35.10 10.27
CA LYS A 51 25.17 36.46 9.75
C LYS A 51 25.99 36.52 8.47
N ASP A 52 25.76 35.58 7.57
CA ASP A 52 26.53 35.43 6.35
C ASP A 52 25.60 35.45 5.15
N GLY A 53 25.87 36.34 4.19
CA GLY A 53 25.00 36.49 3.05
C GLY A 53 24.92 35.25 2.19
N VAL A 54 26.06 34.59 1.97
CA VAL A 54 26.08 33.44 1.08
C VAL A 54 25.15 32.34 1.59
N THR A 55 25.22 32.05 2.89
CA THR A 55 24.41 30.98 3.44
C THR A 55 22.92 31.28 3.31
N VAL A 56 22.50 32.47 3.77
CA VAL A 56 21.09 32.82 3.71
C VAL A 56 20.61 32.81 2.27
N ALA A 57 21.40 33.37 1.36
CA ALA A 57 21.00 33.41 -0.05
C ALA A 57 20.83 32.01 -0.61
N LYS A 58 21.77 31.11 -0.30
CA LYS A 58 21.68 29.74 -0.76
C LYS A 58 20.54 28.98 -0.09
N SER A 59 20.03 29.48 1.04
CA SER A 59 19.07 28.71 1.82
C SER A 59 17.65 28.86 1.31
N ILE A 60 17.14 30.10 1.22
CA ILE A 60 15.69 30.28 1.10
C ILE A 60 15.22 29.74 -0.24
N ASP A 61 13.94 29.37 -0.28
CA ASP A 61 13.32 28.81 -1.47
C ASP A 61 11.82 29.06 -1.37
N LEU A 62 11.31 29.95 -2.22
CA LEU A 62 9.90 30.30 -2.18
C LEU A 62 9.04 29.11 -2.58
N LYS A 63 7.73 29.29 -2.44
CA LYS A 63 6.75 28.28 -2.77
C LYS A 63 6.14 28.48 -4.16
N ASP A 64 5.56 29.66 -4.40
CA ASP A 64 5.00 29.94 -5.72
C ASP A 64 6.07 29.80 -6.79
N LYS A 65 5.70 29.16 -7.90
CA LYS A 65 6.69 28.82 -8.91
C LYS A 65 7.32 30.08 -9.52
N TYR A 66 6.52 31.10 -9.78
CA TYR A 66 7.07 32.33 -10.36
C TYR A 66 8.02 33.03 -9.39
N LYS A 67 7.57 33.24 -8.16
CA LYS A 67 8.44 33.84 -7.15
C LYS A 67 9.65 32.96 -6.91
N ASN A 68 9.43 31.66 -6.81
CA ASN A 68 10.54 30.74 -6.59
C ASN A 68 11.56 30.83 -7.71
N ILE A 69 11.11 30.92 -8.95
CA ILE A 69 12.04 30.90 -10.07
C ILE A 69 12.80 32.21 -10.15
N GLY A 70 12.13 33.34 -9.87
CA GLY A 70 12.85 34.60 -9.82
C GLY A 70 13.94 34.59 -8.76
N ALA A 71 13.58 34.16 -7.55
CA ALA A 71 14.59 34.09 -6.49
C ALA A 71 15.70 33.13 -6.87
N LYS A 72 15.36 32.00 -7.47
CA LYS A 72 16.36 31.00 -7.81
C LYS A 72 17.34 31.54 -8.85
N LEU A 73 16.84 32.20 -9.89
CA LEU A 73 17.76 32.72 -10.90
C LEU A 73 18.66 33.78 -10.30
N VAL A 74 18.09 34.69 -9.51
CA VAL A 74 18.90 35.75 -8.92
C VAL A 74 20.00 35.15 -8.06
N GLN A 75 19.64 34.23 -7.16
CA GLN A 75 20.64 33.66 -6.27
C GLN A 75 21.67 32.87 -7.05
N ASP A 76 21.24 32.10 -8.05
CA ASP A 76 22.18 31.28 -8.80
C ASP A 76 23.22 32.14 -9.50
N VAL A 77 22.77 33.15 -10.24
CA VAL A 77 23.73 33.99 -10.95
C VAL A 77 24.63 34.72 -9.97
N ALA A 78 24.05 35.37 -8.96
CA ALA A 78 24.84 36.16 -8.04
C ALA A 78 25.90 35.30 -7.34
N ASN A 79 25.52 34.09 -6.92
CA ASN A 79 26.43 33.23 -6.19
C ASN A 79 27.50 32.64 -7.11
N ASN A 80 27.07 31.87 -8.12
CA ASN A 80 28.04 31.16 -8.95
C ASN A 80 28.96 32.13 -9.67
N THR A 81 28.41 33.23 -10.20
CA THR A 81 29.27 34.19 -10.89
C THR A 81 30.15 34.95 -9.92
N ASN A 82 29.67 35.19 -8.69
CA ASN A 82 30.41 35.92 -7.67
C ASN A 82 30.31 35.14 -6.37
N GLU A 83 31.41 34.50 -5.97
CA GLU A 83 31.42 33.68 -4.76
C GLU A 83 32.67 33.87 -3.90
N GLU A 84 33.61 34.72 -4.33
CA GLU A 84 34.90 34.80 -3.63
C GLU A 84 34.75 35.47 -2.26
N ALA A 85 34.03 36.59 -2.21
CA ALA A 85 33.85 37.34 -0.97
C ALA A 85 32.40 37.32 -0.55
N GLY A 86 32.18 37.40 0.77
CA GLY A 86 30.82 37.36 1.28
C GLY A 86 29.99 38.55 0.84
N ASP A 87 30.58 39.76 0.88
CA ASP A 87 29.81 40.97 0.62
C ASP A 87 29.46 41.13 -0.86
N GLY A 88 30.25 40.55 -1.77
CA GLY A 88 29.99 40.74 -3.18
C GLY A 88 28.63 40.23 -3.61
N THR A 89 28.29 39.01 -3.18
CA THR A 89 27.00 38.44 -3.57
C THR A 89 25.85 39.25 -3.02
N THR A 90 25.94 39.68 -1.76
CA THR A 90 24.88 40.48 -1.16
C THR A 90 24.73 41.80 -1.91
N THR A 91 25.85 42.46 -2.22
CA THR A 91 25.78 43.70 -2.96
C THR A 91 25.11 43.48 -4.31
N ALA A 92 25.50 42.40 -5.01
CA ALA A 92 24.88 42.11 -6.29
C ALA A 92 23.38 41.94 -6.14
N THR A 93 22.95 41.17 -5.14
CA THR A 93 21.52 40.91 -4.98
C THR A 93 20.76 42.20 -4.70
N VAL A 94 21.26 43.02 -3.78
CA VAL A 94 20.52 44.22 -3.41
C VAL A 94 20.47 45.20 -4.57
N LEU A 95 21.60 45.42 -5.24
CA LEU A 95 21.62 46.33 -6.38
C LEU A 95 20.67 45.83 -7.45
N ALA A 96 20.68 44.53 -7.72
CA ALA A 96 19.81 43.97 -8.73
C ALA A 96 18.34 44.20 -8.38
N ARG A 97 17.98 43.97 -7.12
CA ARG A 97 16.59 44.20 -6.72
C ARG A 97 16.21 45.65 -6.93
N SER A 98 17.08 46.58 -6.52
CA SER A 98 16.75 47.99 -6.66
C SER A 98 16.52 48.35 -8.12
N ILE A 99 17.47 48.00 -8.99
CA ILE A 99 17.35 48.39 -10.39
C ILE A 99 16.16 47.69 -11.03
N ALA A 100 15.91 46.43 -10.67
CA ALA A 100 14.80 45.71 -11.26
C ALA A 100 13.48 46.38 -10.89
N LYS A 101 13.31 46.74 -9.62
CA LYS A 101 12.08 47.41 -9.21
C LYS A 101 11.93 48.75 -9.92
N GLU A 102 13.01 49.52 -9.99
CA GLU A 102 12.93 50.82 -10.66
C GLU A 102 12.55 50.66 -12.13
N GLY A 103 13.18 49.69 -12.81
CA GLY A 103 12.89 49.47 -14.22
C GLY A 103 11.47 48.99 -14.43
N PHE A 104 10.97 48.12 -13.56
CA PHE A 104 9.59 47.69 -13.67
C PHE A 104 8.64 48.87 -13.49
N GLU A 105 8.93 49.73 -12.52
CA GLU A 105 8.09 50.91 -12.31
C GLU A 105 8.09 51.81 -13.54
N LYS A 106 9.27 52.02 -14.14
CA LYS A 106 9.35 52.90 -15.30
C LYS A 106 8.72 52.27 -16.53
N ILE A 107 8.78 50.94 -16.66
CA ILE A 107 8.09 50.27 -17.76
C ILE A 107 6.59 50.37 -17.57
N SER A 108 6.13 50.33 -16.32
CA SER A 108 4.69 50.34 -16.06
C SER A 108 4.01 51.55 -16.71
N LYS A 109 4.70 52.68 -16.78
CA LYS A 109 4.10 53.89 -17.35
C LYS A 109 4.32 54.01 -18.85
N GLY A 110 4.88 52.99 -19.49
CA GLY A 110 5.01 52.97 -20.94
C GLY A 110 6.41 53.09 -21.48
N ALA A 111 7.43 53.02 -20.64
CA ALA A 111 8.80 53.11 -21.14
C ALA A 111 9.14 51.90 -21.99
N ASN A 112 10.06 52.10 -22.93
CA ASN A 112 10.46 51.03 -23.84
C ASN A 112 11.53 50.17 -23.17
N PRO A 113 11.25 48.90 -22.86
CA PRO A 113 12.23 48.12 -22.10
C PRO A 113 13.59 48.02 -22.78
N VAL A 114 13.63 47.92 -24.11
CA VAL A 114 14.90 47.76 -24.80
C VAL A 114 15.77 48.99 -24.62
N GLU A 115 15.20 50.18 -24.81
CA GLU A 115 15.97 51.40 -24.64
C GLU A 115 16.32 51.64 -23.17
N ILE A 116 15.43 51.28 -22.27
CA ILE A 116 15.76 51.34 -20.84
C ILE A 116 17.00 50.49 -20.57
N ARG A 117 17.03 49.28 -21.13
CA ARG A 117 18.19 48.41 -20.96
C ARG A 117 19.43 49.03 -21.57
N ARG A 118 19.29 49.65 -22.74
CA ARG A 118 20.43 50.29 -23.40
C ARG A 118 21.03 51.36 -22.49
N GLY A 119 20.18 52.25 -21.97
CA GLY A 119 20.66 53.27 -21.06
C GLY A 119 21.29 52.68 -19.82
N VAL A 120 20.69 51.62 -19.28
CA VAL A 120 21.24 50.98 -18.09
C VAL A 120 22.65 50.47 -18.35
N MET A 121 22.83 49.78 -19.48
CA MET A 121 24.15 49.26 -19.80
C MET A 121 25.15 50.37 -20.03
N LEU A 122 24.72 51.46 -20.68
CA LEU A 122 25.63 52.58 -20.88
C LEU A 122 26.07 53.17 -19.55
N ALA A 123 25.13 53.32 -18.60
CA ALA A 123 25.50 53.80 -17.28
C ALA A 123 26.48 52.85 -16.60
N VAL A 124 26.24 51.54 -16.71
CA VAL A 124 27.14 50.57 -16.11
C VAL A 124 28.53 50.71 -16.70
N ASP A 125 28.61 50.90 -18.02
CA ASP A 125 29.90 51.08 -18.66
C ASP A 125 30.60 52.33 -18.14
N ALA A 126 29.87 53.43 -18.02
CA ALA A 126 30.47 54.67 -17.54
C ALA A 126 31.02 54.48 -16.12
N VAL A 127 30.24 53.84 -15.25
CA VAL A 127 30.66 53.71 -13.86
C VAL A 127 31.84 52.76 -13.74
N ILE A 128 31.83 51.66 -14.50
CA ILE A 128 32.94 50.73 -14.43
C ILE A 128 34.22 51.40 -14.95
N ALA A 129 34.11 52.17 -16.03
CA ALA A 129 35.27 52.91 -16.50
C ALA A 129 35.78 53.86 -15.44
N GLU A 130 34.86 54.61 -14.80
CA GLU A 130 35.29 55.58 -13.81
C GLU A 130 35.99 54.92 -12.64
N LEU A 131 35.41 53.84 -12.11
CA LEU A 131 36.02 53.20 -10.95
C LEU A 131 37.34 52.55 -11.32
N LYS A 132 37.45 51.98 -12.52
CA LYS A 132 38.75 51.47 -12.95
C LYS A 132 39.77 52.59 -13.01
N LYS A 133 39.36 53.76 -13.48
CA LYS A 133 40.27 54.91 -13.50
C LYS A 133 40.71 55.28 -12.10
N GLN A 134 39.78 55.33 -11.15
CA GLN A 134 40.05 55.80 -9.81
C GLN A 134 40.57 54.71 -8.89
N SER A 135 40.65 53.47 -9.36
CA SER A 135 41.11 52.36 -8.53
C SER A 135 42.59 52.54 -8.21
N LYS A 136 42.89 52.89 -6.97
CA LYS A 136 44.29 52.98 -6.55
C LYS A 136 44.86 51.57 -6.46
N PRO A 137 46.03 51.31 -7.05
CA PRO A 137 46.58 49.95 -7.03
C PRO A 137 47.49 49.72 -5.82
N VAL A 138 47.82 48.44 -5.62
CA VAL A 138 48.77 48.02 -4.59
C VAL A 138 49.65 46.93 -5.19
N THR A 139 50.96 47.12 -5.15
CA THR A 139 51.88 46.11 -5.64
C THR A 139 53.14 45.98 -4.79
N THR A 140 53.20 46.61 -3.62
CA THR A 140 54.42 46.64 -2.84
C THR A 140 54.28 45.80 -1.57
N PRO A 141 55.35 45.10 -1.17
CA PRO A 141 55.23 44.22 0.00
C PRO A 141 54.73 44.93 1.25
N GLU A 142 55.14 46.19 1.46
CA GLU A 142 54.59 46.95 2.57
C GLU A 142 53.09 47.15 2.41
N GLU A 143 52.65 47.49 1.19
CA GLU A 143 51.22 47.60 0.94
C GLU A 143 50.54 46.25 1.07
N ILE A 144 51.21 45.17 0.64
CA ILE A 144 50.65 43.84 0.78
C ILE A 144 50.38 43.54 2.25
N ALA A 145 51.37 43.80 3.10
CA ALA A 145 51.19 43.56 4.53
C ALA A 145 50.09 44.44 5.10
N GLN A 146 50.05 45.71 4.70
CA GLN A 146 49.02 46.61 5.20
C GLN A 146 47.63 46.07 4.87
N VAL A 147 47.39 45.72 3.60
CA VAL A 147 46.07 45.26 3.21
C VAL A 147 45.77 43.90 3.82
N ALA A 148 46.76 43.03 3.95
CA ALA A 148 46.51 41.73 4.58
C ALA A 148 46.08 41.90 6.03
N THR A 149 46.76 42.78 6.78
CA THR A 149 46.32 43.06 8.13
C THR A 149 44.93 43.65 8.14
N ILE A 150 44.64 44.54 7.19
CA ILE A 150 43.31 45.15 7.13
C ILE A 150 42.25 44.08 6.95
N SER A 151 42.48 43.14 6.03
CA SER A 151 41.56 42.01 5.87
C SER A 151 41.53 41.15 7.12
N ALA A 152 42.65 41.08 7.85
CA ALA A 152 42.74 40.27 9.06
C ALA A 152 42.17 40.97 10.28
N ASN A 153 41.37 42.01 10.10
CA ASN A 153 40.82 42.77 11.21
C ASN A 153 41.93 43.35 12.08
N GLY A 154 43.00 43.78 11.43
CA GLY A 154 44.13 44.36 12.13
C GLY A 154 45.10 43.35 12.70
N ASP A 155 44.88 42.06 12.50
CA ASP A 155 45.82 41.05 12.97
C ASP A 155 47.13 41.21 12.22
N LYS A 156 48.23 41.34 12.98
CA LYS A 156 49.51 41.67 12.38
C LYS A 156 50.25 40.44 11.87
N GLU A 157 50.40 39.42 12.72
CA GLU A 157 51.14 38.23 12.31
C GLU A 157 50.55 37.60 11.06
N ILE A 158 49.23 37.67 10.90
CA ILE A 158 48.60 37.12 9.70
C ILE A 158 49.12 37.85 8.47
N GLY A 159 49.09 39.18 8.49
CA GLY A 159 49.60 39.94 7.37
C GLY A 159 51.08 39.70 7.14
N ASN A 160 51.83 39.52 8.24
CA ASN A 160 53.26 39.28 8.11
C ASN A 160 53.54 37.98 7.37
N ILE A 161 52.91 36.89 7.80
CA ILE A 161 53.15 35.61 7.14
C ILE A 161 52.63 35.63 5.72
N ILE A 162 51.49 36.29 5.49
CA ILE A 162 50.96 36.39 4.14
C ILE A 162 51.95 37.12 3.24
N SER A 163 52.52 38.23 3.72
CA SER A 163 53.48 38.97 2.93
C SER A 163 54.74 38.15 2.69
N ASP A 164 55.19 37.39 3.68
CA ASP A 164 56.38 36.58 3.51
C ASP A 164 56.16 35.54 2.41
N ALA A 165 55.02 34.83 2.46
CA ALA A 165 54.71 33.87 1.41
C ALA A 165 54.60 34.58 0.07
N MET A 166 53.96 35.74 0.05
CA MET A 166 53.82 36.50 -1.19
C MET A 166 55.19 36.78 -1.81
N LYS A 167 56.11 37.31 -1.00
CA LYS A 167 57.44 37.63 -1.50
C LYS A 167 58.15 36.38 -2.01
N LYS A 168 58.05 35.28 -1.27
CA LYS A 168 58.81 34.10 -1.62
C LYS A 168 58.20 33.34 -2.81
N VAL A 169 56.93 33.57 -3.12
CA VAL A 169 56.24 32.80 -4.15
C VAL A 169 55.60 33.67 -5.22
N GLY A 170 55.45 34.97 -5.01
CA GLY A 170 55.06 35.88 -6.06
C GLY A 170 53.54 36.00 -6.23
N ARG A 171 53.16 37.03 -6.98
CA ARG A 171 51.73 37.35 -7.14
C ARG A 171 50.99 36.22 -7.81
N LYS A 172 51.54 35.68 -8.89
CA LYS A 172 50.90 34.61 -9.65
C LYS A 172 51.22 33.23 -9.10
N GLY A 173 51.99 33.16 -8.01
CA GLY A 173 52.26 31.88 -7.38
C GLY A 173 51.09 31.42 -6.53
N VAL A 174 51.22 30.20 -6.00
CA VAL A 174 50.13 29.50 -5.35
C VAL A 174 50.45 29.38 -3.86
N ILE A 175 49.44 29.63 -3.02
CA ILE A 175 49.57 29.58 -1.57
C ILE A 175 48.35 28.88 -1.00
N THR A 176 48.57 27.97 -0.06
CA THR A 176 47.50 27.35 0.71
C THR A 176 47.89 27.35 2.18
N VAL A 177 46.97 26.89 3.03
CA VAL A 177 47.15 26.92 4.47
C VAL A 177 46.85 25.53 5.02
N LYS A 178 47.78 25.00 5.82
CA LYS A 178 47.68 23.67 6.39
C LYS A 178 47.78 23.75 7.91
N ASP A 179 47.37 22.67 8.57
CA ASP A 179 47.36 22.62 10.03
C ASP A 179 48.78 22.56 10.57
N GLY A 180 49.10 23.43 11.53
CA GLY A 180 50.47 23.53 12.00
C GLY A 180 50.83 22.53 13.06
N LYS A 181 49.86 22.07 13.85
CA LYS A 181 50.14 21.16 14.97
C LYS A 181 51.20 21.75 15.88
N THR A 182 51.23 23.08 15.99
CA THR A 182 52.17 23.79 16.81
C THR A 182 51.52 25.07 17.31
N LEU A 183 52.29 25.88 18.04
CA LEU A 183 51.75 27.07 18.69
C LEU A 183 51.99 28.35 17.90
N ASN A 184 52.58 28.26 16.71
CA ASN A 184 52.82 29.44 15.90
C ASN A 184 52.70 29.07 14.43
N ASP A 185 52.08 29.95 13.66
CA ASP A 185 51.97 29.74 12.22
C ASP A 185 53.36 29.71 11.60
N GLU A 186 53.58 28.75 10.71
CA GLU A 186 54.87 28.55 10.08
C GLU A 186 54.72 28.48 8.57
N LEU A 187 55.80 28.83 7.88
CA LEU A 187 55.81 28.99 6.44
C LEU A 187 56.87 28.09 5.82
N GLU A 188 56.54 27.50 4.68
CA GLU A 188 57.50 26.74 3.90
C GLU A 188 57.03 26.66 2.46
N ILE A 189 57.96 26.37 1.57
CA ILE A 189 57.69 26.25 0.14
C ILE A 189 57.96 24.81 -0.27
N ILE A 190 57.03 24.23 -1.02
CA ILE A 190 57.12 22.84 -1.43
C ILE A 190 56.79 22.74 -2.92
N GLU A 191 57.19 21.63 -3.51
CA GLU A 191 56.94 21.40 -4.93
C GLU A 191 55.46 21.08 -5.14
N GLY A 192 54.81 21.85 -6.01
CA GLY A 192 53.38 21.71 -6.22
C GLY A 192 53.01 21.81 -7.69
N MET A 193 51.80 21.34 -7.99
CA MET A 193 51.30 21.31 -9.37
C MET A 193 49.80 21.49 -9.30
N LYS A 194 49.34 22.73 -9.49
CA LYS A 194 47.93 23.07 -9.42
C LYS A 194 47.44 23.55 -10.78
N PHE A 195 46.28 23.07 -11.20
CA PHE A 195 45.64 23.49 -12.44
C PHE A 195 44.18 23.81 -12.17
N ASP A 196 43.50 24.31 -13.19
CA ASP A 196 42.19 24.92 -13.04
C ASP A 196 41.05 24.00 -13.46
N ARG A 197 41.17 22.70 -13.19
CA ARG A 197 40.10 21.74 -13.46
C ARG A 197 39.60 21.18 -12.14
N GLY A 198 38.28 21.16 -11.95
CA GLY A 198 37.68 20.68 -10.73
C GLY A 198 37.33 19.21 -10.78
N TYR A 199 36.74 18.75 -9.68
CA TYR A 199 36.28 17.37 -9.61
C TYR A 199 35.18 17.12 -10.63
N ILE A 200 35.27 15.97 -11.31
CA ILE A 200 34.22 15.61 -12.27
C ILE A 200 32.93 15.28 -11.56
N SER A 201 33.00 14.70 -10.37
CA SER A 201 31.82 14.22 -9.66
C SER A 201 31.42 15.19 -8.56
N PRO A 202 30.29 15.89 -8.69
CA PRO A 202 29.84 16.76 -7.59
C PRO A 202 29.61 16.01 -6.28
N TYR A 203 29.16 14.76 -6.35
CA TYR A 203 28.91 13.95 -5.17
C TYR A 203 30.18 13.35 -4.60
N PHE A 204 31.35 13.83 -5.00
CA PHE A 204 32.63 13.27 -4.60
C PHE A 204 33.32 14.14 -3.56
N ILE A 205 32.54 14.67 -2.62
CA ILE A 205 33.09 15.48 -1.53
C ILE A 205 33.73 14.54 -0.52
N ASN A 206 35.07 14.49 -0.49
CA ASN A 206 35.74 13.59 0.42
C ASN A 206 35.43 13.93 1.88
N THR A 207 35.54 15.21 2.23
CA THR A 207 35.28 15.68 3.58
C THR A 207 33.99 16.47 3.56
N SER A 208 32.98 15.97 4.29
CA SER A 208 31.68 16.62 4.29
C SER A 208 31.77 18.06 4.76
N LYS A 209 32.55 18.31 5.82
CA LYS A 209 32.71 19.66 6.33
C LYS A 209 33.63 20.50 5.45
N GLY A 210 34.59 19.87 4.77
CA GLY A 210 35.56 20.62 4.01
C GLY A 210 35.07 21.18 2.70
N GLN A 211 33.94 20.67 2.18
CA GLN A 211 33.43 21.08 0.88
C GLN A 211 34.54 20.96 -0.16
N LYS A 212 35.23 19.81 -0.11
CA LYS A 212 36.47 19.62 -0.85
C LYS A 212 36.72 18.13 -0.98
N CYS A 213 37.78 17.81 -1.71
CA CYS A 213 38.32 16.46 -1.80
C CYS A 213 39.72 16.43 -1.19
N GLU A 214 39.98 15.46 -0.32
CA GLU A 214 41.25 15.33 0.36
C GLU A 214 41.80 13.92 0.20
N PHE A 215 43.07 13.82 -0.18
CA PHE A 215 43.75 12.54 -0.27
C PHE A 215 45.24 12.78 -0.14
N GLN A 216 45.97 11.73 0.24
CA GLN A 216 47.38 11.85 0.56
C GLN A 216 48.16 10.68 -0.02
N ASP A 217 49.47 10.88 -0.12
CA ASP A 217 50.45 9.86 -0.51
C ASP A 217 49.90 8.92 -1.58
N ALA A 218 49.56 9.52 -2.72
CA ALA A 218 48.85 8.86 -3.80
C ALA A 218 49.73 8.68 -5.03
N TYR A 219 49.27 7.81 -5.93
CA TYR A 219 49.79 7.66 -7.27
C TYR A 219 48.81 8.29 -8.26
N VAL A 220 49.18 8.28 -9.54
CA VAL A 220 48.40 8.95 -10.57
C VAL A 220 48.32 8.09 -11.82
N LEU A 221 47.14 8.10 -12.46
CA LEU A 221 46.98 7.64 -13.83
C LEU A 221 46.88 8.84 -14.76
N LEU A 222 47.65 8.82 -15.84
CA LEU A 222 47.59 9.86 -16.87
C LEU A 222 47.36 9.20 -18.21
N SER A 223 46.23 9.51 -18.83
CA SER A 223 45.87 8.94 -20.13
C SER A 223 45.47 10.07 -21.06
N GLU A 224 46.20 10.20 -22.18
CA GLU A 224 45.81 11.17 -23.20
C GLU A 224 44.44 10.84 -23.76
N LYS A 225 44.16 9.56 -23.96
CA LYS A 225 42.90 9.14 -24.57
C LYS A 225 41.73 9.37 -23.63
N LYS A 226 40.55 9.55 -24.21
CA LYS A 226 39.33 9.69 -23.43
C LYS A 226 38.93 8.35 -22.84
N ILE A 227 38.70 8.33 -21.53
CA ILE A 227 38.42 7.09 -20.81
C ILE A 227 37.00 7.13 -20.26
N SER A 228 36.12 7.86 -20.95
CA SER A 228 34.73 7.90 -20.54
C SER A 228 34.02 6.61 -20.94
N SER A 229 33.22 6.06 -20.03
CA SER A 229 32.41 4.87 -20.26
C SER A 229 33.27 3.61 -20.39
N ILE A 230 34.57 3.70 -20.15
CA ILE A 230 35.51 2.63 -20.46
C ILE A 230 35.86 1.89 -19.18
N GLN A 231 35.70 0.56 -19.21
CA GLN A 231 36.07 -0.32 -18.12
C GLN A 231 37.55 -0.70 -18.27
N SER A 232 37.97 -1.71 -17.53
CA SER A 232 39.36 -2.18 -17.50
C SER A 232 40.26 -1.23 -16.72
N ILE A 233 39.68 -0.36 -15.90
CA ILE A 233 40.44 0.39 -14.90
C ILE A 233 40.67 -0.43 -13.64
N VAL A 234 39.94 -1.52 -13.47
CA VAL A 234 40.02 -2.36 -12.28
C VAL A 234 41.44 -2.89 -12.08
N PRO A 235 42.22 -3.11 -13.14
CA PRO A 235 43.64 -3.45 -12.93
C PRO A 235 44.36 -2.43 -12.05
N ALA A 236 44.07 -1.14 -12.20
CA ALA A 236 44.62 -0.16 -11.27
C ALA A 236 44.05 -0.39 -9.87
N LEU A 237 42.77 -0.69 -9.77
CA LEU A 237 42.16 -0.96 -8.47
C LEU A 237 42.82 -2.15 -7.77
N GLU A 238 43.42 -3.06 -8.53
CA GLU A 238 44.09 -4.20 -7.90
C GLU A 238 45.17 -3.73 -6.95
N ILE A 239 46.03 -2.83 -7.40
CA ILE A 239 47.08 -2.30 -6.52
C ILE A 239 46.54 -1.18 -5.62
N ALA A 240 45.48 -0.49 -6.03
CA ALA A 240 44.86 0.49 -5.14
C ALA A 240 44.22 -0.17 -3.92
N ASN A 241 43.88 -1.46 -4.02
CA ASN A 241 43.40 -2.24 -2.89
C ASN A 241 44.52 -3.00 -2.20
N ALA A 242 45.46 -3.56 -2.96
CA ALA A 242 46.65 -4.15 -2.35
C ALA A 242 47.39 -3.10 -1.53
N HIS A 243 47.87 -2.05 -2.18
CA HIS A 243 48.32 -0.86 -1.47
C HIS A 243 47.11 -0.07 -1.02
N ARG A 244 47.08 0.31 0.25
CA ARG A 244 46.05 1.22 0.71
C ARG A 244 46.22 2.62 0.14
N LYS A 245 47.33 2.85 -0.58
CA LYS A 245 47.55 4.10 -1.26
C LYS A 245 46.35 4.45 -2.13
N PRO A 246 45.94 5.72 -2.18
CA PRO A 246 44.86 6.14 -3.07
C PRO A 246 45.40 6.55 -4.45
N LEU A 247 44.47 6.71 -5.38
CA LEU A 247 44.80 6.97 -6.78
C LEU A 247 44.05 8.18 -7.30
N VAL A 248 44.68 8.89 -8.22
CA VAL A 248 44.07 10.02 -8.92
C VAL A 248 44.24 9.78 -10.42
N ILE A 249 43.31 10.31 -11.21
CA ILE A 249 43.30 10.09 -12.65
C ILE A 249 43.07 11.43 -13.35
N ILE A 250 43.79 11.63 -14.45
CA ILE A 250 43.58 12.78 -15.34
C ILE A 250 43.47 12.24 -16.76
N ALA A 251 42.30 12.41 -17.36
CA ALA A 251 42.09 12.04 -18.76
C ALA A 251 41.32 13.15 -19.46
N GLU A 252 40.96 12.93 -20.72
CA GLU A 252 40.20 13.95 -21.44
C GLU A 252 38.85 14.20 -20.78
N ASP A 253 38.19 13.14 -20.35
CA ASP A 253 36.90 13.26 -19.65
C ASP A 253 36.47 11.86 -19.22
N VAL A 254 35.58 11.82 -18.24
CA VAL A 254 34.99 10.58 -17.75
C VAL A 254 33.48 10.77 -17.70
N ASP A 255 32.75 9.82 -18.29
CA ASP A 255 31.29 9.90 -18.31
C ASP A 255 30.74 8.53 -18.67
N GLY A 256 29.48 8.33 -18.31
CA GLY A 256 28.74 7.15 -18.74
C GLY A 256 29.00 5.95 -17.83
N GLU A 257 29.47 4.85 -18.41
CA GLU A 257 29.60 3.60 -17.66
C GLU A 257 30.59 3.74 -16.51
N ALA A 258 31.80 4.21 -16.81
CA ALA A 258 32.81 4.35 -15.77
C ALA A 258 32.38 5.35 -14.71
N LEU A 259 31.80 6.47 -15.14
CA LEU A 259 31.36 7.48 -14.17
C LEU A 259 30.29 6.93 -13.24
N SER A 260 29.29 6.23 -13.79
CA SER A 260 28.24 5.66 -12.96
C SER A 260 28.79 4.59 -12.03
N THR A 261 29.65 3.71 -12.54
CA THR A 261 30.22 2.68 -11.69
C THR A 261 31.03 3.28 -10.55
N LEU A 262 31.85 4.29 -10.86
CA LEU A 262 32.70 4.87 -9.83
C LEU A 262 31.89 5.68 -8.83
N VAL A 263 30.85 6.38 -9.27
CA VAL A 263 30.03 7.13 -8.33
C VAL A 263 29.26 6.17 -7.43
N LEU A 264 28.79 5.04 -7.98
CA LEU A 264 28.16 4.04 -7.13
C LEU A 264 29.13 3.48 -6.10
N ASN A 265 30.35 3.13 -6.55
CA ASN A 265 31.33 2.58 -5.63
C ASN A 265 31.72 3.59 -4.57
N ARG A 266 31.75 4.87 -4.93
CA ARG A 266 32.09 5.92 -3.96
C ARG A 266 30.95 6.11 -2.96
N LEU A 267 29.71 6.10 -3.44
CA LEU A 267 28.57 6.27 -2.56
C LEU A 267 28.46 5.11 -1.57
N LYS A 268 28.71 3.89 -2.04
CA LYS A 268 28.53 2.69 -1.22
C LYS A 268 29.85 2.17 -0.66
N VAL A 269 30.82 1.87 -1.52
CA VAL A 269 32.08 1.29 -1.07
C VAL A 269 33.06 2.37 -0.63
N GLY A 270 33.01 3.53 -1.28
CA GLY A 270 33.92 4.61 -0.92
C GLY A 270 35.38 4.34 -1.21
N LEU A 271 35.68 3.67 -2.31
CA LEU A 271 37.08 3.37 -2.63
C LEU A 271 37.83 4.66 -2.92
N GLN A 272 39.14 4.63 -2.62
CA GLN A 272 39.94 5.85 -2.59
C GLN A 272 40.62 6.11 -3.94
N VAL A 273 39.79 6.46 -4.92
CA VAL A 273 40.26 6.77 -6.27
C VAL A 273 39.46 7.95 -6.80
N VAL A 274 40.16 8.89 -7.45
CA VAL A 274 39.53 10.08 -8.01
C VAL A 274 39.98 10.26 -9.45
N ALA A 275 39.14 10.92 -10.24
CA ALA A 275 39.48 11.31 -11.60
C ALA A 275 39.10 12.77 -11.81
N VAL A 276 39.86 13.43 -12.69
CA VAL A 276 39.57 14.82 -13.08
C VAL A 276 39.94 14.99 -14.55
N LYS A 277 39.60 16.16 -15.08
CA LYS A 277 39.81 16.44 -16.50
C LYS A 277 41.23 16.97 -16.74
N ALA A 278 41.62 16.97 -18.01
CA ALA A 278 42.94 17.44 -18.39
C ALA A 278 42.99 18.97 -18.34
N PRO A 279 44.09 19.56 -17.87
CA PRO A 279 44.16 21.02 -17.75
C PRO A 279 44.37 21.75 -19.07
N GLY A 280 45.21 21.19 -19.94
CA GLY A 280 45.60 21.86 -21.16
C GLY A 280 44.64 21.56 -22.30
N PHE A 281 45.09 21.88 -23.52
CA PHE A 281 44.29 21.66 -24.71
C PHE A 281 45.19 21.33 -25.89
N GLY A 282 44.84 20.28 -26.62
CA GLY A 282 45.60 19.91 -27.79
C GLY A 282 47.05 19.63 -27.48
N ASP A 283 47.94 20.19 -28.31
CA ASP A 283 49.37 20.04 -28.07
C ASP A 283 49.73 20.55 -26.68
N ASN A 284 49.08 21.64 -26.24
CA ASN A 284 49.31 22.11 -24.88
C ASN A 284 48.86 21.07 -23.85
N ARG A 285 47.73 20.41 -24.12
CA ARG A 285 47.29 19.35 -23.23
C ARG A 285 48.35 18.27 -23.11
N LYS A 286 48.89 17.83 -24.25
CA LYS A 286 49.91 16.78 -24.22
C LYS A 286 51.16 17.25 -23.52
N ASN A 287 51.57 18.51 -23.77
CA ASN A 287 52.77 19.02 -23.14
C ASN A 287 52.62 19.08 -21.62
N GLN A 288 51.48 19.60 -21.15
CA GLN A 288 51.25 19.64 -19.71
C GLN A 288 51.20 18.24 -19.13
N LEU A 289 50.55 17.31 -19.82
CA LEU A 289 50.44 15.95 -19.32
C LEU A 289 51.81 15.31 -19.17
N LYS A 290 52.68 15.47 -20.18
CA LYS A 290 54.00 14.87 -20.08
C LYS A 290 54.86 15.59 -19.06
N ASP A 291 54.71 16.91 -18.93
CA ASP A 291 55.41 17.64 -17.89
C ASP A 291 55.06 17.10 -16.51
N MET A 292 53.76 16.91 -16.25
CA MET A 292 53.36 16.42 -14.93
C MET A 292 53.68 14.94 -14.76
N ALA A 293 53.72 14.17 -15.86
CA ALA A 293 54.18 12.79 -15.78
C ALA A 293 55.63 12.73 -15.32
N ILE A 294 56.47 13.61 -15.88
CA ILE A 294 57.85 13.69 -15.41
C ILE A 294 57.89 14.17 -13.96
N ALA A 295 57.03 15.14 -13.63
CA ALA A 295 56.98 15.64 -12.25
C ALA A 295 56.65 14.53 -11.26
N THR A 296 55.79 13.58 -11.66
CA THR A 296 55.37 12.51 -10.79
C THR A 296 56.09 11.20 -11.04
N GLY A 297 56.85 11.09 -12.12
CA GLY A 297 57.56 9.87 -12.44
C GLY A 297 56.73 8.83 -13.15
N GLY A 298 55.53 9.18 -13.62
CA GLY A 298 54.66 8.26 -14.32
C GLY A 298 54.82 8.37 -15.82
N ALA A 299 53.75 8.06 -16.54
CA ALA A 299 53.76 8.14 -17.99
C ALA A 299 52.34 8.33 -18.50
N VAL A 300 52.20 9.16 -19.54
CA VAL A 300 50.91 9.32 -20.20
C VAL A 300 50.58 8.04 -20.94
N PHE A 301 49.33 7.59 -20.81
CA PHE A 301 48.90 6.31 -21.35
C PHE A 301 48.34 6.41 -22.75
N GLY A 302 48.76 7.41 -23.52
CA GLY A 302 48.36 7.46 -24.93
C GLY A 302 48.90 6.25 -25.68
N GLU A 303 48.02 5.60 -26.43
CA GLU A 303 48.40 4.39 -27.14
C GLU A 303 49.35 4.67 -28.30
N GLU A 304 49.18 5.80 -28.98
CA GLU A 304 50.10 6.15 -30.05
C GLU A 304 51.51 6.32 -29.48
N GLY A 305 52.50 5.89 -30.27
CA GLY A 305 53.87 5.90 -29.80
C GLY A 305 54.12 4.83 -28.77
N LEU A 306 54.25 5.23 -27.50
CA LEU A 306 54.45 4.27 -26.44
C LEU A 306 53.30 3.27 -26.40
N THR A 307 53.63 2.00 -26.15
CA THR A 307 52.66 0.92 -26.10
C THR A 307 52.40 0.57 -24.64
N LEU A 308 51.46 1.28 -24.04
CA LEU A 308 51.05 1.02 -22.66
C LEU A 308 49.58 1.41 -22.54
N ASN A 309 48.83 0.63 -21.77
CA ASN A 309 47.39 0.77 -21.71
C ASN A 309 46.91 0.68 -20.26
N LEU A 310 45.69 1.15 -20.02
CA LEU A 310 45.08 1.01 -18.71
C LEU A 310 44.86 -0.46 -18.35
N GLU A 311 44.87 -1.35 -19.35
CA GLU A 311 44.65 -2.77 -19.08
C GLU A 311 45.75 -3.32 -18.19
N ASP A 312 47.00 -2.95 -18.45
CA ASP A 312 48.15 -3.43 -17.69
C ASP A 312 48.70 -2.27 -16.84
N VAL A 313 48.89 -2.54 -15.56
CA VAL A 313 49.41 -1.55 -14.63
C VAL A 313 50.50 -2.19 -13.76
N GLN A 314 51.40 -1.35 -13.26
CA GLN A 314 52.47 -1.76 -12.37
C GLN A 314 52.59 -0.72 -11.27
N PRO A 315 52.93 -1.14 -10.04
CA PRO A 315 53.14 -0.14 -8.98
C PRO A 315 54.19 0.89 -9.36
N HIS A 316 55.24 0.49 -10.05
CA HIS A 316 56.27 1.44 -10.48
C HIS A 316 55.99 2.06 -11.84
N ASP A 317 54.99 1.54 -12.57
CA ASP A 317 54.66 2.13 -13.87
C ASP A 317 54.18 3.57 -13.72
N LEU A 318 53.43 3.84 -12.65
CA LEU A 318 52.81 5.14 -12.46
C LEU A 318 53.74 6.04 -11.63
N GLY A 319 53.28 7.28 -11.42
CA GLY A 319 54.01 8.24 -10.62
C GLY A 319 53.46 8.35 -9.21
N LYS A 320 54.34 8.71 -8.28
CA LYS A 320 54.00 8.84 -6.87
C LYS A 320 53.98 10.31 -6.50
N VAL A 321 52.94 10.72 -5.77
CA VAL A 321 52.79 12.11 -5.34
C VAL A 321 52.40 12.16 -3.88
N GLY A 322 52.93 13.15 -3.17
CA GLY A 322 52.76 13.20 -1.73
C GLY A 322 51.32 13.42 -1.30
N GLU A 323 50.64 14.37 -1.93
CA GLU A 323 49.30 14.74 -1.49
C GLU A 323 48.40 15.05 -2.68
N VAL A 324 47.11 14.74 -2.50
CA VAL A 324 46.09 14.92 -3.53
C VAL A 324 44.96 15.74 -2.93
N ILE A 325 44.74 16.92 -3.47
CA ILE A 325 43.65 17.81 -3.04
C ILE A 325 42.90 18.28 -4.27
N VAL A 326 41.60 18.01 -4.32
CA VAL A 326 40.76 18.39 -5.44
C VAL A 326 39.55 19.15 -4.92
N THR A 327 39.19 20.22 -5.63
CA THR A 327 38.04 21.04 -5.26
C THR A 327 37.38 21.54 -6.53
N LYS A 328 36.37 22.40 -6.37
CA LYS A 328 35.67 22.94 -7.52
C LYS A 328 36.60 23.82 -8.35
N ASP A 329 36.61 23.58 -9.66
CA ASP A 329 37.38 24.36 -10.62
C ASP A 329 38.88 24.36 -10.32
N ASP A 330 39.35 23.52 -9.40
CA ASP A 330 40.74 23.57 -8.99
C ASP A 330 41.16 22.23 -8.40
N ALA A 331 42.44 21.90 -8.60
CA ALA A 331 43.03 20.71 -8.00
C ALA A 331 44.54 20.89 -8.04
N MET A 332 45.21 20.46 -6.98
CA MET A 332 46.66 20.57 -6.88
C MET A 332 47.26 19.27 -6.39
N LEU A 333 48.41 18.93 -6.96
CA LEU A 333 49.19 17.75 -6.58
C LEU A 333 50.58 18.21 -6.19
N LEU A 334 51.02 17.82 -5.00
CA LEU A 334 52.28 18.29 -4.45
C LEU A 334 53.15 17.13 -4.01
N LYS A 335 54.46 17.36 -4.03
CA LYS A 335 55.46 16.36 -3.65
C LYS A 335 55.37 15.14 -4.57
N GLY A 336 55.60 15.40 -5.86
CA GLY A 336 55.70 14.33 -6.83
C GLY A 336 57.01 13.59 -6.70
N LYS A 337 57.10 12.48 -7.46
CA LYS A 337 58.28 11.64 -7.43
C LYS A 337 58.85 11.50 -8.84
N GLY A 338 59.81 10.60 -9.02
CA GLY A 338 60.47 10.41 -10.29
C GLY A 338 61.97 10.65 -10.18
N ASP A 339 62.54 11.17 -11.26
CA ASP A 339 63.97 11.46 -11.32
C ASP A 339 64.17 12.97 -11.41
N LYS A 340 65.01 13.51 -10.52
CA LYS A 340 65.27 14.94 -10.53
C LYS A 340 66.01 15.36 -11.80
N ALA A 341 66.83 14.46 -12.36
CA ALA A 341 67.46 14.75 -13.64
C ALA A 341 66.41 14.92 -14.73
N GLN A 342 65.36 14.10 -14.69
CA GLN A 342 64.24 14.27 -15.61
C GLN A 342 63.64 15.66 -15.47
N ILE A 343 63.44 16.11 -14.23
CA ILE A 343 62.92 17.45 -13.99
C ILE A 343 63.83 18.49 -14.61
N GLU A 344 65.13 18.36 -14.36
CA GLU A 344 66.08 19.34 -14.84
C GLU A 344 66.08 19.41 -16.36
N LYS A 345 66.07 18.25 -17.03
CA LYS A 345 66.13 18.25 -18.49
C LYS A 345 64.82 18.75 -19.10
N ARG A 346 63.68 18.44 -18.47
CA ARG A 346 62.43 19.00 -18.94
C ARG A 346 62.43 20.52 -18.82
N ILE A 347 62.93 21.03 -17.69
CA ILE A 347 63.02 22.47 -17.52
C ILE A 347 63.96 23.07 -18.57
N GLN A 348 65.08 22.40 -18.83
CA GLN A 348 66.02 22.91 -19.82
C GLN A 348 65.38 22.99 -21.20
N GLU A 349 64.70 21.93 -21.61
CA GLU A 349 64.09 21.93 -22.94
C GLU A 349 62.93 22.92 -23.01
N ILE A 350 62.22 23.11 -21.90
CA ILE A 350 61.19 24.16 -21.87
C ILE A 350 61.82 25.53 -22.05
N ILE A 351 62.94 25.77 -21.37
CA ILE A 351 63.62 27.06 -21.50
C ILE A 351 64.07 27.28 -22.93
N GLU A 352 64.65 26.24 -23.55
CA GLU A 352 65.11 26.37 -24.93
C GLU A 352 63.93 26.59 -25.87
N GLN A 353 62.81 25.90 -25.65
CA GLN A 353 61.63 26.10 -26.48
C GLN A 353 61.13 27.54 -26.36
N LEU A 354 61.11 28.08 -25.14
CA LEU A 354 60.74 29.48 -24.98
C LEU A 354 61.71 30.39 -25.71
N ASP A 355 63.01 30.08 -25.64
CA ASP A 355 63.99 30.91 -26.33
C ASP A 355 63.77 30.91 -27.83
N VAL A 356 63.50 29.75 -28.42
CA VAL A 356 63.35 29.68 -29.86
C VAL A 356 61.98 30.17 -30.31
N THR A 357 60.94 29.96 -29.50
CA THR A 357 59.60 30.34 -29.90
C THR A 357 59.47 31.86 -29.98
N THR A 358 58.53 32.31 -30.80
CA THR A 358 58.29 33.73 -31.01
C THR A 358 56.83 34.15 -30.80
N SER A 359 55.87 33.25 -30.93
CA SER A 359 54.47 33.62 -30.76
C SER A 359 54.18 34.01 -29.32
N GLU A 360 53.44 35.10 -29.15
CA GLU A 360 53.11 35.57 -27.80
C GLU A 360 52.25 34.56 -27.06
N TYR A 361 51.26 33.97 -27.75
CA TYR A 361 50.44 32.94 -27.11
C TYR A 361 51.28 31.74 -26.70
N GLU A 362 52.13 31.26 -27.63
CA GLU A 362 53.01 30.15 -27.29
C GLU A 362 54.01 30.55 -26.23
N LYS A 363 54.50 31.79 -26.28
CA LYS A 363 55.43 32.25 -25.27
C LYS A 363 54.80 32.21 -23.88
N GLU A 364 53.57 32.70 -23.75
CA GLU A 364 52.92 32.69 -22.44
C GLU A 364 52.56 31.29 -21.99
N LYS A 365 52.16 30.42 -22.93
CA LYS A 365 51.92 29.03 -22.55
C LYS A 365 53.19 28.38 -22.04
N LEU A 366 54.32 28.65 -22.68
CA LEU A 366 55.59 28.13 -22.19
C LEU A 366 55.93 28.72 -20.83
N ASN A 367 55.65 30.02 -20.64
CA ASN A 367 55.93 30.64 -19.35
C ASN A 367 55.16 29.96 -18.24
N GLU A 368 53.86 29.76 -18.44
CA GLU A 368 53.05 29.13 -17.40
C GLU A 368 53.45 27.68 -17.20
N ARG A 369 53.77 26.96 -18.28
CA ARG A 369 54.23 25.58 -18.12
C ARG A 369 55.51 25.53 -17.30
N LEU A 370 56.45 26.42 -17.59
CA LEU A 370 57.69 26.47 -16.82
C LEU A 370 57.41 26.74 -15.36
N ALA A 371 56.64 27.80 -15.08
CA ALA A 371 56.31 28.13 -13.69
C ALA A 371 55.59 26.99 -13.01
N LYS A 372 54.88 26.15 -13.77
CA LYS A 372 54.17 25.02 -13.17
C LYS A 372 55.09 24.13 -12.35
N LEU A 373 56.35 24.00 -12.78
CA LEU A 373 57.29 23.07 -12.17
C LEU A 373 58.49 23.74 -11.53
N SER A 374 59.03 24.78 -12.15
CA SER A 374 60.25 25.40 -11.64
C SER A 374 60.03 25.96 -10.24
N ASP A 375 58.92 26.65 -10.02
CA ASP A 375 58.64 27.26 -8.73
C ASP A 375 57.75 26.36 -7.89
N GLY A 376 57.80 26.56 -6.57
CA GLY A 376 57.05 25.77 -5.64
C GLY A 376 55.75 26.44 -5.22
N VAL A 377 55.07 25.79 -4.29
CA VAL A 377 53.81 26.27 -3.73
C VAL A 377 53.98 26.47 -2.23
N ALA A 378 53.46 27.59 -1.74
CA ALA A 378 53.54 27.92 -0.32
C ALA A 378 52.41 27.25 0.44
N VAL A 379 52.76 26.61 1.56
CA VAL A 379 51.77 26.03 2.47
C VAL A 379 52.00 26.65 3.83
N LEU A 380 50.94 27.21 4.41
CA LEU A 380 51.02 27.91 5.69
C LEU A 380 50.59 26.96 6.80
N LYS A 381 51.54 26.65 7.69
CA LYS A 381 51.29 25.72 8.79
C LYS A 381 50.75 26.49 9.99
N VAL A 382 49.50 26.94 9.85
CA VAL A 382 48.85 27.66 10.93
C VAL A 382 48.73 26.74 12.14
N GLY A 383 49.11 27.25 13.32
CA GLY A 383 49.17 26.44 14.52
C GLY A 383 48.44 27.11 15.68
N GLY A 384 48.35 26.37 16.78
CA GLY A 384 47.65 26.86 17.94
C GLY A 384 47.64 25.82 19.04
N THR A 385 46.85 26.09 20.08
CA THR A 385 46.80 25.21 21.24
C THR A 385 45.90 24.01 21.00
N SER A 386 44.70 24.23 20.44
CA SER A 386 43.70 23.19 20.31
C SER A 386 43.14 23.18 18.90
N ASP A 387 42.44 22.08 18.58
CA ASP A 387 41.96 21.88 17.22
C ASP A 387 40.98 22.97 16.81
N VAL A 388 40.07 23.37 17.70
CA VAL A 388 39.10 24.41 17.37
C VAL A 388 39.81 25.73 17.12
N GLU A 389 40.81 26.03 17.95
CA GLU A 389 41.55 27.29 17.79
C GLU A 389 42.24 27.32 16.43
N VAL A 390 42.93 26.24 16.06
CA VAL A 390 43.62 26.22 14.78
C VAL A 390 42.60 26.23 13.64
N ASN A 391 41.42 25.66 13.84
CA ASN A 391 40.39 25.72 12.82
C ASN A 391 39.96 27.15 12.55
N GLU A 392 39.67 27.89 13.62
CA GLU A 392 39.27 29.29 13.46
C GLU A 392 40.40 30.11 12.84
N LYS A 393 41.63 29.87 13.30
CA LYS A 393 42.78 30.60 12.74
C LYS A 393 42.92 30.30 11.26
N LYS A 394 42.77 29.03 10.87
CA LYS A 394 42.88 28.66 9.46
C LYS A 394 41.80 29.33 8.64
N ASP A 395 40.56 29.37 9.15
CA ASP A 395 39.49 30.04 8.42
C ASP A 395 39.84 31.51 8.22
N ARG A 396 40.29 32.18 9.27
CA ARG A 396 40.63 33.59 9.17
C ARG A 396 41.76 33.80 8.16
N VAL A 397 42.78 32.94 8.20
CA VAL A 397 43.91 33.10 7.29
C VAL A 397 43.48 32.88 5.85
N THR A 398 42.64 31.87 5.60
CA THR A 398 42.14 31.67 4.25
C THR A 398 41.39 32.89 3.75
N ASP A 399 40.49 33.43 4.59
CA ASP A 399 39.72 34.59 4.17
C ASP A 399 40.64 35.78 3.88
N ALA A 400 41.62 36.01 4.75
CA ALA A 400 42.53 37.13 4.55
C ALA A 400 43.36 36.95 3.27
N LEU A 401 43.84 35.74 3.02
CA LEU A 401 44.62 35.50 1.81
C LEU A 401 43.78 35.73 0.58
N ASN A 402 42.54 35.24 0.57
CA ASN A 402 41.67 35.46 -0.58
C ASN A 402 41.44 36.95 -0.79
N ALA A 403 41.13 37.68 0.28
CA ALA A 403 40.85 39.10 0.14
C ALA A 403 42.07 39.85 -0.38
N THR A 404 43.25 39.57 0.17
CA THR A 404 44.43 40.30 -0.25
C THR A 404 44.81 39.96 -1.68
N ARG A 405 44.64 38.70 -2.10
CA ARG A 405 44.91 38.37 -3.49
C ARG A 405 43.95 39.10 -4.42
N ALA A 406 42.66 39.14 -4.05
CA ALA A 406 41.69 39.84 -4.88
C ALA A 406 42.01 41.33 -4.97
N ALA A 407 42.50 41.91 -3.86
CA ALA A 407 42.88 43.33 -3.90
C ALA A 407 44.11 43.54 -4.75
N VAL A 408 45.15 42.74 -4.55
CA VAL A 408 46.42 42.99 -5.22
C VAL A 408 46.29 42.77 -6.72
N GLU A 409 45.45 41.82 -7.14
CA GLU A 409 45.35 41.55 -8.58
C GLU A 409 44.68 42.70 -9.32
N GLU A 410 43.85 43.49 -8.64
CA GLU A 410 43.19 44.62 -9.29
C GLU A 410 43.12 45.85 -8.39
N GLY A 411 44.06 45.98 -7.45
CA GLY A 411 44.11 47.20 -6.66
C GLY A 411 43.01 47.27 -5.61
N ILE A 412 42.74 48.50 -5.18
CA ILE A 412 41.85 48.76 -4.05
C ILE A 412 41.03 50.00 -4.32
N VAL A 413 39.90 50.10 -3.60
CA VAL A 413 39.02 51.26 -3.64
C VAL A 413 38.40 51.44 -2.26
N LEU A 414 37.73 52.57 -2.06
CA LEU A 414 37.12 52.87 -0.77
C LEU A 414 36.15 51.78 -0.36
N GLY A 415 36.21 51.39 0.92
CA GLY A 415 35.29 50.42 1.46
C GLY A 415 33.99 51.05 1.92
N GLY A 416 33.22 50.26 2.66
CA GLY A 416 31.98 50.74 3.22
C GLY A 416 30.93 51.13 2.21
N GLY A 417 31.08 50.71 0.95
CA GLY A 417 30.12 51.02 -0.08
C GLY A 417 30.24 52.42 -0.65
N CYS A 418 31.22 53.21 -0.21
CA CYS A 418 31.39 54.56 -0.72
C CYS A 418 32.02 54.58 -2.11
N ALA A 419 32.71 53.52 -2.51
CA ALA A 419 33.39 53.51 -3.80
C ALA A 419 32.44 53.91 -4.92
N LEU A 420 31.27 53.29 -4.97
CA LEU A 420 30.28 53.65 -5.98
C LEU A 420 29.87 55.10 -5.83
N LEU A 421 29.64 55.55 -4.60
CA LEU A 421 29.19 56.91 -4.37
C LEU A 421 30.16 57.93 -4.95
N ARG A 422 31.44 57.59 -5.05
CA ARG A 422 32.41 58.48 -5.67
C ARG A 422 32.22 58.61 -7.17
N CYS A 423 31.48 57.70 -7.79
CA CYS A 423 31.33 57.67 -9.23
C CYS A 423 30.08 58.40 -9.71
N ILE A 424 29.28 58.96 -8.80
CA ILE A 424 28.06 59.65 -9.21
C ILE A 424 28.33 60.73 -10.23
N PRO A 425 29.32 61.61 -10.05
CA PRO A 425 29.53 62.69 -11.04
C PRO A 425 29.79 62.18 -12.44
N ALA A 426 30.42 61.01 -12.58
CA ALA A 426 30.76 60.51 -13.91
C ALA A 426 29.53 60.37 -14.80
N LEU A 427 28.34 60.18 -14.22
CA LEU A 427 27.14 60.03 -15.02
C LEU A 427 26.76 61.32 -15.73
N ASP A 428 27.29 62.46 -15.29
CA ASP A 428 26.98 63.73 -15.96
C ASP A 428 27.52 63.75 -17.38
N SER A 429 28.63 63.07 -17.63
CA SER A 429 29.21 63.06 -18.97
C SER A 429 28.28 62.40 -19.98
N LEU A 430 27.66 61.28 -19.60
CA LEU A 430 26.86 60.53 -20.54
C LEU A 430 25.69 61.37 -21.05
N THR A 431 25.40 61.23 -22.35
CA THR A 431 24.26 61.88 -22.98
C THR A 431 23.42 60.81 -23.66
N PRO A 432 22.17 60.58 -23.25
CA PRO A 432 21.38 59.52 -23.87
C PRO A 432 20.77 59.97 -25.19
N ALA A 433 20.70 59.02 -26.14
CA ALA A 433 20.11 59.32 -27.43
C ALA A 433 18.63 59.63 -27.29
N ASN A 434 17.91 58.87 -26.48
CA ASN A 434 16.47 59.00 -26.31
C ASN A 434 16.14 59.22 -24.84
N GLU A 435 14.86 59.50 -24.58
CA GLU A 435 14.42 59.74 -23.20
C GLU A 435 14.44 58.46 -22.37
N ASP A 436 14.18 57.31 -22.99
CA ASP A 436 14.22 56.06 -22.24
C ASP A 436 15.63 55.76 -21.73
N GLN A 437 16.65 56.01 -22.57
CA GLN A 437 18.02 55.87 -22.10
C GLN A 437 18.29 56.83 -20.95
N LYS A 438 17.72 58.03 -21.02
CA LYS A 438 17.85 58.99 -19.91
C LYS A 438 17.26 58.42 -18.64
N ILE A 439 16.08 57.80 -18.74
CA ILE A 439 15.46 57.20 -17.56
C ILE A 439 16.32 56.09 -17.01
N GLY A 440 16.95 55.31 -17.89
CA GLY A 440 17.87 54.28 -17.43
C GLY A 440 19.06 54.86 -16.69
N ILE A 441 19.64 55.94 -17.22
CA ILE A 441 20.74 56.61 -16.52
C ILE A 441 20.28 57.07 -15.15
N GLU A 442 19.09 57.65 -15.08
CA GLU A 442 18.57 58.11 -13.79
C GLU A 442 18.39 56.94 -12.83
N ILE A 443 17.89 55.80 -13.34
CA ILE A 443 17.71 54.63 -12.48
C ILE A 443 19.04 54.19 -11.90
N ILE A 444 20.07 54.14 -12.73
CA ILE A 444 21.37 53.69 -12.24
C ILE A 444 21.94 54.69 -11.24
N LYS A 445 21.73 55.99 -11.49
CA LYS A 445 22.14 56.99 -10.51
C LYS A 445 21.45 56.75 -9.17
N ARG A 446 20.14 56.48 -9.21
CA ARG A 446 19.40 56.26 -7.97
C ARG A 446 19.90 55.01 -7.25
N THR A 447 20.12 53.93 -7.99
CA THR A 447 20.51 52.68 -7.36
C THR A 447 21.95 52.72 -6.84
N LEU A 448 22.79 53.59 -7.40
CA LEU A 448 24.18 53.61 -6.97
C LEU A 448 24.34 53.89 -5.48
N LYS A 449 23.34 54.50 -4.85
CA LYS A 449 23.43 54.87 -3.44
C LYS A 449 22.89 53.80 -2.50
N ILE A 450 22.32 52.71 -3.03
CA ILE A 450 21.65 51.74 -2.17
C ILE A 450 22.62 51.04 -1.21
N PRO A 451 23.79 50.56 -1.64
CA PRO A 451 24.59 49.74 -0.71
C PRO A 451 25.02 50.48 0.55
N ALA A 452 25.49 51.72 0.42
CA ALA A 452 25.83 52.50 1.61
C ALA A 452 24.60 52.77 2.45
N MET A 453 23.47 53.04 1.81
CA MET A 453 22.21 53.23 2.53
C MET A 453 21.91 52.01 3.40
N THR A 454 22.07 50.82 2.83
CA THR A 454 21.76 49.60 3.57
C THR A 454 22.76 49.37 4.69
N ILE A 455 24.04 49.64 4.46
CA ILE A 455 25.01 49.50 5.54
C ILE A 455 24.65 50.44 6.69
N ALA A 456 24.28 51.68 6.37
CA ALA A 456 23.90 52.62 7.40
C ALA A 456 22.66 52.14 8.15
N LYS A 457 21.66 51.65 7.42
CA LYS A 457 20.45 51.15 8.07
C LYS A 457 20.77 50.00 9.00
N ASN A 458 21.65 49.10 8.58
CA ASN A 458 22.09 48.03 9.47
C ASN A 458 22.79 48.60 10.69
N ALA A 459 23.58 49.65 10.51
CA ALA A 459 24.16 50.35 11.65
C ALA A 459 23.12 51.09 12.45
N GLY A 460 21.92 51.28 11.91
CA GLY A 460 20.85 51.97 12.58
C GLY A 460 20.80 53.45 12.31
N VAL A 461 21.89 54.04 11.82
CA VAL A 461 21.89 55.46 11.50
C VAL A 461 21.10 55.71 10.24
N GLU A 462 20.41 56.85 10.20
CA GLU A 462 19.59 57.20 9.04
C GLU A 462 20.47 57.28 7.80
N GLY A 463 20.23 56.37 6.85
CA GLY A 463 21.11 56.26 5.70
C GLY A 463 21.13 57.49 4.82
N SER A 464 19.95 58.09 4.61
CA SER A 464 19.86 59.21 3.68
C SER A 464 20.80 60.35 4.08
N LEU A 465 20.82 60.69 5.37
CA LEU A 465 21.71 61.74 5.83
C LEU A 465 23.17 61.38 5.59
N ILE A 466 23.53 60.13 5.87
CA ILE A 466 24.92 59.70 5.71
C ILE A 466 25.34 59.83 4.26
N VAL A 467 24.50 59.37 3.33
CA VAL A 467 24.87 59.41 1.92
C VAL A 467 24.91 60.84 1.42
N GLU A 468 23.99 61.69 1.89
CA GLU A 468 24.00 63.08 1.47
C GLU A 468 25.29 63.77 1.93
N LYS A 469 25.71 63.50 3.16
CA LYS A 469 27.00 64.00 3.62
C LYS A 469 28.13 63.45 2.76
N ILE A 470 28.14 62.14 2.51
CA ILE A 470 29.22 61.52 1.75
C ILE A 470 29.37 62.21 0.41
N MET A 471 28.27 62.37 -0.31
CA MET A 471 28.34 63.01 -1.62
C MET A 471 28.65 64.50 -1.50
N GLN A 472 28.27 65.13 -0.39
CA GLN A 472 28.64 66.51 -0.14
C GLN A 472 30.02 66.67 0.48
N SER A 473 30.61 65.58 0.98
CA SER A 473 31.91 65.66 1.61
C SER A 473 33.01 65.58 0.55
N SER A 474 34.26 65.42 0.99
CA SER A 474 35.38 65.30 0.07
C SER A 474 35.37 63.92 -0.57
N SER A 475 36.39 63.66 -1.38
CA SER A 475 36.53 62.39 -2.09
C SER A 475 37.42 61.41 -1.34
N GLU A 476 37.88 61.76 -0.14
CA GLU A 476 38.81 60.93 0.60
C GLU A 476 38.23 60.36 1.90
N VAL A 477 37.11 60.86 2.38
CA VAL A 477 36.59 60.49 3.69
C VAL A 477 35.26 59.77 3.54
N GLY A 478 35.10 58.70 4.32
CA GLY A 478 33.88 57.92 4.33
C GLY A 478 33.31 57.77 5.73
N TYR A 479 32.29 56.91 5.87
CA TYR A 479 31.66 56.66 7.16
C TYR A 479 31.96 55.24 7.60
N ASP A 480 32.41 55.10 8.85
CA ASP A 480 32.69 53.79 9.43
C ASP A 480 31.51 53.38 10.30
N ALA A 481 30.86 52.28 9.93
CA ALA A 481 29.79 51.75 10.76
C ALA A 481 30.33 51.20 12.07
N MET A 482 31.53 50.61 12.04
CA MET A 482 32.09 50.05 13.26
C MET A 482 32.29 51.14 14.32
N ALA A 483 32.76 52.31 13.91
CA ALA A 483 32.95 53.43 14.82
C ALA A 483 31.83 54.45 14.74
N GLY A 484 30.90 54.31 13.79
CA GLY A 484 29.78 55.22 13.72
C GLY A 484 30.18 56.67 13.56
N ASP A 485 31.12 56.95 12.67
CA ASP A 485 31.65 58.30 12.52
C ASP A 485 32.09 58.50 11.07
N PHE A 486 32.57 59.71 10.78
CA PHE A 486 32.97 60.10 9.45
C PHE A 486 34.49 60.15 9.43
N VAL A 487 35.12 59.20 8.73
CA VAL A 487 36.56 59.00 8.82
C VAL A 487 37.13 58.83 7.42
N ASN A 488 38.45 58.95 7.33
CA ASN A 488 39.16 58.70 6.09
C ASN A 488 39.43 57.20 6.00
N MET A 489 38.78 56.54 5.03
CA MET A 489 38.72 55.08 5.03
C MET A 489 40.08 54.45 4.77
N VAL A 490 40.81 54.94 3.77
CA VAL A 490 41.95 54.19 3.24
C VAL A 490 42.97 53.91 4.34
N GLU A 491 43.34 54.95 5.11
CA GLU A 491 44.27 54.72 6.19
C GLU A 491 43.57 54.22 7.45
N LYS A 492 42.24 54.28 7.50
CA LYS A 492 41.49 53.67 8.59
C LYS A 492 41.38 52.15 8.44
N GLY A 493 41.97 51.58 7.40
CA GLY A 493 41.89 50.15 7.20
C GLY A 493 40.50 49.64 6.88
N ILE A 494 39.71 50.43 6.15
CA ILE A 494 38.38 50.03 5.73
C ILE A 494 38.34 50.19 4.21
N ILE A 495 38.55 49.10 3.49
CA ILE A 495 38.70 49.10 2.04
C ILE A 495 38.08 47.81 1.49
N ASP A 496 38.05 47.71 0.16
CA ASP A 496 37.53 46.52 -0.46
C ASP A 496 38.14 46.39 -1.85
N PRO A 497 38.47 45.17 -2.28
CA PRO A 497 39.02 44.99 -3.62
C PRO A 497 38.05 45.46 -4.69
N THR A 498 38.59 46.08 -5.73
CA THR A 498 37.75 46.56 -6.83
C THR A 498 37.15 45.42 -7.62
N LYS A 499 37.79 44.24 -7.61
CA LYS A 499 37.25 43.10 -8.35
C LYS A 499 35.86 42.73 -7.87
N VAL A 500 35.67 42.71 -6.55
CA VAL A 500 34.36 42.35 -6.00
C VAL A 500 33.31 43.34 -6.47
N VAL A 501 33.62 44.63 -6.38
CA VAL A 501 32.66 45.66 -6.79
C VAL A 501 32.32 45.49 -8.26
N ARG A 502 33.35 45.30 -9.10
CA ARG A 502 33.12 45.17 -10.53
C ARG A 502 32.25 43.96 -10.84
N THR A 503 32.60 42.81 -10.30
CA THR A 503 31.86 41.59 -10.59
C THR A 503 30.43 41.70 -10.10
N ALA A 504 30.23 42.20 -8.88
CA ALA A 504 28.88 42.34 -8.35
C ALA A 504 28.05 43.29 -9.21
N LEU A 505 28.63 44.43 -9.60
CA LEU A 505 27.89 45.38 -10.42
C LEU A 505 27.51 44.75 -11.76
N LEU A 506 28.46 44.07 -12.41
CA LEU A 506 28.18 43.47 -13.70
C LEU A 506 27.05 42.44 -13.59
N ASP A 507 27.18 41.52 -12.62
CA ASP A 507 26.19 40.46 -12.49
C ASP A 507 24.82 41.04 -12.16
N ALA A 508 24.77 42.01 -11.25
CA ALA A 508 23.49 42.60 -10.88
C ALA A 508 22.85 43.28 -12.09
N ALA A 509 23.63 44.06 -12.83
CA ALA A 509 23.08 44.74 -13.99
C ALA A 509 22.55 43.73 -15.00
N GLY A 510 23.31 42.67 -15.26
CA GLY A 510 22.86 41.68 -16.22
C GLY A 510 21.59 40.98 -15.78
N VAL A 511 21.54 40.56 -14.51
CA VAL A 511 20.37 39.84 -14.02
C VAL A 511 19.14 40.75 -14.06
N ALA A 512 19.30 42.01 -13.68
CA ALA A 512 18.17 42.92 -13.71
C ALA A 512 17.72 43.23 -15.12
N SER A 513 18.67 43.35 -16.06
CA SER A 513 18.29 43.50 -17.45
C SER A 513 17.47 42.31 -17.91
N LEU A 514 17.91 41.10 -17.56
CA LEU A 514 17.15 39.90 -17.89
C LEU A 514 15.74 39.98 -17.32
N LEU A 515 15.62 40.36 -16.05
CA LEU A 515 14.31 40.42 -15.42
C LEU A 515 13.42 41.48 -16.05
N THR A 516 13.98 42.63 -16.40
CA THR A 516 13.20 43.71 -17.01
C THR A 516 12.87 43.43 -18.45
N THR A 517 13.57 42.51 -19.10
CA THR A 517 13.33 42.18 -20.49
C THR A 517 12.50 40.91 -20.66
N ALA A 518 12.42 40.06 -19.65
CA ALA A 518 11.64 38.84 -19.76
C ALA A 518 10.19 39.18 -20.10
N GLU A 519 9.67 38.47 -21.10
CA GLU A 519 8.31 38.71 -21.58
C GLU A 519 7.37 37.55 -21.33
N VAL A 520 7.86 36.32 -21.35
CA VAL A 520 7.03 35.13 -21.16
C VAL A 520 7.68 34.25 -20.11
N VAL A 521 6.87 33.74 -19.19
CA VAL A 521 7.31 32.82 -18.16
C VAL A 521 6.44 31.58 -18.23
N VAL A 522 7.07 30.41 -18.22
CA VAL A 522 6.37 29.13 -18.23
C VAL A 522 6.70 28.40 -16.94
N THR A 523 5.68 27.77 -16.34
CA THR A 523 5.82 27.09 -15.06
C THR A 523 5.04 25.79 -15.08
N GLU A 524 5.60 24.79 -14.41
CA GLU A 524 4.92 23.49 -14.28
C GLU A 524 3.72 23.61 -13.35
N ILE A 525 2.65 22.89 -13.70
CA ILE A 525 1.45 22.87 -12.89
C ILE A 525 1.75 22.13 -11.59
N PRO A 526 1.24 22.56 -10.44
CA PRO A 526 1.47 21.81 -9.20
C PRO A 526 0.78 20.44 -9.22
N SER B 2 14.05 22.58 0.77
CA SER B 2 12.64 22.60 0.42
C SER B 2 12.08 24.00 0.48
N ALA B 3 10.79 24.14 0.18
CA ALA B 3 10.15 25.44 0.24
C ALA B 3 10.20 25.99 1.65
N LYS B 4 10.38 27.30 1.77
CA LYS B 4 10.56 27.95 3.07
C LYS B 4 9.61 29.12 3.21
N ASP B 5 9.18 29.34 4.44
CA ASP B 5 8.39 30.51 4.83
C ASP B 5 9.23 31.38 5.75
N VAL B 6 9.36 32.65 5.41
CA VAL B 6 10.28 33.56 6.08
C VAL B 6 9.49 34.70 6.69
N LYS B 7 9.86 35.08 7.92
CA LYS B 7 9.29 36.23 8.60
C LYS B 7 10.41 37.16 9.04
N PHE B 8 10.13 38.46 9.02
CA PHE B 8 11.14 39.48 9.24
C PHE B 8 10.74 40.42 10.36
N GLY B 9 11.69 40.73 11.24
CA GLY B 9 11.54 41.83 12.16
C GLY B 9 10.65 41.55 13.36
N ALA B 10 10.04 42.63 13.87
CA ALA B 10 9.23 42.53 15.08
C ALA B 10 8.15 41.47 14.96
N ASP B 11 7.63 41.25 13.75
CA ASP B 11 6.62 40.23 13.57
C ASP B 11 7.15 38.86 13.96
N ALA B 12 8.39 38.56 13.55
CA ALA B 12 9.01 37.29 13.93
C ALA B 12 9.42 37.29 15.39
N ARG B 13 9.90 38.43 15.90
CA ARG B 13 10.29 38.49 17.30
C ARG B 13 9.10 38.24 18.22
N ALA B 14 7.91 38.66 17.81
CA ALA B 14 6.72 38.40 18.61
C ALA B 14 6.48 36.90 18.75
N LEU B 15 6.61 36.17 17.64
CA LEU B 15 6.47 34.72 17.70
C LEU B 15 7.58 34.11 18.56
N MET B 16 8.81 34.60 18.41
CA MET B 16 9.89 34.12 19.26
C MET B 16 9.52 34.27 20.73
N LEU B 17 9.02 35.44 21.10
CA LEU B 17 8.68 35.69 22.49
C LEU B 17 7.53 34.79 22.96
N GLN B 18 6.50 34.66 22.13
CA GLN B 18 5.36 33.83 22.50
C GLN B 18 5.73 32.36 22.58
N GLY B 19 6.83 31.97 21.95
CA GLY B 19 7.30 30.60 22.09
C GLY B 19 8.16 30.42 23.32
N VAL B 20 9.04 31.39 23.58
CA VAL B 20 9.94 31.26 24.72
C VAL B 20 9.20 31.40 26.04
N ASP B 21 8.15 32.22 26.08
CA ASP B 21 7.47 32.47 27.35
C ASP B 21 6.85 31.19 27.92
N LEU B 22 6.35 30.32 27.04
CA LEU B 22 5.78 29.06 27.51
C LEU B 22 6.84 28.22 28.22
N LEU B 23 8.03 28.12 27.61
CA LEU B 23 9.13 27.41 28.26
C LEU B 23 9.51 28.08 29.57
N ALA B 24 9.55 29.42 29.58
CA ALA B 24 9.93 30.13 30.78
C ALA B 24 8.98 29.82 31.92
N ASP B 25 7.67 29.85 31.65
CA ASP B 25 6.71 29.51 32.68
C ASP B 25 6.81 28.05 33.07
N ALA B 26 7.05 27.15 32.11
CA ALA B 26 7.14 25.73 32.43
C ALA B 26 8.36 25.42 33.30
N VAL B 27 9.39 26.27 33.24
CA VAL B 27 10.60 26.02 34.01
C VAL B 27 10.68 26.86 35.27
N ALA B 28 9.92 27.95 35.37
CA ALA B 28 10.03 28.84 36.51
C ALA B 28 9.49 28.20 37.78
N VAL B 29 8.30 27.59 37.70
CA VAL B 29 7.64 27.12 38.89
C VAL B 29 8.44 26.04 39.61
N THR B 30 9.42 25.44 38.94
CA THR B 30 10.22 24.37 39.52
C THR B 30 11.56 24.87 40.04
N MET B 31 11.63 26.11 40.50
CA MET B 31 12.85 26.70 41.02
C MET B 31 12.69 27.01 42.50
N GLY B 32 13.81 26.94 43.23
CA GLY B 32 13.82 27.22 44.64
C GLY B 32 13.42 26.01 45.46
N PRO B 33 13.73 26.04 46.75
CA PRO B 33 13.37 24.90 47.62
C PRO B 33 11.89 24.64 47.68
N LYS B 34 11.05 25.65 47.44
CA LYS B 34 9.60 25.49 47.42
C LYS B 34 9.07 25.27 46.01
N GLY B 35 9.87 24.67 45.14
CA GLY B 35 9.44 24.46 43.77
C GLY B 35 8.20 23.59 43.69
N ARG B 36 7.28 23.97 42.81
CA ARG B 36 6.08 23.18 42.56
C ARG B 36 6.47 21.99 41.68
N THR B 37 5.48 21.27 41.18
CA THR B 37 5.73 20.05 40.42
C THR B 37 5.09 20.14 39.04
N VAL B 38 5.71 19.42 38.11
CA VAL B 38 5.20 19.23 36.76
C VAL B 38 4.94 17.75 36.55
N ILE B 39 3.91 17.45 35.77
CA ILE B 39 3.57 16.07 35.40
C ILE B 39 3.82 15.92 33.91
N ILE B 40 4.58 14.90 33.53
CA ILE B 40 5.02 14.71 32.16
C ILE B 40 4.31 13.48 31.60
N GLU B 41 3.76 13.63 30.39
CA GLU B 41 3.05 12.53 29.75
C GLU B 41 4.04 11.51 29.21
N GLN B 42 3.76 10.23 29.48
CA GLN B 42 4.45 9.11 28.86
C GLN B 42 3.42 8.33 28.06
N SER B 43 3.51 8.40 26.72
CA SER B 43 2.51 7.77 25.88
C SER B 43 2.41 6.28 26.12
N TRP B 44 3.45 5.66 26.69
CA TRP B 44 3.50 4.21 26.88
C TRP B 44 3.42 3.79 28.33
N GLY B 45 3.89 4.61 29.27
CA GLY B 45 3.92 4.23 30.66
C GLY B 45 3.25 5.23 31.57
N SER B 46 3.48 5.08 32.88
CA SER B 46 2.84 5.97 33.83
C SER B 46 3.40 7.39 33.70
N PRO B 47 2.60 8.41 34.01
CA PRO B 47 3.09 9.77 33.93
C PRO B 47 4.27 9.99 34.85
N LYS B 48 5.21 10.82 34.41
CA LYS B 48 6.41 11.16 35.17
C LYS B 48 6.18 12.49 35.88
N VAL B 49 6.27 12.46 37.21
CA VAL B 49 6.15 13.65 38.04
C VAL B 49 7.55 13.96 38.57
N THR B 50 7.95 15.23 38.49
CA THR B 50 9.30 15.60 38.87
C THR B 50 9.32 17.07 39.26
N LYS B 51 10.46 17.48 39.82
CA LYS B 51 10.71 18.87 40.20
C LYS B 51 12.10 19.28 39.74
N ASP B 52 12.43 18.93 38.51
CA ASP B 52 13.75 19.16 37.94
C ASP B 52 13.63 20.12 36.77
N GLY B 53 14.30 21.27 36.87
CA GLY B 53 14.23 22.25 35.80
C GLY B 53 14.79 21.74 34.48
N VAL B 54 15.91 21.02 34.54
CA VAL B 54 16.55 20.55 33.32
C VAL B 54 15.62 19.61 32.57
N THR B 55 14.94 18.71 33.28
CA THR B 55 14.08 17.75 32.62
C THR B 55 12.94 18.44 31.89
N VAL B 56 12.21 19.30 32.59
CA VAL B 56 11.09 20.01 31.96
C VAL B 56 11.59 20.89 30.82
N ALA B 57 12.77 21.51 31.00
CA ALA B 57 13.30 22.37 29.95
C ALA B 57 13.57 21.59 28.67
N LYS B 58 14.29 20.48 28.79
CA LYS B 58 14.58 19.66 27.62
C LYS B 58 13.37 18.90 27.13
N SER B 59 12.28 18.89 27.88
CA SER B 59 11.12 18.07 27.51
C SER B 59 10.28 18.73 26.42
N ILE B 60 9.79 19.94 26.69
CA ILE B 60 8.73 20.48 25.84
C ILE B 60 9.26 20.84 24.47
N ASP B 61 8.36 20.85 23.49
CA ASP B 61 8.69 21.15 22.11
C ASP B 61 7.41 21.66 21.45
N LEU B 62 7.39 22.93 21.09
CA LEU B 62 6.16 23.56 20.65
C LEU B 62 5.78 23.09 19.24
N LYS B 63 4.53 23.36 18.88
CA LYS B 63 3.97 22.98 17.59
C LYS B 63 4.36 23.96 16.49
N ASP B 64 4.02 25.23 16.66
CA ASP B 64 4.31 26.22 15.63
C ASP B 64 5.82 26.33 15.42
N LYS B 65 6.20 26.57 14.16
CA LYS B 65 7.61 26.55 13.81
C LYS B 65 8.39 27.66 14.51
N TYR B 66 7.90 28.89 14.43
CA TYR B 66 8.61 30.01 15.02
C TYR B 66 8.77 29.82 16.52
N LYS B 67 7.67 29.48 17.19
CA LYS B 67 7.73 29.26 18.63
C LYS B 67 8.68 28.11 18.96
N ASN B 68 8.62 27.04 18.17
CA ASN B 68 9.49 25.90 18.41
C ASN B 68 10.96 26.29 18.31
N ILE B 69 11.32 27.05 17.26
CA ILE B 69 12.72 27.39 17.08
C ILE B 69 13.19 28.34 18.18
N GLY B 70 12.33 29.27 18.62
CA GLY B 70 12.71 30.11 19.75
C GLY B 70 12.96 29.30 21.00
N ALA B 71 12.04 28.38 21.30
CA ALA B 71 12.21 27.53 22.47
C ALA B 71 13.48 26.70 22.38
N LYS B 72 13.79 26.20 21.18
CA LYS B 72 15.02 25.42 21.00
C LYS B 72 16.26 26.30 21.17
N LEU B 73 16.21 27.54 20.67
CA LEU B 73 17.31 28.45 20.89
C LEU B 73 17.60 28.60 22.36
N VAL B 74 16.55 28.84 23.17
CA VAL B 74 16.75 28.94 24.60
C VAL B 74 17.28 27.62 25.16
N GLN B 75 16.65 26.52 24.77
CA GLN B 75 16.94 25.22 25.37
C GLN B 75 18.40 24.84 25.19
N ASP B 76 18.88 24.89 23.95
CA ASP B 76 20.20 24.32 23.66
C ASP B 76 21.28 25.10 24.40
N VAL B 77 21.25 26.42 24.31
CA VAL B 77 22.28 27.21 24.99
C VAL B 77 22.19 27.01 26.49
N ALA B 78 20.99 27.18 27.06
CA ALA B 78 20.86 27.09 28.51
C ALA B 78 21.32 25.73 29.01
N ASN B 79 20.99 24.66 28.29
CA ASN B 79 21.33 23.31 28.75
C ASN B 79 22.80 23.01 28.55
N ASN B 80 23.26 23.04 27.30
CA ASN B 80 24.64 22.67 27.01
C ASN B 80 25.62 23.54 27.78
N THR B 81 25.42 24.86 27.74
CA THR B 81 26.39 25.75 28.40
C THR B 81 26.22 25.74 29.91
N ASN B 82 25.00 25.51 30.41
CA ASN B 82 24.74 25.46 31.85
C ASN B 82 24.02 24.14 32.14
N GLU B 83 24.77 23.17 32.68
CA GLU B 83 24.22 21.86 33.01
C GLU B 83 24.62 21.35 34.38
N GLU B 84 25.63 21.95 35.04
CA GLU B 84 26.12 21.39 36.29
C GLU B 84 25.07 21.50 37.39
N ALA B 85 24.51 22.68 37.58
CA ALA B 85 23.52 22.92 38.63
C ALA B 85 22.16 23.17 38.01
N GLY B 86 21.15 22.45 38.51
CA GLY B 86 19.81 22.61 37.96
C GLY B 86 19.29 24.03 38.09
N ASP B 87 19.48 24.63 39.25
CA ASP B 87 19.01 26.00 39.46
C ASP B 87 19.63 26.96 38.44
N GLY B 88 20.86 26.69 38.01
CA GLY B 88 21.51 27.59 37.07
C GLY B 88 20.77 27.68 35.75
N THR B 89 20.39 26.53 35.20
CA THR B 89 19.68 26.53 33.92
C THR B 89 18.34 27.25 34.03
N THR B 90 17.60 26.99 35.10
CA THR B 90 16.32 27.66 35.30
C THR B 90 16.51 29.17 35.41
N THR B 91 17.51 29.60 36.19
CA THR B 91 17.77 31.02 36.33
C THR B 91 18.11 31.64 35.00
N ALA B 92 18.98 30.99 34.22
CA ALA B 92 19.33 31.53 32.92
C ALA B 92 18.11 31.65 32.04
N THR B 93 17.26 30.62 32.02
CA THR B 93 16.08 30.64 31.16
C THR B 93 15.15 31.77 31.53
N VAL B 94 14.86 31.93 32.83
CA VAL B 94 13.90 32.94 33.24
C VAL B 94 14.47 34.34 32.99
N LEU B 95 15.75 34.54 33.30
CA LEU B 95 16.36 35.84 33.04
C LEU B 95 16.32 36.16 31.55
N ALA B 96 16.61 35.18 30.70
CA ALA B 96 16.58 35.41 29.27
C ALA B 96 15.19 35.79 28.81
N ARG B 97 14.17 35.06 29.27
CA ARG B 97 12.80 35.40 28.91
C ARG B 97 12.48 36.83 29.31
N SER B 98 12.76 37.17 30.56
CA SER B 98 12.50 38.53 31.02
C SER B 98 13.15 39.55 30.08
N ILE B 99 14.47 39.46 29.95
CA ILE B 99 15.22 40.49 29.24
C ILE B 99 14.74 40.61 27.81
N ALA B 100 14.53 39.47 27.13
CA ALA B 100 14.01 39.53 25.77
C ALA B 100 12.67 40.25 25.73
N LYS B 101 11.79 39.96 26.69
CA LYS B 101 10.47 40.57 26.65
C LYS B 101 10.56 42.09 26.82
N GLU B 102 11.25 42.54 27.87
CA GLU B 102 11.32 43.97 28.11
C GLU B 102 12.04 44.69 26.98
N GLY B 103 13.13 44.10 26.48
CA GLY B 103 13.79 44.69 25.33
C GLY B 103 12.89 44.77 24.12
N PHE B 104 12.04 43.76 23.92
CA PHE B 104 11.11 43.79 22.80
C PHE B 104 10.14 44.95 22.94
N GLU B 105 9.59 45.15 24.14
CA GLU B 105 8.67 46.26 24.32
C GLU B 105 9.38 47.61 24.11
N LYS B 106 10.59 47.74 24.66
CA LYS B 106 11.30 49.01 24.51
C LYS B 106 11.65 49.28 23.06
N ILE B 107 12.02 48.23 22.30
CA ILE B 107 12.26 48.41 20.87
C ILE B 107 10.96 48.83 20.19
N SER B 108 9.85 48.19 20.53
CA SER B 108 8.57 48.54 19.93
C SER B 108 8.24 50.00 20.18
N LYS B 109 8.68 50.56 21.31
CA LYS B 109 8.46 51.98 21.54
C LYS B 109 9.13 52.82 20.47
N GLY B 110 10.21 52.33 19.86
CA GLY B 110 10.82 53.00 18.74
C GLY B 110 12.28 53.39 18.95
N ALA B 111 12.98 52.68 19.82
CA ALA B 111 14.37 52.97 20.10
C ALA B 111 15.28 52.20 19.14
N ASN B 112 16.59 52.34 19.34
CA ASN B 112 17.57 51.66 18.50
C ASN B 112 18.00 50.36 19.17
N PRO B 113 17.72 49.20 18.59
CA PRO B 113 18.06 47.94 19.28
C PRO B 113 19.53 47.79 19.59
N VAL B 114 20.42 48.25 18.71
CA VAL B 114 21.84 47.97 18.90
C VAL B 114 22.35 48.65 20.17
N GLU B 115 21.98 49.91 20.39
CA GLU B 115 22.44 50.59 21.60
C GLU B 115 21.74 50.06 22.84
N ILE B 116 20.52 49.57 22.70
CA ILE B 116 19.87 48.88 23.81
C ILE B 116 20.70 47.67 24.22
N ARG B 117 21.13 46.88 23.24
CA ARG B 117 21.96 45.71 23.54
C ARG B 117 23.32 46.13 24.10
N ARG B 118 23.86 47.24 23.63
CA ARG B 118 25.13 47.73 24.17
C ARG B 118 24.98 48.08 25.65
N GLY B 119 23.92 48.80 26.00
CA GLY B 119 23.67 49.08 27.40
C GLY B 119 23.45 47.83 28.21
N VAL B 120 22.76 46.85 27.63
CA VAL B 120 22.56 45.57 28.30
C VAL B 120 23.90 44.92 28.61
N MET B 121 24.80 44.91 27.63
CA MET B 121 26.09 44.28 27.83
C MET B 121 26.92 45.03 28.88
N LEU B 122 26.87 46.36 28.86
CA LEU B 122 27.58 47.12 29.88
C LEU B 122 27.04 46.80 31.27
N ALA B 123 25.71 46.73 31.40
CA ALA B 123 25.11 46.41 32.69
C ALA B 123 25.53 45.03 33.17
N VAL B 124 25.49 44.03 32.28
CA VAL B 124 25.87 42.69 32.72
C VAL B 124 27.34 42.65 33.07
N ASP B 125 28.19 43.39 32.35
CA ASP B 125 29.60 43.44 32.70
C ASP B 125 29.79 44.01 34.09
N ALA B 126 29.09 45.10 34.40
CA ALA B 126 29.20 45.69 35.74
C ALA B 126 28.70 44.72 36.80
N VAL B 127 27.59 44.03 36.54
CA VAL B 127 27.04 43.10 37.51
C VAL B 127 28.03 41.97 37.76
N ILE B 128 28.66 41.47 36.70
CA ILE B 128 29.64 40.39 36.87
C ILE B 128 30.83 40.88 37.67
N ALA B 129 31.31 42.09 37.37
CA ALA B 129 32.42 42.63 38.14
C ALA B 129 32.07 42.72 39.62
N GLU B 130 30.87 43.23 39.92
CA GLU B 130 30.44 43.35 41.31
C GLU B 130 30.34 41.99 41.98
N LEU B 131 29.75 41.01 41.28
CA LEU B 131 29.60 39.68 41.86
C LEU B 131 30.97 39.06 42.14
N LYS B 132 31.92 39.21 41.21
CA LYS B 132 33.27 38.75 41.45
C LYS B 132 33.85 39.44 42.67
N LYS B 133 33.60 40.74 42.81
CA LYS B 133 34.14 41.49 43.95
C LYS B 133 33.62 40.92 45.27
N GLN B 134 32.32 40.65 45.36
CA GLN B 134 31.69 40.29 46.62
C GLN B 134 31.66 38.78 46.85
N SER B 135 32.26 37.99 45.98
CA SER B 135 32.24 36.53 46.13
C SER B 135 33.39 36.12 47.04
N LYS B 136 33.09 35.92 48.32
CA LYS B 136 34.13 35.46 49.23
C LYS B 136 34.52 34.02 48.89
N PRO B 137 35.82 33.69 48.90
CA PRO B 137 36.24 32.36 48.49
C PRO B 137 36.31 31.39 49.66
N VAL B 138 36.62 30.14 49.33
CA VAL B 138 36.86 29.09 50.31
C VAL B 138 38.14 28.36 49.91
N THR B 139 39.05 28.21 50.88
CA THR B 139 40.27 27.45 50.63
C THR B 139 40.68 26.59 51.82
N THR B 140 39.82 26.38 52.81
CA THR B 140 40.20 25.62 53.99
C THR B 140 39.46 24.29 54.04
N PRO B 141 40.09 23.23 54.54
CA PRO B 141 39.37 21.97 54.71
C PRO B 141 38.14 22.11 55.58
N GLU B 142 38.19 22.95 56.62
CA GLU B 142 37.01 23.18 57.44
C GLU B 142 35.89 23.78 56.60
N GLU B 143 36.20 24.84 55.85
CA GLU B 143 35.21 25.41 54.94
C GLU B 143 34.75 24.40 53.92
N ILE B 144 35.66 23.54 53.46
CA ILE B 144 35.28 22.51 52.48
C ILE B 144 34.23 21.59 53.06
N ALA B 145 34.47 21.10 54.28
CA ALA B 145 33.49 20.23 54.92
C ALA B 145 32.18 20.96 55.15
N GLN B 146 32.24 22.22 55.56
CA GLN B 146 31.02 22.98 55.80
C GLN B 146 30.20 23.09 54.54
N VAL B 147 30.83 23.47 53.43
CA VAL B 147 30.10 23.65 52.18
C VAL B 147 29.58 22.32 51.67
N ALA B 148 30.37 21.25 51.80
CA ALA B 148 29.91 19.95 51.35
C ALA B 148 28.69 19.50 52.15
N THR B 149 28.71 19.69 53.47
CA THR B 149 27.55 19.37 54.28
C THR B 149 26.36 20.21 53.87
N ILE B 150 26.58 21.50 53.58
CA ILE B 150 25.49 22.36 53.15
C ILE B 150 24.87 21.83 51.87
N SER B 151 25.71 21.42 50.90
CA SER B 151 25.18 20.86 49.67
C SER B 151 24.41 19.57 49.92
N ALA B 152 24.72 18.87 51.01
CA ALA B 152 24.03 17.65 51.39
C ALA B 152 22.73 17.92 52.16
N ASN B 153 22.20 19.14 52.06
CA ASN B 153 20.99 19.52 52.79
C ASN B 153 21.20 19.35 54.30
N GLY B 154 22.40 19.70 54.77
CA GLY B 154 22.72 19.63 56.18
C GLY B 154 23.26 18.31 56.65
N ASP B 155 23.40 17.32 55.77
CA ASP B 155 23.93 16.03 56.17
C ASP B 155 25.41 16.15 56.50
N LYS B 156 25.85 15.39 57.50
CA LYS B 156 27.19 15.54 58.06
C LYS B 156 28.19 14.58 57.41
N GLU B 157 27.93 13.27 57.51
CA GLU B 157 28.94 12.29 57.10
C GLU B 157 29.31 12.42 55.63
N ILE B 158 28.37 12.80 54.78
CA ILE B 158 28.69 12.96 53.36
C ILE B 158 29.69 14.09 53.17
N GLY B 159 29.40 15.26 53.77
CA GLY B 159 30.34 16.35 53.68
C GLY B 159 31.69 16.00 54.29
N ASN B 160 31.67 15.21 55.36
CA ASN B 160 32.92 14.79 56.00
C ASN B 160 33.75 13.95 55.05
N ILE B 161 33.14 12.96 54.40
CA ILE B 161 33.90 12.10 53.49
C ILE B 161 34.37 12.89 52.28
N ILE B 162 33.56 13.83 51.79
CA ILE B 162 33.99 14.66 50.67
C ILE B 162 35.20 15.49 51.07
N SER B 163 35.17 16.07 52.28
CA SER B 163 36.33 16.81 52.77
C SER B 163 37.55 15.90 52.87
N ASP B 164 37.35 14.67 53.34
CA ASP B 164 38.46 13.73 53.44
C ASP B 164 39.07 13.48 52.07
N ALA B 165 38.23 13.25 51.06
CA ALA B 165 38.74 13.02 49.71
C ALA B 165 39.49 14.24 49.19
N MET B 166 38.92 15.43 49.38
CA MET B 166 39.58 16.65 48.91
C MET B 166 40.94 16.81 49.57
N LYS B 167 41.02 16.53 50.87
CA LYS B 167 42.30 16.57 51.57
C LYS B 167 43.28 15.58 50.97
N LYS B 168 42.82 14.35 50.72
CA LYS B 168 43.72 13.29 50.32
C LYS B 168 44.25 13.49 48.91
N VAL B 169 43.45 14.05 48.00
CA VAL B 169 43.84 14.23 46.60
C VAL B 169 44.17 15.69 46.30
N GLY B 170 43.18 16.57 46.40
CA GLY B 170 43.38 17.98 46.15
C GLY B 170 42.35 18.55 45.20
N ARG B 171 42.39 19.87 45.07
CA ARG B 171 41.38 20.58 44.29
C ARG B 171 41.46 20.17 42.82
N LYS B 172 42.66 20.25 42.23
CA LYS B 172 42.84 19.72 40.89
C LYS B 172 42.60 18.23 40.82
N GLY B 173 42.61 17.56 41.98
CA GLY B 173 42.43 16.13 42.00
C GLY B 173 41.07 15.71 41.47
N VAL B 174 40.99 14.43 41.12
CA VAL B 174 39.81 13.84 40.50
C VAL B 174 39.17 12.86 41.48
N ILE B 175 37.84 12.91 41.57
CA ILE B 175 37.08 12.12 42.53
C ILE B 175 35.94 11.44 41.81
N THR B 176 35.61 10.22 42.23
CA THR B 176 34.56 9.42 41.60
C THR B 176 33.79 8.67 42.69
N VAL B 177 32.73 7.97 42.27
CA VAL B 177 31.87 7.23 43.18
C VAL B 177 31.70 5.80 42.65
N LYS B 178 31.32 4.91 43.55
CA LYS B 178 31.12 3.51 43.22
C LYS B 178 30.30 2.84 44.32
N ASP B 179 29.62 1.76 43.95
CA ASP B 179 28.78 1.03 44.89
C ASP B 179 29.68 0.37 45.95
N GLY B 180 29.49 0.76 47.20
CA GLY B 180 30.32 0.26 48.29
C GLY B 180 29.97 -1.12 48.78
N LYS B 181 28.81 -1.65 48.39
CA LYS B 181 28.39 -3.01 48.74
C LYS B 181 28.63 -3.31 50.21
N THR B 182 28.53 -2.28 51.05
CA THR B 182 28.69 -2.43 52.50
C THR B 182 27.71 -1.49 53.19
N LEU B 183 27.89 -1.32 54.50
CA LEU B 183 26.99 -0.51 55.31
C LEU B 183 27.47 0.92 55.51
N ASN B 184 28.71 1.23 55.14
CA ASN B 184 29.25 2.56 55.31
C ASN B 184 30.04 2.96 54.06
N ASP B 185 29.89 4.22 53.65
CA ASP B 185 30.64 4.72 52.52
C ASP B 185 32.13 4.70 52.84
N GLU B 186 32.92 4.22 51.88
CA GLU B 186 34.36 4.06 52.05
C GLU B 186 35.10 4.87 50.99
N LEU B 187 36.27 5.36 51.38
CA LEU B 187 37.12 6.17 50.53
C LEU B 187 38.34 5.37 50.11
N GLU B 188 38.62 5.35 48.80
CA GLU B 188 39.73 4.60 48.27
C GLU B 188 40.39 5.41 47.16
N ILE B 189 41.70 5.25 47.00
CA ILE B 189 42.47 5.95 46.00
C ILE B 189 43.29 4.93 45.22
N ILE B 190 43.02 4.82 43.92
CA ILE B 190 43.74 3.94 43.03
C ILE B 190 44.28 4.77 41.87
N GLU B 191 45.16 4.17 41.09
CA GLU B 191 45.70 4.86 39.93
C GLU B 191 44.60 5.12 38.91
N GLY B 192 44.50 6.37 38.46
CA GLY B 192 43.50 6.75 37.49
C GLY B 192 44.04 7.79 36.54
N MET B 193 43.50 7.77 35.32
CA MET B 193 43.96 8.66 34.25
C MET B 193 42.73 9.27 33.58
N LYS B 194 42.37 10.47 34.01
CA LYS B 194 41.19 11.18 33.51
C LYS B 194 41.63 12.31 32.58
N PHE B 195 41.00 12.40 31.41
CA PHE B 195 41.31 13.43 30.45
C PHE B 195 40.00 13.96 29.85
N ASP B 196 40.11 15.12 29.18
CA ASP B 196 38.96 15.96 28.88
C ASP B 196 38.35 15.67 27.51
N ARG B 197 38.58 14.49 26.95
CA ARG B 197 37.93 14.06 25.72
C ARG B 197 36.90 12.99 26.08
N GLY B 198 35.65 13.22 25.67
CA GLY B 198 34.56 12.29 25.94
C GLY B 198 34.37 11.30 24.82
N TYR B 199 33.19 10.68 24.83
CA TYR B 199 32.83 9.73 23.77
C TYR B 199 32.74 10.46 22.43
N ILE B 200 32.94 9.71 21.35
CA ILE B 200 32.86 10.27 20.01
C ILE B 200 31.53 9.89 19.37
N SER B 201 30.94 8.78 19.81
CA SER B 201 29.70 8.28 19.24
C SER B 201 28.55 8.54 20.20
N PRO B 202 27.68 9.52 19.94
CA PRO B 202 26.54 9.74 20.85
C PRO B 202 25.67 8.51 21.02
N TYR B 203 25.47 7.74 19.95
CA TYR B 203 24.69 6.51 20.06
C TYR B 203 25.41 5.44 20.86
N PHE B 204 26.70 5.63 21.15
CA PHE B 204 27.47 4.68 21.94
C PHE B 204 27.28 5.04 23.42
N ILE B 205 26.30 4.39 24.05
CA ILE B 205 26.04 4.54 25.47
C ILE B 205 25.95 3.14 26.05
N ASN B 206 27.01 2.71 26.75
CA ASN B 206 27.02 1.37 27.31
C ASN B 206 25.90 1.19 28.33
N THR B 207 25.67 2.20 29.17
CA THR B 207 24.63 2.17 30.19
C THR B 207 23.59 3.24 29.85
N SER B 208 22.40 2.79 29.44
CA SER B 208 21.34 3.73 29.09
C SER B 208 20.90 4.54 30.30
N LYS B 209 20.73 3.88 31.46
CA LYS B 209 20.23 4.58 32.63
C LYS B 209 21.18 5.66 33.11
N GLY B 210 22.48 5.42 33.02
CA GLY B 210 23.46 6.33 33.57
C GLY B 210 23.96 7.43 32.65
N GLN B 211 23.48 7.48 31.41
CA GLN B 211 24.03 8.42 30.42
C GLN B 211 25.55 8.31 30.38
N LYS B 212 26.02 7.06 30.41
CA LYS B 212 27.42 6.79 30.70
C LYS B 212 27.88 5.61 29.86
N CYS B 213 29.20 5.51 29.71
CA CYS B 213 29.85 4.36 29.09
C CYS B 213 30.82 3.77 30.11
N GLU B 214 30.56 2.53 30.53
CA GLU B 214 31.32 1.89 31.59
C GLU B 214 31.85 0.55 31.08
N PHE B 215 33.14 0.31 31.30
CA PHE B 215 33.78 -0.94 30.94
C PHE B 215 34.77 -1.32 32.05
N GLN B 216 35.03 -2.61 32.18
CA GLN B 216 35.96 -3.11 33.18
C GLN B 216 36.85 -4.18 32.58
N ASP B 217 38.11 -4.19 33.02
CA ASP B 217 39.10 -5.19 32.62
C ASP B 217 39.21 -5.25 31.09
N ALA B 218 39.66 -4.14 30.52
CA ALA B 218 39.71 -3.97 29.07
C ALA B 218 41.15 -3.74 28.61
N TYR B 219 41.46 -4.21 27.41
CA TYR B 219 42.70 -3.85 26.75
C TYR B 219 42.52 -2.54 25.99
N VAL B 220 43.64 -1.88 25.71
CA VAL B 220 43.62 -0.52 25.16
C VAL B 220 44.41 -0.48 23.86
N LEU B 221 43.96 0.36 22.93
CA LEU B 221 44.65 0.62 21.68
C LEU B 221 45.04 2.09 21.61
N LEU B 222 46.32 2.36 21.38
CA LEU B 222 46.85 3.72 21.31
C LEU B 222 47.61 3.88 20.00
N SER B 223 47.18 4.83 19.18
CA SER B 223 47.86 5.08 17.91
C SER B 223 47.79 6.57 17.59
N GLU B 224 48.95 7.15 17.29
CA GLU B 224 49.00 8.57 16.95
C GLU B 224 48.25 8.85 15.66
N LYS B 225 48.42 8.01 14.65
CA LYS B 225 47.84 8.28 13.34
C LYS B 225 46.32 8.17 13.39
N LYS B 226 45.67 9.02 12.61
CA LYS B 226 44.22 9.01 12.52
C LYS B 226 43.73 7.67 11.96
N ILE B 227 42.65 7.15 12.54
CA ILE B 227 42.11 5.85 12.18
C ILE B 227 40.70 6.03 11.64
N SER B 228 40.47 7.14 10.94
CA SER B 228 39.16 7.38 10.38
C SER B 228 39.01 6.67 9.03
N SER B 229 37.93 5.91 8.89
CA SER B 229 37.63 5.17 7.66
C SER B 229 38.69 4.12 7.35
N ILE B 230 39.47 3.70 8.35
CA ILE B 230 40.56 2.77 8.14
C ILE B 230 40.17 1.41 8.69
N GLN B 231 40.23 0.40 7.83
CA GLN B 231 39.83 -0.95 8.19
C GLN B 231 41.07 -1.68 8.73
N SER B 232 40.98 -2.98 8.96
CA SER B 232 42.05 -3.77 9.56
C SER B 232 42.07 -3.64 11.08
N ILE B 233 40.95 -3.22 11.66
CA ILE B 233 40.73 -3.34 13.10
C ILE B 233 40.22 -4.72 13.47
N VAL B 234 39.88 -5.53 12.47
CA VAL B 234 39.37 -6.88 12.75
C VAL B 234 40.36 -7.70 13.55
N PRO B 235 41.68 -7.61 13.32
CA PRO B 235 42.61 -8.35 14.19
C PRO B 235 42.38 -8.05 15.66
N ALA B 236 42.12 -6.79 16.00
CA ALA B 236 41.76 -6.47 17.37
C ALA B 236 40.46 -7.16 17.77
N LEU B 237 39.46 -7.16 16.88
CA LEU B 237 38.20 -7.83 17.18
C LEU B 237 38.41 -9.32 17.44
N GLU B 238 39.44 -9.91 16.83
CA GLU B 238 39.70 -11.33 17.02
C GLU B 238 39.97 -11.64 18.49
N ILE B 239 40.90 -10.91 19.10
CA ILE B 239 41.17 -11.08 20.52
C ILE B 239 40.04 -10.52 21.38
N ALA B 240 39.30 -9.52 20.88
CA ALA B 240 38.17 -8.98 21.63
C ALA B 240 37.07 -10.03 21.81
N ASN B 241 36.85 -10.85 20.78
CA ASN B 241 35.85 -11.92 20.87
C ASN B 241 36.42 -13.16 21.54
N ALA B 242 37.65 -13.55 21.19
CA ALA B 242 38.27 -14.70 21.84
C ALA B 242 38.45 -14.44 23.33
N HIS B 243 39.08 -13.31 23.67
CA HIS B 243 39.18 -12.89 25.07
C HIS B 243 37.92 -12.13 25.44
N ARG B 244 37.35 -12.46 26.60
CA ARG B 244 36.15 -11.78 27.07
C ARG B 244 36.41 -10.33 27.44
N LYS B 245 37.67 -9.92 27.53
CA LYS B 245 37.99 -8.56 27.94
C LYS B 245 37.57 -7.57 26.86
N PRO B 246 36.78 -6.54 27.20
CA PRO B 246 36.42 -5.53 26.19
C PRO B 246 37.63 -4.72 25.75
N LEU B 247 37.44 -3.84 24.76
CA LEU B 247 38.52 -3.04 24.21
C LEU B 247 38.14 -1.57 24.24
N VAL B 248 39.16 -0.73 24.21
CA VAL B 248 39.01 0.72 24.13
C VAL B 248 39.97 1.24 23.06
N ILE B 249 39.51 2.21 22.28
CA ILE B 249 40.26 2.74 21.15
C ILE B 249 40.52 4.22 21.39
N ILE B 250 41.77 4.63 21.17
CA ILE B 250 42.16 6.03 21.25
C ILE B 250 42.94 6.37 19.99
N ALA B 251 42.43 7.34 19.23
CA ALA B 251 43.05 7.74 17.98
C ALA B 251 42.82 9.23 17.77
N GLU B 252 43.42 9.77 16.70
CA GLU B 252 43.22 11.17 16.38
C GLU B 252 41.74 11.46 16.12
N ASP B 253 41.09 10.58 15.37
CA ASP B 253 39.65 10.66 15.15
C ASP B 253 39.21 9.45 14.35
N VAL B 254 37.93 9.13 14.44
CA VAL B 254 37.33 8.05 13.66
C VAL B 254 36.11 8.60 12.95
N ASP B 255 36.05 8.38 11.63
CA ASP B 255 34.93 8.87 10.82
C ASP B 255 34.83 8.00 9.57
N GLY B 256 33.63 7.94 9.03
CA GLY B 256 33.40 7.23 7.78
C GLY B 256 33.14 5.75 8.01
N GLU B 257 33.87 4.90 7.29
CA GLU B 257 33.58 3.47 7.30
C GLU B 257 33.78 2.88 8.69
N ALA B 258 34.88 3.23 9.35
CA ALA B 258 35.15 2.64 10.67
C ALA B 258 34.10 3.05 11.68
N LEU B 259 33.77 4.34 11.71
CA LEU B 259 32.73 4.82 12.62
C LEU B 259 31.41 4.12 12.34
N SER B 260 31.02 4.06 11.07
CA SER B 260 29.73 3.48 10.71
C SER B 260 29.67 2.01 11.09
N THR B 261 30.70 1.25 10.75
CA THR B 261 30.68 -0.18 11.05
C THR B 261 30.68 -0.41 12.55
N LEU B 262 31.49 0.34 13.30
CA LEU B 262 31.53 0.15 14.75
C LEU B 262 30.19 0.48 15.38
N VAL B 263 29.57 1.61 15.00
CA VAL B 263 28.32 2.00 15.63
C VAL B 263 27.20 1.06 15.23
N LEU B 264 27.18 0.61 13.97
CA LEU B 264 26.14 -0.34 13.56
C LEU B 264 26.33 -1.69 14.24
N ASN B 265 27.57 -2.13 14.43
CA ASN B 265 27.81 -3.34 15.18
C ASN B 265 27.35 -3.20 16.62
N ARG B 266 27.60 -2.04 17.22
CA ARG B 266 27.11 -1.79 18.57
C ARG B 266 25.59 -1.87 18.61
N LEU B 267 24.93 -1.28 17.63
CA LEU B 267 23.47 -1.27 17.61
C LEU B 267 22.91 -2.67 17.42
N LYS B 268 23.51 -3.46 16.53
CA LYS B 268 23.00 -4.79 16.22
C LYS B 268 23.68 -5.87 17.05
N VAL B 269 24.99 -6.00 16.92
CA VAL B 269 25.73 -7.05 17.59
C VAL B 269 26.10 -6.66 19.01
N GLY B 270 26.32 -5.37 19.26
CA GLY B 270 26.69 -4.91 20.58
C GLY B 270 28.05 -5.38 21.04
N LEU B 271 29.05 -5.36 20.15
CA LEU B 271 30.40 -5.72 20.56
C LEU B 271 30.95 -4.67 21.52
N GLN B 272 31.78 -5.13 22.45
CA GLN B 272 32.21 -4.30 23.59
C GLN B 272 33.55 -3.63 23.27
N VAL B 273 33.48 -2.69 22.34
CA VAL B 273 34.64 -1.88 21.96
C VAL B 273 34.18 -0.44 21.82
N VAL B 274 34.97 0.49 22.35
CA VAL B 274 34.63 1.91 22.33
C VAL B 274 35.84 2.69 21.84
N ALA B 275 35.58 3.90 21.32
CA ALA B 275 36.62 4.76 20.79
C ALA B 275 36.45 6.18 21.31
N VAL B 276 37.56 6.90 21.40
CA VAL B 276 37.59 8.29 21.84
C VAL B 276 38.70 9.03 21.08
N LYS B 277 38.81 10.33 21.35
CA LYS B 277 39.78 11.18 20.68
C LYS B 277 41.09 11.24 21.46
N ALA B 278 42.13 11.78 20.81
CA ALA B 278 43.42 11.93 21.45
C ALA B 278 43.37 13.10 22.44
N PRO B 279 43.95 12.94 23.64
CA PRO B 279 43.83 14.01 24.65
C PRO B 279 44.65 15.24 24.33
N GLY B 280 45.91 15.09 23.94
CA GLY B 280 46.84 16.19 23.84
C GLY B 280 46.84 16.88 22.48
N PHE B 281 47.95 17.58 22.21
CA PHE B 281 48.07 18.37 20.99
C PHE B 281 49.52 18.35 20.54
N GLY B 282 49.76 17.87 19.32
CA GLY B 282 51.11 17.90 18.77
C GLY B 282 52.09 17.12 19.63
N ASP B 283 53.26 17.72 19.88
CA ASP B 283 54.26 17.06 20.71
C ASP B 283 53.71 16.76 22.09
N ASN B 284 52.85 17.63 22.62
CA ASN B 284 52.16 17.33 23.86
C ASN B 284 51.30 16.09 23.71
N ARG B 285 50.62 15.96 22.56
CA ARG B 285 49.85 14.75 22.32
C ARG B 285 50.75 13.53 22.38
N LYS B 286 51.90 13.59 21.71
CA LYS B 286 52.80 12.44 21.69
C LYS B 286 53.27 12.10 23.10
N ASN B 287 53.61 13.12 23.88
CA ASN B 287 54.10 12.87 25.24
C ASN B 287 53.02 12.24 26.10
N GLN B 288 51.80 12.75 26.05
CA GLN B 288 50.72 12.16 26.83
C GLN B 288 50.42 10.73 26.38
N LEU B 289 50.43 10.50 25.07
CA LEU B 289 50.20 9.16 24.56
C LEU B 289 51.26 8.19 25.07
N LYS B 290 52.52 8.60 25.03
CA LYS B 290 53.59 7.77 25.58
C LYS B 290 53.36 7.54 27.07
N ASP B 291 52.96 8.59 27.79
CA ASP B 291 52.78 8.48 29.24
C ASP B 291 51.76 7.41 29.57
N MET B 292 50.56 7.48 29.01
CA MET B 292 49.56 6.51 29.43
C MET B 292 49.71 5.18 28.70
N ALA B 293 50.45 5.14 27.58
CA ALA B 293 50.85 3.85 27.03
C ALA B 293 51.75 3.11 28.01
N ILE B 294 52.70 3.82 28.63
CA ILE B 294 53.48 3.22 29.70
C ILE B 294 52.58 2.85 30.87
N ALA B 295 51.64 3.75 31.21
CA ALA B 295 50.75 3.49 32.33
C ALA B 295 49.89 2.24 32.13
N THR B 296 49.64 1.85 30.88
CA THR B 296 48.84 0.68 30.58
C THR B 296 49.65 -0.53 30.14
N GLY B 297 50.96 -0.38 29.96
CA GLY B 297 51.78 -1.48 29.51
C GLY B 297 51.72 -1.76 28.02
N GLY B 298 51.09 -0.90 27.24
CA GLY B 298 50.99 -1.05 25.81
C GLY B 298 52.03 -0.22 25.07
N ALA B 299 51.64 0.28 23.90
CA ALA B 299 52.51 1.12 23.11
C ALA B 299 51.68 1.89 22.10
N VAL B 300 52.14 3.10 21.78
CA VAL B 300 51.51 3.87 20.72
C VAL B 300 51.81 3.20 19.39
N PHE B 301 50.77 3.02 18.57
CA PHE B 301 50.87 2.25 17.33
C PHE B 301 51.03 3.14 16.10
N GLY B 302 51.73 4.27 16.24
CA GLY B 302 52.08 5.04 15.07
C GLY B 302 53.20 4.37 14.29
N GLU B 303 53.14 4.49 12.97
CA GLU B 303 54.11 3.80 12.12
C GLU B 303 55.46 4.51 12.12
N GLU B 304 55.48 5.84 12.16
CA GLU B 304 56.73 6.57 12.23
C GLU B 304 57.50 6.15 13.48
N GLY B 305 58.82 6.09 13.37
CA GLY B 305 59.64 5.62 14.46
C GLY B 305 59.46 4.14 14.68
N LEU B 306 58.75 3.77 15.76
CA LEU B 306 58.52 2.36 16.04
C LEU B 306 57.75 1.71 14.89
N THR B 307 58.06 0.43 14.65
CA THR B 307 57.42 -0.35 13.59
C THR B 307 56.37 -1.25 14.23
N LEU B 308 55.10 -0.85 14.10
CA LEU B 308 53.99 -1.62 14.64
C LEU B 308 52.70 -1.03 14.09
N ASN B 309 51.74 -1.90 13.76
CA ASN B 309 50.53 -1.46 13.08
C ASN B 309 49.33 -2.21 13.64
N LEU B 310 48.14 -1.66 13.36
CA LEU B 310 46.89 -2.31 13.76
C LEU B 310 46.62 -3.58 12.96
N GLU B 311 47.34 -3.80 11.86
CA GLU B 311 47.13 -5.00 11.06
C GLU B 311 47.40 -6.26 11.89
N ASP B 312 48.34 -6.18 12.82
CA ASP B 312 48.69 -7.29 13.69
C ASP B 312 48.47 -6.89 15.14
N VAL B 313 47.87 -7.79 15.92
CA VAL B 313 47.62 -7.56 17.33
C VAL B 313 48.19 -8.74 18.12
N GLN B 314 48.55 -8.46 19.37
CA GLN B 314 49.06 -9.48 20.28
C GLN B 314 48.53 -9.20 21.67
N PRO B 315 48.30 -10.25 22.47
CA PRO B 315 47.84 -10.00 23.85
C PRO B 315 48.82 -9.19 24.68
N HIS B 316 50.13 -9.37 24.48
CA HIS B 316 51.12 -8.69 25.28
C HIS B 316 51.62 -7.39 24.65
N ASP B 317 51.24 -7.10 23.41
CA ASP B 317 51.62 -5.83 22.80
C ASP B 317 50.72 -4.69 23.27
N LEU B 318 49.45 -4.97 23.51
CA LEU B 318 48.51 -3.94 23.95
C LEU B 318 48.65 -3.69 25.45
N GLY B 319 47.92 -2.68 25.92
CA GLY B 319 47.87 -2.37 27.33
C GLY B 319 46.69 -3.04 28.02
N LYS B 320 46.78 -3.10 29.34
CA LYS B 320 45.73 -3.68 30.18
C LYS B 320 45.36 -2.69 31.27
N VAL B 321 44.07 -2.57 31.55
CA VAL B 321 43.55 -1.60 32.51
C VAL B 321 42.44 -2.24 33.32
N GLY B 322 42.43 -1.97 34.62
CA GLY B 322 41.39 -2.54 35.47
C GLY B 322 39.99 -2.15 35.03
N GLU B 323 39.80 -0.87 34.71
CA GLU B 323 38.52 -0.44 34.16
C GLU B 323 38.67 0.94 33.53
N VAL B 324 37.87 1.17 32.48
CA VAL B 324 37.82 2.46 31.80
C VAL B 324 36.36 2.88 31.71
N ILE B 325 36.11 4.15 32.04
CA ILE B 325 34.76 4.72 32.04
C ILE B 325 34.80 5.98 31.19
N VAL B 326 33.77 6.17 30.37
CA VAL B 326 33.71 7.28 29.42
C VAL B 326 32.38 8.02 29.58
N THR B 327 32.40 9.31 29.32
CA THR B 327 31.18 10.12 29.36
C THR B 327 31.30 11.26 28.37
N LYS B 328 30.38 12.21 28.48
CA LYS B 328 30.41 13.42 27.66
C LYS B 328 31.56 14.31 28.09
N ASP B 329 32.42 14.66 27.14
CA ASP B 329 33.56 15.56 27.32
C ASP B 329 34.59 15.03 28.30
N ASP B 330 34.41 13.83 28.85
CA ASP B 330 35.33 13.31 29.85
C ASP B 330 35.43 11.80 29.71
N ALA B 331 36.55 11.25 30.18
CA ALA B 331 36.78 9.82 30.16
C ALA B 331 38.00 9.54 31.04
N MET B 332 37.94 8.45 31.79
CA MET B 332 39.02 8.08 32.69
C MET B 332 39.21 6.58 32.70
N LEU B 333 40.45 6.15 32.92
CA LEU B 333 40.81 4.75 33.07
C LEU B 333 41.51 4.57 34.40
N LEU B 334 41.28 3.42 35.03
CA LEU B 334 41.73 3.17 36.39
C LEU B 334 42.43 1.83 36.49
N LYS B 335 43.49 1.79 37.31
CA LYS B 335 44.26 0.58 37.56
C LYS B 335 44.86 0.02 36.27
N GLY B 336 45.76 0.82 35.69
CA GLY B 336 46.49 0.39 34.52
C GLY B 336 47.53 -0.65 34.88
N LYS B 337 48.21 -1.14 33.84
CA LYS B 337 49.26 -2.13 34.01
C LYS B 337 50.56 -1.65 33.38
N GLY B 338 51.59 -2.49 33.41
CA GLY B 338 52.89 -2.16 32.87
C GLY B 338 53.97 -2.30 33.92
N ASP B 339 55.20 -1.97 33.52
CA ASP B 339 56.35 -2.08 34.40
C ASP B 339 56.37 -0.90 35.37
N LYS B 340 56.38 -1.20 36.67
CA LYS B 340 56.39 -0.14 37.67
C LYS B 340 57.70 0.65 37.62
N ALA B 341 58.81 -0.04 37.36
CA ALA B 341 60.08 0.66 37.17
C ALA B 341 60.00 1.60 35.98
N GLN B 342 59.32 1.18 34.92
CA GLN B 342 59.09 2.06 33.78
C GLN B 342 58.28 3.27 34.19
N ILE B 343 57.30 3.07 35.08
CA ILE B 343 56.51 4.20 35.59
C ILE B 343 57.41 5.17 36.33
N GLU B 344 58.28 4.66 37.20
CA GLU B 344 59.18 5.52 37.95
C GLU B 344 60.13 6.27 37.01
N LYS B 345 60.64 5.58 35.99
CA LYS B 345 61.52 6.22 35.03
C LYS B 345 60.81 7.34 34.29
N ARG B 346 59.56 7.11 33.89
CA ARG B 346 58.79 8.17 33.25
C ARG B 346 58.57 9.34 34.20
N ILE B 347 58.33 9.04 35.48
CA ILE B 347 58.14 10.12 36.46
C ILE B 347 59.40 10.95 36.59
N GLN B 348 60.56 10.29 36.66
CA GLN B 348 61.82 11.04 36.73
C GLN B 348 62.04 11.86 35.47
N GLU B 349 61.68 11.29 34.31
CA GLU B 349 61.81 12.03 33.07
C GLU B 349 60.96 13.29 33.09
N ILE B 350 59.71 13.17 33.56
CA ILE B 350 58.83 14.33 33.64
C ILE B 350 59.41 15.35 34.62
N ILE B 351 59.93 14.88 35.75
CA ILE B 351 60.48 15.78 36.75
C ILE B 351 61.63 16.59 36.16
N GLU B 352 62.58 15.90 35.53
CA GLU B 352 63.74 16.60 34.98
C GLU B 352 63.35 17.50 33.82
N GLN B 353 62.39 17.08 33.00
CA GLN B 353 61.90 17.96 31.93
C GLN B 353 61.31 19.23 32.49
N LEU B 354 60.51 19.12 33.55
CA LEU B 354 59.97 20.32 34.19
C LEU B 354 61.08 21.19 34.76
N ASP B 355 62.07 20.57 35.41
CA ASP B 355 63.15 21.35 36.01
C ASP B 355 63.92 22.13 34.96
N VAL B 356 64.26 21.47 33.84
CA VAL B 356 65.02 22.17 32.79
C VAL B 356 64.14 23.19 32.09
N THR B 357 62.88 22.86 31.84
CA THR B 357 61.99 23.76 31.13
C THR B 357 61.61 24.95 32.03
N THR B 358 61.26 26.06 31.38
CA THR B 358 60.89 27.28 32.09
C THR B 358 59.60 27.93 31.59
N SER B 359 59.21 27.72 30.34
CA SER B 359 58.08 28.45 29.78
C SER B 359 56.80 28.14 30.55
N GLU B 360 55.97 29.16 30.72
CA GLU B 360 54.73 28.99 31.50
C GLU B 360 53.88 27.87 30.92
N TYR B 361 53.66 27.89 29.60
CA TYR B 361 52.85 26.86 28.97
C TYR B 361 53.50 25.49 29.12
N GLU B 362 54.79 25.41 28.83
CA GLU B 362 55.48 24.12 28.89
C GLU B 362 55.52 23.59 30.32
N LYS B 363 55.84 24.45 31.29
CA LYS B 363 55.88 23.99 32.68
C LYS B 363 54.49 23.56 33.14
N GLU B 364 53.46 24.30 32.76
CA GLU B 364 52.11 23.93 33.18
C GLU B 364 51.69 22.60 32.57
N LYS B 365 51.98 22.38 31.30
CA LYS B 365 51.64 21.11 30.67
C LYS B 365 52.43 19.97 31.31
N LEU B 366 53.70 20.19 31.62
CA LEU B 366 54.48 19.15 32.27
C LEU B 366 53.93 18.83 33.65
N ASN B 367 53.53 19.86 34.41
CA ASN B 367 52.93 19.62 35.70
C ASN B 367 51.63 18.84 35.58
N GLU B 368 50.80 19.20 34.59
CA GLU B 368 49.54 18.49 34.38
C GLU B 368 49.81 17.02 34.04
N ARG B 369 50.76 16.77 33.14
CA ARG B 369 51.11 15.40 32.80
C ARG B 369 51.60 14.65 34.02
N LEU B 370 52.45 15.27 34.83
CA LEU B 370 52.95 14.63 36.03
C LEU B 370 51.80 14.23 36.94
N ALA B 371 50.94 15.19 37.27
CA ALA B 371 49.83 14.92 38.18
C ALA B 371 48.85 13.90 37.61
N LYS B 372 48.77 13.79 36.28
CA LYS B 372 47.83 12.86 35.69
C LYS B 372 48.15 11.41 36.04
N LEU B 373 49.42 11.11 36.31
CA LEU B 373 49.83 9.75 36.66
C LEU B 373 50.27 9.63 38.12
N SER B 374 51.05 10.58 38.62
CA SER B 374 51.55 10.47 40.00
C SER B 374 50.40 10.46 41.00
N ASP B 375 49.40 11.31 40.80
CA ASP B 375 48.28 11.38 41.71
C ASP B 375 47.23 10.35 41.34
N GLY B 376 46.51 9.86 42.37
CA GLY B 376 45.47 8.89 42.18
C GLY B 376 44.10 9.54 42.08
N VAL B 377 43.08 8.70 41.93
CA VAL B 377 41.69 9.13 41.86
C VAL B 377 40.95 8.59 43.07
N ALA B 378 40.24 9.47 43.76
CA ALA B 378 39.44 9.07 44.91
C ALA B 378 38.12 8.49 44.42
N VAL B 379 37.87 7.23 44.77
CA VAL B 379 36.62 6.56 44.43
C VAL B 379 35.83 6.39 45.72
N LEU B 380 34.59 6.88 45.70
CA LEU B 380 33.72 6.84 46.88
C LEU B 380 32.93 5.53 46.84
N LYS B 381 33.42 4.52 47.56
CA LYS B 381 32.74 3.24 47.67
C LYS B 381 31.54 3.40 48.60
N VAL B 382 30.56 4.18 48.13
CA VAL B 382 29.38 4.48 48.93
C VAL B 382 28.58 3.20 49.11
N GLY B 383 28.36 2.81 50.37
CA GLY B 383 27.71 1.55 50.68
C GLY B 383 26.47 1.76 51.53
N GLY B 384 25.61 0.74 51.51
CA GLY B 384 24.36 0.83 52.25
C GLY B 384 23.66 -0.51 52.27
N THR B 385 22.45 -0.49 52.83
CA THR B 385 21.72 -1.74 53.06
C THR B 385 21.22 -2.35 51.75
N SER B 386 20.59 -1.55 50.90
CA SER B 386 19.85 -2.08 49.76
C SER B 386 20.25 -1.32 48.49
N ASP B 387 20.01 -1.98 47.36
CA ASP B 387 20.46 -1.44 46.08
C ASP B 387 19.77 -0.12 45.76
N VAL B 388 18.46 -0.02 46.00
CA VAL B 388 17.76 1.23 45.75
C VAL B 388 18.28 2.32 46.69
N GLU B 389 18.49 1.98 47.96
CA GLU B 389 18.98 2.96 48.92
C GLU B 389 20.35 3.47 48.52
N VAL B 390 21.26 2.56 48.14
CA VAL B 390 22.60 3.00 47.73
C VAL B 390 22.53 3.78 46.43
N ASN B 391 21.57 3.46 45.55
CA ASN B 391 21.39 4.26 44.35
C ASN B 391 21.06 5.70 44.69
N GLU B 392 20.07 5.89 45.56
CA GLU B 392 19.71 7.25 45.97
C GLU B 392 20.87 7.94 46.66
N LYS B 393 21.58 7.22 47.53
CA LYS B 393 22.73 7.79 48.22
C LYS B 393 23.81 8.21 47.23
N LYS B 394 24.06 7.38 46.21
CA LYS B 394 25.06 7.72 45.22
C LYS B 394 24.67 8.98 44.46
N ASP B 395 23.39 9.10 44.09
CA ASP B 395 22.92 10.31 43.45
C ASP B 395 23.19 11.53 44.33
N ARG B 396 22.83 11.42 45.62
CA ARG B 396 23.00 12.55 46.53
C ARG B 396 24.47 12.94 46.64
N VAL B 397 25.35 11.95 46.84
CA VAL B 397 26.76 12.27 47.04
C VAL B 397 27.37 12.83 45.76
N THR B 398 26.97 12.34 44.59
CA THR B 398 27.47 12.93 43.35
C THR B 398 27.04 14.39 43.23
N ASP B 399 25.78 14.68 43.55
CA ASP B 399 25.34 16.07 43.50
C ASP B 399 26.16 16.93 44.45
N ALA B 400 26.37 16.45 45.67
CA ALA B 400 27.13 17.22 46.66
C ALA B 400 28.56 17.45 46.19
N LEU B 401 29.19 16.40 45.64
CA LEU B 401 30.56 16.54 45.17
C LEU B 401 30.65 17.58 44.06
N ASN B 402 29.72 17.52 43.10
CA ASN B 402 29.75 18.50 42.01
C ASN B 402 29.57 19.92 42.56
N ALA B 403 28.60 20.09 43.46
CA ALA B 403 28.33 21.43 43.99
C ALA B 403 29.55 21.98 44.71
N THR B 404 30.14 21.18 45.60
CA THR B 404 31.28 21.66 46.36
C THR B 404 32.49 21.89 45.46
N ARG B 405 32.68 21.05 44.44
CA ARG B 405 33.79 21.28 43.52
C ARG B 405 33.63 22.61 42.81
N ALA B 406 32.42 22.92 42.34
CA ALA B 406 32.19 24.22 41.71
C ALA B 406 32.44 25.36 42.69
N ALA B 407 31.92 25.23 43.90
CA ALA B 407 32.06 26.30 44.88
C ALA B 407 33.53 26.58 45.18
N VAL B 408 34.32 25.54 45.41
CA VAL B 408 35.74 25.74 45.66
C VAL B 408 36.43 26.27 44.40
N GLU B 409 35.97 25.84 43.22
CA GLU B 409 36.58 26.33 41.98
C GLU B 409 36.46 27.84 41.87
N GLU B 410 35.29 28.40 42.18
CA GLU B 410 35.12 29.83 42.01
C GLU B 410 34.76 30.59 43.28
N GLY B 411 33.93 30.03 44.15
CA GLY B 411 33.60 30.70 45.39
C GLY B 411 32.13 30.55 45.71
N ILE B 412 31.67 31.39 46.64
CA ILE B 412 30.32 31.29 47.18
C ILE B 412 29.74 32.69 47.37
N VAL B 413 28.45 32.82 47.08
CA VAL B 413 27.68 34.02 47.34
C VAL B 413 26.34 33.60 47.96
N LEU B 414 25.58 34.58 48.42
CA LEU B 414 24.27 34.30 49.02
C LEU B 414 23.41 33.49 48.07
N GLY B 415 22.79 32.44 48.59
CA GLY B 415 21.89 31.62 47.81
C GLY B 415 20.49 32.21 47.78
N GLY B 416 19.53 31.36 47.43
CA GLY B 416 18.14 31.77 47.44
C GLY B 416 17.84 32.94 46.53
N GLY B 417 18.58 33.08 45.43
CA GLY B 417 18.34 34.16 44.51
C GLY B 417 18.65 35.54 45.06
N CYS B 418 19.36 35.62 46.17
CA CYS B 418 19.69 36.90 46.78
C CYS B 418 20.99 37.49 46.26
N ALA B 419 21.81 36.70 45.56
CA ALA B 419 23.10 37.19 45.09
C ALA B 419 22.92 38.37 44.14
N LEU B 420 22.00 38.24 43.18
CA LEU B 420 21.81 39.31 42.21
C LEU B 420 21.36 40.60 42.89
N LEU B 421 20.44 40.50 43.84
CA LEU B 421 19.90 41.69 44.48
C LEU B 421 20.99 42.52 45.13
N ARG B 422 22.12 41.90 45.52
CA ARG B 422 23.21 42.62 46.15
C ARG B 422 24.08 43.35 45.14
N CYS B 423 23.95 43.06 43.84
CA CYS B 423 24.71 43.76 42.83
C CYS B 423 24.01 45.01 42.31
N ILE B 424 22.79 45.28 42.78
CA ILE B 424 22.05 46.44 42.28
C ILE B 424 22.86 47.72 42.43
N PRO B 425 23.57 47.96 43.54
CA PRO B 425 24.33 49.21 43.65
C PRO B 425 25.36 49.39 42.55
N ALA B 426 25.86 48.30 41.98
CA ALA B 426 26.94 48.42 41.02
C ALA B 426 26.54 49.21 39.78
N LEU B 427 25.29 49.05 39.32
CA LEU B 427 24.87 49.73 38.09
C LEU B 427 24.88 51.24 38.23
N ASP B 428 24.68 51.75 39.45
CA ASP B 428 24.67 53.20 39.63
C ASP B 428 25.98 53.83 39.16
N SER B 429 27.10 53.12 39.33
CA SER B 429 28.38 53.62 38.83
C SER B 429 28.35 53.77 37.32
N LEU B 430 27.54 52.97 36.62
CA LEU B 430 27.47 53.05 35.17
C LEU B 430 26.78 54.34 34.73
N THR B 431 27.18 54.84 33.57
CA THR B 431 26.58 56.01 32.97
C THR B 431 26.36 55.75 31.49
N PRO B 432 25.26 56.23 30.92
CA PRO B 432 24.96 55.97 29.50
C PRO B 432 25.45 57.06 28.57
N ALA B 433 25.97 56.64 27.42
CA ALA B 433 26.28 57.61 26.37
C ALA B 433 25.03 58.07 25.65
N ASN B 434 24.09 57.16 25.41
CA ASN B 434 22.82 57.46 24.76
C ASN B 434 21.67 56.97 25.63
N GLU B 435 20.45 57.38 25.29
CA GLU B 435 19.30 56.97 26.06
C GLU B 435 19.00 55.48 25.92
N ASP B 436 19.28 54.90 24.75
CA ASP B 436 19.07 53.47 24.58
C ASP B 436 19.92 52.66 25.54
N GLN B 437 21.17 53.10 25.77
CA GLN B 437 22.00 52.43 26.76
C GLN B 437 21.39 52.52 28.14
N LYS B 438 20.88 53.71 28.51
CA LYS B 438 20.23 53.86 29.80
C LYS B 438 19.04 52.91 29.92
N ILE B 439 18.26 52.77 28.84
CA ILE B 439 17.13 51.87 28.88
C ILE B 439 17.59 50.44 29.06
N GLY B 440 18.67 50.06 28.39
CA GLY B 440 19.24 48.74 28.63
C GLY B 440 19.62 48.55 30.09
N ILE B 441 20.26 49.56 30.68
CA ILE B 441 20.69 49.46 32.08
C ILE B 441 19.49 49.26 32.99
N GLU B 442 18.44 50.05 32.78
CA GLU B 442 17.27 49.95 33.64
C GLU B 442 16.53 48.62 33.42
N ILE B 443 16.53 48.10 32.20
CA ILE B 443 15.92 46.80 31.96
C ILE B 443 16.69 45.71 32.71
N ILE B 444 18.02 45.77 32.68
CA ILE B 444 18.80 44.81 33.47
C ILE B 444 18.45 44.96 34.94
N LYS B 445 18.37 46.19 35.43
CA LYS B 445 18.00 46.43 36.81
C LYS B 445 16.67 45.77 37.14
N ARG B 446 15.68 45.95 36.26
CA ARG B 446 14.37 45.34 36.48
C ARG B 446 14.47 43.83 36.55
N THR B 447 15.22 43.22 35.62
CA THR B 447 15.28 41.76 35.61
C THR B 447 16.05 41.20 36.79
N LEU B 448 16.95 41.99 37.40
CA LEU B 448 17.77 41.46 38.47
C LEU B 448 16.92 40.83 39.57
N LYS B 449 15.75 41.41 39.84
CA LYS B 449 14.92 40.97 40.96
C LYS B 449 14.03 39.79 40.61
N ILE B 450 13.98 39.38 39.35
CA ILE B 450 13.05 38.32 38.96
C ILE B 450 13.30 37.02 39.70
N PRO B 451 14.53 36.53 39.83
CA PRO B 451 14.71 35.23 40.51
C PRO B 451 14.16 35.22 41.93
N ALA B 452 14.41 36.29 42.70
CA ALA B 452 13.88 36.34 44.06
C ALA B 452 12.36 36.36 44.05
N MET B 453 11.77 37.17 43.17
CA MET B 453 10.31 37.23 43.08
C MET B 453 9.72 35.87 42.74
N THR B 454 10.35 35.16 41.80
CA THR B 454 9.85 33.84 41.42
C THR B 454 10.01 32.84 42.57
N ILE B 455 11.11 32.94 43.31
CA ILE B 455 11.27 32.07 44.47
C ILE B 455 10.15 32.33 45.48
N ALA B 456 9.84 33.61 45.71
CA ALA B 456 8.75 33.93 46.62
C ALA B 456 7.43 33.39 46.10
N LYS B 457 7.17 33.54 44.80
CA LYS B 457 5.93 33.04 44.23
C LYS B 457 5.82 31.53 44.38
N ASN B 458 6.91 30.82 44.15
CA ASN B 458 6.92 29.37 44.38
C ASN B 458 6.63 29.05 45.83
N ALA B 459 7.25 29.80 46.75
CA ALA B 459 6.90 29.66 48.16
C ALA B 459 5.48 30.13 48.44
N GLY B 460 4.89 30.92 47.54
CA GLY B 460 3.54 31.41 47.70
C GLY B 460 3.42 32.78 48.33
N VAL B 461 4.52 33.31 48.89
CA VAL B 461 4.46 34.62 49.52
C VAL B 461 4.48 35.70 48.44
N GLU B 462 3.89 36.85 48.75
CA GLU B 462 3.86 37.96 47.83
C GLU B 462 5.28 38.40 47.50
N GLY B 463 5.62 38.38 46.21
CA GLY B 463 6.99 38.63 45.81
C GLY B 463 7.45 40.05 46.08
N SER B 464 6.60 41.03 45.77
CA SER B 464 7.03 42.43 45.84
C SER B 464 7.47 42.80 47.24
N LEU B 465 6.67 42.42 48.25
CA LEU B 465 7.02 42.73 49.62
C LEU B 465 8.35 42.10 50.02
N ILE B 466 8.55 40.83 49.65
CA ILE B 466 9.79 40.14 50.04
C ILE B 466 10.99 40.81 49.39
N VAL B 467 10.89 41.12 48.09
CA VAL B 467 12.03 41.70 47.41
C VAL B 467 12.32 43.09 47.95
N GLU B 468 11.29 43.88 48.23
CA GLU B 468 11.50 45.20 48.81
C GLU B 468 12.18 45.07 50.17
N LYS B 469 11.75 44.11 50.99
CA LYS B 469 12.38 43.93 52.29
C LYS B 469 13.84 43.54 52.15
N ILE B 470 14.14 42.62 51.23
CA ILE B 470 15.52 42.18 51.05
C ILE B 470 16.39 43.35 50.59
N MET B 471 15.90 44.12 49.63
CA MET B 471 16.68 45.26 49.14
C MET B 471 16.90 46.27 50.26
N GLN B 472 15.86 46.55 51.05
CA GLN B 472 15.98 47.50 52.15
C GLN B 472 16.72 46.92 53.33
N SER B 473 16.77 45.60 53.47
CA SER B 473 17.45 44.97 54.58
C SER B 473 18.96 45.10 54.40
N SER B 474 19.71 44.49 55.32
CA SER B 474 21.17 44.55 55.23
C SER B 474 21.66 43.65 54.11
N SER B 475 22.97 43.76 53.83
CA SER B 475 23.61 42.95 52.81
C SER B 475 24.09 41.62 53.35
N GLU B 476 23.52 41.16 54.46
CA GLU B 476 23.92 39.90 55.08
C GLU B 476 22.78 38.92 55.27
N VAL B 477 21.52 39.37 55.22
CA VAL B 477 20.36 38.52 55.44
C VAL B 477 19.46 38.61 54.21
N GLY B 478 19.06 37.46 53.68
CA GLY B 478 18.10 37.36 52.62
C GLY B 478 16.75 36.87 53.11
N TYR B 479 16.01 36.25 52.20
CA TYR B 479 14.73 35.63 52.53
C TYR B 479 14.85 34.12 52.40
N ASP B 480 14.40 33.41 53.43
CA ASP B 480 14.44 31.95 53.47
C ASP B 480 13.06 31.42 53.09
N ALA B 481 12.96 30.82 51.91
CA ALA B 481 11.70 30.22 51.50
C ALA B 481 11.40 28.96 52.29
N MET B 482 12.44 28.23 52.71
CA MET B 482 12.22 26.98 53.43
C MET B 482 11.44 27.22 54.72
N ALA B 483 11.80 28.26 55.47
CA ALA B 483 11.11 28.63 56.69
C ALA B 483 10.26 29.87 56.54
N GLY B 484 10.25 30.51 55.38
CA GLY B 484 9.40 31.66 55.15
C GLY B 484 9.74 32.85 56.02
N ASP B 485 11.03 33.18 56.12
CA ASP B 485 11.46 34.29 56.97
C ASP B 485 12.82 34.78 56.47
N PHE B 486 13.21 35.95 56.96
CA PHE B 486 14.51 36.52 56.64
C PHE B 486 15.51 36.08 57.71
N VAL B 487 16.55 35.37 57.29
CA VAL B 487 17.52 34.80 58.21
C VAL B 487 18.93 35.05 57.66
N ASN B 488 19.92 34.66 58.46
CA ASN B 488 21.33 34.85 58.10
C ASN B 488 21.75 33.67 57.24
N MET B 489 21.80 33.89 55.92
CA MET B 489 21.87 32.78 54.98
C MET B 489 23.15 31.98 55.15
N VAL B 490 24.31 32.65 55.12
CA VAL B 490 25.57 31.92 55.04
C VAL B 490 25.76 31.00 56.24
N GLU B 491 25.44 31.50 57.43
CA GLU B 491 25.58 30.66 58.62
C GLU B 491 24.52 29.57 58.65
N LYS B 492 23.30 29.88 58.20
CA LYS B 492 22.26 28.87 58.14
C LYS B 492 22.53 27.83 57.06
N GLY B 493 23.45 28.12 56.14
CA GLY B 493 23.82 27.15 55.13
C GLY B 493 22.94 27.17 53.90
N ILE B 494 22.67 28.36 53.36
CA ILE B 494 21.88 28.54 52.15
C ILE B 494 22.72 29.40 51.21
N ILE B 495 23.39 28.75 50.26
CA ILE B 495 24.36 29.40 49.40
C ILE B 495 24.27 28.78 48.00
N ASP B 496 25.09 29.29 47.09
CA ASP B 496 25.20 28.75 45.74
C ASP B 496 26.54 29.11 45.15
N PRO B 497 27.23 28.20 44.47
CA PRO B 497 28.54 28.53 43.89
C PRO B 497 28.42 29.68 42.89
N THR B 498 29.27 30.69 43.08
CA THR B 498 29.18 31.88 42.24
C THR B 498 29.35 31.55 40.77
N LYS B 499 30.12 30.50 40.46
CA LYS B 499 30.30 30.12 39.06
C LYS B 499 28.96 29.89 38.38
N VAL B 500 28.03 29.22 39.08
CA VAL B 500 26.73 28.94 38.49
C VAL B 500 26.01 30.25 38.18
N VAL B 501 26.03 31.19 39.11
CA VAL B 501 25.31 32.44 38.90
C VAL B 501 25.92 33.21 37.74
N ARG B 502 27.25 33.26 37.68
CA ARG B 502 27.91 33.98 36.60
C ARG B 502 27.57 33.35 35.25
N THR B 503 27.65 32.02 35.17
CA THR B 503 27.34 31.35 33.92
C THR B 503 25.89 31.60 33.51
N ALA B 504 24.97 31.50 34.46
CA ALA B 504 23.56 31.71 34.13
C ALA B 504 23.31 33.12 33.64
N LEU B 505 23.87 34.12 34.32
CA LEU B 505 23.65 35.49 33.88
C LEU B 505 24.25 35.73 32.51
N LEU B 506 25.47 35.23 32.26
CA LEU B 506 26.09 35.42 30.96
C LEU B 506 25.25 34.79 29.86
N ASP B 507 24.83 33.54 30.07
CA ASP B 507 24.07 32.84 29.04
C ASP B 507 22.73 33.53 28.80
N ALA B 508 22.05 33.96 29.86
CA ALA B 508 20.78 34.66 29.69
C ALA B 508 20.97 35.94 28.91
N ALA B 509 22.00 36.71 29.26
CA ALA B 509 22.27 37.95 28.53
C ALA B 509 22.50 37.67 27.05
N GLY B 510 23.34 36.68 26.75
CA GLY B 510 23.64 36.39 25.36
C GLY B 510 22.42 35.94 24.59
N VAL B 511 21.65 35.02 25.17
CA VAL B 511 20.48 34.47 24.47
C VAL B 511 19.44 35.56 24.26
N ALA B 512 19.15 36.36 25.28
CA ALA B 512 18.15 37.41 25.13
C ALA B 512 18.60 38.48 24.15
N SER B 513 19.90 38.81 24.15
CA SER B 513 20.41 39.74 23.16
C SER B 513 20.21 39.18 21.75
N LEU B 514 20.51 37.90 21.56
CA LEU B 514 20.31 37.30 20.25
C LEU B 514 18.84 37.37 19.84
N LEU B 515 17.93 37.06 20.77
CA LEU B 515 16.51 37.06 20.43
C LEU B 515 16.02 38.47 20.10
N THR B 516 16.44 39.46 20.88
CA THR B 516 15.97 40.83 20.65
C THR B 516 16.67 41.50 19.48
N THR B 517 17.80 40.97 19.02
CA THR B 517 18.48 41.52 17.85
C THR B 517 18.19 40.72 16.58
N ALA B 518 17.56 39.56 16.70
CA ALA B 518 17.21 38.79 15.51
C ALA B 518 16.29 39.60 14.61
N GLU B 519 16.58 39.56 13.31
CA GLU B 519 15.84 40.34 12.33
C GLU B 519 15.09 39.52 11.31
N VAL B 520 15.61 38.35 10.93
CA VAL B 520 15.01 37.53 9.89
C VAL B 520 14.94 36.09 10.37
N VAL B 521 13.79 35.46 10.13
CA VAL B 521 13.56 34.07 10.50
C VAL B 521 13.03 33.33 9.29
N VAL B 522 13.66 32.21 8.95
CA VAL B 522 13.24 31.37 7.84
C VAL B 522 12.86 30.01 8.40
N THR B 523 11.68 29.51 8.02
CA THR B 523 11.14 28.26 8.54
C THR B 523 10.45 27.51 7.42
N GLU B 524 10.56 26.19 7.44
CA GLU B 524 9.96 25.37 6.41
C GLU B 524 8.44 25.30 6.57
N ILE B 525 7.75 25.33 5.44
CA ILE B 525 6.30 25.14 5.42
C ILE B 525 6.03 23.71 5.85
N PRO B 526 5.01 23.45 6.68
CA PRO B 526 4.74 22.06 7.09
C PRO B 526 4.54 21.12 5.91
N SER C 2 8.35 15.48 19.72
CA SER C 2 7.05 15.74 19.10
C SER C 2 6.43 17.00 19.68
N ALA C 3 5.49 17.59 18.94
CA ALA C 3 4.81 18.79 19.41
C ALA C 3 4.08 18.50 20.72
N LYS C 4 4.15 19.45 21.65
CA LYS C 4 3.57 19.28 22.97
C LYS C 4 2.56 20.39 23.25
N ASP C 5 1.47 20.02 23.90
CA ASP C 5 0.46 20.97 24.39
C ASP C 5 0.58 21.06 25.91
N VAL C 6 0.40 22.26 26.45
CA VAL C 6 0.65 22.53 27.85
C VAL C 6 -0.50 23.36 28.40
N LYS C 7 -0.86 23.11 29.66
CA LYS C 7 -1.86 23.89 30.36
C LYS C 7 -1.37 24.22 31.76
N PHE C 8 -1.85 25.33 32.30
CA PHE C 8 -1.30 25.91 33.53
C PHE C 8 -2.34 25.92 34.65
N GLY C 9 -1.88 25.56 35.85
CA GLY C 9 -2.65 25.81 37.06
C GLY C 9 -4.03 25.21 37.03
N ALA C 10 -5.00 26.00 37.48
CA ALA C 10 -6.36 25.49 37.63
C ALA C 10 -6.93 25.05 36.29
N ASP C 11 -6.52 25.67 35.19
CA ASP C 11 -7.03 25.26 33.89
C ASP C 11 -6.71 23.81 33.60
N ALA C 12 -5.53 23.34 34.00
CA ALA C 12 -5.17 21.94 33.85
C ALA C 12 -5.74 21.08 34.97
N ARG C 13 -5.75 21.59 36.20
CA ARG C 13 -6.29 20.81 37.30
C ARG C 13 -7.76 20.51 37.12
N ALA C 14 -8.49 21.36 36.39
CA ALA C 14 -9.90 21.08 36.13
C ALA C 14 -10.04 19.82 35.27
N LEU C 15 -9.25 19.72 34.22
CA LEU C 15 -9.29 18.51 33.39
C LEU C 15 -8.79 17.30 34.18
N MET C 16 -7.80 17.50 35.04
CA MET C 16 -7.36 16.42 35.91
C MET C 16 -8.51 15.93 36.78
N LEU C 17 -9.27 16.86 37.34
CA LEU C 17 -10.42 16.52 38.17
C LEU C 17 -11.47 15.77 37.35
N GLN C 18 -11.73 16.23 36.13
CA GLN C 18 -12.66 15.51 35.27
C GLN C 18 -12.19 14.07 35.06
N GLY C 19 -10.90 13.89 34.76
CA GLY C 19 -10.39 12.56 34.52
C GLY C 19 -10.54 11.66 35.74
N VAL C 20 -10.20 12.17 36.92
CA VAL C 20 -10.30 11.34 38.12
C VAL C 20 -11.76 11.09 38.48
N ASP C 21 -12.67 12.01 38.16
CA ASP C 21 -14.05 11.88 38.58
C ASP C 21 -14.69 10.63 37.97
N LEU C 22 -14.48 10.41 36.68
CA LEU C 22 -15.09 9.25 36.02
C LEU C 22 -14.58 7.96 36.63
N LEU C 23 -13.26 7.88 36.86
CA LEU C 23 -12.71 6.67 37.48
C LEU C 23 -13.29 6.46 38.87
N ALA C 24 -13.33 7.52 39.68
CA ALA C 24 -13.83 7.37 41.05
C ALA C 24 -15.27 6.93 41.05
N ASP C 25 -16.11 7.53 40.20
CA ASP C 25 -17.51 7.14 40.15
C ASP C 25 -17.66 5.71 39.63
N ALA C 26 -16.80 5.29 38.71
CA ALA C 26 -16.87 3.93 38.20
C ALA C 26 -16.53 2.93 39.29
N VAL C 27 -15.52 3.21 40.11
CA VAL C 27 -15.10 2.24 41.12
C VAL C 27 -15.87 2.37 42.42
N ALA C 28 -16.61 3.46 42.62
CA ALA C 28 -17.36 3.61 43.87
C ALA C 28 -18.44 2.55 44.00
N VAL C 29 -19.18 2.28 42.93
CA VAL C 29 -20.36 1.43 43.02
C VAL C 29 -20.03 -0.01 43.37
N THR C 30 -18.76 -0.41 43.28
CA THR C 30 -18.35 -1.76 43.64
C THR C 30 -17.74 -1.82 45.03
N MET C 31 -18.13 -0.90 45.90
CA MET C 31 -17.62 -0.84 47.27
C MET C 31 -18.51 -1.66 48.19
N GLY C 32 -17.88 -2.37 49.13
CA GLY C 32 -18.60 -3.03 50.19
C GLY C 32 -19.39 -4.23 49.73
N PRO C 33 -20.00 -4.93 50.69
CA PRO C 33 -20.76 -6.15 50.33
C PRO C 33 -21.94 -5.89 49.41
N LYS C 34 -22.62 -4.76 49.54
CA LYS C 34 -23.81 -4.47 48.76
C LYS C 34 -23.50 -3.70 47.49
N GLY C 35 -22.25 -3.69 47.06
CA GLY C 35 -21.90 -3.01 45.83
C GLY C 35 -22.52 -3.67 44.61
N ARG C 36 -22.85 -2.85 43.62
CA ARG C 36 -23.41 -3.35 42.37
C ARG C 36 -22.28 -3.88 41.50
N THR C 37 -22.59 -4.16 40.24
CA THR C 37 -21.62 -4.69 39.29
C THR C 37 -21.41 -3.71 38.16
N VAL C 38 -20.37 -3.97 37.38
CA VAL C 38 -20.00 -3.15 36.24
C VAL C 38 -20.01 -4.03 35.00
N ILE C 39 -20.43 -3.46 33.88
CA ILE C 39 -20.45 -4.16 32.60
C ILE C 39 -19.22 -3.71 31.83
N ILE C 40 -18.18 -4.52 31.85
CA ILE C 40 -16.97 -4.28 31.09
C ILE C 40 -17.11 -4.93 29.73
N GLU C 41 -16.69 -4.22 28.69
CA GLU C 41 -16.87 -4.68 27.32
C GLU C 41 -15.69 -5.52 26.86
N GLN C 42 -15.99 -6.58 26.12
CA GLN C 42 -14.99 -7.42 25.48
C GLN C 42 -15.26 -7.43 23.99
N SER C 43 -14.27 -7.00 23.21
CA SER C 43 -14.46 -6.85 21.77
C SER C 43 -14.58 -8.18 21.04
N TRP C 44 -14.31 -9.29 21.71
CA TRP C 44 -14.23 -10.59 21.06
C TRP C 44 -15.28 -11.57 21.53
N GLY C 45 -15.58 -11.62 22.81
CA GLY C 45 -16.51 -12.60 23.34
C GLY C 45 -17.60 -12.00 24.19
N SER C 46 -18.28 -12.84 24.95
CA SER C 46 -19.36 -12.36 25.81
C SER C 46 -18.79 -11.44 26.90
N PRO C 47 -19.48 -10.35 27.22
CA PRO C 47 -19.00 -9.47 28.28
C PRO C 47 -18.94 -10.21 29.61
N LYS C 48 -17.98 -9.83 30.45
CA LYS C 48 -17.88 -10.36 31.79
C LYS C 48 -18.45 -9.35 32.78
N VAL C 49 -19.26 -9.86 33.71
CA VAL C 49 -19.85 -9.04 34.77
C VAL C 49 -19.05 -9.27 36.04
N THR C 50 -18.58 -8.18 36.65
CA THR C 50 -17.70 -8.28 37.79
C THR C 50 -18.03 -7.18 38.78
N LYS C 51 -17.64 -7.40 40.03
CA LYS C 51 -17.87 -6.46 41.13
C LYS C 51 -16.60 -6.30 41.95
N ASP C 52 -15.47 -6.12 41.26
CA ASP C 52 -14.18 -5.96 41.90
C ASP C 52 -13.60 -4.60 41.55
N GLY C 53 -13.25 -3.82 42.56
CA GLY C 53 -12.76 -2.47 42.31
C GLY C 53 -11.46 -2.45 41.54
N VAL C 54 -10.51 -3.30 41.91
CA VAL C 54 -9.20 -3.28 41.26
C VAL C 54 -9.36 -3.54 39.77
N THR C 55 -10.20 -4.50 39.40
CA THR C 55 -10.36 -4.83 37.99
C THR C 55 -10.90 -3.64 37.21
N VAL C 56 -12.00 -3.07 37.67
CA VAL C 56 -12.62 -1.96 36.94
C VAL C 56 -11.66 -0.78 36.87
N ALA C 57 -10.98 -0.46 37.97
CA ALA C 57 -10.02 0.64 37.96
C ALA C 57 -8.93 0.39 36.94
N LYS C 58 -8.32 -0.80 36.97
CA LYS C 58 -7.28 -1.16 36.04
C LYS C 58 -7.78 -1.19 34.59
N SER C 59 -9.10 -1.27 34.39
CA SER C 59 -9.62 -1.46 33.05
C SER C 59 -9.74 -0.14 32.29
N ILE C 60 -10.36 0.87 32.89
CA ILE C 60 -10.81 2.02 32.12
C ILE C 60 -9.62 2.89 31.70
N ASP C 61 -9.87 3.71 30.69
CA ASP C 61 -8.87 4.64 30.16
C ASP C 61 -9.59 5.67 29.32
N LEU C 62 -9.44 6.94 29.66
CA LEU C 62 -10.24 7.99 29.04
C LEU C 62 -9.65 8.41 27.69
N LYS C 63 -10.35 9.31 27.01
CA LYS C 63 -9.97 9.75 25.67
C LYS C 63 -9.03 10.94 25.71
N ASP C 64 -9.47 12.04 26.31
CA ASP C 64 -8.66 13.25 26.36
C ASP C 64 -7.38 13.00 27.15
N LYS C 65 -6.29 13.61 26.69
CA LYS C 65 -5.00 13.36 27.33
C LYS C 65 -5.01 13.78 28.80
N TYR C 66 -5.62 14.92 29.10
CA TYR C 66 -5.63 15.39 30.48
C TYR C 66 -6.50 14.49 31.37
N LYS C 67 -7.71 14.17 30.93
CA LYS C 67 -8.56 13.30 31.71
C LYS C 67 -7.93 11.91 31.86
N ASN C 68 -7.41 11.38 30.75
CA ASN C 68 -6.79 10.07 30.79
C ASN C 68 -5.58 10.06 31.72
N ILE C 69 -4.77 11.12 31.68
CA ILE C 69 -3.57 11.12 32.50
C ILE C 69 -3.95 11.25 33.97
N GLY C 70 -4.98 12.03 34.29
CA GLY C 70 -5.43 12.08 35.67
C GLY C 70 -5.89 10.73 36.19
N ALA C 71 -6.75 10.07 35.41
CA ALA C 71 -7.24 8.76 35.84
C ALA C 71 -6.10 7.76 35.98
N LYS C 72 -5.20 7.74 35.00
CA LYS C 72 -4.07 6.81 35.04
C LYS C 72 -3.16 7.11 36.22
N LEU C 73 -2.91 8.38 36.50
CA LEU C 73 -2.08 8.75 37.64
C LEU C 73 -2.69 8.21 38.93
N VAL C 74 -3.99 8.46 39.14
CA VAL C 74 -4.62 7.98 40.36
C VAL C 74 -4.51 6.47 40.45
N GLN C 75 -4.91 5.78 39.38
CA GLN C 75 -4.94 4.32 39.41
C GLN C 75 -3.55 3.73 39.61
N ASP C 76 -2.52 4.38 39.07
CA ASP C 76 -1.16 3.85 39.19
C ASP C 76 -0.80 3.63 40.65
N VAL C 77 -0.77 4.71 41.43
CA VAL C 77 -0.42 4.57 42.83
C VAL C 77 -1.44 3.69 43.55
N ALA C 78 -2.74 3.92 43.30
CA ALA C 78 -3.76 3.20 44.03
C ALA C 78 -3.55 1.69 43.93
N ASN C 79 -3.29 1.18 42.72
CA ASN C 79 -3.12 -0.25 42.54
C ASN C 79 -1.73 -0.71 42.96
N ASN C 80 -0.68 -0.06 42.45
CA ASN C 80 0.67 -0.55 42.69
C ASN C 80 0.99 -0.58 44.19
N THR C 81 0.76 0.53 44.89
CA THR C 81 1.09 0.55 46.31
C THR C 81 0.18 -0.39 47.10
N ASN C 82 -1.11 -0.39 46.79
CA ASN C 82 -2.11 -1.18 47.50
C ASN C 82 -2.71 -2.19 46.54
N GLU C 83 -2.40 -3.47 46.76
CA GLU C 83 -2.98 -4.54 45.94
C GLU C 83 -3.38 -5.76 46.75
N GLU C 84 -3.43 -5.67 48.08
CA GLU C 84 -3.74 -6.84 48.90
C GLU C 84 -5.24 -7.05 49.03
N ALA C 85 -5.96 -6.06 49.55
CA ALA C 85 -7.40 -6.15 49.74
C ALA C 85 -8.10 -5.27 48.72
N GLY C 86 -9.11 -5.84 48.05
CA GLY C 86 -9.77 -5.12 46.98
C GLY C 86 -10.39 -3.81 47.45
N ASP C 87 -11.13 -3.85 48.57
CA ASP C 87 -11.77 -2.65 49.06
C ASP C 87 -10.77 -1.55 49.38
N GLY C 88 -9.51 -1.90 49.67
CA GLY C 88 -8.53 -0.89 50.02
C GLY C 88 -8.27 0.07 48.87
N THR C 89 -8.05 -0.47 47.67
CA THR C 89 -7.80 0.38 46.52
C THR C 89 -9.03 1.25 46.23
N THR C 90 -10.22 0.67 46.32
CA THR C 90 -11.44 1.43 46.04
C THR C 90 -11.59 2.59 47.03
N THR C 91 -11.44 2.31 48.32
CA THR C 91 -11.57 3.38 49.30
C THR C 91 -10.49 4.43 49.12
N ALA C 92 -9.27 4.01 48.76
CA ALA C 92 -8.22 4.97 48.50
C ALA C 92 -8.60 5.90 47.35
N THR C 93 -9.13 5.33 46.27
CA THR C 93 -9.50 6.16 45.12
C THR C 93 -10.62 7.12 45.47
N VAL C 94 -11.64 6.64 46.18
CA VAL C 94 -12.75 7.51 46.54
C VAL C 94 -12.28 8.63 47.47
N LEU C 95 -11.45 8.28 48.46
CA LEU C 95 -10.92 9.28 49.36
C LEU C 95 -10.10 10.32 48.61
N ALA C 96 -9.27 9.87 47.67
CA ALA C 96 -8.49 10.80 46.88
C ALA C 96 -9.38 11.73 46.08
N ARG C 97 -10.45 11.18 45.48
CA ARG C 97 -11.36 12.01 44.71
C ARG C 97 -11.96 13.09 45.59
N SER C 98 -12.47 12.70 46.77
CA SER C 98 -13.08 13.68 47.65
C SER C 98 -12.09 14.76 48.06
N ILE C 99 -10.90 14.34 48.48
CA ILE C 99 -9.90 15.29 48.95
C ILE C 99 -9.56 16.27 47.83
N ALA C 100 -9.23 15.74 46.65
CA ALA C 100 -8.83 16.60 45.55
C ALA C 100 -9.95 17.53 45.13
N LYS C 101 -11.18 17.02 45.07
CA LYS C 101 -12.30 17.84 44.64
C LYS C 101 -12.48 19.03 45.57
N GLU C 102 -12.60 18.77 46.88
CA GLU C 102 -12.89 19.87 47.78
C GLU C 102 -11.68 20.80 47.92
N GLY C 103 -10.47 20.25 47.86
CA GLY C 103 -9.29 21.09 47.89
C GLY C 103 -9.22 22.03 46.70
N PHE C 104 -9.53 21.52 45.52
CA PHE C 104 -9.57 22.38 44.34
C PHE C 104 -10.66 23.43 44.47
N GLU C 105 -11.81 23.05 45.01
CA GLU C 105 -12.87 24.04 45.20
C GLU C 105 -12.41 25.16 46.11
N LYS C 106 -11.72 24.82 47.21
CA LYS C 106 -11.24 25.85 48.12
C LYS C 106 -10.13 26.67 47.49
N ILE C 107 -9.25 26.03 46.72
CA ILE C 107 -8.16 26.76 46.08
C ILE C 107 -8.71 27.77 45.09
N SER C 108 -9.75 27.41 44.35
CA SER C 108 -10.35 28.34 43.40
C SER C 108 -10.72 29.65 44.08
N LYS C 109 -11.15 29.59 45.35
CA LYS C 109 -11.49 30.81 46.07
C LYS C 109 -10.26 31.66 46.37
N GLY C 110 -9.07 31.06 46.38
CA GLY C 110 -7.85 31.80 46.64
C GLY C 110 -7.04 31.29 47.80
N ALA C 111 -7.22 30.01 48.14
CA ALA C 111 -6.45 29.42 49.22
C ALA C 111 -5.00 29.21 48.78
N ASN C 112 -4.14 28.99 49.77
CA ASN C 112 -2.72 28.79 49.50
C ASN C 112 -2.46 27.30 49.39
N PRO C 113 -2.14 26.77 48.19
CA PRO C 113 -2.05 25.31 48.04
C PRO C 113 -1.08 24.66 49.00
N VAL C 114 0.07 25.28 49.26
CA VAL C 114 1.07 24.65 50.11
C VAL C 114 0.58 24.59 51.55
N GLU C 115 -0.03 25.67 52.05
CA GLU C 115 -0.55 25.64 53.42
C GLU C 115 -1.75 24.73 53.53
N ILE C 116 -2.58 24.66 52.48
CA ILE C 116 -3.68 23.72 52.48
C ILE C 116 -3.15 22.29 52.58
N ARG C 117 -2.10 21.98 51.82
CA ARG C 117 -1.48 20.66 51.91
C ARG C 117 -0.91 20.43 53.30
N ARG C 118 -0.31 21.46 53.89
CA ARG C 118 0.23 21.33 55.24
C ARG C 118 -0.86 20.92 56.22
N GLY C 119 -1.99 21.63 56.19
CA GLY C 119 -3.08 21.28 57.07
C GLY C 119 -3.63 19.89 56.80
N VAL C 120 -3.71 19.52 55.52
CA VAL C 120 -4.20 18.19 55.16
C VAL C 120 -3.28 17.12 55.74
N MET C 121 -1.97 17.33 55.59
CA MET C 121 -1.01 16.37 56.12
C MET C 121 -1.10 16.29 57.64
N LEU C 122 -1.27 17.43 58.31
CA LEU C 122 -1.42 17.42 59.76
C LEU C 122 -2.63 16.60 60.17
N ALA C 123 -3.76 16.84 59.51
CA ALA C 123 -4.98 16.11 59.84
C ALA C 123 -4.81 14.61 59.59
N VAL C 124 -4.15 14.25 58.48
CA VAL C 124 -3.94 12.84 58.19
C VAL C 124 -3.04 12.21 59.24
N ASP C 125 -2.02 12.94 59.68
CA ASP C 125 -1.15 12.44 60.73
C ASP C 125 -1.93 12.19 62.01
N ALA C 126 -2.80 13.13 62.39
CA ALA C 126 -3.61 12.95 63.58
C ALA C 126 -4.52 11.74 63.43
N VAL C 127 -5.13 11.59 62.26
CA VAL C 127 -6.05 10.47 62.04
C VAL C 127 -5.31 9.15 62.15
N ILE C 128 -4.14 9.04 61.52
CA ILE C 128 -3.40 7.78 61.58
C ILE C 128 -2.90 7.51 62.97
N ALA C 129 -2.49 8.55 63.72
CA ALA C 129 -2.07 8.32 65.10
C ALA C 129 -3.23 7.80 65.95
N GLU C 130 -4.42 8.40 65.79
CA GLU C 130 -5.58 7.91 66.50
C GLU C 130 -5.86 6.46 66.13
N LEU C 131 -5.79 6.14 64.84
CA LEU C 131 -6.06 4.77 64.41
C LEU C 131 -5.06 3.80 65.02
N LYS C 132 -3.78 4.17 65.02
CA LYS C 132 -2.76 3.30 65.61
C LYS C 132 -3.03 3.07 67.08
N LYS C 133 -3.34 4.13 67.83
CA LYS C 133 -3.58 3.95 69.25
C LYS C 133 -4.84 3.14 69.51
N GLN C 134 -5.84 3.24 68.63
CA GLN C 134 -7.14 2.64 68.89
C GLN C 134 -7.26 1.21 68.40
N SER C 135 -6.43 0.80 67.43
CA SER C 135 -6.56 -0.53 66.87
C SER C 135 -6.24 -1.59 67.91
N LYS C 136 -7.13 -2.57 68.06
CA LYS C 136 -6.81 -3.71 68.89
C LYS C 136 -5.96 -4.71 68.11
N PRO C 137 -4.99 -5.36 68.74
CA PRO C 137 -4.15 -6.32 68.02
C PRO C 137 -4.72 -7.73 68.08
N VAL C 138 -4.04 -8.64 67.38
CA VAL C 138 -4.36 -10.06 67.41
C VAL C 138 -3.07 -10.81 67.69
N THR C 139 -3.06 -11.59 68.77
CA THR C 139 -1.86 -12.33 69.15
C THR C 139 -2.15 -13.73 69.66
N THR C 140 -3.36 -14.26 69.45
CA THR C 140 -3.72 -15.56 70.01
C THR C 140 -4.31 -16.46 68.95
N PRO C 141 -4.08 -17.78 69.05
CA PRO C 141 -4.70 -18.70 68.08
C PRO C 141 -6.22 -18.61 68.04
N GLU C 142 -6.87 -18.42 69.18
CA GLU C 142 -8.33 -18.31 69.18
C GLU C 142 -8.78 -17.06 68.43
N GLU C 143 -8.12 -15.93 68.68
CA GLU C 143 -8.46 -14.71 67.96
C GLU C 143 -8.10 -14.83 66.49
N ILE C 144 -6.99 -15.51 66.19
CA ILE C 144 -6.62 -15.76 64.79
C ILE C 144 -7.71 -16.56 64.08
N ALA C 145 -8.21 -17.60 64.74
CA ALA C 145 -9.28 -18.40 64.14
C ALA C 145 -10.54 -17.57 63.97
N GLN C 146 -10.87 -16.75 64.97
CA GLN C 146 -12.06 -15.89 64.84
C GLN C 146 -11.94 -14.98 63.62
N VAL C 147 -10.82 -14.28 63.49
CA VAL C 147 -10.66 -13.35 62.39
C VAL C 147 -10.60 -14.08 61.06
N ALA C 148 -9.98 -15.26 61.03
CA ALA C 148 -9.92 -16.02 59.79
C ALA C 148 -11.31 -16.46 59.34
N THR C 149 -12.09 -17.03 60.26
CA THR C 149 -13.46 -17.38 59.93
C THR C 149 -14.24 -16.16 59.47
N ILE C 150 -13.98 -15.01 60.09
CA ILE C 150 -14.63 -13.78 59.66
C ILE C 150 -14.27 -13.47 58.22
N SER C 151 -12.99 -13.58 57.87
CA SER C 151 -12.57 -13.41 56.49
C SER C 151 -13.13 -14.53 55.62
N ALA C 152 -13.33 -15.72 56.19
CA ALA C 152 -13.90 -16.83 55.46
C ALA C 152 -15.40 -16.70 55.26
N ASN C 153 -15.98 -15.54 55.58
CA ASN C 153 -17.39 -15.28 55.36
C ASN C 153 -18.26 -16.29 56.11
N GLY C 154 -17.85 -16.60 57.34
CA GLY C 154 -18.58 -17.53 58.18
C GLY C 154 -18.16 -18.97 58.04
N ASP C 155 -17.27 -19.29 57.11
CA ASP C 155 -16.79 -20.66 56.95
C ASP C 155 -15.88 -21.01 58.12
N LYS C 156 -16.10 -22.18 58.72
CA LYS C 156 -15.35 -22.58 59.91
C LYS C 156 -14.07 -23.31 59.56
N GLU C 157 -14.16 -24.37 58.75
CA GLU C 157 -12.97 -25.18 58.46
C GLU C 157 -11.85 -24.35 57.85
N ILE C 158 -12.20 -23.31 57.09
CA ILE C 158 -11.17 -22.45 56.50
C ILE C 158 -10.36 -21.79 57.60
N GLY C 159 -11.04 -21.16 58.56
CA GLY C 159 -10.34 -20.55 59.67
C GLY C 159 -9.58 -21.58 60.49
N ASN C 160 -10.15 -22.76 60.67
CA ASN C 160 -9.48 -23.81 61.42
C ASN C 160 -8.14 -24.17 60.78
N ILE C 161 -8.14 -24.46 59.49
CA ILE C 161 -6.91 -24.85 58.81
C ILE C 161 -5.93 -23.69 58.79
N ILE C 162 -6.43 -22.47 58.59
CA ILE C 162 -5.55 -21.31 58.55
C ILE C 162 -4.85 -21.14 59.89
N SER C 163 -5.61 -21.20 60.98
CA SER C 163 -5.02 -21.05 62.31
C SER C 163 -4.03 -22.18 62.59
N ASP C 164 -4.38 -23.41 62.21
CA ASP C 164 -3.48 -24.53 62.44
C ASP C 164 -2.16 -24.31 61.72
N ALA C 165 -2.23 -23.92 60.44
CA ALA C 165 -1.00 -23.69 59.69
C ALA C 165 -0.19 -22.54 60.30
N MET C 166 -0.85 -21.44 60.65
CA MET C 166 -0.12 -20.28 61.15
C MET C 166 0.56 -20.59 62.48
N LYS C 167 -0.14 -21.26 63.39
CA LYS C 167 0.45 -21.62 64.67
C LYS C 167 1.50 -22.71 64.53
N LYS C 168 1.39 -23.58 63.52
CA LYS C 168 2.36 -24.64 63.35
C LYS C 168 3.66 -24.12 62.75
N VAL C 169 3.57 -23.21 61.79
CA VAL C 169 4.76 -22.69 61.12
C VAL C 169 5.30 -21.47 61.85
N GLY C 170 4.44 -20.54 62.22
CA GLY C 170 4.84 -19.31 62.88
C GLY C 170 4.09 -18.13 62.30
N ARG C 171 3.95 -17.08 63.12
CA ARG C 171 3.17 -15.93 62.71
C ARG C 171 3.77 -15.20 61.51
N LYS C 172 5.07 -15.35 61.26
CA LYS C 172 5.75 -14.68 60.16
C LYS C 172 6.33 -15.67 59.17
N GLY C 173 5.89 -16.92 59.18
CA GLY C 173 6.41 -17.91 58.27
C GLY C 173 5.79 -17.85 56.89
N VAL C 174 6.36 -18.64 55.99
CA VAL C 174 5.88 -18.74 54.62
C VAL C 174 4.74 -19.74 54.57
N ILE C 175 3.79 -19.51 53.66
CA ILE C 175 2.59 -20.32 53.57
C ILE C 175 2.06 -20.24 52.15
N THR C 176 1.43 -21.31 51.69
CA THR C 176 0.89 -21.37 50.34
C THR C 176 -0.21 -22.42 50.28
N VAL C 177 -0.73 -22.63 49.08
CA VAL C 177 -1.82 -23.55 48.84
C VAL C 177 -1.46 -24.48 47.69
N LYS C 178 -2.13 -25.63 47.66
CA LYS C 178 -1.90 -26.64 46.64
C LYS C 178 -3.23 -27.29 46.29
N ASP C 179 -3.17 -28.31 45.44
CA ASP C 179 -4.36 -29.08 45.06
C ASP C 179 -4.49 -30.30 45.96
N GLY C 180 -5.67 -30.46 46.56
CA GLY C 180 -5.92 -31.61 47.42
C GLY C 180 -6.24 -32.89 46.68
N LYS C 181 -6.77 -32.79 45.46
CA LYS C 181 -7.17 -33.95 44.68
C LYS C 181 -7.91 -34.98 45.55
N THR C 182 -8.71 -34.50 46.49
CA THR C 182 -9.52 -35.35 47.34
C THR C 182 -10.69 -34.52 47.84
N LEU C 183 -11.48 -35.10 48.77
CA LEU C 183 -12.68 -34.46 49.26
C LEU C 183 -12.41 -33.47 50.39
N ASN C 184 -11.26 -33.56 51.06
CA ASN C 184 -10.98 -32.73 52.22
C ASN C 184 -9.57 -32.13 52.10
N ASP C 185 -9.46 -30.84 52.41
CA ASP C 185 -8.17 -30.19 52.47
C ASP C 185 -7.34 -30.75 53.61
N GLU C 186 -6.03 -30.86 53.40
CA GLU C 186 -5.11 -31.30 54.43
C GLU C 186 -3.83 -30.49 54.34
N LEU C 187 -3.05 -30.54 55.41
CA LEU C 187 -1.87 -29.71 55.60
C LEU C 187 -0.60 -30.54 55.47
N GLU C 188 0.43 -29.94 54.88
CA GLU C 188 1.73 -30.58 54.77
C GLU C 188 2.83 -29.54 54.87
N ILE C 189 3.88 -29.87 55.61
CA ILE C 189 5.04 -28.99 55.79
C ILE C 189 6.26 -29.72 55.25
N ILE C 190 7.00 -29.06 54.37
CA ILE C 190 8.21 -29.62 53.78
C ILE C 190 9.29 -28.54 53.80
N GLU C 191 10.51 -28.95 53.46
CA GLU C 191 11.59 -27.98 53.32
C GLU C 191 11.23 -26.98 52.23
N GLY C 192 11.45 -25.70 52.53
CA GLY C 192 11.04 -24.65 51.62
C GLY C 192 12.06 -23.53 51.57
N MET C 193 11.99 -22.76 50.48
CA MET C 193 12.88 -21.64 50.22
C MET C 193 12.05 -20.47 49.74
N LYS C 194 12.42 -19.27 50.17
CA LYS C 194 11.65 -18.08 49.80
C LYS C 194 12.55 -16.87 49.86
N PHE C 195 12.27 -15.88 49.00
CA PHE C 195 12.91 -14.59 49.10
C PHE C 195 12.10 -13.60 48.29
N ASP C 196 12.16 -12.33 48.70
CA ASP C 196 11.28 -11.29 48.14
C ASP C 196 11.93 -10.70 46.89
N ARG C 197 11.81 -11.45 45.80
CA ARG C 197 12.25 -10.98 44.48
C ARG C 197 11.26 -11.46 43.44
N GLY C 198 10.79 -10.54 42.59
CA GLY C 198 9.94 -10.91 41.49
C GLY C 198 10.73 -11.28 40.25
N TYR C 199 10.01 -11.79 39.26
CA TYR C 199 10.64 -12.14 37.99
C TYR C 199 11.20 -10.90 37.31
N ILE C 200 12.41 -11.03 36.76
CA ILE C 200 13.03 -9.90 36.08
C ILE C 200 12.24 -9.52 34.84
N SER C 201 11.71 -10.51 34.11
CA SER C 201 11.03 -10.26 32.85
C SER C 201 9.54 -10.09 33.10
N PRO C 202 8.97 -8.91 32.87
CA PRO C 202 7.52 -8.75 33.10
C PRO C 202 6.68 -9.70 32.27
N TYR C 203 7.07 -9.95 31.01
CA TYR C 203 6.27 -10.79 30.14
C TYR C 203 6.44 -12.27 30.44
N PHE C 204 7.49 -12.65 31.19
CA PHE C 204 7.76 -14.06 31.43
C PHE C 204 6.78 -14.63 32.43
N ILE C 205 5.63 -15.11 31.96
CA ILE C 205 4.61 -15.73 32.79
C ILE C 205 4.36 -17.12 32.25
N ASN C 206 4.58 -18.14 33.08
CA ASN C 206 4.36 -19.51 32.64
C ASN C 206 2.89 -19.78 32.37
N THR C 207 2.03 -19.43 33.33
CA THR C 207 0.60 -19.65 33.22
C THR C 207 -0.09 -18.31 33.10
N SER C 208 -0.75 -18.08 31.95
CA SER C 208 -1.45 -16.83 31.74
C SER C 208 -2.58 -16.65 32.74
N LYS C 209 -3.33 -17.73 33.01
CA LYS C 209 -4.44 -17.63 33.95
C LYS C 209 -3.95 -17.20 35.32
N GLY C 210 -2.88 -17.82 35.83
CA GLY C 210 -2.46 -17.59 37.20
C GLY C 210 -1.77 -16.28 37.46
N GLN C 211 -1.23 -15.64 36.41
CA GLN C 211 -0.38 -14.47 36.57
C GLN C 211 0.94 -14.82 37.24
N LYS C 212 1.26 -16.11 37.33
CA LYS C 212 2.46 -16.59 37.99
C LYS C 212 3.30 -17.37 36.98
N CYS C 213 4.52 -17.67 37.39
CA CYS C 213 5.41 -18.57 36.67
C CYS C 213 5.80 -19.72 37.58
N GLU C 214 5.55 -20.95 37.12
CA GLU C 214 5.76 -22.13 37.93
C GLU C 214 6.54 -23.17 37.13
N PHE C 215 7.30 -23.99 37.83
CA PHE C 215 8.04 -25.08 37.21
C PHE C 215 8.31 -26.15 38.26
N GLN C 216 8.36 -27.40 37.80
CA GLN C 216 8.47 -28.55 38.68
C GLN C 216 9.83 -29.22 38.51
N ASP C 217 10.31 -29.82 39.59
CA ASP C 217 11.54 -30.62 39.65
C ASP C 217 12.61 -30.05 38.71
N ALA C 218 13.02 -28.83 38.99
CA ALA C 218 14.00 -28.12 38.20
C ALA C 218 15.39 -28.22 38.81
N TYR C 219 16.41 -28.02 37.97
CA TYR C 219 17.73 -27.71 38.46
C TYR C 219 17.92 -26.20 38.50
N VAL C 220 18.88 -25.75 39.32
CA VAL C 220 19.03 -24.32 39.58
C VAL C 220 20.44 -23.89 39.25
N LEU C 221 20.58 -22.60 38.93
CA LEU C 221 21.87 -21.96 38.67
C LEU C 221 22.04 -20.81 39.64
N LEU C 222 23.20 -20.75 40.30
CA LEU C 222 23.48 -19.72 41.29
C LEU C 222 24.84 -19.10 40.96
N SER C 223 24.85 -17.80 40.67
CA SER C 223 26.07 -17.09 40.31
C SER C 223 26.03 -15.71 40.92
N GLU C 224 26.85 -15.48 41.95
CA GLU C 224 26.96 -14.14 42.52
C GLU C 224 27.40 -13.13 41.47
N LYS C 225 28.14 -13.58 40.45
CA LYS C 225 28.49 -12.70 39.35
C LYS C 225 27.25 -12.27 38.58
N LYS C 226 27.18 -10.99 38.26
CA LYS C 226 26.09 -10.49 37.43
C LYS C 226 26.19 -11.11 36.04
N ILE C 227 25.07 -11.68 35.56
CA ILE C 227 25.03 -12.42 34.30
C ILE C 227 24.24 -11.59 33.30
N SER C 228 24.32 -10.27 33.45
CA SER C 228 23.67 -9.38 32.51
C SER C 228 24.46 -9.32 31.20
N SER C 229 23.77 -9.49 30.09
CA SER C 229 24.37 -9.35 28.76
C SER C 229 25.50 -10.35 28.54
N ILE C 230 25.44 -11.52 29.19
CA ILE C 230 26.48 -12.54 29.07
C ILE C 230 25.88 -13.75 28.39
N GLN C 231 26.48 -14.15 27.26
CA GLN C 231 26.06 -15.31 26.49
C GLN C 231 26.61 -16.58 27.11
N SER C 232 26.56 -17.70 26.38
CA SER C 232 27.02 -18.99 26.87
C SER C 232 26.10 -19.56 27.94
N ILE C 233 24.80 -19.25 27.86
CA ILE C 233 23.80 -19.96 28.63
C ILE C 233 23.43 -21.28 27.98
N VAL C 234 24.00 -21.57 26.81
CA VAL C 234 23.71 -22.84 26.14
C VAL C 234 24.03 -24.04 27.02
N PRO C 235 25.16 -24.10 27.73
CA PRO C 235 25.42 -25.28 28.57
C PRO C 235 24.28 -25.62 29.50
N ALA C 236 23.52 -24.63 29.95
CA ALA C 236 22.28 -24.93 30.68
C ALA C 236 21.25 -25.54 29.75
N LEU C 237 21.10 -24.98 28.54
CA LEU C 237 20.05 -25.42 27.62
C LEU C 237 20.25 -26.87 27.18
N GLU C 238 21.49 -27.31 27.02
CA GLU C 238 21.72 -28.66 26.51
C GLU C 238 21.18 -29.72 27.46
N ILE C 239 21.39 -29.56 28.77
CA ILE C 239 20.74 -30.48 29.71
C ILE C 239 19.29 -30.10 29.97
N ALA C 240 18.90 -28.85 29.73
CA ALA C 240 17.49 -28.48 29.85
C ALA C 240 16.63 -29.23 28.83
N ASN C 241 17.18 -29.46 27.64
CA ASN C 241 16.46 -30.20 26.61
C ASN C 241 16.76 -31.69 26.66
N ALA C 242 17.99 -32.08 26.99
CA ALA C 242 18.29 -33.50 27.18
C ALA C 242 17.47 -34.07 28.34
N HIS C 243 17.70 -33.54 29.54
CA HIS C 243 16.82 -33.84 30.67
C HIS C 243 15.53 -33.04 30.51
N ARG C 244 14.40 -33.68 30.84
CA ARG C 244 13.12 -33.02 30.69
C ARG C 244 12.89 -31.94 31.73
N LYS C 245 13.73 -31.89 32.77
CA LYS C 245 13.49 -30.98 33.89
C LYS C 245 13.81 -29.54 33.50
N PRO C 246 13.06 -28.57 34.02
CA PRO C 246 13.35 -27.16 33.73
C PRO C 246 14.55 -26.65 34.50
N LEU C 247 15.00 -25.44 34.17
CA LEU C 247 16.16 -24.84 34.80
C LEU C 247 15.79 -23.45 35.29
N VAL C 248 16.63 -22.90 36.16
CA VAL C 248 16.42 -21.56 36.70
C VAL C 248 17.77 -20.97 37.10
N ILE C 249 17.87 -19.64 36.99
CA ILE C 249 19.10 -18.92 37.30
C ILE C 249 18.81 -17.89 38.38
N ILE C 250 19.75 -17.75 39.31
CA ILE C 250 19.71 -16.70 40.32
C ILE C 250 21.07 -16.00 40.29
N ALA C 251 21.06 -14.72 39.96
CA ALA C 251 22.30 -13.95 39.86
C ALA C 251 22.00 -12.49 40.21
N GLU C 252 23.04 -11.66 40.15
CA GLU C 252 22.90 -10.26 40.56
C GLU C 252 21.89 -9.54 39.67
N ASP C 253 21.95 -9.77 38.37
CA ASP C 253 21.04 -9.11 37.43
C ASP C 253 21.25 -9.70 36.05
N VAL C 254 20.21 -9.59 35.22
CA VAL C 254 20.25 -10.03 33.83
C VAL C 254 19.62 -8.95 32.97
N ASP C 255 20.34 -8.52 31.95
CA ASP C 255 19.86 -7.50 31.02
C ASP C 255 20.70 -7.55 29.76
N GLY C 256 20.18 -6.95 28.70
CA GLY C 256 20.91 -6.83 27.45
C GLY C 256 20.74 -8.07 26.57
N GLU C 257 21.86 -8.65 26.12
CA GLU C 257 21.77 -9.73 25.15
C GLU C 257 21.19 -11.00 25.76
N ALA C 258 21.61 -11.35 26.98
CA ALA C 258 21.07 -12.53 27.63
C ALA C 258 19.57 -12.39 27.87
N LEU C 259 19.14 -11.23 28.36
CA LEU C 259 17.72 -10.99 28.56
C LEU C 259 16.96 -11.05 27.25
N SER C 260 17.52 -10.46 26.20
CA SER C 260 16.84 -10.44 24.90
C SER C 260 16.70 -11.84 24.33
N THR C 261 17.77 -12.65 24.40
CA THR C 261 17.68 -14.00 23.89
C THR C 261 16.68 -14.82 24.69
N LEU C 262 16.69 -14.66 26.02
CA LEU C 262 15.73 -15.42 26.83
C LEU C 262 14.30 -15.01 26.54
N VAL C 263 14.05 -13.71 26.36
CA VAL C 263 12.68 -13.26 26.14
C VAL C 263 12.20 -13.68 24.75
N LEU C 264 13.05 -13.58 23.73
CA LEU C 264 12.63 -14.04 22.41
C LEU C 264 12.46 -15.56 22.40
N ASN C 265 13.27 -16.30 23.16
CA ASN C 265 13.06 -17.73 23.27
C ASN C 265 11.72 -18.04 23.93
N ARG C 266 11.40 -17.32 25.00
CA ARG C 266 10.12 -17.52 25.65
C ARG C 266 8.96 -17.22 24.71
N LEU C 267 9.06 -16.13 23.95
CA LEU C 267 8.00 -15.79 23.00
C LEU C 267 7.86 -16.85 21.92
N LYS C 268 8.98 -17.30 21.34
CA LYS C 268 8.95 -18.23 20.22
C LYS C 268 9.08 -19.68 20.68
N VAL C 269 10.19 -20.01 21.34
CA VAL C 269 10.43 -21.38 21.74
C VAL C 269 9.67 -21.70 23.03
N GLY C 270 9.47 -20.72 23.89
CA GLY C 270 8.85 -20.98 25.17
C GLY C 270 9.65 -21.91 26.04
N LEU C 271 10.98 -21.79 26.02
CA LEU C 271 11.81 -22.70 26.79
C LEU C 271 11.55 -22.52 28.28
N GLN C 272 11.81 -23.59 29.03
CA GLN C 272 11.43 -23.67 30.44
C GLN C 272 12.56 -23.24 31.36
N VAL C 273 12.98 -21.97 31.25
CA VAL C 273 14.04 -21.43 32.09
C VAL C 273 13.73 -19.98 32.41
N VAL C 274 13.96 -19.60 33.67
CA VAL C 274 13.76 -18.23 34.12
C VAL C 274 14.96 -17.82 34.96
N ALA C 275 15.15 -16.51 35.06
CA ALA C 275 16.21 -15.94 35.89
C ALA C 275 15.63 -14.85 36.76
N VAL C 276 16.26 -14.62 37.92
CA VAL C 276 15.79 -13.65 38.89
C VAL C 276 17.00 -12.98 39.54
N LYS C 277 16.72 -12.01 40.41
CA LYS C 277 17.75 -11.24 41.09
C LYS C 277 18.07 -11.85 42.45
N ALA C 278 19.31 -11.64 42.90
CA ALA C 278 19.71 -12.12 44.21
C ALA C 278 19.02 -11.30 45.30
N PRO C 279 18.52 -11.96 46.35
CA PRO C 279 17.80 -11.21 47.39
C PRO C 279 18.71 -10.54 48.41
N GLY C 280 19.87 -11.13 48.66
CA GLY C 280 20.79 -10.61 49.66
C GLY C 280 21.59 -9.45 49.13
N PHE C 281 22.54 -9.01 49.96
CA PHE C 281 23.33 -7.82 49.65
C PHE C 281 24.77 -8.03 50.10
N GLY C 282 25.70 -8.01 49.16
CA GLY C 282 27.11 -8.09 49.50
C GLY C 282 27.42 -9.38 50.24
N ASP C 283 28.05 -9.23 51.42
CA ASP C 283 28.35 -10.40 52.23
C ASP C 283 27.08 -11.20 52.52
N ASN C 284 25.99 -10.51 52.83
CA ASN C 284 24.71 -11.19 53.00
C ASN C 284 24.33 -11.92 51.73
N ARG C 285 24.55 -11.29 50.57
CA ARG C 285 24.21 -11.94 49.30
C ARG C 285 24.96 -13.26 49.14
N LYS C 286 26.27 -13.23 49.35
CA LYS C 286 27.05 -14.45 49.15
C LYS C 286 26.72 -15.51 50.19
N ASN C 287 26.50 -15.11 51.44
CA ASN C 287 26.11 -16.09 52.46
C ASN C 287 24.77 -16.73 52.11
N GLN C 288 23.81 -15.93 51.67
CA GLN C 288 22.52 -16.48 51.28
C GLN C 288 22.65 -17.40 50.07
N LEU C 289 23.50 -17.02 49.11
CA LEU C 289 23.70 -17.87 47.94
C LEU C 289 24.30 -19.21 48.33
N LYS C 290 25.28 -19.20 49.24
CA LYS C 290 25.84 -20.45 49.73
C LYS C 290 24.78 -21.27 50.46
N ASP C 291 23.96 -20.60 51.28
CA ASP C 291 22.90 -21.30 52.00
C ASP C 291 21.96 -22.01 51.05
N MET C 292 21.46 -21.29 50.04
CA MET C 292 20.53 -21.90 49.10
C MET C 292 21.21 -22.95 48.23
N ALA C 293 22.50 -22.77 47.92
CA ALA C 293 23.23 -23.80 47.19
C ALA C 293 23.28 -25.10 48.00
N ILE C 294 23.55 -24.99 49.30
CA ILE C 294 23.53 -26.17 50.16
C ILE C 294 22.12 -26.76 50.21
N ALA C 295 21.11 -25.89 50.28
CA ALA C 295 19.72 -26.36 50.31
C ALA C 295 19.36 -27.12 49.05
N THR C 296 19.98 -26.78 47.92
CA THR C 296 19.65 -27.38 46.63
C THR C 296 20.71 -28.34 46.11
N GLY C 297 21.86 -28.45 46.78
CA GLY C 297 22.92 -29.31 46.31
C GLY C 297 23.74 -28.76 45.17
N GLY C 298 23.59 -27.48 44.85
CA GLY C 298 24.35 -26.84 43.80
C GLY C 298 25.56 -26.09 44.35
N ALA C 299 25.94 -25.02 43.65
CA ALA C 299 27.05 -24.19 44.09
C ALA C 299 26.96 -22.84 43.43
N VAL C 300 27.47 -21.83 44.12
CA VAL C 300 27.56 -20.49 43.54
C VAL C 300 28.66 -20.48 42.49
N PHE C 301 28.35 -19.90 41.32
CA PHE C 301 29.26 -19.91 40.18
C PHE C 301 30.10 -18.64 40.09
N GLY C 302 30.41 -18.02 41.22
CA GLY C 302 31.32 -16.89 41.21
C GLY C 302 32.74 -17.31 40.90
N GLU C 303 33.47 -16.44 40.21
CA GLU C 303 34.81 -16.78 39.78
C GLU C 303 35.80 -16.76 40.95
N GLU C 304 35.69 -15.78 41.83
CA GLU C 304 36.59 -15.70 42.97
C GLU C 304 36.43 -16.93 43.86
N GLY C 305 37.55 -17.39 44.42
CA GLY C 305 37.53 -18.59 45.22
C GLY C 305 37.39 -19.83 44.38
N LEU C 306 36.20 -20.43 44.39
CA LEU C 306 35.96 -21.62 43.58
C LEU C 306 36.13 -21.29 42.11
N THR C 307 36.67 -22.25 41.35
CA THR C 307 36.94 -22.08 39.93
C THR C 307 35.87 -22.83 39.15
N LEU C 308 34.85 -22.09 38.70
CA LEU C 308 33.79 -22.67 37.88
C LEU C 308 32.98 -21.54 37.26
N ASN C 309 32.78 -21.60 35.96
CA ASN C 309 32.05 -20.58 35.20
C ASN C 309 30.85 -21.20 34.52
N LEU C 310 30.01 -20.35 33.94
CA LEU C 310 28.82 -20.82 33.22
C LEU C 310 29.18 -21.57 31.95
N GLU C 311 30.42 -21.48 31.48
CA GLU C 311 30.79 -22.15 30.24
C GLU C 311 30.64 -23.66 30.36
N ASP C 312 31.05 -24.23 31.49
CA ASP C 312 30.96 -25.65 31.74
C ASP C 312 29.96 -25.91 32.86
N VAL C 313 29.02 -26.80 32.60
CA VAL C 313 28.01 -27.19 33.60
C VAL C 313 27.90 -28.71 33.59
N GLN C 314 27.41 -29.25 34.70
CA GLN C 314 27.17 -30.67 34.86
C GLN C 314 25.86 -30.87 35.59
N PRO C 315 25.17 -32.00 35.36
CA PRO C 315 23.92 -32.21 36.09
C PRO C 315 24.07 -32.16 37.59
N HIS C 316 25.20 -32.65 38.11
CA HIS C 316 25.44 -32.66 39.55
C HIS C 316 26.13 -31.39 40.04
N ASP C 317 26.67 -30.57 39.14
CA ASP C 317 27.24 -29.29 39.57
C ASP C 317 26.16 -28.31 39.99
N LEU C 318 25.00 -28.38 39.36
CA LEU C 318 23.89 -27.50 39.69
C LEU C 318 23.10 -28.05 40.88
N GLY C 319 22.16 -27.25 41.36
CA GLY C 319 21.27 -27.69 42.42
C GLY C 319 20.01 -28.33 41.88
N LYS C 320 19.33 -29.06 42.76
CA LYS C 320 18.11 -29.77 42.43
C LYS C 320 17.01 -29.38 43.41
N VAL C 321 15.85 -29.02 42.88
CA VAL C 321 14.71 -28.61 43.69
C VAL C 321 13.48 -29.35 43.21
N GLY C 322 12.52 -29.53 44.12
CA GLY C 322 11.28 -30.19 43.77
C GLY C 322 10.38 -29.34 42.89
N GLU C 323 10.26 -28.05 43.19
CA GLU C 323 9.33 -27.20 42.47
C GLU C 323 9.69 -25.74 42.71
N VAL C 324 9.30 -24.89 41.76
CA VAL C 324 9.59 -23.46 41.80
C VAL C 324 8.32 -22.69 41.45
N ILE C 325 8.01 -21.66 42.24
CA ILE C 325 6.95 -20.71 41.94
C ILE C 325 7.57 -19.33 41.91
N VAL C 326 7.28 -18.56 40.87
CA VAL C 326 7.78 -17.20 40.71
C VAL C 326 6.59 -16.29 40.47
N THR C 327 6.55 -15.16 41.17
CA THR C 327 5.43 -14.24 41.08
C THR C 327 5.95 -12.81 41.31
N LYS C 328 5.02 -11.86 41.38
CA LYS C 328 5.39 -10.48 41.61
C LYS C 328 6.10 -10.33 42.94
N ASP C 329 7.27 -9.69 42.91
CA ASP C 329 7.99 -9.34 44.12
C ASP C 329 8.39 -10.57 44.93
N ASP C 330 8.15 -11.76 44.40
CA ASP C 330 8.29 -12.97 45.20
C ASP C 330 8.62 -14.16 44.30
N ALA C 331 9.50 -15.03 44.81
CA ALA C 331 9.83 -16.28 44.17
C ALA C 331 10.25 -17.27 45.25
N MET C 332 10.06 -18.56 44.98
CA MET C 332 10.24 -19.56 46.02
C MET C 332 10.71 -20.87 45.40
N LEU C 333 11.34 -21.68 46.25
CA LEU C 333 11.81 -23.01 45.89
C LEU C 333 11.46 -23.96 47.03
N LEU C 334 10.93 -25.14 46.70
CA LEU C 334 10.51 -26.12 47.69
C LEU C 334 11.15 -27.46 47.41
N LYS C 335 11.43 -28.20 48.50
CA LYS C 335 11.97 -29.56 48.40
C LYS C 335 13.30 -29.55 47.65
N GLY C 336 14.28 -28.85 48.23
CA GLY C 336 15.62 -28.83 47.71
C GLY C 336 16.34 -30.14 47.96
N LYS C 337 17.50 -30.28 47.30
CA LYS C 337 18.31 -31.47 47.43
C LYS C 337 19.69 -31.14 47.96
N GLY C 338 20.58 -32.14 48.00
CA GLY C 338 21.90 -31.99 48.56
C GLY C 338 22.09 -32.87 49.78
N ASP C 339 23.17 -32.60 50.49
CA ASP C 339 23.54 -33.37 51.67
C ASP C 339 22.83 -32.80 52.89
N LYS C 340 22.04 -33.63 53.56
CA LYS C 340 21.41 -33.21 54.80
C LYS C 340 22.44 -32.99 55.90
N ALA C 341 23.56 -33.72 55.86
CA ALA C 341 24.64 -33.46 56.79
C ALA C 341 25.22 -32.08 56.57
N GLN C 342 25.42 -31.69 55.31
CA GLN C 342 25.85 -30.33 55.02
C GLN C 342 24.79 -29.33 55.43
N ILE C 343 23.51 -29.70 55.34
CA ILE C 343 22.45 -28.81 55.78
C ILE C 343 22.57 -28.54 57.27
N GLU C 344 22.75 -29.61 58.07
CA GLU C 344 22.92 -29.43 59.50
C GLU C 344 24.21 -28.68 59.82
N LYS C 345 25.26 -28.89 59.01
CA LYS C 345 26.49 -28.14 59.22
C LYS C 345 26.26 -26.66 59.00
N ARG C 346 25.51 -26.29 57.96
CA ARG C 346 25.19 -24.89 57.74
C ARG C 346 24.32 -24.35 58.87
N ILE C 347 23.38 -25.15 59.35
CA ILE C 347 22.55 -24.72 60.48
C ILE C 347 23.43 -24.44 61.69
N GLN C 348 24.38 -25.33 61.98
CA GLN C 348 25.24 -25.16 63.13
C GLN C 348 26.15 -23.94 62.97
N GLU C 349 26.70 -23.73 61.77
CA GLU C 349 27.55 -22.58 61.57
C GLU C 349 26.75 -21.29 61.70
N ILE C 350 25.52 -21.28 61.21
CA ILE C 350 24.66 -20.12 61.38
C ILE C 350 24.37 -19.89 62.86
N ILE C 351 24.11 -20.97 63.60
CA ILE C 351 23.81 -20.83 65.02
C ILE C 351 24.98 -20.22 65.77
N GLU C 352 26.18 -20.74 65.52
CA GLU C 352 27.36 -20.21 66.21
C GLU C 352 27.68 -18.80 65.75
N GLN C 353 27.46 -18.48 64.48
CA GLN C 353 27.63 -17.11 64.02
C GLN C 353 26.69 -16.17 64.75
N LEU C 354 25.43 -16.59 64.92
CA LEU C 354 24.47 -15.80 65.68
C LEU C 354 24.94 -15.62 67.12
N ASP C 355 25.43 -16.69 67.73
CA ASP C 355 25.86 -16.61 69.13
C ASP C 355 27.03 -15.65 69.30
N VAL C 356 28.03 -15.74 68.41
CA VAL C 356 29.20 -14.88 68.54
C VAL C 356 28.85 -13.44 68.18
N THR C 357 28.00 -13.23 67.18
CA THR C 357 27.69 -11.88 66.74
C THR C 357 26.93 -11.13 67.83
N THR C 358 27.07 -9.80 67.78
CA THR C 358 26.42 -8.92 68.74
C THR C 358 25.62 -7.80 68.10
N SER C 359 25.90 -7.43 66.85
CA SER C 359 25.17 -6.34 66.22
C SER C 359 23.71 -6.69 66.05
N GLU C 360 22.84 -5.70 66.30
CA GLU C 360 21.40 -5.91 66.14
C GLU C 360 21.08 -6.34 64.71
N TYR C 361 21.60 -5.62 63.72
CA TYR C 361 21.32 -5.95 62.34
C TYR C 361 21.92 -7.29 61.94
N GLU C 362 23.16 -7.57 62.37
CA GLU C 362 23.75 -8.87 62.07
C GLU C 362 22.97 -9.99 62.74
N LYS C 363 22.55 -9.79 63.99
CA LYS C 363 21.76 -10.80 64.67
C LYS C 363 20.45 -11.05 63.92
N GLU C 364 19.78 -9.98 63.50
CA GLU C 364 18.51 -10.13 62.79
C GLU C 364 18.71 -10.83 61.45
N LYS C 365 19.76 -10.47 60.72
CA LYS C 365 20.03 -11.14 59.44
C LYS C 365 20.33 -12.61 59.63
N LEU C 366 21.11 -12.94 60.66
CA LEU C 366 21.40 -14.34 60.93
C LEU C 366 20.14 -15.08 61.33
N ASN C 367 19.26 -14.44 62.11
CA ASN C 367 17.98 -15.06 62.45
C ASN C 367 17.17 -15.34 61.19
N GLU C 368 17.13 -14.36 60.28
CA GLU C 368 16.36 -14.55 59.05
C GLU C 368 16.93 -15.69 58.22
N ARG C 369 18.24 -15.74 58.07
CA ARG C 369 18.86 -16.81 57.30
C ARG C 369 18.62 -18.17 57.97
N LEU C 370 18.69 -18.21 59.30
CA LEU C 370 18.44 -19.45 60.03
C LEU C 370 17.02 -19.95 59.78
N ALA C 371 16.03 -19.10 60.03
CA ALA C 371 14.64 -19.49 59.80
C ALA C 371 14.38 -19.80 58.33
N LYS C 372 15.18 -19.23 57.42
CA LYS C 372 14.98 -19.45 56.00
C LYS C 372 15.20 -20.91 55.63
N LEU C 373 15.91 -21.65 56.47
CA LEU C 373 16.15 -23.08 56.25
C LEU C 373 15.51 -23.96 57.31
N SER C 374 15.69 -23.63 58.58
CA SER C 374 15.21 -24.50 59.66
C SER C 374 13.71 -24.73 59.55
N ASP C 375 12.94 -23.67 59.38
CA ASP C 375 11.50 -23.79 59.23
C ASP C 375 11.15 -24.17 57.80
N GLY C 376 10.26 -25.13 57.66
CA GLY C 376 9.81 -25.58 56.35
C GLY C 376 8.76 -24.65 55.78
N VAL C 377 8.12 -25.13 54.71
CA VAL C 377 7.04 -24.41 54.04
C VAL C 377 5.78 -25.25 54.14
N ALA C 378 4.68 -24.61 54.54
CA ALA C 378 3.40 -25.29 54.67
C ALA C 378 2.61 -25.12 53.38
N VAL C 379 2.12 -26.22 52.85
CA VAL C 379 1.29 -26.23 51.66
C VAL C 379 -0.10 -26.72 52.05
N LEU C 380 -1.12 -25.98 51.62
CA LEU C 380 -2.52 -26.29 51.91
C LEU C 380 -3.12 -26.93 50.67
N LYS C 381 -3.00 -28.25 50.57
CA LYS C 381 -3.57 -28.96 49.43
C LYS C 381 -5.08 -29.04 49.63
N VAL C 382 -5.80 -28.12 49.00
CA VAL C 382 -7.25 -28.02 49.17
C VAL C 382 -7.93 -28.90 48.13
N GLY C 383 -8.86 -29.74 48.59
CA GLY C 383 -9.51 -30.70 47.74
C GLY C 383 -11.02 -30.48 47.67
N GLY C 384 -11.66 -31.35 46.88
CA GLY C 384 -13.09 -31.27 46.66
C GLY C 384 -13.54 -32.25 45.60
N THR C 385 -14.63 -31.94 44.91
CA THR C 385 -15.15 -32.81 43.86
C THR C 385 -14.80 -32.29 42.47
N SER C 386 -15.16 -31.05 42.16
CA SER C 386 -15.05 -30.51 40.82
C SER C 386 -13.84 -29.59 40.71
N ASP C 387 -13.26 -29.55 39.50
CA ASP C 387 -12.17 -28.62 39.24
C ASP C 387 -12.62 -27.19 39.49
N VAL C 388 -13.84 -26.85 39.06
CA VAL C 388 -14.39 -25.53 39.34
C VAL C 388 -14.55 -25.34 40.85
N GLU C 389 -15.03 -26.38 41.53
CA GLU C 389 -15.21 -26.29 42.98
C GLU C 389 -13.87 -26.03 43.68
N VAL C 390 -12.85 -26.82 43.34
CA VAL C 390 -11.56 -26.64 43.99
C VAL C 390 -10.95 -25.30 43.63
N ASN C 391 -11.21 -24.80 42.41
CA ASN C 391 -10.68 -23.48 42.04
C ASN C 391 -11.36 -22.37 42.84
N GLU C 392 -12.68 -22.47 43.03
CA GLU C 392 -13.36 -21.50 43.88
C GLU C 392 -12.83 -21.56 45.31
N LYS C 393 -12.60 -22.77 45.82
CA LYS C 393 -12.02 -22.92 47.15
C LYS C 393 -10.63 -22.30 47.20
N LYS C 394 -9.85 -22.48 46.13
CA LYS C 394 -8.53 -21.87 46.04
C LYS C 394 -8.63 -20.36 46.20
N ASP C 395 -9.50 -19.73 45.41
CA ASP C 395 -9.63 -18.28 45.48
C ASP C 395 -10.05 -17.83 46.88
N ARG C 396 -11.04 -18.52 47.45
CA ARG C 396 -11.54 -18.12 48.76
C ARG C 396 -10.46 -18.26 49.82
N VAL C 397 -9.74 -19.37 49.82
CA VAL C 397 -8.74 -19.60 50.86
C VAL C 397 -7.59 -18.63 50.70
N THR C 398 -7.18 -18.34 49.46
CA THR C 398 -6.12 -17.34 49.27
C THR C 398 -6.55 -15.97 49.77
N ASP C 399 -7.79 -15.56 49.47
CA ASP C 399 -8.26 -14.27 49.96
C ASP C 399 -8.25 -14.22 51.48
N ALA C 400 -8.79 -15.27 52.12
CA ALA C 400 -8.82 -15.30 53.57
C ALA C 400 -7.42 -15.28 54.15
N LEU C 401 -6.50 -16.03 53.55
CA LEU C 401 -5.13 -16.08 54.03
C LEU C 401 -4.49 -14.70 53.96
N ASN C 402 -4.66 -14.00 52.84
CA ASN C 402 -4.08 -12.67 52.73
C ASN C 402 -4.67 -11.72 53.76
N ALA C 403 -5.99 -11.76 53.93
CA ALA C 403 -6.63 -10.87 54.90
C ALA C 403 -6.11 -11.13 56.31
N THR C 404 -6.05 -12.40 56.72
CA THR C 404 -5.60 -12.70 58.07
C THR C 404 -4.12 -12.40 58.24
N ARG C 405 -3.31 -12.59 57.21
CA ARG C 405 -1.91 -12.20 57.29
C ARG C 405 -1.78 -10.71 57.53
N ALA C 406 -2.57 -9.90 56.81
CA ALA C 406 -2.54 -8.46 57.06
C ALA C 406 -2.95 -8.15 58.50
N ALA C 407 -4.04 -8.76 58.95
CA ALA C 407 -4.53 -8.48 60.30
C ALA C 407 -3.47 -8.82 61.35
N VAL C 408 -2.90 -10.02 61.27
CA VAL C 408 -1.87 -10.40 62.22
C VAL C 408 -0.61 -9.56 62.05
N GLU C 409 -0.41 -8.98 60.87
CA GLU C 409 0.74 -8.11 60.68
C GLU C 409 0.56 -6.79 61.44
N GLU C 410 -0.64 -6.24 61.42
CA GLU C 410 -0.88 -4.99 62.14
C GLU C 410 -2.06 -4.98 63.09
N GLY C 411 -3.14 -5.70 62.82
CA GLY C 411 -4.26 -5.76 63.74
C GLY C 411 -5.59 -5.57 63.03
N ILE C 412 -6.62 -5.30 63.82
CA ILE C 412 -8.00 -5.28 63.36
C ILE C 412 -8.69 -4.02 63.88
N VAL C 413 -9.59 -3.45 63.07
CA VAL C 413 -10.40 -2.31 63.45
C VAL C 413 -11.80 -2.50 62.87
N LEU C 414 -12.73 -1.68 63.34
CA LEU C 414 -14.12 -1.77 62.90
C LEU C 414 -14.21 -1.67 61.39
N GLY C 415 -15.02 -2.53 60.79
CA GLY C 415 -15.21 -2.57 59.36
C GLY C 415 -16.30 -1.65 58.90
N GLY C 416 -16.79 -1.90 57.68
CA GLY C 416 -17.85 -1.09 57.12
C GLY C 416 -17.51 0.37 56.99
N GLY C 417 -16.24 0.72 56.97
CA GLY C 417 -15.84 2.11 56.91
C GLY C 417 -16.00 2.87 58.21
N CYS C 418 -16.50 2.21 59.26
CA CYS C 418 -16.67 2.89 60.54
C CYS C 418 -15.34 3.25 61.19
N ALA C 419 -14.27 2.55 60.84
CA ALA C 419 -12.97 2.83 61.47
C ALA C 419 -12.61 4.30 61.38
N LEU C 420 -12.67 4.86 60.16
CA LEU C 420 -12.27 6.25 59.99
C LEU C 420 -13.21 7.18 60.76
N LEU C 421 -14.50 6.88 60.76
CA LEU C 421 -15.46 7.74 61.46
C LEU C 421 -15.14 7.84 62.94
N ARG C 422 -14.49 6.83 63.52
CA ARG C 422 -14.09 6.89 64.92
C ARG C 422 -12.89 7.80 65.14
N CYS C 423 -12.22 8.23 64.07
CA CYS C 423 -11.10 9.15 64.19
C CYS C 423 -11.52 10.61 64.14
N ILE C 424 -12.79 10.90 63.84
CA ILE C 424 -13.22 12.28 63.66
C ILE C 424 -12.95 13.11 64.91
N PRO C 425 -13.34 12.68 66.11
CA PRO C 425 -13.14 13.55 67.28
C PRO C 425 -11.69 13.92 67.53
N ALA C 426 -10.74 13.06 67.14
CA ALA C 426 -9.34 13.34 67.42
C ALA C 426 -8.86 14.61 66.73
N LEU C 427 -9.56 15.07 65.70
CA LEU C 427 -9.12 16.27 65.00
C LEU C 427 -9.16 17.51 65.89
N ASP C 428 -9.99 17.50 66.94
CA ASP C 428 -10.06 18.66 67.81
C ASP C 428 -8.73 18.94 68.47
N SER C 429 -7.91 17.91 68.67
CA SER C 429 -6.61 18.11 69.32
C SER C 429 -5.72 19.02 68.49
N LEU C 430 -5.72 18.85 67.17
CA LEU C 430 -4.87 19.65 66.31
C LEU C 430 -5.29 21.12 66.37
N THR C 431 -4.31 22.00 66.16
CA THR C 431 -4.55 23.43 66.10
C THR C 431 -3.96 23.99 64.81
N PRO C 432 -4.64 24.95 64.19
CA PRO C 432 -4.14 25.50 62.93
C PRO C 432 -3.22 26.70 63.13
N ALA C 433 -2.02 26.65 62.56
CA ALA C 433 -1.15 27.82 62.59
C ALA C 433 -1.74 28.98 61.79
N ASN C 434 -2.33 28.67 60.64
CA ASN C 434 -2.96 29.67 59.78
C ASN C 434 -4.36 29.17 59.43
N GLU C 435 -5.13 30.03 58.74
CA GLU C 435 -6.46 29.63 58.33
C GLU C 435 -6.43 28.54 57.29
N ASP C 436 -5.39 28.51 56.45
CA ASP C 436 -5.29 27.46 55.43
C ASP C 436 -5.19 26.08 56.06
N GLN C 437 -4.40 25.95 57.13
CA GLN C 437 -4.29 24.67 57.81
C GLN C 437 -5.61 24.25 58.44
N LYS C 438 -6.33 25.21 59.03
CA LYS C 438 -7.67 24.91 59.52
C LYS C 438 -8.57 24.42 58.41
N ILE C 439 -8.50 25.06 57.25
CA ILE C 439 -9.30 24.63 56.11
C ILE C 439 -8.97 23.19 55.76
N GLY C 440 -7.68 22.90 55.60
CA GLY C 440 -7.29 21.54 55.23
C GLY C 440 -7.75 20.50 56.24
N ILE C 441 -7.65 20.82 57.53
CA ILE C 441 -8.14 19.90 58.54
C ILE C 441 -9.63 19.68 58.38
N GLU C 442 -10.38 20.75 58.13
CA GLU C 442 -11.81 20.61 57.88
C GLU C 442 -12.07 19.75 56.65
N ILE C 443 -11.21 19.85 55.64
CA ILE C 443 -11.36 19.05 54.43
C ILE C 443 -11.20 17.57 54.75
N ILE C 444 -10.17 17.24 55.54
CA ILE C 444 -9.99 15.86 55.94
C ILE C 444 -11.18 15.37 56.76
N LYS C 445 -11.69 16.24 57.63
CA LYS C 445 -12.88 15.89 58.40
C LYS C 445 -14.06 15.57 57.48
N ARG C 446 -14.29 16.43 56.49
CA ARG C 446 -15.39 16.20 55.56
C ARG C 446 -15.22 14.87 54.84
N THR C 447 -14.03 14.64 54.28
CA THR C 447 -13.83 13.44 53.48
C THR C 447 -13.79 12.17 54.33
N LEU C 448 -13.59 12.29 55.64
CA LEU C 448 -13.48 11.10 56.48
C LEU C 448 -14.76 10.28 56.48
N LYS C 449 -15.91 10.86 56.12
CA LYS C 449 -17.18 10.16 56.13
C LYS C 449 -17.52 9.49 54.80
N ILE C 450 -16.74 9.75 53.75
CA ILE C 450 -17.15 9.33 52.41
C ILE C 450 -17.27 7.82 52.29
N PRO C 451 -16.35 6.99 52.80
CA PRO C 451 -16.54 5.54 52.64
C PRO C 451 -17.86 5.06 53.23
N ALA C 452 -18.27 5.59 54.37
CA ALA C 452 -19.58 5.25 54.90
C ALA C 452 -20.69 5.71 53.97
N MET C 453 -20.56 6.92 53.42
CA MET C 453 -21.53 7.40 52.44
C MET C 453 -21.70 6.38 51.33
N THR C 454 -20.59 5.92 50.76
CA THR C 454 -20.65 5.03 49.61
C THR C 454 -21.21 3.67 50.00
N ILE C 455 -20.81 3.14 51.15
CA ILE C 455 -21.36 1.86 51.57
C ILE C 455 -22.86 1.94 51.75
N ALA C 456 -23.33 3.02 52.39
CA ALA C 456 -24.76 3.20 52.56
C ALA C 456 -25.46 3.34 51.23
N LYS C 457 -24.88 4.10 50.30
CA LYS C 457 -25.49 4.24 48.98
C LYS C 457 -25.59 2.89 48.28
N ASN C 458 -24.55 2.06 48.43
CA ASN C 458 -24.61 0.71 47.87
C ASN C 458 -25.75 -0.08 48.50
N ALA C 459 -25.87 -0.02 49.83
CA ALA C 459 -27.04 -0.61 50.47
C ALA C 459 -28.32 0.11 50.09
N GLY C 460 -28.21 1.34 49.59
CA GLY C 460 -29.36 2.12 49.19
C GLY C 460 -29.91 3.02 50.26
N VAL C 461 -29.45 2.88 51.50
CA VAL C 461 -29.95 3.69 52.60
C VAL C 461 -29.33 5.08 52.54
N GLU C 462 -30.06 6.06 53.07
CA GLU C 462 -29.57 7.43 53.12
C GLU C 462 -28.33 7.52 54.00
N GLY C 463 -27.17 7.78 53.38
CA GLY C 463 -25.92 7.68 54.11
C GLY C 463 -25.80 8.68 55.25
N SER C 464 -26.21 9.92 55.00
CA SER C 464 -26.01 10.96 56.00
C SER C 464 -26.69 10.60 57.32
N LEU C 465 -27.95 10.13 57.24
CA LEU C 465 -28.65 9.75 58.46
C LEU C 465 -27.93 8.63 59.17
N ILE C 466 -27.45 7.63 58.42
CA ILE C 466 -26.77 6.49 59.02
C ILE C 466 -25.52 6.96 59.77
N VAL C 467 -24.71 7.79 59.12
CA VAL C 467 -23.47 8.24 59.77
C VAL C 467 -23.78 9.13 60.96
N GLU C 468 -24.82 9.96 60.88
CA GLU C 468 -25.22 10.74 62.05
C GLU C 468 -25.54 9.82 63.22
N LYS C 469 -26.32 8.76 62.96
CA LYS C 469 -26.62 7.81 64.02
C LYS C 469 -25.35 7.16 64.56
N ILE C 470 -24.45 6.76 63.68
CA ILE C 470 -23.25 6.06 64.10
C ILE C 470 -22.37 6.97 64.97
N MET C 471 -22.14 8.20 64.52
CA MET C 471 -21.31 9.11 65.29
C MET C 471 -21.95 9.45 66.62
N GLN C 472 -23.27 9.66 66.63
CA GLN C 472 -23.94 9.95 67.89
C GLN C 472 -23.96 8.73 68.81
N SER C 473 -23.77 7.54 68.28
CA SER C 473 -23.83 6.32 69.07
C SER C 473 -22.47 6.03 69.68
N SER C 474 -22.32 4.86 70.28
CA SER C 474 -21.09 4.49 70.97
C SER C 474 -19.96 4.25 69.98
N SER C 475 -18.79 3.94 70.51
CA SER C 475 -17.61 3.64 69.71
C SER C 475 -17.42 2.14 69.50
N GLU C 476 -18.47 1.35 69.68
CA GLU C 476 -18.41 -0.09 69.51
C GLU C 476 -19.44 -0.62 68.53
N VAL C 477 -20.54 0.09 68.31
CA VAL C 477 -21.61 -0.37 67.41
C VAL C 477 -21.57 0.44 66.13
N GLY C 478 -21.68 -0.26 65.01
CA GLY C 478 -21.71 0.37 63.70
C GLY C 478 -22.92 -0.07 62.91
N TYR C 479 -22.88 0.13 61.59
CA TYR C 479 -23.96 -0.27 60.71
C TYR C 479 -23.51 -1.42 59.82
N ASP C 480 -24.36 -2.43 59.69
CA ASP C 480 -24.11 -3.57 58.83
C ASP C 480 -24.96 -3.46 57.58
N ALA C 481 -24.34 -3.60 56.41
CA ALA C 481 -25.07 -3.55 55.17
C ALA C 481 -25.88 -4.82 54.93
N MET C 482 -25.31 -5.98 55.27
CA MET C 482 -26.03 -7.24 55.08
C MET C 482 -27.37 -7.22 55.80
N ALA C 483 -27.34 -7.06 57.12
CA ALA C 483 -28.56 -6.99 57.91
C ALA C 483 -29.25 -5.63 57.81
N GLY C 484 -28.60 -4.65 57.18
CA GLY C 484 -29.23 -3.35 56.98
C GLY C 484 -29.67 -2.70 58.28
N ASP C 485 -28.84 -2.76 59.32
CA ASP C 485 -29.21 -2.24 60.61
C ASP C 485 -27.94 -1.92 61.40
N PHE C 486 -28.12 -1.16 62.48
CA PHE C 486 -27.02 -0.82 63.36
C PHE C 486 -26.74 -1.99 64.29
N VAL C 487 -25.49 -2.45 64.30
CA VAL C 487 -25.10 -3.64 65.05
C VAL C 487 -23.74 -3.41 65.67
N ASN C 488 -23.33 -4.37 66.51
CA ASN C 488 -22.01 -4.36 67.14
C ASN C 488 -21.06 -5.19 66.28
N MET C 489 -20.18 -4.51 65.55
CA MET C 489 -19.41 -5.18 64.51
C MET C 489 -18.45 -6.21 65.08
N VAL C 490 -17.79 -5.89 66.19
CA VAL C 490 -16.62 -6.67 66.62
C VAL C 490 -17.00 -8.14 66.78
N GLU C 491 -18.07 -8.42 67.53
CA GLU C 491 -18.50 -9.81 67.69
C GLU C 491 -19.32 -10.29 66.52
N LYS C 492 -19.81 -9.39 65.67
CA LYS C 492 -20.52 -9.78 64.46
C LYS C 492 -19.60 -10.01 63.29
N GLY C 493 -18.28 -9.94 63.50
CA GLY C 493 -17.34 -10.28 62.45
C GLY C 493 -17.41 -9.37 61.24
N ILE C 494 -17.64 -8.09 61.45
CA ILE C 494 -17.65 -7.10 60.38
C ILE C 494 -16.49 -6.16 60.66
N ILE C 495 -15.32 -6.50 60.13
CA ILE C 495 -14.06 -5.86 60.46
C ILE C 495 -13.24 -5.71 59.18
N ASP C 496 -12.03 -5.15 59.33
CA ASP C 496 -11.07 -5.08 58.24
C ASP C 496 -9.70 -4.85 58.83
N PRO C 497 -8.65 -5.46 58.29
CA PRO C 497 -7.32 -5.29 58.88
C PRO C 497 -6.90 -3.83 58.86
N THR C 498 -6.24 -3.42 59.94
CA THR C 498 -5.84 -2.03 60.10
C THR C 498 -4.84 -1.60 59.03
N LYS C 499 -3.91 -2.47 58.68
CA LYS C 499 -2.86 -2.09 57.73
C LYS C 499 -3.45 -1.61 56.41
N VAL C 500 -4.50 -2.29 55.93
CA VAL C 500 -5.12 -1.88 54.68
C VAL C 500 -5.65 -0.46 54.80
N VAL C 501 -6.33 -0.16 55.89
CA VAL C 501 -6.89 1.17 56.07
C VAL C 501 -5.77 2.21 56.12
N ARG C 502 -4.71 1.93 56.88
CA ARG C 502 -3.61 2.87 56.96
C ARG C 502 -3.01 3.13 55.58
N THR C 503 -2.73 2.07 54.84
CA THR C 503 -2.12 2.23 53.52
C THR C 503 -3.02 3.02 52.59
N ALA C 504 -4.31 2.68 52.56
CA ALA C 504 -5.23 3.37 51.67
C ALA C 504 -5.32 4.86 52.04
N LEU C 505 -5.44 5.16 53.33
CA LEU C 505 -5.52 6.56 53.74
C LEU C 505 -4.27 7.32 53.34
N LEU C 506 -3.10 6.76 53.61
CA LEU C 506 -1.86 7.45 53.29
C LEU C 506 -1.75 7.69 51.79
N ASP C 507 -2.00 6.66 50.99
CA ASP C 507 -1.87 6.80 49.55
C ASP C 507 -2.86 7.80 48.99
N ALA C 508 -4.11 7.75 49.46
CA ALA C 508 -5.11 8.69 48.99
C ALA C 508 -4.70 10.11 49.33
N ALA C 509 -4.22 10.33 50.55
CA ALA C 509 -3.77 11.68 50.92
C ALA C 509 -2.65 12.13 50.01
N GLY C 510 -1.67 11.26 49.79
CA GLY C 510 -0.53 11.64 48.96
C GLY C 510 -0.93 12.00 47.54
N VAL C 511 -1.75 11.16 46.92
CA VAL C 511 -2.12 11.39 45.53
C VAL C 511 -3.02 12.62 45.42
N ALA C 512 -3.93 12.81 46.37
CA ALA C 512 -4.78 14.01 46.33
C ALA C 512 -3.96 15.27 46.48
N SER C 513 -2.97 15.26 47.39
CA SER C 513 -2.09 16.41 47.54
C SER C 513 -1.31 16.66 46.26
N LEU C 514 -0.77 15.60 45.66
CA LEU C 514 -0.02 15.76 44.42
C LEU C 514 -0.91 16.36 43.33
N LEU C 515 -2.14 15.89 43.23
CA LEU C 515 -3.06 16.42 42.23
C LEU C 515 -3.37 17.89 42.48
N THR C 516 -3.74 18.24 43.71
CA THR C 516 -4.14 19.60 44.00
C THR C 516 -2.98 20.58 44.05
N THR C 517 -1.74 20.09 44.11
CA THR C 517 -0.58 20.97 44.13
C THR C 517 0.10 21.10 42.77
N ALA C 518 -0.18 20.20 41.84
CA ALA C 518 0.44 20.29 40.53
C ALA C 518 0.06 21.59 39.85
N GLU C 519 1.02 22.20 39.15
CA GLU C 519 0.83 23.50 38.52
C GLU C 519 0.80 23.44 37.01
N VAL C 520 1.66 22.64 36.38
CA VAL C 520 1.82 22.63 34.94
C VAL C 520 1.78 21.21 34.42
N VAL C 521 1.08 21.01 33.30
CA VAL C 521 0.87 19.70 32.71
C VAL C 521 1.30 19.76 31.26
N VAL C 522 2.06 18.77 30.82
CA VAL C 522 2.55 18.69 29.46
C VAL C 522 2.03 17.40 28.84
N THR C 523 1.45 17.51 27.65
CA THR C 523 0.92 16.36 26.94
C THR C 523 1.12 16.56 25.44
N GLU C 524 1.51 15.49 24.76
CA GLU C 524 1.76 15.57 23.33
C GLU C 524 0.46 15.76 22.56
N ILE C 525 0.52 16.57 21.51
CA ILE C 525 -0.66 16.80 20.67
C ILE C 525 -1.01 15.49 19.96
N PRO C 526 -2.31 15.16 19.81
CA PRO C 526 -2.65 13.95 19.05
C PRO C 526 -2.30 14.05 17.58
N SER D 2 -7.19 0.61 25.27
CA SER D 2 -7.62 1.70 24.40
C SER D 2 -8.59 2.62 25.17
N ALA D 3 -8.93 3.74 24.55
CA ALA D 3 -9.85 4.69 25.18
C ALA D 3 -11.23 4.08 25.30
N LYS D 4 -11.89 4.34 26.43
CA LYS D 4 -13.19 3.77 26.72
C LYS D 4 -14.16 4.87 27.13
N ASP D 5 -15.43 4.68 26.78
CA ASP D 5 -16.51 5.55 27.21
C ASP D 5 -17.37 4.82 28.24
N VAL D 6 -18.03 5.60 29.09
CA VAL D 6 -18.84 5.06 30.17
C VAL D 6 -20.19 5.76 30.18
N LYS D 7 -21.16 5.11 30.82
CA LYS D 7 -22.48 5.68 31.06
C LYS D 7 -22.98 5.19 32.40
N PHE D 8 -23.83 6.00 33.04
CA PHE D 8 -24.21 5.81 34.43
C PHE D 8 -25.70 5.58 34.56
N GLY D 9 -26.07 4.57 35.35
CA GLY D 9 -27.43 4.45 35.82
C GLY D 9 -28.45 4.36 34.70
N ALA D 10 -29.57 5.07 34.90
CA ALA D 10 -30.69 4.97 33.98
C ALA D 10 -30.28 5.33 32.55
N ASP D 11 -29.31 6.22 32.38
CA ASP D 11 -28.87 6.57 31.03
C ASP D 11 -28.31 5.35 30.31
N ALA D 12 -27.43 4.60 30.97
CA ALA D 12 -26.91 3.38 30.37
C ALA D 12 -28.00 2.33 30.22
N ARG D 13 -28.84 2.18 31.24
CA ARG D 13 -29.87 1.15 31.21
C ARG D 13 -30.90 1.40 30.12
N ALA D 14 -31.10 2.64 29.70
CA ALA D 14 -32.04 2.92 28.61
C ALA D 14 -31.49 2.37 27.30
N LEU D 15 -30.22 2.64 27.00
CA LEU D 15 -29.60 2.04 25.83
C LEU D 15 -29.64 0.51 25.92
N MET D 16 -29.38 -0.02 27.12
CA MET D 16 -29.42 -1.47 27.31
C MET D 16 -30.80 -2.04 27.00
N LEU D 17 -31.85 -1.39 27.51
CA LEU D 17 -33.21 -1.84 27.26
C LEU D 17 -33.54 -1.77 25.78
N GLN D 18 -33.13 -0.68 25.12
CA GLN D 18 -33.35 -0.58 23.68
C GLN D 18 -32.70 -1.75 22.96
N GLY D 19 -31.45 -2.07 23.35
CA GLY D 19 -30.76 -3.16 22.71
C GLY D 19 -31.48 -4.49 22.89
N VAL D 20 -31.89 -4.80 24.12
CA VAL D 20 -32.54 -6.09 24.37
C VAL D 20 -33.91 -6.14 23.69
N ASP D 21 -34.55 -4.98 23.52
CA ASP D 21 -35.88 -4.97 22.93
C ASP D 21 -35.87 -5.51 21.51
N LEU D 22 -34.85 -5.14 20.73
CA LEU D 22 -34.78 -5.61 19.35
C LEU D 22 -34.68 -7.13 19.30
N LEU D 23 -33.80 -7.71 20.13
CA LEU D 23 -33.67 -9.15 20.16
C LEU D 23 -34.97 -9.82 20.61
N ALA D 24 -35.62 -9.25 21.62
CA ALA D 24 -36.87 -9.83 22.10
C ALA D 24 -37.92 -9.81 21.00
N ASP D 25 -38.05 -8.69 20.29
CA ASP D 25 -39.01 -8.62 19.19
C ASP D 25 -38.67 -9.62 18.12
N ALA D 26 -37.38 -9.76 17.79
CA ALA D 26 -36.98 -10.67 16.73
C ALA D 26 -37.34 -12.11 17.08
N VAL D 27 -37.10 -12.51 18.33
CA VAL D 27 -37.29 -13.91 18.70
C VAL D 27 -38.71 -14.22 19.18
N ALA D 28 -39.51 -13.20 19.49
CA ALA D 28 -40.85 -13.46 20.02
C ALA D 28 -41.72 -14.20 19.02
N VAL D 29 -41.50 -13.96 17.72
CA VAL D 29 -42.37 -14.53 16.69
C VAL D 29 -41.90 -15.90 16.23
N THR D 30 -40.82 -16.43 16.81
CA THR D 30 -40.26 -17.72 16.40
C THR D 30 -40.64 -18.84 17.35
N MET D 31 -41.77 -18.71 18.03
CA MET D 31 -42.18 -19.67 19.06
C MET D 31 -43.64 -20.06 18.85
N GLY D 32 -43.96 -21.27 19.31
CA GLY D 32 -45.29 -21.79 19.19
C GLY D 32 -45.49 -22.50 17.86
N PRO D 33 -46.41 -23.46 17.81
CA PRO D 33 -46.67 -24.15 16.53
C PRO D 33 -47.09 -23.19 15.43
N LYS D 34 -47.75 -22.09 15.77
CA LYS D 34 -48.08 -21.05 14.82
C LYS D 34 -46.96 -20.04 14.67
N GLY D 35 -45.73 -20.39 15.06
CA GLY D 35 -44.60 -19.50 14.93
C GLY D 35 -44.38 -19.04 13.51
N ARG D 36 -44.16 -17.74 13.33
CA ARG D 36 -43.97 -17.17 12.00
C ARG D 36 -42.54 -17.44 11.55
N THR D 37 -42.13 -16.81 10.45
CA THR D 37 -40.84 -17.09 9.82
C THR D 37 -39.94 -15.87 9.89
N VAL D 38 -38.64 -16.13 9.86
CA VAL D 38 -37.61 -15.09 9.84
C VAL D 38 -36.70 -15.35 8.66
N ILE D 39 -36.44 -14.31 7.87
CA ILE D 39 -35.58 -14.40 6.70
C ILE D 39 -34.21 -13.88 7.12
N ILE D 40 -33.26 -14.79 7.32
CA ILE D 40 -31.91 -14.42 7.72
C ILE D 40 -31.06 -14.30 6.47
N GLU D 41 -30.44 -13.14 6.29
CA GLU D 41 -29.66 -12.88 5.09
C GLU D 41 -28.34 -13.64 5.12
N GLN D 42 -27.90 -14.08 3.95
CA GLN D 42 -26.61 -14.74 3.78
C GLN D 42 -25.84 -14.01 2.69
N SER D 43 -24.67 -13.46 3.04
CA SER D 43 -23.91 -12.67 2.10
C SER D 43 -23.36 -13.50 0.95
N TRP D 44 -23.21 -14.81 1.12
CA TRP D 44 -22.62 -15.65 0.08
C TRP D 44 -23.64 -16.28 -0.84
N GLY D 45 -24.80 -16.67 -0.32
CA GLY D 45 -25.79 -17.34 -1.14
C GLY D 45 -27.19 -16.81 -0.92
N SER D 46 -28.19 -17.61 -1.27
CA SER D 46 -29.56 -17.19 -1.10
C SER D 46 -29.92 -17.10 0.38
N PRO D 47 -30.90 -16.29 0.73
CA PRO D 47 -31.30 -16.20 2.14
C PRO D 47 -31.79 -17.53 2.67
N LYS D 48 -31.59 -17.73 3.96
CA LYS D 48 -32.11 -18.90 4.66
C LYS D 48 -33.40 -18.52 5.38
N VAL D 49 -34.43 -19.32 5.19
CA VAL D 49 -35.71 -19.11 5.85
C VAL D 49 -35.76 -20.01 7.08
N THR D 50 -36.14 -19.43 8.21
CA THR D 50 -36.11 -20.16 9.47
C THR D 50 -37.18 -19.64 10.41
N LYS D 51 -37.55 -20.47 11.38
CA LYS D 51 -38.48 -20.07 12.42
C LYS D 51 -38.04 -20.55 13.80
N ASP D 52 -36.77 -20.94 13.94
CA ASP D 52 -36.26 -21.48 15.20
C ASP D 52 -35.67 -20.35 16.04
N GLY D 53 -36.03 -20.33 17.32
CA GLY D 53 -35.60 -19.25 18.20
C GLY D 53 -34.09 -19.19 18.38
N VAL D 54 -33.46 -20.35 18.57
CA VAL D 54 -32.02 -20.37 18.85
C VAL D 54 -31.25 -19.78 17.67
N THR D 55 -31.64 -20.13 16.45
CA THR D 55 -30.94 -19.61 15.27
C THR D 55 -31.06 -18.09 15.20
N VAL D 56 -32.27 -17.57 15.36
CA VAL D 56 -32.45 -16.12 15.33
C VAL D 56 -31.62 -15.46 16.43
N ALA D 57 -31.62 -16.05 17.62
CA ALA D 57 -30.86 -15.47 18.72
C ALA D 57 -29.38 -15.39 18.38
N LYS D 58 -28.79 -16.52 17.98
CA LYS D 58 -27.37 -16.53 17.63
C LYS D 58 -27.07 -15.72 16.38
N SER D 59 -28.09 -15.34 15.62
CA SER D 59 -27.86 -14.63 14.37
C SER D 59 -27.58 -13.15 14.59
N ILE D 60 -28.53 -12.43 15.18
CA ILE D 60 -28.46 -10.97 15.15
C ILE D 60 -27.31 -10.48 16.02
N ASP D 61 -26.83 -9.29 15.68
CA ASP D 61 -25.71 -8.67 16.39
C ASP D 61 -25.80 -7.17 16.12
N LEU D 62 -26.08 -6.39 17.16
CA LEU D 62 -26.37 -4.98 16.97
C LEU D 62 -25.09 -4.20 16.66
N LYS D 63 -25.29 -2.94 16.26
CA LYS D 63 -24.19 -2.06 15.89
C LYS D 63 -23.73 -1.21 17.08
N ASP D 64 -24.64 -0.44 17.67
CA ASP D 64 -24.28 0.39 18.81
C ASP D 64 -23.70 -0.46 19.92
N LYS D 65 -22.63 0.04 20.55
CA LYS D 65 -21.90 -0.78 21.51
C LYS D 65 -22.78 -1.20 22.68
N TYR D 66 -23.58 -0.28 23.21
CA TYR D 66 -24.43 -0.61 24.35
C TYR D 66 -25.52 -1.59 23.96
N LYS D 67 -26.17 -1.33 22.82
CA LYS D 67 -27.20 -2.26 22.36
C LYS D 67 -26.60 -3.62 22.04
N ASN D 68 -25.42 -3.62 21.41
CA ASN D 68 -24.76 -4.88 21.11
C ASN D 68 -24.40 -5.64 22.38
N ILE D 69 -23.91 -4.94 23.40
CA ILE D 69 -23.51 -5.63 24.62
C ILE D 69 -24.73 -6.20 25.33
N GLY D 70 -25.85 -5.48 25.31
CA GLY D 70 -27.07 -6.03 25.87
C GLY D 70 -27.53 -7.28 25.12
N ALA D 71 -27.55 -7.22 23.80
CA ALA D 71 -27.94 -8.38 23.02
C ALA D 71 -27.02 -9.56 23.32
N LYS D 72 -25.71 -9.31 23.41
CA LYS D 72 -24.77 -10.39 23.65
C LYS D 72 -24.98 -11.01 25.03
N LEU D 73 -25.17 -10.18 26.06
CA LEU D 73 -25.31 -10.73 27.40
C LEU D 73 -26.63 -11.49 27.53
N VAL D 74 -27.64 -11.13 26.75
CA VAL D 74 -28.85 -11.96 26.72
C VAL D 74 -28.57 -13.27 26.00
N GLN D 75 -27.96 -13.18 24.82
CA GLN D 75 -27.83 -14.34 23.94
C GLN D 75 -26.95 -15.41 24.56
N ASP D 76 -25.78 -15.01 25.05
CA ASP D 76 -24.83 -16.01 25.54
C ASP D 76 -25.47 -16.88 26.62
N VAL D 77 -26.04 -16.26 27.64
CA VAL D 77 -26.60 -17.02 28.75
C VAL D 77 -27.82 -17.81 28.28
N ALA D 78 -28.75 -17.14 27.57
CA ALA D 78 -29.97 -17.84 27.18
C ALA D 78 -29.66 -19.07 26.34
N ASN D 79 -28.71 -18.95 25.41
CA ASN D 79 -28.37 -20.08 24.55
C ASN D 79 -27.60 -21.16 25.31
N ASN D 80 -26.60 -20.75 26.10
CA ASN D 80 -25.70 -21.73 26.67
C ASN D 80 -26.34 -22.47 27.84
N THR D 81 -26.90 -21.75 28.81
CA THR D 81 -27.49 -22.43 29.95
C THR D 81 -28.74 -23.21 29.55
N ASN D 82 -29.43 -22.78 28.50
CA ASN D 82 -30.65 -23.43 28.02
C ASN D 82 -30.53 -23.66 26.52
N GLU D 83 -30.17 -24.89 26.14
CA GLU D 83 -30.06 -25.26 24.74
C GLU D 83 -30.76 -26.57 24.41
N GLU D 84 -31.38 -27.23 25.39
CA GLU D 84 -32.01 -28.52 25.14
C GLU D 84 -33.20 -28.38 24.20
N ALA D 85 -34.10 -27.45 24.50
CA ALA D 85 -35.30 -27.23 23.72
C ALA D 85 -35.32 -25.83 23.15
N GLY D 86 -35.77 -25.71 21.90
CA GLY D 86 -35.80 -24.41 21.26
C GLY D 86 -36.71 -23.43 21.95
N ASP D 87 -37.92 -23.89 22.31
CA ASP D 87 -38.89 -22.98 22.92
C ASP D 87 -38.37 -22.40 24.23
N GLY D 88 -37.53 -23.16 24.95
CA GLY D 88 -37.04 -22.68 26.23
C GLY D 88 -36.26 -21.39 26.11
N THR D 89 -35.35 -21.32 25.14
CA THR D 89 -34.52 -20.13 24.98
C THR D 89 -35.37 -18.91 24.66
N THR D 90 -36.30 -19.05 23.72
CA THR D 90 -37.14 -17.91 23.35
C THR D 90 -38.04 -17.48 24.50
N THR D 91 -38.61 -18.45 25.24
CA THR D 91 -39.39 -18.08 26.41
C THR D 91 -38.54 -17.32 27.41
N ALA D 92 -37.31 -17.79 27.64
CA ALA D 92 -36.43 -17.09 28.55
C ALA D 92 -36.17 -15.67 28.08
N THR D 93 -35.91 -15.51 26.78
CA THR D 93 -35.61 -14.17 26.26
C THR D 93 -36.80 -13.24 26.42
N VAL D 94 -38.00 -13.70 26.05
CA VAL D 94 -39.17 -12.83 26.14
C VAL D 94 -39.46 -12.48 27.59
N LEU D 95 -39.42 -13.48 28.47
CA LEU D 95 -39.67 -13.20 29.88
C LEU D 95 -38.66 -12.21 30.44
N ALA D 96 -37.37 -12.41 30.11
CA ALA D 96 -36.35 -11.51 30.62
C ALA D 96 -36.58 -10.08 30.13
N ARG D 97 -36.94 -9.93 28.85
CA ARG D 97 -37.21 -8.59 28.35
C ARG D 97 -38.38 -7.96 29.11
N SER D 98 -39.44 -8.73 29.33
CA SER D 98 -40.58 -8.20 30.07
C SER D 98 -40.16 -7.74 31.45
N ILE D 99 -39.40 -8.59 32.16
CA ILE D 99 -38.98 -8.25 33.52
C ILE D 99 -38.15 -6.99 33.51
N ALA D 100 -37.16 -6.92 32.61
CA ALA D 100 -36.28 -5.76 32.58
C ALA D 100 -37.05 -4.49 32.28
N LYS D 101 -37.95 -4.55 31.31
CA LYS D 101 -38.71 -3.36 30.95
C LYS D 101 -39.56 -2.88 32.13
N GLU D 102 -40.32 -3.80 32.73
CA GLU D 102 -41.17 -3.41 33.85
C GLU D 102 -40.35 -2.89 35.02
N GLY D 103 -39.24 -3.57 35.33
CA GLY D 103 -38.42 -3.15 36.45
C GLY D 103 -37.80 -1.79 36.25
N PHE D 104 -37.28 -1.53 35.06
CA PHE D 104 -36.72 -0.20 34.78
C PHE D 104 -37.81 0.85 34.84
N GLU D 105 -38.99 0.55 34.30
CA GLU D 105 -40.08 1.51 34.36
C GLU D 105 -40.43 1.86 35.79
N LYS D 106 -40.48 0.84 36.67
CA LYS D 106 -40.79 1.10 38.07
C LYS D 106 -39.66 1.88 38.75
N ILE D 107 -38.41 1.45 38.54
CA ILE D 107 -37.28 2.11 39.18
C ILE D 107 -37.20 3.57 38.74
N SER D 108 -37.71 3.88 37.55
CA SER D 108 -37.80 5.28 37.15
C SER D 108 -38.60 6.09 38.17
N LYS D 109 -39.52 5.43 38.89
CA LYS D 109 -40.23 6.08 39.99
C LYS D 109 -39.54 5.82 41.33
N GLY D 110 -38.22 6.05 41.35
CA GLY D 110 -37.48 6.06 42.61
C GLY D 110 -37.64 4.83 43.47
N ALA D 111 -37.58 3.64 42.87
CA ALA D 111 -37.69 2.40 43.61
C ALA D 111 -36.30 1.84 43.87
N ASN D 112 -36.13 1.24 45.03
CA ASN D 112 -34.83 0.69 45.40
C ASN D 112 -34.56 -0.57 44.57
N PRO D 113 -33.55 -0.58 43.69
CA PRO D 113 -33.36 -1.75 42.84
C PRO D 113 -33.13 -3.04 43.60
N VAL D 114 -32.42 -2.98 44.72
CA VAL D 114 -32.09 -4.21 45.44
C VAL D 114 -33.34 -4.86 46.00
N GLU D 115 -34.26 -4.07 46.56
CA GLU D 115 -35.48 -4.65 47.11
C GLU D 115 -36.41 -5.12 45.99
N ILE D 116 -36.43 -4.41 44.86
CA ILE D 116 -37.17 -4.90 43.71
C ILE D 116 -36.66 -6.27 43.31
N ARG D 117 -35.34 -6.43 43.25
CA ARG D 117 -34.75 -7.72 42.93
C ARG D 117 -35.11 -8.76 43.98
N ARG D 118 -35.12 -8.38 45.25
CA ARG D 118 -35.47 -9.33 46.30
C ARG D 118 -36.89 -9.84 46.12
N GLY D 119 -37.84 -8.94 45.87
CA GLY D 119 -39.20 -9.36 45.62
C GLY D 119 -39.30 -10.24 44.39
N VAL D 120 -38.57 -9.88 43.32
CA VAL D 120 -38.58 -10.69 42.11
C VAL D 120 -38.09 -12.10 42.41
N MET D 121 -37.00 -12.21 43.15
CA MET D 121 -36.43 -13.53 43.44
C MET D 121 -37.36 -14.34 44.32
N LEU D 122 -38.00 -13.70 45.30
CA LEU D 122 -38.95 -14.43 46.13
C LEU D 122 -40.13 -14.94 45.30
N ALA D 123 -40.62 -14.10 44.39
CA ALA D 123 -41.70 -14.55 43.52
C ALA D 123 -41.26 -15.72 42.65
N VAL D 124 -40.04 -15.66 42.13
CA VAL D 124 -39.53 -16.73 41.29
C VAL D 124 -39.42 -18.02 42.09
N ASP D 125 -38.95 -17.93 43.33
CA ASP D 125 -38.88 -19.10 44.19
C ASP D 125 -40.27 -19.68 44.44
N ALA D 126 -41.25 -18.80 44.69
CA ALA D 126 -42.61 -19.27 44.91
C ALA D 126 -43.13 -20.03 43.69
N VAL D 127 -42.92 -19.46 42.50
CA VAL D 127 -43.47 -20.09 41.29
C VAL D 127 -42.76 -21.41 41.00
N ILE D 128 -41.44 -21.47 41.21
CA ILE D 128 -40.74 -22.72 40.95
C ILE D 128 -41.19 -23.79 41.94
N ALA D 129 -41.39 -23.41 43.21
CA ALA D 129 -41.91 -24.38 44.18
C ALA D 129 -43.30 -24.86 43.75
N GLU D 130 -44.15 -23.94 43.31
CA GLU D 130 -45.49 -24.34 42.87
C GLU D 130 -45.41 -25.31 41.69
N LEU D 131 -44.56 -25.00 40.71
CA LEU D 131 -44.42 -25.88 39.56
C LEU D 131 -43.94 -27.27 39.97
N LYS D 132 -42.92 -27.32 40.83
CA LYS D 132 -42.49 -28.61 41.35
C LYS D 132 -43.62 -29.34 42.04
N LYS D 133 -44.50 -28.59 42.71
CA LYS D 133 -45.63 -29.21 43.40
C LYS D 133 -46.61 -29.83 42.41
N GLN D 134 -47.02 -29.07 41.39
CA GLN D 134 -48.09 -29.49 40.49
C GLN D 134 -47.58 -30.12 39.21
N SER D 135 -46.37 -30.67 39.21
CA SER D 135 -45.83 -31.36 38.05
C SER D 135 -45.98 -32.86 38.24
N LYS D 136 -46.73 -33.51 37.35
CA LYS D 136 -46.85 -34.95 37.42
C LYS D 136 -45.63 -35.61 36.79
N PRO D 137 -45.17 -36.73 37.33
CA PRO D 137 -44.01 -37.42 36.76
C PRO D 137 -44.43 -38.50 35.77
N VAL D 138 -43.42 -39.08 35.13
CA VAL D 138 -43.60 -40.23 34.25
C VAL D 138 -42.73 -41.37 34.77
N THR D 139 -43.35 -42.51 35.01
CA THR D 139 -42.62 -43.67 35.50
C THR D 139 -43.07 -44.99 34.88
N THR D 140 -43.99 -44.96 33.91
CA THR D 140 -44.49 -46.18 33.30
C THR D 140 -44.12 -46.23 31.83
N PRO D 141 -43.67 -47.38 31.32
CA PRO D 141 -43.35 -47.45 29.89
C PRO D 141 -44.51 -47.07 29.00
N GLU D 142 -45.75 -47.33 29.42
CA GLU D 142 -46.89 -46.84 28.65
C GLU D 142 -46.87 -45.33 28.56
N GLU D 143 -46.66 -44.66 29.69
CA GLU D 143 -46.57 -43.20 29.67
C GLU D 143 -45.33 -42.74 28.90
N ILE D 144 -44.25 -43.50 28.95
CA ILE D 144 -43.06 -43.15 28.17
C ILE D 144 -43.41 -43.15 26.68
N ALA D 145 -44.11 -44.18 26.23
CA ALA D 145 -44.52 -44.23 24.83
C ALA D 145 -45.47 -43.09 24.51
N GLN D 146 -46.42 -42.80 25.40
CA GLN D 146 -47.36 -41.72 25.15
C GLN D 146 -46.63 -40.40 24.96
N VAL D 147 -45.71 -40.08 25.87
CA VAL D 147 -45.00 -38.81 25.79
C VAL D 147 -44.06 -38.80 24.58
N ALA D 148 -43.43 -39.93 24.26
CA ALA D 148 -42.56 -39.97 23.09
C ALA D 148 -43.35 -39.71 21.81
N THR D 149 -44.52 -40.33 21.68
CA THR D 149 -45.36 -40.07 20.52
C THR D 149 -45.79 -38.62 20.48
N ILE D 150 -46.16 -38.06 21.64
CA ILE D 150 -46.54 -36.65 21.70
C ILE D 150 -45.41 -35.78 21.19
N SER D 151 -44.19 -36.04 21.66
CA SER D 151 -43.02 -35.31 21.17
C SER D 151 -42.81 -35.57 19.68
N ALA D 152 -43.11 -36.78 19.22
CA ALA D 152 -42.96 -37.14 17.82
C ALA D 152 -44.13 -36.67 16.97
N ASN D 153 -44.93 -35.74 17.47
CA ASN D 153 -46.08 -35.20 16.72
C ASN D 153 -47.06 -36.31 16.37
N GLY D 154 -47.25 -37.25 17.30
CA GLY D 154 -48.18 -38.33 17.12
C GLY D 154 -47.65 -39.54 16.39
N ASP D 155 -46.39 -39.51 15.96
CA ASP D 155 -45.81 -40.66 15.29
C ASP D 155 -45.71 -41.83 16.26
N LYS D 156 -46.25 -42.98 15.85
CA LYS D 156 -46.33 -44.11 16.76
C LYS D 156 -45.01 -44.88 16.83
N GLU D 157 -44.44 -45.21 15.67
CA GLU D 157 -43.27 -46.09 15.65
C GLU D 157 -42.07 -45.45 16.32
N ILE D 158 -41.88 -44.14 16.12
CA ILE D 158 -40.76 -43.46 16.76
C ILE D 158 -40.87 -43.59 18.27
N GLY D 159 -42.04 -43.28 18.82
CA GLY D 159 -42.23 -43.41 20.25
C GLY D 159 -42.10 -44.85 20.72
N ASN D 160 -42.54 -45.80 19.90
CA ASN D 160 -42.43 -47.20 20.25
C ASN D 160 -40.97 -47.60 20.43
N ILE D 161 -40.14 -47.29 19.43
CA ILE D 161 -38.72 -47.64 19.54
C ILE D 161 -38.07 -46.84 20.66
N ILE D 162 -38.52 -45.61 20.90
CA ILE D 162 -37.96 -44.81 21.98
C ILE D 162 -38.22 -45.48 23.32
N SER D 163 -39.46 -45.91 23.55
CA SER D 163 -39.79 -46.60 24.78
C SER D 163 -39.04 -47.92 24.88
N ASP D 164 -38.89 -48.62 23.76
CA ASP D 164 -38.14 -49.87 23.78
C ASP D 164 -36.71 -49.62 24.26
N ALA D 165 -36.05 -48.62 23.68
CA ALA D 165 -34.68 -48.30 24.10
C ALA D 165 -34.64 -47.89 25.56
N MET D 166 -35.58 -47.04 25.97
CA MET D 166 -35.57 -46.54 27.35
C MET D 166 -35.71 -47.68 28.34
N LYS D 167 -36.66 -48.58 28.10
CA LYS D 167 -36.89 -49.70 29.01
C LYS D 167 -35.86 -50.81 28.84
N LYS D 168 -35.09 -50.80 27.76
CA LYS D 168 -34.07 -51.81 27.55
C LYS D 168 -32.73 -51.43 28.18
N VAL D 169 -32.34 -50.16 28.08
CA VAL D 169 -31.07 -49.72 28.65
C VAL D 169 -31.26 -49.22 30.08
N GLY D 170 -32.26 -48.39 30.31
CA GLY D 170 -32.53 -47.89 31.64
C GLY D 170 -33.03 -46.45 31.59
N ARG D 171 -33.52 -46.00 32.73
CA ARG D 171 -34.01 -44.62 32.84
C ARG D 171 -32.89 -43.64 32.52
N LYS D 172 -31.68 -43.92 32.99
CA LYS D 172 -30.51 -43.11 32.68
C LYS D 172 -29.57 -43.83 31.71
N GLY D 173 -30.15 -44.65 30.82
CA GLY D 173 -29.34 -45.29 29.80
C GLY D 173 -28.90 -44.30 28.73
N VAL D 174 -27.80 -44.65 28.08
CA VAL D 174 -27.20 -43.81 27.04
C VAL D 174 -27.78 -44.23 25.70
N ILE D 175 -28.43 -43.30 25.01
CA ILE D 175 -29.11 -43.56 23.75
C ILE D 175 -28.57 -42.60 22.71
N THR D 176 -28.25 -43.13 21.53
CA THR D 176 -27.82 -42.32 20.39
C THR D 176 -28.49 -42.86 19.12
N VAL D 177 -28.22 -42.19 18.01
CA VAL D 177 -28.86 -42.51 16.74
C VAL D 177 -27.79 -42.76 15.68
N LYS D 178 -28.16 -43.54 14.66
CA LYS D 178 -27.27 -43.87 13.57
C LYS D 178 -28.08 -44.06 12.31
N ASP D 179 -27.41 -43.93 11.16
CA ASP D 179 -28.04 -44.18 9.89
C ASP D 179 -28.33 -45.67 9.74
N GLY D 180 -29.60 -46.02 9.55
CA GLY D 180 -29.99 -47.42 9.49
C GLY D 180 -29.79 -48.06 8.13
N LYS D 181 -29.61 -47.27 7.08
CA LYS D 181 -29.40 -47.76 5.72
C LYS D 181 -30.34 -48.93 5.41
N THR D 182 -31.58 -48.85 5.88
CA THR D 182 -32.60 -49.85 5.59
C THR D 182 -33.94 -49.12 5.46
N LEU D 183 -35.02 -49.89 5.41
CA LEU D 183 -36.36 -49.33 5.22
C LEU D 183 -37.11 -49.12 6.52
N ASN D 184 -36.80 -49.87 7.57
CA ASN D 184 -37.49 -49.76 8.85
C ASN D 184 -36.47 -49.55 9.95
N ASP D 185 -36.74 -48.58 10.82
CA ASP D 185 -35.83 -48.25 11.91
C ASP D 185 -35.70 -49.44 12.86
N GLU D 186 -34.46 -49.75 13.26
CA GLU D 186 -34.21 -50.88 14.13
C GLU D 186 -33.40 -50.44 15.34
N LEU D 187 -33.31 -51.34 16.32
CA LEU D 187 -32.64 -51.09 17.58
C LEU D 187 -31.64 -52.19 17.86
N GLU D 188 -30.52 -51.82 18.49
CA GLU D 188 -29.53 -52.81 18.90
C GLU D 188 -28.84 -52.32 20.17
N ILE D 189 -28.30 -53.27 20.91
CA ILE D 189 -27.55 -53.02 22.13
C ILE D 189 -26.09 -53.29 21.83
N ILE D 190 -25.23 -52.32 22.12
CA ILE D 190 -23.80 -52.48 21.92
C ILE D 190 -23.07 -51.91 23.13
N GLU D 191 -21.88 -52.44 23.38
CA GLU D 191 -21.09 -51.98 24.51
C GLU D 191 -20.46 -50.63 24.19
N GLY D 192 -20.51 -49.72 25.18
CA GLY D 192 -19.94 -48.40 25.00
C GLY D 192 -19.92 -47.67 26.33
N MET D 193 -19.44 -46.43 26.27
CA MET D 193 -19.34 -45.60 27.46
C MET D 193 -19.41 -44.14 27.06
N LYS D 194 -19.91 -43.32 27.98
CA LYS D 194 -20.01 -41.88 27.78
C LYS D 194 -19.49 -41.17 29.02
N PHE D 195 -18.96 -39.96 28.82
CA PHE D 195 -18.56 -39.11 29.93
C PHE D 195 -18.68 -37.65 29.52
N ASP D 196 -18.71 -36.79 30.51
CA ASP D 196 -18.99 -35.36 30.32
C ASP D 196 -17.71 -34.55 30.08
N ARG D 197 -16.89 -34.99 29.13
CA ARG D 197 -15.70 -34.24 28.72
C ARG D 197 -15.75 -34.06 27.21
N GLY D 198 -15.74 -32.82 26.76
CA GLY D 198 -15.79 -32.50 25.36
C GLY D 198 -14.42 -32.19 24.78
N TYR D 199 -14.43 -31.77 23.52
CA TYR D 199 -13.21 -31.36 22.85
C TYR D 199 -12.63 -30.12 23.53
N ILE D 200 -11.31 -30.07 23.62
CA ILE D 200 -10.66 -28.88 24.16
C ILE D 200 -10.86 -27.70 23.22
N SER D 201 -10.70 -27.93 21.92
CA SER D 201 -10.72 -26.87 20.92
C SER D 201 -12.01 -26.90 20.14
N PRO D 202 -12.82 -25.83 20.16
CA PRO D 202 -13.99 -25.80 19.28
C PRO D 202 -13.64 -25.83 17.80
N TYR D 203 -12.42 -25.40 17.44
CA TYR D 203 -12.01 -25.47 16.04
C TYR D 203 -11.98 -26.91 15.53
N PHE D 204 -11.76 -27.88 16.44
CA PHE D 204 -11.63 -29.28 16.05
C PHE D 204 -13.02 -29.87 15.86
N ILE D 205 -13.61 -29.56 14.71
CA ILE D 205 -14.91 -30.09 14.31
C ILE D 205 -14.66 -30.94 13.07
N ASN D 206 -14.57 -32.26 13.26
CA ASN D 206 -14.34 -33.15 12.13
C ASN D 206 -15.48 -33.07 11.13
N THR D 207 -16.71 -33.01 11.62
CA THR D 207 -17.90 -32.90 10.78
C THR D 207 -18.46 -31.49 10.96
N SER D 208 -18.10 -30.59 10.04
CA SER D 208 -18.60 -29.22 10.12
C SER D 208 -20.12 -29.20 10.05
N LYS D 209 -20.70 -30.00 9.14
CA LYS D 209 -22.15 -30.07 9.06
C LYS D 209 -22.74 -30.64 10.34
N GLY D 210 -22.11 -31.66 10.91
CA GLY D 210 -22.66 -32.33 12.08
C GLY D 210 -22.47 -31.60 13.40
N GLN D 211 -21.72 -30.49 13.41
CA GLN D 211 -21.44 -29.79 14.66
C GLN D 211 -20.85 -30.75 15.67
N LYS D 212 -20.00 -31.64 15.20
CA LYS D 212 -19.59 -32.80 15.99
C LYS D 212 -18.27 -33.33 15.44
N CYS D 213 -17.65 -34.21 16.22
CA CYS D 213 -16.47 -34.95 15.80
C CYS D 213 -16.85 -36.41 15.57
N GLU D 214 -16.44 -36.96 14.44
CA GLU D 214 -16.81 -38.31 14.04
C GLU D 214 -15.57 -39.06 13.58
N PHE D 215 -15.08 -39.97 14.43
CA PHE D 215 -14.00 -40.87 14.08
C PHE D 215 -14.43 -42.30 14.40
N GLN D 216 -13.92 -43.24 13.63
CA GLN D 216 -14.27 -44.64 13.79
C GLN D 216 -13.00 -45.47 13.97
N ASP D 217 -13.19 -46.66 14.52
CA ASP D 217 -12.15 -47.70 14.64
C ASP D 217 -10.78 -47.08 14.93
N ALA D 218 -10.70 -46.35 16.04
CA ALA D 218 -9.50 -45.62 16.42
C ALA D 218 -8.73 -46.35 17.52
N TYR D 219 -7.45 -45.98 17.65
CA TYR D 219 -6.68 -46.33 18.83
C TYR D 219 -7.00 -45.34 19.93
N VAL D 220 -6.35 -45.50 21.08
CA VAL D 220 -6.62 -44.64 22.24
C VAL D 220 -5.34 -44.49 23.05
N LEU D 221 -5.09 -43.28 23.54
CA LEU D 221 -3.94 -42.99 24.39
C LEU D 221 -4.43 -42.49 25.74
N LEU D 222 -3.95 -43.12 26.80
CA LEU D 222 -4.34 -42.78 28.17
C LEU D 222 -3.11 -42.43 28.97
N SER D 223 -3.09 -41.23 29.55
CA SER D 223 -1.98 -40.79 30.40
C SER D 223 -2.56 -40.00 31.55
N GLU D 224 -2.36 -40.50 32.78
CA GLU D 224 -2.83 -39.77 33.95
C GLU D 224 -2.16 -38.40 34.04
N LYS D 225 -0.87 -38.33 33.76
CA LYS D 225 -0.17 -37.06 33.78
C LYS D 225 -0.67 -36.16 32.67
N LYS D 226 -0.68 -34.85 32.93
CA LYS D 226 -1.04 -33.89 31.90
C LYS D 226 0.05 -33.82 30.85
N ILE D 227 -0.37 -33.68 29.59
CA ILE D 227 0.55 -33.62 28.46
C ILE D 227 0.47 -32.22 27.86
N SER D 228 0.21 -31.23 28.70
CA SER D 228 0.10 -29.86 28.22
C SER D 228 1.48 -29.32 27.88
N SER D 229 1.61 -28.76 26.67
CA SER D 229 2.86 -28.21 26.19
C SER D 229 3.93 -29.27 26.02
N ILE D 230 3.55 -30.55 26.06
CA ILE D 230 4.50 -31.65 26.04
C ILE D 230 4.49 -32.27 24.66
N GLN D 231 5.65 -32.26 24.01
CA GLN D 231 5.82 -32.87 22.70
C GLN D 231 6.24 -34.32 22.94
N SER D 232 6.69 -35.02 21.89
CA SER D 232 7.11 -36.42 21.95
C SER D 232 5.95 -37.39 21.78
N ILE D 233 4.78 -36.86 21.40
CA ILE D 233 3.67 -37.70 20.96
C ILE D 233 3.88 -38.21 19.54
N VAL D 234 4.98 -37.84 18.90
CA VAL D 234 5.19 -38.11 17.48
C VAL D 234 5.28 -39.60 17.18
N PRO D 235 5.68 -40.49 18.10
CA PRO D 235 5.54 -41.92 17.78
C PRO D 235 4.11 -42.32 17.53
N ALA D 236 3.18 -41.78 18.33
CA ALA D 236 1.77 -42.05 18.12
C ALA D 236 1.30 -41.51 16.77
N LEU D 237 1.71 -40.28 16.44
CA LEU D 237 1.35 -39.72 15.14
C LEU D 237 1.93 -40.55 14.01
N GLU D 238 3.15 -41.05 14.19
CA GLU D 238 3.78 -41.85 13.15
C GLU D 238 3.01 -43.14 12.91
N ILE D 239 2.65 -43.85 14.00
CA ILE D 239 1.90 -45.09 13.80
C ILE D 239 0.51 -44.81 13.25
N ALA D 240 -0.09 -43.68 13.64
CA ALA D 240 -1.38 -43.31 13.08
C ALA D 240 -1.29 -43.03 11.59
N ASN D 241 -0.21 -42.38 11.15
CA ASN D 241 0.02 -42.20 9.73
C ASN D 241 0.22 -43.53 9.03
N ALA D 242 0.98 -44.43 9.65
CA ALA D 242 1.22 -45.75 9.06
C ALA D 242 -0.02 -46.61 9.16
N HIS D 243 -0.47 -46.90 10.38
CA HIS D 243 -1.72 -47.60 10.59
C HIS D 243 -2.86 -46.61 10.38
N ARG D 244 -3.65 -46.82 9.32
CA ARG D 244 -4.64 -45.83 8.92
C ARG D 244 -5.72 -45.61 9.98
N LYS D 245 -5.83 -46.50 10.96
CA LYS D 245 -6.82 -46.31 12.01
C LYS D 245 -6.51 -45.04 12.78
N PRO D 246 -7.52 -44.19 13.06
CA PRO D 246 -7.26 -42.97 13.84
C PRO D 246 -6.87 -43.26 15.28
N LEU D 247 -6.64 -42.19 16.04
CA LEU D 247 -6.26 -42.31 17.45
C LEU D 247 -6.94 -41.19 18.22
N VAL D 248 -7.23 -41.47 19.49
CA VAL D 248 -7.79 -40.46 20.39
C VAL D 248 -6.90 -40.37 21.62
N ILE D 249 -6.87 -39.20 22.23
CA ILE D 249 -5.96 -38.89 23.33
C ILE D 249 -6.80 -38.52 24.55
N ILE D 250 -6.46 -39.11 25.69
CA ILE D 250 -7.03 -38.72 26.98
C ILE D 250 -5.87 -38.47 27.94
N ALA D 251 -5.77 -37.25 28.44
CA ALA D 251 -4.79 -36.89 29.45
C ALA D 251 -5.48 -36.00 30.47
N GLU D 252 -4.73 -35.60 31.50
CA GLU D 252 -5.28 -34.67 32.49
C GLU D 252 -5.66 -33.36 31.82
N ASP D 253 -4.80 -32.86 30.92
CA ASP D 253 -5.11 -31.69 30.10
C ASP D 253 -3.99 -31.48 29.12
N VAL D 254 -4.30 -30.77 28.03
CA VAL D 254 -3.31 -30.41 27.03
C VAL D 254 -3.52 -28.95 26.64
N ASP D 255 -2.46 -28.15 26.73
CA ASP D 255 -2.48 -26.76 26.32
C ASP D 255 -1.05 -26.32 26.04
N GLY D 256 -0.91 -25.22 25.33
CA GLY D 256 0.39 -24.61 25.09
C GLY D 256 1.04 -25.14 23.81
N GLU D 257 2.24 -25.71 23.95
CA GLU D 257 3.00 -26.15 22.78
C GLU D 257 2.27 -27.25 22.02
N ALA D 258 1.88 -28.32 22.73
CA ALA D 258 1.20 -29.42 22.06
C ALA D 258 -0.12 -28.98 21.47
N LEU D 259 -0.88 -28.16 22.21
CA LEU D 259 -2.14 -27.66 21.68
C LEU D 259 -1.94 -26.85 20.42
N SER D 260 -0.91 -25.99 20.41
CA SER D 260 -0.63 -25.18 19.22
C SER D 260 -0.27 -26.07 18.05
N THR D 261 0.63 -27.04 18.28
CA THR D 261 1.03 -27.93 17.19
C THR D 261 -0.16 -28.68 16.63
N LEU D 262 -1.00 -29.23 17.52
CA LEU D 262 -2.10 -30.06 17.06
C LEU D 262 -3.19 -29.24 16.39
N VAL D 263 -3.47 -28.04 16.91
CA VAL D 263 -4.48 -27.19 16.28
C VAL D 263 -4.00 -26.74 14.90
N LEU D 264 -2.72 -26.39 14.78
CA LEU D 264 -2.19 -26.05 13.46
C LEU D 264 -2.31 -27.24 12.51
N ASN D 265 -1.88 -28.42 12.97
CA ASN D 265 -1.92 -29.61 12.12
C ASN D 265 -3.34 -29.91 11.67
N ARG D 266 -4.31 -29.79 12.58
CA ARG D 266 -5.71 -29.97 12.21
C ARG D 266 -6.14 -28.93 11.20
N LEU D 267 -5.73 -27.67 11.37
CA LEU D 267 -6.14 -26.62 10.45
C LEU D 267 -5.63 -26.88 9.05
N LYS D 268 -4.35 -27.28 8.91
CA LYS D 268 -3.78 -27.47 7.58
C LYS D 268 -3.79 -28.93 7.15
N VAL D 269 -3.22 -29.83 7.93
CA VAL D 269 -3.12 -31.23 7.52
C VAL D 269 -4.37 -32.02 7.88
N GLY D 270 -5.06 -31.65 8.96
CA GLY D 270 -6.27 -32.34 9.34
C GLY D 270 -6.07 -33.77 9.78
N LEU D 271 -5.11 -34.01 10.67
CA LEU D 271 -4.87 -35.36 11.17
C LEU D 271 -6.10 -35.88 11.91
N GLN D 272 -6.27 -37.19 11.89
CA GLN D 272 -7.41 -37.84 12.52
C GLN D 272 -7.11 -38.19 13.98
N VAL D 273 -6.71 -37.19 14.75
CA VAL D 273 -6.37 -37.36 16.16
C VAL D 273 -7.10 -36.30 16.97
N VAL D 274 -7.67 -36.70 18.10
CA VAL D 274 -8.42 -35.81 18.97
C VAL D 274 -7.99 -36.05 20.41
N ALA D 275 -8.00 -34.99 21.21
CA ALA D 275 -7.65 -35.06 22.62
C ALA D 275 -8.82 -34.55 23.46
N VAL D 276 -9.03 -35.20 24.61
CA VAL D 276 -10.09 -34.81 25.53
C VAL D 276 -9.59 -34.97 26.96
N LYS D 277 -10.24 -34.26 27.88
CA LYS D 277 -9.85 -34.27 29.28
C LYS D 277 -10.35 -35.53 29.98
N ALA D 278 -9.69 -35.86 31.08
CA ALA D 278 -10.08 -37.03 31.85
C ALA D 278 -11.43 -36.82 32.53
N PRO D 279 -12.28 -37.83 32.59
CA PRO D 279 -13.61 -37.61 33.19
C PRO D 279 -13.61 -37.52 34.69
N GLY D 280 -12.86 -38.39 35.38
CA GLY D 280 -12.95 -38.51 36.82
C GLY D 280 -12.18 -37.44 37.55
N PHE D 281 -11.92 -37.71 38.83
CA PHE D 281 -11.22 -36.76 39.69
C PHE D 281 -10.40 -37.51 40.72
N GLY D 282 -9.08 -37.35 40.66
CA GLY D 282 -8.22 -37.96 41.67
C GLY D 282 -8.25 -39.47 41.60
N ASP D 283 -8.54 -40.10 42.73
CA ASP D 283 -8.67 -41.55 42.77
C ASP D 283 -9.74 -42.01 41.78
N ASN D 284 -10.85 -41.30 41.72
CA ASN D 284 -11.87 -41.59 40.72
C ASN D 284 -11.30 -41.47 39.31
N ARG D 285 -10.49 -40.44 39.07
CA ARG D 285 -9.90 -40.25 37.75
C ARG D 285 -9.05 -41.45 37.36
N LYS D 286 -8.14 -41.87 38.25
CA LYS D 286 -7.25 -42.97 37.90
C LYS D 286 -8.02 -44.28 37.76
N ASN D 287 -9.01 -44.52 38.62
CA ASN D 287 -9.82 -45.73 38.49
C ASN D 287 -10.56 -45.74 37.15
N GLN D 288 -11.13 -44.60 36.76
CA GLN D 288 -11.82 -44.51 35.48
C GLN D 288 -10.85 -44.74 34.33
N LEU D 289 -9.65 -44.18 34.43
CA LEU D 289 -8.66 -44.35 33.37
C LEU D 289 -8.26 -45.82 33.22
N LYS D 290 -8.06 -46.51 34.35
CA LYS D 290 -7.75 -47.94 34.29
C LYS D 290 -8.91 -48.73 33.70
N ASP D 291 -10.14 -48.38 34.08
CA ASP D 291 -11.31 -49.01 33.49
C ASP D 291 -11.30 -48.81 31.97
N MET D 292 -11.02 -47.59 31.52
CA MET D 292 -10.92 -47.32 30.09
C MET D 292 -9.87 -48.21 29.44
N ALA D 293 -8.69 -48.28 30.05
CA ALA D 293 -7.60 -49.04 29.46
C ALA D 293 -7.96 -50.51 29.32
N ILE D 294 -8.60 -51.07 30.34
CA ILE D 294 -8.98 -52.47 30.27
C ILE D 294 -10.09 -52.66 29.23
N ALA D 295 -11.03 -51.73 29.17
CA ALA D 295 -12.13 -51.84 28.21
C ALA D 295 -11.70 -51.60 26.78
N THR D 296 -10.53 -51.02 26.56
CA THR D 296 -10.03 -50.75 25.21
C THR D 296 -8.84 -51.61 24.82
N GLY D 297 -8.32 -52.44 25.71
CA GLY D 297 -7.15 -53.24 25.42
C GLY D 297 -5.84 -52.50 25.52
N GLY D 298 -5.84 -51.28 26.07
CA GLY D 298 -4.65 -50.49 26.21
C GLY D 298 -4.17 -50.41 27.64
N ALA D 299 -3.27 -49.44 27.89
CA ALA D 299 -2.72 -49.21 29.21
C ALA D 299 -2.57 -47.72 29.46
N VAL D 300 -2.83 -47.31 30.69
CA VAL D 300 -2.68 -45.91 31.08
C VAL D 300 -1.19 -45.61 31.19
N PHE D 301 -0.81 -44.39 30.81
CA PHE D 301 0.60 -44.01 30.75
C PHE D 301 1.03 -43.19 31.97
N GLY D 302 0.40 -43.41 33.11
CA GLY D 302 0.90 -42.82 34.35
C GLY D 302 2.25 -43.42 34.70
N GLU D 303 3.25 -42.56 34.89
CA GLU D 303 4.60 -43.05 35.10
C GLU D 303 4.72 -43.83 36.41
N GLU D 304 3.91 -43.50 37.41
CA GLU D 304 3.95 -44.21 38.67
C GLU D 304 3.57 -45.68 38.47
N GLY D 305 4.24 -46.56 39.21
CA GLY D 305 4.02 -47.98 39.04
C GLY D 305 4.58 -48.49 37.73
N LEU D 306 3.70 -48.75 36.77
CA LEU D 306 4.16 -49.17 35.45
C LEU D 306 5.10 -48.13 34.86
N THR D 307 6.16 -48.61 34.22
CA THR D 307 7.11 -47.75 33.53
C THR D 307 6.73 -47.74 32.05
N LEU D 308 6.13 -46.62 31.62
CA LEU D 308 5.67 -46.50 30.24
C LEU D 308 5.33 -45.05 29.98
N ASN D 309 5.88 -44.49 28.91
CA ASN D 309 5.77 -43.08 28.61
C ASN D 309 5.35 -42.88 27.15
N LEU D 310 4.87 -41.68 26.85
CA LEU D 310 4.48 -41.32 25.49
C LEU D 310 5.66 -41.34 24.53
N GLU D 311 6.89 -41.33 25.05
CA GLU D 311 8.06 -41.28 24.18
C GLU D 311 8.13 -42.50 23.28
N ASP D 312 7.56 -43.62 23.72
CA ASP D 312 7.54 -44.86 22.94
C ASP D 312 6.11 -45.38 22.87
N VAL D 313 5.66 -45.71 21.67
CA VAL D 313 4.33 -46.26 21.45
C VAL D 313 4.47 -47.55 20.67
N GLN D 314 3.51 -48.46 20.89
CA GLN D 314 3.46 -49.72 20.16
C GLN D 314 2.03 -49.95 19.68
N PRO D 315 1.85 -50.55 18.50
CA PRO D 315 0.48 -50.76 18.00
C PRO D 315 -0.39 -51.57 18.94
N HIS D 316 0.18 -52.58 19.60
CA HIS D 316 -0.61 -53.43 20.50
C HIS D 316 -0.71 -52.86 21.90
N ASP D 317 0.28 -52.07 22.34
CA ASP D 317 0.20 -51.49 23.67
C ASP D 317 -1.02 -50.59 23.81
N LEU D 318 -1.26 -49.75 22.80
CA LEU D 318 -2.45 -48.91 22.80
C LEU D 318 -3.68 -49.77 22.57
N GLY D 319 -4.80 -49.33 23.15
CA GLY D 319 -6.04 -50.05 23.00
C GLY D 319 -6.71 -49.79 21.67
N LYS D 320 -7.81 -50.49 21.45
CA LYS D 320 -8.60 -50.39 20.23
C LYS D 320 -10.06 -50.14 20.59
N VAL D 321 -10.67 -49.18 19.94
CA VAL D 321 -12.07 -48.84 20.14
C VAL D 321 -12.75 -48.74 18.78
N GLY D 322 -13.90 -49.39 18.65
CA GLY D 322 -14.53 -49.49 17.35
C GLY D 322 -14.98 -48.15 16.79
N GLU D 323 -15.38 -47.23 17.67
CA GLU D 323 -15.81 -45.92 17.22
C GLU D 323 -15.79 -44.94 18.38
N VAL D 324 -15.65 -43.66 18.04
CA VAL D 324 -15.62 -42.58 19.01
C VAL D 324 -16.43 -41.41 18.47
N ILE D 325 -17.26 -40.82 19.33
CA ILE D 325 -18.03 -39.63 18.99
C ILE D 325 -17.75 -38.59 20.06
N VAL D 326 -17.32 -37.41 19.63
CA VAL D 326 -16.96 -36.32 20.55
C VAL D 326 -17.77 -35.09 20.15
N THR D 327 -18.32 -34.39 21.14
CA THR D 327 -19.11 -33.19 20.91
C THR D 327 -18.87 -32.23 22.06
N LYS D 328 -19.69 -31.18 22.12
CA LYS D 328 -19.59 -30.21 23.20
C LYS D 328 -19.99 -30.85 24.52
N ASP D 329 -19.02 -30.95 25.44
CA ASP D 329 -19.19 -31.44 26.79
C ASP D 329 -19.46 -32.94 26.87
N ASP D 330 -19.56 -33.65 25.74
CA ASP D 330 -19.90 -35.07 25.77
C ASP D 330 -19.03 -35.82 24.77
N ALA D 331 -18.69 -37.05 25.12
CA ALA D 331 -17.86 -37.90 24.29
C ALA D 331 -18.31 -39.35 24.43
N MET D 332 -18.10 -40.13 23.37
CA MET D 332 -18.54 -41.51 23.31
C MET D 332 -17.36 -42.41 22.99
N LEU D 333 -17.28 -43.53 23.69
CA LEU D 333 -16.29 -44.58 23.43
C LEU D 333 -17.05 -45.85 23.10
N LEU D 334 -17.04 -46.24 21.83
CA LEU D 334 -17.86 -47.33 21.32
C LEU D 334 -16.98 -48.51 20.94
N LYS D 335 -17.34 -49.69 21.43
CA LYS D 335 -16.70 -50.94 21.01
C LYS D 335 -15.22 -50.95 21.36
N GLY D 336 -14.93 -50.85 22.66
CA GLY D 336 -13.59 -51.05 23.14
C GLY D 336 -13.19 -52.52 23.03
N LYS D 337 -11.88 -52.74 23.02
CA LYS D 337 -11.34 -54.09 22.91
C LYS D 337 -10.64 -54.48 24.22
N GLY D 338 -10.00 -55.64 24.22
CA GLY D 338 -9.31 -56.16 25.38
C GLY D 338 -9.83 -57.53 25.75
N ASP D 339 -9.22 -58.10 26.79
CA ASP D 339 -9.56 -59.44 27.23
C ASP D 339 -10.89 -59.42 27.97
N LYS D 340 -11.85 -60.23 27.49
CA LYS D 340 -13.14 -60.30 28.16
C LYS D 340 -13.02 -60.86 29.56
N ALA D 341 -12.02 -61.72 29.80
CA ALA D 341 -11.74 -62.14 31.17
C ALA D 341 -11.31 -60.95 32.03
N GLN D 342 -10.50 -60.07 31.46
CA GLN D 342 -10.13 -58.85 32.17
C GLN D 342 -11.36 -58.00 32.47
N ILE D 343 -12.27 -57.89 31.49
CA ILE D 343 -13.53 -57.18 31.71
C ILE D 343 -14.28 -57.79 32.89
N GLU D 344 -14.41 -59.11 32.88
CA GLU D 344 -15.18 -59.79 33.91
C GLU D 344 -14.56 -59.57 35.29
N LYS D 345 -13.24 -59.71 35.40
CA LYS D 345 -12.61 -59.52 36.70
C LYS D 345 -12.69 -58.08 37.17
N ARG D 346 -12.60 -57.11 36.25
CA ARG D 346 -12.80 -55.72 36.64
C ARG D 346 -14.21 -55.51 37.17
N ILE D 347 -15.21 -56.07 36.49
CA ILE D 347 -16.58 -55.92 36.95
C ILE D 347 -16.74 -56.56 38.33
N GLN D 348 -16.16 -57.74 38.53
CA GLN D 348 -16.29 -58.43 39.81
C GLN D 348 -15.63 -57.62 40.93
N GLU D 349 -14.42 -57.12 40.70
CA GLU D 349 -13.73 -56.36 41.74
C GLU D 349 -14.48 -55.06 42.04
N ILE D 350 -15.06 -54.44 41.02
CA ILE D 350 -15.88 -53.25 41.27
C ILE D 350 -17.08 -53.62 42.13
N ILE D 351 -17.71 -54.76 41.85
CA ILE D 351 -18.86 -55.20 42.63
C ILE D 351 -18.46 -55.39 44.09
N GLU D 352 -17.34 -56.07 44.32
CA GLU D 352 -16.92 -56.32 45.70
C GLU D 352 -16.53 -55.02 46.40
N GLN D 353 -15.91 -54.09 45.66
CA GLN D 353 -15.58 -52.79 46.24
C GLN D 353 -16.85 -52.05 46.65
N LEU D 354 -17.89 -52.13 45.81
CA LEU D 354 -19.18 -51.54 46.19
C LEU D 354 -19.73 -52.20 47.44
N ASP D 355 -19.62 -53.53 47.53
CA ASP D 355 -20.17 -54.23 48.68
C ASP D 355 -19.47 -53.81 49.97
N VAL D 356 -18.14 -53.81 49.97
CA VAL D 356 -17.41 -53.53 51.20
C VAL D 356 -17.57 -52.07 51.62
N THR D 357 -17.61 -51.15 50.67
CA THR D 357 -17.64 -49.73 51.00
C THR D 357 -18.96 -49.35 51.65
N THR D 358 -18.94 -48.20 52.34
CA THR D 358 -20.08 -47.73 53.11
C THR D 358 -20.52 -46.31 52.80
N SER D 359 -19.63 -45.45 52.31
CA SER D 359 -19.99 -44.06 52.06
C SER D 359 -21.02 -43.95 50.95
N GLU D 360 -21.99 -43.05 51.14
CA GLU D 360 -22.99 -42.81 50.11
C GLU D 360 -22.34 -42.37 48.81
N TYR D 361 -21.44 -41.39 48.89
CA TYR D 361 -20.78 -40.89 47.68
C TYR D 361 -19.92 -41.98 47.03
N GLU D 362 -19.17 -42.73 47.85
CA GLU D 362 -18.34 -43.78 47.29
C GLU D 362 -19.19 -44.88 46.66
N LYS D 363 -20.30 -45.24 47.30
CA LYS D 363 -21.20 -46.22 46.71
C LYS D 363 -21.74 -45.71 45.38
N GLU D 364 -22.14 -44.44 45.32
CA GLU D 364 -22.66 -43.88 44.08
C GLU D 364 -21.59 -43.90 42.98
N LYS D 365 -20.36 -43.53 43.33
CA LYS D 365 -19.28 -43.52 42.34
C LYS D 365 -18.99 -44.92 41.82
N LEU D 366 -18.95 -45.90 42.72
CA LEU D 366 -18.72 -47.27 42.28
C LEU D 366 -19.87 -47.75 41.40
N ASN D 367 -21.11 -47.41 41.76
CA ASN D 367 -22.25 -47.80 40.95
C ASN D 367 -22.15 -47.19 39.55
N GLU D 368 -21.79 -45.91 39.47
CA GLU D 368 -21.67 -45.25 38.17
C GLU D 368 -20.56 -45.88 37.35
N ARG D 369 -19.40 -46.14 37.97
CA ARG D 369 -18.30 -46.75 37.25
C ARG D 369 -18.70 -48.14 36.74
N LEU D 370 -19.41 -48.91 37.56
CA LEU D 370 -19.90 -50.21 37.12
C LEU D 370 -20.84 -50.05 35.94
N ALA D 371 -21.86 -49.20 36.07
CA ALA D 371 -22.86 -49.06 35.02
C ALA D 371 -22.23 -48.57 33.72
N LYS D 372 -21.13 -47.82 33.80
CA LYS D 372 -20.50 -47.31 32.59
C LYS D 372 -19.91 -48.41 31.73
N LEU D 373 -19.73 -49.62 32.26
CA LEU D 373 -19.21 -50.75 31.49
C LEU D 373 -20.21 -51.89 31.40
N SER D 374 -20.79 -52.31 32.52
CA SER D 374 -21.69 -53.46 32.50
C SER D 374 -22.87 -53.21 31.59
N ASP D 375 -23.46 -52.02 31.67
CA ASP D 375 -24.58 -51.67 30.80
C ASP D 375 -24.07 -51.18 29.44
N GLY D 376 -24.73 -51.63 28.38
CA GLY D 376 -24.39 -51.23 27.04
C GLY D 376 -25.07 -49.94 26.62
N VAL D 377 -24.70 -49.46 25.44
CA VAL D 377 -25.25 -48.26 24.85
C VAL D 377 -26.05 -48.66 23.62
N ALA D 378 -27.25 -48.11 23.49
CA ALA D 378 -28.13 -48.43 22.38
C ALA D 378 -28.07 -47.33 21.33
N VAL D 379 -27.90 -47.71 20.08
CA VAL D 379 -27.88 -46.79 18.95
C VAL D 379 -29.08 -47.08 18.09
N LEU D 380 -29.84 -46.03 17.75
CA LEU D 380 -31.03 -46.17 16.94
C LEU D 380 -30.64 -46.07 15.46
N LYS D 381 -30.83 -47.16 14.73
CA LYS D 381 -30.48 -47.22 13.32
C LYS D 381 -31.69 -46.79 12.52
N VAL D 382 -31.85 -45.49 12.35
CA VAL D 382 -32.99 -44.97 11.60
C VAL D 382 -32.71 -45.17 10.11
N GLY D 383 -33.63 -45.87 9.43
CA GLY D 383 -33.48 -46.20 8.03
C GLY D 383 -34.62 -45.63 7.20
N GLY D 384 -34.44 -45.74 5.88
CA GLY D 384 -35.43 -45.21 4.97
C GLY D 384 -35.04 -45.50 3.54
N THR D 385 -35.82 -44.94 2.62
CA THR D 385 -35.56 -45.15 1.20
C THR D 385 -34.27 -44.46 0.75
N SER D 386 -34.10 -43.19 1.11
CA SER D 386 -33.00 -42.38 0.64
C SER D 386 -32.38 -41.61 1.80
N ASP D 387 -31.13 -41.20 1.60
CA ASP D 387 -30.43 -40.45 2.64
C ASP D 387 -31.13 -39.13 2.97
N VAL D 388 -31.75 -38.51 1.97
CA VAL D 388 -32.38 -37.21 2.20
C VAL D 388 -33.48 -37.32 3.24
N GLU D 389 -34.32 -38.35 3.14
CA GLU D 389 -35.41 -38.50 4.09
C GLU D 389 -34.92 -38.99 5.45
N VAL D 390 -33.93 -39.89 5.47
CA VAL D 390 -33.44 -40.35 6.76
C VAL D 390 -32.71 -39.24 7.49
N ASN D 391 -32.22 -38.22 6.80
CA ASN D 391 -31.63 -37.08 7.50
C ASN D 391 -32.65 -36.41 8.42
N GLU D 392 -33.80 -36.02 7.87
CA GLU D 392 -34.82 -35.40 8.70
C GLU D 392 -35.43 -36.40 9.67
N LYS D 393 -35.52 -37.67 9.27
CA LYS D 393 -36.00 -38.69 10.22
C LYS D 393 -35.10 -38.76 11.43
N LYS D 394 -33.78 -38.77 11.22
CA LYS D 394 -32.83 -38.79 12.31
C LYS D 394 -32.94 -37.53 13.16
N ASP D 395 -33.11 -36.39 12.51
CA ASP D 395 -33.25 -35.14 13.27
C ASP D 395 -34.47 -35.19 14.17
N ARG D 396 -35.61 -35.63 13.64
CA ARG D 396 -36.82 -35.72 14.43
C ARG D 396 -36.68 -36.75 15.55
N VAL D 397 -36.02 -37.87 15.26
CA VAL D 397 -35.82 -38.89 16.29
C VAL D 397 -34.97 -38.33 17.43
N THR D 398 -33.90 -37.61 17.09
CA THR D 398 -33.07 -37.00 18.12
C THR D 398 -33.85 -35.99 18.93
N ASP D 399 -34.66 -35.16 18.26
CA ASP D 399 -35.44 -34.17 18.99
C ASP D 399 -36.40 -34.84 19.96
N ALA D 400 -37.10 -35.87 19.50
CA ALA D 400 -38.03 -36.59 20.38
C ALA D 400 -37.28 -37.26 21.53
N LEU D 401 -36.10 -37.83 21.24
CA LEU D 401 -35.33 -38.45 22.31
C LEU D 401 -34.94 -37.44 23.37
N ASN D 402 -34.49 -36.25 22.95
CA ASN D 402 -34.15 -35.22 23.92
C ASN D 402 -35.36 -34.81 24.74
N ALA D 403 -36.49 -34.60 24.07
CA ALA D 403 -37.69 -34.17 24.78
C ALA D 403 -38.13 -35.20 25.81
N THR D 404 -38.16 -36.48 25.42
CA THR D 404 -38.60 -37.51 26.35
C THR D 404 -37.60 -37.72 27.47
N ARG D 405 -36.30 -37.60 27.18
CA ARG D 405 -35.32 -37.69 28.25
C ARG D 405 -35.51 -36.57 29.26
N ALA D 406 -35.76 -35.35 28.80
CA ALA D 406 -36.05 -34.26 29.73
C ALA D 406 -37.30 -34.57 30.54
N ALA D 407 -38.37 -35.02 29.88
CA ALA D 407 -39.62 -35.28 30.57
C ALA D 407 -39.45 -36.32 31.66
N VAL D 408 -38.75 -37.42 31.35
CA VAL D 408 -38.50 -38.42 32.38
C VAL D 408 -37.51 -37.90 33.42
N GLU D 409 -36.64 -36.97 33.05
CA GLU D 409 -35.69 -36.43 34.01
C GLU D 409 -36.41 -35.66 35.11
N GLU D 410 -37.41 -34.85 34.75
CA GLU D 410 -38.07 -34.01 35.75
C GLU D 410 -39.59 -34.02 35.72
N GLY D 411 -40.22 -34.65 34.73
CA GLY D 411 -41.66 -34.72 34.68
C GLY D 411 -42.24 -33.86 33.57
N ILE D 412 -43.57 -33.77 33.59
CA ILE D 412 -44.32 -33.15 32.51
C ILE D 412 -45.36 -32.20 33.09
N VAL D 413 -45.55 -31.06 32.41
CA VAL D 413 -46.60 -30.10 32.75
C VAL D 413 -47.25 -29.65 31.46
N LEU D 414 -48.43 -29.05 31.60
CA LEU D 414 -49.15 -28.54 30.43
C LEU D 414 -48.28 -27.59 29.62
N GLY D 415 -48.39 -27.68 28.30
CA GLY D 415 -47.64 -26.85 27.40
C GLY D 415 -48.40 -25.62 26.96
N GLY D 416 -47.97 -25.05 25.84
CA GLY D 416 -48.63 -23.88 25.29
C GLY D 416 -48.65 -22.69 26.23
N GLY D 417 -47.68 -22.61 27.13
CA GLY D 417 -47.62 -21.53 28.09
C GLY D 417 -48.61 -21.62 29.22
N CYS D 418 -49.44 -22.67 29.26
CA CYS D 418 -50.43 -22.79 30.31
C CYS D 418 -49.79 -23.04 31.67
N ALA D 419 -48.68 -23.78 31.71
CA ALA D 419 -48.07 -24.13 32.98
C ALA D 419 -47.83 -22.90 33.83
N LEU D 420 -47.18 -21.89 33.25
CA LEU D 420 -46.92 -20.66 34.01
C LEU D 420 -48.22 -19.96 34.38
N LEU D 421 -49.20 -19.96 33.47
CA LEU D 421 -50.47 -19.29 33.75
C LEU D 421 -51.16 -19.89 34.97
N ARG D 422 -50.85 -21.12 35.33
CA ARG D 422 -51.50 -21.79 36.44
C ARG D 422 -50.93 -21.39 37.80
N CYS D 423 -49.86 -20.59 37.82
CA CYS D 423 -49.17 -20.27 39.06
C CYS D 423 -49.56 -18.91 39.63
N ILE D 424 -50.45 -18.17 38.96
CA ILE D 424 -50.76 -16.81 39.39
C ILE D 424 -51.31 -16.77 40.81
N PRO D 425 -52.31 -17.57 41.17
CA PRO D 425 -52.83 -17.48 42.55
C PRO D 425 -51.78 -17.78 43.60
N ALA D 426 -50.78 -18.61 43.30
CA ALA D 426 -49.80 -19.00 44.30
C ALA D 426 -49.02 -17.82 44.85
N LEU D 427 -48.98 -16.70 44.14
CA LEU D 427 -48.20 -15.55 44.60
C LEU D 427 -48.81 -14.87 45.81
N ASP D 428 -50.13 -15.02 46.02
CA ASP D 428 -50.77 -14.38 47.16
C ASP D 428 -50.23 -14.90 48.48
N SER D 429 -49.69 -16.13 48.50
CA SER D 429 -49.19 -16.70 49.75
C SER D 429 -48.04 -15.88 50.30
N LEU D 430 -47.13 -15.44 49.44
CA LEU D 430 -45.96 -14.70 49.90
C LEU D 430 -46.35 -13.37 50.52
N THR D 431 -45.52 -12.91 51.46
CA THR D 431 -45.72 -11.63 52.11
C THR D 431 -44.50 -10.74 51.87
N PRO D 432 -44.69 -9.49 51.41
CA PRO D 432 -43.53 -8.63 51.16
C PRO D 432 -43.12 -7.82 52.38
N ALA D 433 -41.82 -7.83 52.69
CA ALA D 433 -41.33 -7.03 53.81
C ALA D 433 -41.52 -5.54 53.54
N ASN D 434 -41.27 -5.09 52.31
CA ASN D 434 -41.38 -3.69 51.94
C ASN D 434 -42.24 -3.57 50.69
N GLU D 435 -42.56 -2.32 50.32
CA GLU D 435 -43.39 -2.07 49.16
C GLU D 435 -42.65 -2.35 47.85
N ASP D 436 -41.33 -2.17 47.83
CA ASP D 436 -40.57 -2.50 46.63
C ASP D 436 -40.74 -3.98 46.28
N GLN D 437 -40.69 -4.85 47.29
CA GLN D 437 -40.92 -6.27 47.05
C GLN D 437 -42.32 -6.51 46.51
N LYS D 438 -43.31 -5.76 47.02
CA LYS D 438 -44.67 -5.91 46.52
C LYS D 438 -44.75 -5.51 45.05
N ILE D 439 -44.08 -4.42 44.67
CA ILE D 439 -44.10 -3.99 43.27
C ILE D 439 -43.42 -5.04 42.39
N GLY D 440 -42.31 -5.60 42.85
CA GLY D 440 -41.70 -6.70 42.13
C GLY D 440 -42.64 -7.88 41.98
N ILE D 441 -43.40 -8.18 43.04
CA ILE D 441 -44.37 -9.26 42.99
C ILE D 441 -45.41 -8.98 41.92
N GLU D 442 -45.90 -7.74 41.86
CA GLU D 442 -46.87 -7.40 40.82
C GLU D 442 -46.26 -7.48 39.42
N ILE D 443 -45.00 -7.12 39.29
CA ILE D 443 -44.32 -7.24 37.99
C ILE D 443 -44.29 -8.70 37.56
N ILE D 444 -43.97 -9.59 38.50
CA ILE D 444 -43.94 -11.01 38.19
C ILE D 444 -45.34 -11.53 37.86
N LYS D 445 -46.34 -11.03 38.60
CA LYS D 445 -47.71 -11.41 38.30
C LYS D 445 -48.08 -11.03 36.88
N ARG D 446 -47.65 -9.84 36.44
CA ARG D 446 -47.87 -9.44 35.05
C ARG D 446 -47.11 -10.35 34.09
N THR D 447 -45.84 -10.64 34.39
CA THR D 447 -44.98 -11.32 33.43
C THR D 447 -45.36 -12.77 33.20
N LEU D 448 -45.89 -13.46 34.22
CA LEU D 448 -46.14 -14.90 34.04
C LEU D 448 -47.05 -15.16 32.85
N LYS D 449 -47.89 -14.19 32.48
CA LYS D 449 -48.85 -14.40 31.41
C LYS D 449 -48.30 -14.17 30.01
N ILE D 450 -47.07 -13.67 29.90
CA ILE D 450 -46.57 -13.25 28.59
C ILE D 450 -46.48 -14.40 27.60
N PRO D 451 -45.94 -15.57 27.94
CA PRO D 451 -45.78 -16.62 26.90
C PRO D 451 -47.09 -17.01 26.24
N ALA D 452 -48.18 -17.12 27.01
CA ALA D 452 -49.47 -17.40 26.39
C ALA D 452 -49.90 -16.23 25.50
N MET D 453 -49.64 -15.01 25.94
CA MET D 453 -49.93 -13.84 25.11
C MET D 453 -49.22 -13.95 23.77
N THR D 454 -47.95 -14.30 23.79
CA THR D 454 -47.16 -14.39 22.57
C THR D 454 -47.66 -15.51 21.67
N ILE D 455 -48.02 -16.65 22.27
CA ILE D 455 -48.57 -17.73 21.47
C ILE D 455 -49.85 -17.29 20.78
N ALA D 456 -50.72 -16.59 21.52
CA ALA D 456 -51.95 -16.10 20.92
C ALA D 456 -51.68 -15.12 19.79
N LYS D 457 -50.73 -14.20 20.00
CA LYS D 457 -50.40 -13.24 18.95
C LYS D 457 -49.85 -13.94 17.72
N ASN D 458 -49.00 -14.95 17.93
CA ASN D 458 -48.49 -15.72 16.79
C ASN D 458 -49.62 -16.41 16.05
N ALA D 459 -50.58 -16.97 16.80
CA ALA D 459 -51.76 -17.53 16.17
C ALA D 459 -52.66 -16.46 15.58
N GLY D 460 -52.51 -15.20 16.02
CA GLY D 460 -53.32 -14.11 15.53
C GLY D 460 -54.54 -13.80 16.37
N VAL D 461 -54.92 -14.70 17.28
CA VAL D 461 -56.07 -14.46 18.15
C VAL D 461 -55.70 -13.44 19.21
N GLU D 462 -56.71 -12.68 19.66
CA GLU D 462 -56.47 -11.67 20.69
C GLU D 462 -56.07 -12.33 21.99
N GLY D 463 -54.83 -12.06 22.42
CA GLY D 463 -54.26 -12.80 23.53
C GLY D 463 -54.95 -12.54 24.86
N SER D 464 -55.33 -11.29 25.12
CA SER D 464 -55.89 -10.94 26.41
C SER D 464 -57.13 -11.77 26.71
N LEU D 465 -58.04 -11.88 25.74
CA LEU D 465 -59.24 -12.67 25.94
C LEU D 465 -58.89 -14.13 26.24
N ILE D 466 -57.92 -14.68 25.50
CA ILE D 466 -57.55 -16.08 25.68
C ILE D 466 -57.00 -16.32 27.07
N VAL D 467 -56.09 -15.46 27.52
CA VAL D 467 -55.49 -15.66 28.83
C VAL D 467 -56.52 -15.46 29.93
N GLU D 468 -57.44 -14.51 29.75
CA GLU D 468 -58.51 -14.35 30.72
C GLU D 468 -59.37 -15.61 30.79
N LYS D 469 -59.70 -16.17 29.62
CA LYS D 469 -60.50 -17.40 29.58
C LYS D 469 -59.77 -18.53 30.30
N ILE D 470 -58.47 -18.66 30.06
CA ILE D 470 -57.69 -19.71 30.73
C ILE D 470 -57.70 -19.50 32.23
N MET D 471 -57.53 -18.25 32.67
CA MET D 471 -57.52 -17.96 34.09
C MET D 471 -58.84 -18.35 34.74
N GLN D 472 -59.95 -17.94 34.13
CA GLN D 472 -61.27 -18.22 34.71
C GLN D 472 -61.70 -19.66 34.51
N SER D 473 -61.10 -20.38 33.57
CA SER D 473 -61.47 -21.76 33.31
C SER D 473 -60.84 -22.67 34.35
N SER D 474 -61.02 -23.97 34.18
CA SER D 474 -60.45 -24.93 35.11
C SER D 474 -58.94 -25.01 34.91
N SER D 475 -58.28 -25.75 35.80
CA SER D 475 -56.84 -25.93 35.75
C SER D 475 -56.43 -27.13 34.91
N GLU D 476 -57.28 -27.54 33.97
CA GLU D 476 -57.00 -28.71 33.15
C GLU D 476 -57.18 -28.50 31.66
N VAL D 477 -57.88 -27.45 31.23
CA VAL D 477 -58.10 -27.19 29.81
C VAL D 477 -57.39 -25.88 29.45
N GLY D 478 -56.48 -25.97 28.48
CA GLY D 478 -55.80 -24.81 27.94
C GLY D 478 -56.21 -24.53 26.51
N TYR D 479 -55.53 -23.55 25.92
CA TYR D 479 -55.80 -23.14 24.55
C TYR D 479 -54.86 -23.84 23.60
N ASP D 480 -55.42 -24.46 22.56
CA ASP D 480 -54.63 -25.13 21.54
C ASP D 480 -54.38 -24.17 20.39
N ALA D 481 -53.10 -23.97 20.06
CA ALA D 481 -52.77 -23.04 18.99
C ALA D 481 -53.16 -23.60 17.62
N MET D 482 -52.80 -24.86 17.35
CA MET D 482 -53.06 -25.42 16.03
C MET D 482 -54.55 -25.54 15.75
N ALA D 483 -55.33 -25.94 16.75
CA ALA D 483 -56.77 -26.08 16.57
C ALA D 483 -57.53 -24.78 16.81
N GLY D 484 -56.91 -23.78 17.42
CA GLY D 484 -57.56 -22.50 17.63
C GLY D 484 -58.78 -22.59 18.53
N ASP D 485 -58.65 -23.28 19.66
CA ASP D 485 -59.75 -23.42 20.60
C ASP D 485 -59.17 -23.79 21.97
N PHE D 486 -60.06 -24.00 22.92
CA PHE D 486 -59.68 -24.39 24.29
C PHE D 486 -59.95 -25.88 24.46
N VAL D 487 -58.89 -26.63 24.79
CA VAL D 487 -58.95 -28.08 24.86
C VAL D 487 -58.24 -28.55 26.13
N ASN D 488 -58.32 -29.86 26.36
CA ASN D 488 -57.66 -30.49 27.50
C ASN D 488 -56.29 -30.95 27.04
N MET D 489 -55.26 -30.22 27.46
CA MET D 489 -53.93 -30.39 26.87
C MET D 489 -53.37 -31.79 27.13
N VAL D 490 -53.57 -32.31 28.34
CA VAL D 490 -52.82 -33.49 28.77
C VAL D 490 -53.09 -34.67 27.82
N GLU D 491 -54.36 -34.92 27.50
CA GLU D 491 -54.66 -36.01 26.58
C GLU D 491 -54.44 -35.59 25.14
N LYS D 492 -54.59 -34.30 24.82
CA LYS D 492 -54.42 -33.82 23.46
C LYS D 492 -52.96 -33.82 23.02
N GLY D 493 -52.03 -34.15 23.91
CA GLY D 493 -50.63 -34.18 23.54
C GLY D 493 -49.99 -32.81 23.41
N ILE D 494 -50.47 -31.83 24.16
CA ILE D 494 -49.91 -30.48 24.16
C ILE D 494 -49.30 -30.29 25.55
N ILE D 495 -48.02 -30.63 25.68
CA ILE D 495 -47.32 -30.66 26.96
C ILE D 495 -45.90 -30.16 26.74
N ASP D 496 -45.14 -30.09 27.84
CA ASP D 496 -43.72 -29.77 27.77
C ASP D 496 -43.08 -30.25 29.06
N PRO D 497 -41.85 -30.75 29.03
CA PRO D 497 -41.19 -31.17 30.27
C PRO D 497 -41.04 -30.00 31.22
N THR D 498 -41.16 -30.29 32.52
CA THR D 498 -41.06 -29.22 33.51
C THR D 498 -39.63 -28.68 33.60
N LYS D 499 -38.63 -29.51 33.25
CA LYS D 499 -37.25 -29.09 33.39
C LYS D 499 -36.95 -27.85 32.55
N VAL D 500 -37.42 -27.84 31.31
CA VAL D 500 -37.15 -26.70 30.44
C VAL D 500 -37.80 -25.44 31.02
N VAL D 501 -39.03 -25.56 31.50
CA VAL D 501 -39.72 -24.39 32.06
C VAL D 501 -38.94 -23.87 33.26
N ARG D 502 -38.53 -24.76 34.15
CA ARG D 502 -37.79 -24.34 35.33
C ARG D 502 -36.50 -23.64 34.96
N THR D 503 -35.71 -24.26 34.08
CA THR D 503 -34.43 -23.67 33.71
C THR D 503 -34.64 -22.32 33.02
N ALA D 504 -35.62 -22.24 32.13
CA ALA D 504 -35.84 -21.00 31.39
C ALA D 504 -36.26 -19.88 32.32
N LEU D 505 -37.22 -20.14 33.22
CA LEU D 505 -37.65 -19.08 34.12
C LEU D 505 -36.52 -18.66 35.04
N LEU D 506 -35.74 -19.63 35.55
CA LEU D 506 -34.64 -19.27 36.43
C LEU D 506 -33.64 -18.38 35.71
N ASP D 507 -33.22 -18.77 34.51
CA ASP D 507 -32.22 -17.99 33.80
C ASP D 507 -32.75 -16.61 33.41
N ALA D 508 -34.01 -16.55 32.97
CA ALA D 508 -34.58 -15.26 32.61
C ALA D 508 -34.63 -14.33 33.82
N ALA D 509 -35.05 -14.85 34.96
CA ALA D 509 -35.07 -14.03 36.17
C ALA D 509 -33.66 -13.56 36.52
N GLY D 510 -32.68 -14.46 36.44
CA GLY D 510 -31.32 -14.08 36.78
C GLY D 510 -30.79 -12.97 35.88
N VAL D 511 -31.03 -13.08 34.58
CA VAL D 511 -30.52 -12.07 33.67
C VAL D 511 -31.26 -10.75 33.85
N ALA D 512 -32.58 -10.81 34.00
CA ALA D 512 -33.33 -9.58 34.22
C ALA D 512 -32.86 -8.88 35.48
N SER D 513 -32.56 -9.64 36.53
CA SER D 513 -32.02 -9.04 37.74
C SER D 513 -30.66 -8.41 37.47
N LEU D 514 -29.76 -9.15 36.83
CA LEU D 514 -28.43 -8.63 36.57
C LEU D 514 -28.47 -7.36 35.74
N LEU D 515 -29.51 -7.19 34.93
CA LEU D 515 -29.58 -6.01 34.07
C LEU D 515 -30.45 -4.90 34.63
N THR D 516 -31.30 -5.18 35.62
CA THR D 516 -31.95 -4.12 36.36
C THR D 516 -31.12 -3.65 37.55
N THR D 517 -30.03 -4.35 37.86
CA THR D 517 -29.13 -3.94 38.94
C THR D 517 -27.84 -3.32 38.44
N ALA D 518 -27.47 -3.51 37.18
CA ALA D 518 -26.24 -2.93 36.66
C ALA D 518 -26.32 -1.41 36.73
N GLU D 519 -25.21 -0.78 37.11
CA GLU D 519 -25.17 0.66 37.33
C GLU D 519 -24.28 1.41 36.36
N VAL D 520 -23.07 0.91 36.09
CA VAL D 520 -22.12 1.59 35.22
C VAL D 520 -21.71 0.64 34.12
N VAL D 521 -21.76 1.11 32.87
CA VAL D 521 -21.39 0.33 31.70
C VAL D 521 -20.27 1.06 30.99
N VAL D 522 -19.24 0.31 30.60
CA VAL D 522 -18.09 0.86 29.89
C VAL D 522 -17.88 0.08 28.61
N THR D 523 -17.67 0.81 27.51
CA THR D 523 -17.50 0.19 26.20
C THR D 523 -16.33 0.83 25.47
N GLU D 524 -15.70 0.05 24.60
CA GLU D 524 -14.58 0.54 23.81
C GLU D 524 -15.03 1.60 22.82
N ILE D 525 -14.22 2.63 22.65
CA ILE D 525 -14.52 3.71 21.73
C ILE D 525 -14.44 3.16 20.30
N PRO D 526 -15.31 3.59 19.38
CA PRO D 526 -15.16 3.14 17.99
C PRO D 526 -13.83 3.54 17.37
N SER E 2 -21.31 -10.00 12.24
CA SER E 2 -21.14 -8.57 12.08
C SER E 2 -22.42 -7.82 12.41
N ALA E 3 -22.36 -6.49 12.36
CA ALA E 3 -23.53 -5.68 12.69
C ALA E 3 -24.67 -6.00 11.74
N LYS E 4 -25.88 -6.04 12.28
CA LYS E 4 -27.07 -6.42 11.52
C LYS E 4 -28.16 -5.38 11.72
N ASP E 5 -29.04 -5.28 10.72
CA ASP E 5 -30.22 -4.42 10.76
C ASP E 5 -31.45 -5.25 10.48
N VAL E 6 -32.55 -4.92 11.13
CA VAL E 6 -33.80 -5.67 11.00
C VAL E 6 -34.96 -4.71 10.82
N LYS E 7 -36.06 -5.25 10.28
CA LYS E 7 -37.31 -4.52 10.15
C LYS E 7 -38.44 -5.50 10.40
N PHE E 8 -39.62 -4.96 10.72
CA PHE E 8 -40.72 -5.76 11.24
C PHE E 8 -41.99 -5.56 10.42
N GLY E 9 -42.68 -6.67 10.19
CA GLY E 9 -44.02 -6.60 9.61
C GLY E 9 -44.06 -5.87 8.30
N ALA E 10 -45.09 -5.02 8.15
CA ALA E 10 -45.29 -4.32 6.89
C ALA E 10 -44.08 -3.50 6.51
N ASP E 11 -43.31 -3.02 7.50
CA ASP E 11 -42.13 -2.23 7.19
C ASP E 11 -41.16 -3.01 6.33
N ALA E 12 -40.88 -4.26 6.70
CA ALA E 12 -39.98 -5.10 5.90
C ALA E 12 -40.68 -5.64 4.66
N ARG E 13 -41.96 -6.00 4.76
CA ARG E 13 -42.66 -6.57 3.62
C ARG E 13 -42.77 -5.55 2.49
N ALA E 14 -42.82 -4.26 2.80
CA ALA E 14 -42.85 -3.26 1.75
C ALA E 14 -41.58 -3.29 0.93
N LEU E 15 -40.42 -3.38 1.60
CA LEU E 15 -39.17 -3.51 0.86
C LEU E 15 -39.12 -4.81 0.08
N MET E 16 -39.65 -5.89 0.66
CA MET E 16 -39.71 -7.15 -0.08
C MET E 16 -40.48 -6.97 -1.37
N LEU E 17 -41.65 -6.33 -1.29
CA LEU E 17 -42.46 -6.12 -2.49
C LEU E 17 -41.74 -5.22 -3.48
N GLN E 18 -41.08 -4.17 -2.99
CA GLN E 18 -40.34 -3.28 -3.90
C GLN E 18 -39.27 -4.07 -4.64
N GLY E 19 -38.56 -4.93 -3.93
CA GLY E 19 -37.53 -5.73 -4.59
C GLY E 19 -38.09 -6.68 -5.62
N VAL E 20 -39.16 -7.41 -5.27
CA VAL E 20 -39.70 -8.38 -6.22
C VAL E 20 -40.33 -7.68 -7.41
N ASP E 21 -40.81 -6.44 -7.23
CA ASP E 21 -41.51 -5.76 -8.32
C ASP E 21 -40.59 -5.52 -9.51
N LEU E 22 -39.34 -5.12 -9.26
CA LEU E 22 -38.42 -4.89 -10.35
C LEU E 22 -38.18 -6.16 -11.14
N LEU E 23 -37.95 -7.28 -10.44
CA LEU E 23 -37.75 -8.55 -11.13
C LEU E 23 -38.98 -8.95 -11.93
N ALA E 24 -40.17 -8.78 -11.34
CA ALA E 24 -41.39 -9.16 -12.02
C ALA E 24 -41.60 -8.33 -13.28
N ASP E 25 -41.37 -7.03 -13.20
CA ASP E 25 -41.52 -6.18 -14.38
C ASP E 25 -40.46 -6.52 -15.42
N ALA E 26 -39.24 -6.83 -14.99
CA ALA E 26 -38.19 -7.17 -15.94
C ALA E 26 -38.50 -8.45 -16.70
N VAL E 27 -39.08 -9.45 -16.02
CA VAL E 27 -39.31 -10.74 -16.66
C VAL E 27 -40.71 -10.89 -17.21
N ALA E 28 -41.61 -9.93 -16.95
CA ALA E 28 -42.97 -10.02 -17.49
C ALA E 28 -42.97 -9.85 -19.01
N VAL E 29 -42.24 -8.87 -19.52
CA VAL E 29 -42.27 -8.57 -20.95
C VAL E 29 -41.81 -9.75 -21.78
N THR E 30 -40.99 -10.63 -21.23
CA THR E 30 -40.44 -11.75 -21.98
C THR E 30 -41.28 -13.01 -21.86
N MET E 31 -42.58 -12.87 -21.62
CA MET E 31 -43.51 -13.99 -21.59
C MET E 31 -44.26 -14.07 -22.92
N GLY E 32 -44.56 -15.30 -23.34
CA GLY E 32 -45.38 -15.52 -24.51
C GLY E 32 -44.59 -15.43 -25.80
N PRO E 33 -45.18 -15.92 -26.89
CA PRO E 33 -44.50 -15.85 -28.18
C PRO E 33 -44.28 -14.44 -28.67
N LYS E 34 -45.06 -13.47 -28.17
CA LYS E 34 -44.86 -12.06 -28.47
C LYS E 34 -43.92 -11.38 -27.49
N GLY E 35 -43.04 -12.15 -26.85
CA GLY E 35 -42.16 -11.58 -25.85
C GLY E 35 -41.28 -10.50 -26.44
N ARG E 36 -40.98 -9.49 -25.62
CA ARG E 36 -40.13 -8.38 -26.04
C ARG E 36 -38.66 -8.78 -25.83
N THR E 37 -37.76 -7.82 -25.96
CA THR E 37 -36.33 -8.06 -25.85
C THR E 37 -35.75 -7.31 -24.68
N VAL E 38 -34.64 -7.85 -24.15
CA VAL E 38 -33.98 -7.29 -22.98
C VAL E 38 -32.51 -7.06 -23.33
N ILE E 39 -31.99 -5.90 -22.94
CA ILE E 39 -30.60 -5.54 -23.17
C ILE E 39 -29.82 -5.82 -21.89
N ILE E 40 -28.99 -6.85 -21.91
CA ILE E 40 -28.15 -7.21 -20.76
C ILE E 40 -26.77 -6.63 -21.01
N GLU E 41 -26.29 -5.82 -20.07
CA GLU E 41 -24.96 -5.24 -20.19
C GLU E 41 -23.89 -6.29 -19.92
N GLN E 42 -22.84 -6.29 -20.74
CA GLN E 42 -21.66 -7.12 -20.52
C GLN E 42 -20.50 -6.20 -20.18
N SER E 43 -19.91 -6.40 -19.01
CA SER E 43 -18.88 -5.49 -18.53
C SER E 43 -17.66 -5.47 -19.44
N TRP E 44 -17.50 -6.47 -20.29
CA TRP E 44 -16.29 -6.60 -21.11
C TRP E 44 -16.49 -6.29 -22.58
N GLY E 45 -17.68 -6.50 -23.12
CA GLY E 45 -17.92 -6.33 -24.55
C GLY E 45 -19.35 -5.98 -24.88
N SER E 46 -19.87 -6.60 -25.93
CA SER E 46 -21.14 -6.19 -26.49
C SER E 46 -22.28 -6.46 -25.51
N PRO E 47 -23.29 -5.60 -25.46
CA PRO E 47 -24.49 -5.93 -24.69
C PRO E 47 -25.17 -7.15 -25.27
N LYS E 48 -25.76 -7.95 -24.40
CA LYS E 48 -26.42 -9.18 -24.81
C LYS E 48 -27.92 -8.93 -24.98
N VAL E 49 -28.46 -9.38 -26.10
CA VAL E 49 -29.87 -9.21 -26.43
C VAL E 49 -30.55 -10.57 -26.29
N THR E 50 -31.51 -10.66 -25.38
CA THR E 50 -32.17 -11.93 -25.09
C THR E 50 -33.65 -11.69 -24.89
N LYS E 51 -34.43 -12.75 -25.07
CA LYS E 51 -35.86 -12.74 -24.81
C LYS E 51 -36.26 -13.93 -23.95
N ASP E 52 -35.37 -14.38 -23.08
CA ASP E 52 -35.59 -15.56 -22.25
C ASP E 52 -35.79 -15.13 -20.80
N GLY E 53 -36.85 -15.64 -20.19
CA GLY E 53 -37.16 -15.25 -18.82
C GLY E 53 -36.12 -15.69 -17.82
N VAL E 54 -35.67 -16.94 -17.91
CA VAL E 54 -34.76 -17.48 -16.91
C VAL E 54 -33.44 -16.71 -16.91
N THR E 55 -32.92 -16.42 -18.10
CA THR E 55 -31.65 -15.68 -18.18
C THR E 55 -31.80 -14.30 -17.55
N VAL E 56 -32.87 -13.59 -17.87
CA VAL E 56 -33.07 -12.27 -17.31
C VAL E 56 -33.18 -12.34 -15.79
N ALA E 57 -34.01 -13.26 -15.30
CA ALA E 57 -34.19 -13.38 -13.86
C ALA E 57 -32.88 -13.67 -13.16
N LYS E 58 -32.10 -14.63 -13.68
CA LYS E 58 -30.81 -14.94 -13.08
C LYS E 58 -29.85 -13.76 -13.18
N SER E 59 -30.01 -12.92 -14.20
CA SER E 59 -29.04 -11.87 -14.44
C SER E 59 -29.13 -10.75 -13.41
N ILE E 60 -30.34 -10.29 -13.11
CA ILE E 60 -30.48 -9.05 -12.34
C ILE E 60 -30.21 -9.31 -10.86
N ASP E 61 -29.82 -8.24 -10.17
CA ASP E 61 -29.54 -8.29 -8.74
C ASP E 61 -29.59 -6.86 -8.21
N LEU E 62 -30.45 -6.60 -7.25
CA LEU E 62 -30.71 -5.25 -6.79
C LEU E 62 -29.61 -4.78 -5.84
N LYS E 63 -29.74 -3.54 -5.36
CA LYS E 63 -28.74 -2.90 -4.53
C LYS E 63 -29.09 -2.98 -3.05
N ASP E 64 -30.26 -2.48 -2.65
CA ASP E 64 -30.63 -2.48 -1.25
C ASP E 64 -30.78 -3.91 -0.74
N LYS E 65 -30.40 -4.11 0.52
CA LYS E 65 -30.38 -5.47 1.07
C LYS E 65 -31.77 -6.08 1.10
N TYR E 66 -32.78 -5.32 1.52
CA TYR E 66 -34.13 -5.87 1.61
C TYR E 66 -34.69 -6.17 0.22
N LYS E 67 -34.63 -5.20 -0.68
CA LYS E 67 -35.11 -5.43 -2.04
C LYS E 67 -34.32 -6.54 -2.70
N ASN E 68 -33.01 -6.52 -2.55
CA ASN E 68 -32.17 -7.56 -3.14
C ASN E 68 -32.54 -8.94 -2.60
N ILE E 69 -32.80 -9.03 -1.30
CA ILE E 69 -33.05 -10.34 -0.71
C ILE E 69 -34.41 -10.87 -1.14
N GLY E 70 -35.41 -9.99 -1.26
CA GLY E 70 -36.69 -10.42 -1.80
C GLY E 70 -36.56 -10.92 -3.23
N ALA E 71 -35.87 -10.15 -4.06
CA ALA E 71 -35.67 -10.56 -5.44
C ALA E 71 -34.91 -11.89 -5.50
N LYS E 72 -33.93 -12.07 -4.63
CA LYS E 72 -33.17 -13.31 -4.61
C LYS E 72 -34.06 -14.48 -4.18
N LEU E 73 -34.92 -14.27 -3.20
CA LEU E 73 -35.88 -15.31 -2.85
C LEU E 73 -36.67 -15.75 -4.08
N VAL E 74 -37.26 -14.79 -4.77
CA VAL E 74 -38.13 -15.13 -5.90
C VAL E 74 -37.33 -15.80 -7.00
N GLN E 75 -36.17 -15.25 -7.35
CA GLN E 75 -35.37 -15.81 -8.41
C GLN E 75 -34.91 -17.23 -8.06
N ASP E 76 -34.39 -17.41 -6.86
CA ASP E 76 -33.86 -18.71 -6.47
C ASP E 76 -34.95 -19.77 -6.49
N VAL E 77 -36.10 -19.48 -5.86
CA VAL E 77 -37.16 -20.48 -5.82
C VAL E 77 -37.63 -20.81 -7.23
N ALA E 78 -37.93 -19.77 -8.03
CA ALA E 78 -38.46 -20.02 -9.36
C ALA E 78 -37.47 -20.82 -10.20
N ASN E 79 -36.18 -20.46 -10.15
CA ASN E 79 -35.19 -21.16 -10.96
C ASN E 79 -35.01 -22.59 -10.49
N ASN E 80 -34.83 -22.79 -9.18
CA ASN E 80 -34.51 -24.12 -8.68
C ASN E 80 -35.66 -25.08 -8.89
N THR E 81 -36.87 -24.70 -8.47
CA THR E 81 -37.97 -25.64 -8.53
C THR E 81 -38.50 -25.82 -9.95
N ASN E 82 -38.51 -24.74 -10.74
CA ASN E 82 -39.06 -24.75 -12.10
C ASN E 82 -37.98 -24.28 -13.06
N GLU E 83 -37.28 -25.22 -13.69
CA GLU E 83 -36.26 -24.89 -14.68
C GLU E 83 -36.44 -25.65 -15.99
N GLU E 84 -37.41 -26.55 -16.09
CA GLU E 84 -37.53 -27.37 -17.30
C GLU E 84 -37.98 -26.54 -18.49
N ALA E 85 -39.00 -25.71 -18.31
CA ALA E 85 -39.55 -24.88 -19.37
C ALA E 85 -39.23 -23.42 -19.12
N GLY E 86 -38.91 -22.70 -20.20
CA GLY E 86 -38.60 -21.29 -20.07
C GLY E 86 -39.78 -20.47 -19.57
N ASP E 87 -40.98 -20.75 -20.10
CA ASP E 87 -42.15 -19.99 -19.71
C ASP E 87 -42.65 -20.33 -18.32
N GLY E 88 -42.34 -21.54 -17.83
CA GLY E 88 -42.83 -21.92 -16.50
C GLY E 88 -42.30 -21.03 -15.40
N THR E 89 -40.99 -20.76 -15.43
CA THR E 89 -40.38 -19.91 -14.41
C THR E 89 -40.97 -18.51 -14.45
N THR E 90 -41.12 -17.95 -15.66
CA THR E 90 -41.69 -16.62 -15.79
C THR E 90 -43.12 -16.57 -15.26
N THR E 91 -43.94 -17.56 -15.62
CA THR E 91 -45.31 -17.59 -15.12
C THR E 91 -45.33 -17.69 -13.60
N ALA E 92 -44.49 -18.54 -13.04
CA ALA E 92 -44.43 -18.67 -11.59
C ALA E 92 -44.06 -17.35 -10.95
N THR E 93 -43.05 -16.67 -11.49
CA THR E 93 -42.59 -15.43 -10.88
C THR E 93 -43.67 -14.35 -10.93
N VAL E 94 -44.31 -14.20 -12.09
CA VAL E 94 -45.32 -13.15 -12.21
C VAL E 94 -46.52 -13.46 -11.33
N LEU E 95 -46.94 -14.73 -11.28
CA LEU E 95 -48.03 -15.10 -10.39
C LEU E 95 -47.67 -14.82 -8.94
N ALA E 96 -46.44 -15.14 -8.54
CA ALA E 96 -46.01 -14.88 -7.18
C ALA E 96 -46.09 -13.39 -6.88
N ARG E 97 -45.61 -12.55 -7.80
CA ARG E 97 -45.65 -11.12 -7.55
C ARG E 97 -47.08 -10.64 -7.40
N SER E 98 -47.97 -11.09 -8.27
CA SER E 98 -49.36 -10.64 -8.19
C SER E 98 -49.98 -11.05 -6.88
N ILE E 99 -49.81 -12.32 -6.49
CA ILE E 99 -50.39 -12.80 -5.25
C ILE E 99 -49.84 -12.02 -4.06
N ALA E 100 -48.51 -11.80 -4.04
CA ALA E 100 -47.91 -11.11 -2.92
C ALA E 100 -48.42 -9.68 -2.82
N LYS E 101 -48.52 -8.98 -3.95
CA LYS E 101 -49.01 -7.61 -3.91
C LYS E 101 -50.43 -7.56 -3.39
N GLU E 102 -51.30 -8.45 -3.90
CA GLU E 102 -52.68 -8.45 -3.43
C GLU E 102 -52.75 -8.76 -1.94
N GLY E 103 -51.97 -9.75 -1.50
CA GLY E 103 -52.00 -10.13 -0.09
C GLY E 103 -51.53 -9.01 0.82
N PHE E 104 -50.44 -8.33 0.44
CA PHE E 104 -49.96 -7.22 1.24
C PHE E 104 -50.99 -6.10 1.27
N GLU E 105 -51.60 -5.81 0.13
CA GLU E 105 -52.61 -4.76 0.09
C GLU E 105 -53.77 -5.08 1.04
N LYS E 106 -54.25 -6.31 1.01
CA LYS E 106 -55.35 -6.68 1.89
C LYS E 106 -54.91 -6.68 3.35
N ILE E 107 -53.70 -7.16 3.63
CA ILE E 107 -53.20 -7.17 5.00
C ILE E 107 -53.14 -5.75 5.55
N SER E 108 -52.78 -4.79 4.69
CA SER E 108 -52.75 -3.39 5.14
C SER E 108 -54.11 -2.98 5.70
N LYS E 109 -55.20 -3.56 5.19
CA LYS E 109 -56.51 -3.26 5.76
C LYS E 109 -56.64 -3.82 7.17
N GLY E 110 -55.85 -4.83 7.51
CA GLY E 110 -55.85 -5.38 8.85
C GLY E 110 -56.32 -6.82 8.92
N ALA E 111 -56.54 -7.43 7.76
CA ALA E 111 -56.99 -8.82 7.74
C ALA E 111 -55.87 -9.74 8.23
N ASN E 112 -56.28 -10.88 8.77
CA ASN E 112 -55.33 -11.81 9.36
C ASN E 112 -54.50 -12.48 8.28
N PRO E 113 -53.18 -12.33 8.28
CA PRO E 113 -52.37 -13.02 7.25
C PRO E 113 -52.52 -14.52 7.26
N VAL E 114 -52.67 -15.14 8.44
CA VAL E 114 -52.70 -16.59 8.51
C VAL E 114 -53.94 -17.14 7.82
N GLU E 115 -55.10 -16.56 8.11
CA GLU E 115 -56.32 -17.04 7.47
C GLU E 115 -56.33 -16.69 5.99
N ILE E 116 -55.73 -15.58 5.61
CA ILE E 116 -55.61 -15.25 4.19
C ILE E 116 -54.78 -16.31 3.48
N ARG E 117 -53.67 -16.71 4.09
CA ARG E 117 -52.86 -17.77 3.50
C ARG E 117 -53.64 -19.08 3.45
N ARG E 118 -54.44 -19.35 4.46
CA ARG E 118 -55.28 -20.54 4.44
C ARG E 118 -56.20 -20.53 3.23
N GLY E 119 -56.90 -19.40 3.02
CA GLY E 119 -57.76 -19.29 1.86
C GLY E 119 -57.00 -19.41 0.55
N VAL E 120 -55.81 -18.82 0.50
CA VAL E 120 -55.01 -18.86 -0.73
C VAL E 120 -54.63 -20.29 -1.06
N MET E 121 -54.13 -21.03 -0.09
CA MET E 121 -53.73 -22.40 -0.36
C MET E 121 -54.93 -23.28 -0.65
N LEU E 122 -56.09 -23.01 -0.03
CA LEU E 122 -57.29 -23.76 -0.39
C LEU E 122 -57.67 -23.51 -1.85
N ALA E 123 -57.61 -22.25 -2.29
CA ALA E 123 -57.90 -21.95 -3.69
C ALA E 123 -56.90 -22.64 -4.61
N VAL E 124 -55.62 -22.64 -4.21
CA VAL E 124 -54.60 -23.30 -5.04
C VAL E 124 -54.89 -24.78 -5.15
N ASP E 125 -55.29 -25.42 -4.05
CA ASP E 125 -55.65 -26.83 -4.09
C ASP E 125 -56.84 -27.05 -5.02
N ALA E 126 -57.85 -26.19 -4.93
CA ALA E 126 -59.02 -26.35 -5.79
C ALA E 126 -58.63 -26.24 -7.26
N VAL E 127 -57.82 -25.24 -7.60
CA VAL E 127 -57.48 -25.03 -9.01
C VAL E 127 -56.59 -26.15 -9.52
N ILE E 128 -55.66 -26.64 -8.70
CA ILE E 128 -54.81 -27.74 -9.15
C ILE E 128 -55.65 -28.99 -9.36
N ALA E 129 -56.62 -29.24 -8.47
CA ALA E 129 -57.50 -30.39 -8.67
C ALA E 129 -58.29 -30.24 -9.98
N GLU E 130 -58.83 -29.05 -10.22
CA GLU E 130 -59.59 -28.84 -11.45
C GLU E 130 -58.71 -29.02 -12.68
N LEU E 131 -57.49 -28.50 -12.63
CA LEU E 131 -56.58 -28.66 -13.77
C LEU E 131 -56.27 -30.13 -14.01
N LYS E 132 -55.98 -30.88 -12.95
CA LYS E 132 -55.76 -32.31 -13.10
C LYS E 132 -56.99 -32.97 -13.73
N LYS E 133 -58.18 -32.51 -13.35
CA LYS E 133 -59.40 -33.07 -13.91
C LYS E 133 -59.50 -32.79 -15.41
N GLN E 134 -59.15 -31.57 -15.83
CA GLN E 134 -59.37 -31.14 -17.20
C GLN E 134 -58.17 -31.41 -18.11
N SER E 135 -57.16 -32.12 -17.62
CA SER E 135 -55.96 -32.41 -18.42
C SER E 135 -56.23 -33.61 -19.30
N LYS E 136 -56.44 -33.36 -20.59
CA LYS E 136 -56.54 -34.47 -21.53
C LYS E 136 -55.16 -35.08 -21.77
N PRO E 137 -55.06 -36.40 -21.88
CA PRO E 137 -53.75 -37.05 -21.90
C PRO E 137 -53.18 -37.16 -23.32
N VAL E 138 -51.95 -37.66 -23.38
CA VAL E 138 -51.28 -37.95 -24.64
C VAL E 138 -50.53 -39.27 -24.45
N THR E 139 -50.95 -40.30 -25.18
CA THR E 139 -50.32 -41.62 -25.06
C THR E 139 -50.15 -42.35 -26.38
N THR E 140 -50.48 -41.73 -27.52
CA THR E 140 -50.40 -42.45 -28.79
C THR E 140 -49.30 -41.87 -29.67
N PRO E 141 -48.52 -42.72 -30.33
CA PRO E 141 -47.36 -42.20 -31.08
C PRO E 141 -47.72 -41.12 -32.08
N GLU E 142 -48.87 -41.24 -32.74
CA GLU E 142 -49.29 -40.18 -33.66
C GLU E 142 -49.49 -38.87 -32.92
N GLU E 143 -50.12 -38.92 -31.74
CA GLU E 143 -50.30 -37.71 -30.95
C GLU E 143 -48.98 -37.22 -30.39
N ILE E 144 -48.06 -38.14 -30.07
CA ILE E 144 -46.73 -37.72 -29.63
C ILE E 144 -46.05 -36.94 -30.74
N ALA E 145 -46.13 -37.43 -31.97
CA ALA E 145 -45.57 -36.70 -33.10
C ALA E 145 -46.24 -35.34 -33.26
N GLN E 146 -47.57 -35.31 -33.12
CA GLN E 146 -48.28 -34.04 -33.24
C GLN E 146 -47.77 -33.02 -32.23
N VAL E 147 -47.68 -33.43 -30.97
CA VAL E 147 -47.24 -32.50 -29.93
C VAL E 147 -45.78 -32.13 -30.13
N ALA E 148 -44.94 -33.07 -30.57
CA ALA E 148 -43.54 -32.74 -30.82
C ALA E 148 -43.42 -31.69 -31.92
N THR E 149 -44.17 -31.86 -33.01
CA THR E 149 -44.16 -30.85 -34.06
C THR E 149 -44.65 -29.52 -33.53
N ILE E 150 -45.70 -29.54 -32.70
CA ILE E 150 -46.23 -28.31 -32.14
C ILE E 150 -45.16 -27.60 -31.32
N SER E 151 -44.43 -28.35 -30.49
CA SER E 151 -43.36 -27.75 -29.71
C SER E 151 -42.26 -27.21 -30.61
N ALA E 152 -41.96 -27.92 -31.69
CA ALA E 152 -40.95 -27.49 -32.65
C ALA E 152 -41.46 -26.42 -33.60
N ASN E 153 -42.59 -25.80 -33.30
CA ASN E 153 -43.17 -24.76 -34.16
C ASN E 153 -43.58 -25.32 -35.51
N GLY E 154 -44.01 -26.58 -35.55
CA GLY E 154 -44.52 -27.18 -36.76
C GLY E 154 -43.50 -27.90 -37.61
N ASP E 155 -42.22 -27.88 -37.24
CA ASP E 155 -41.23 -28.64 -37.98
C ASP E 155 -41.52 -30.13 -37.88
N LYS E 156 -41.43 -30.82 -39.01
CA LYS E 156 -42.01 -32.16 -39.12
C LYS E 156 -41.01 -33.27 -38.83
N GLU E 157 -39.90 -33.31 -39.58
CA GLU E 157 -38.95 -34.41 -39.43
C GLU E 157 -38.46 -34.51 -37.99
N ILE E 158 -38.36 -33.38 -37.29
CA ILE E 158 -37.94 -33.40 -35.89
C ILE E 158 -38.95 -34.18 -35.06
N GLY E 159 -40.24 -33.90 -35.25
CA GLY E 159 -41.26 -34.64 -34.53
C GLY E 159 -41.26 -36.11 -34.90
N ASN E 160 -41.05 -36.41 -36.18
CA ASN E 160 -41.02 -37.80 -36.62
C ASN E 160 -39.90 -38.56 -35.93
N ILE E 161 -38.70 -37.98 -35.90
CA ILE E 161 -37.57 -38.67 -35.28
C ILE E 161 -37.77 -38.79 -33.77
N ILE E 162 -38.34 -37.77 -33.14
CA ILE E 162 -38.59 -37.86 -31.71
C ILE E 162 -39.59 -38.97 -31.40
N SER E 163 -40.66 -39.05 -32.19
CA SER E 163 -41.63 -40.12 -32.00
C SER E 163 -40.98 -41.48 -32.22
N ASP E 164 -40.13 -41.59 -33.24
CA ASP E 164 -39.43 -42.85 -33.48
C ASP E 164 -38.58 -43.23 -32.27
N ALA E 165 -37.83 -42.28 -31.72
CA ALA E 165 -36.98 -42.57 -30.58
C ALA E 165 -37.81 -43.04 -29.39
N MET E 166 -38.86 -42.31 -29.06
CA MET E 166 -39.65 -42.68 -27.88
C MET E 166 -40.31 -44.04 -28.08
N LYS E 167 -40.89 -44.30 -29.25
CA LYS E 167 -41.51 -45.58 -29.49
C LYS E 167 -40.49 -46.72 -29.55
N LYS E 168 -39.23 -46.41 -29.86
CA LYS E 168 -38.22 -47.44 -29.99
C LYS E 168 -37.60 -47.81 -28.65
N VAL E 169 -37.30 -46.84 -27.81
CA VAL E 169 -36.72 -47.13 -26.49
C VAL E 169 -37.81 -47.32 -25.44
N GLY E 170 -38.77 -46.42 -25.41
CA GLY E 170 -39.85 -46.50 -24.44
C GLY E 170 -40.29 -45.12 -23.99
N ARG E 171 -41.47 -45.09 -23.37
CA ARG E 171 -42.03 -43.83 -22.90
C ARG E 171 -41.11 -43.18 -21.88
N LYS E 172 -40.58 -43.97 -20.94
CA LYS E 172 -39.64 -43.49 -19.93
C LYS E 172 -38.20 -43.80 -20.31
N GLY E 173 -37.93 -43.95 -21.61
CA GLY E 173 -36.60 -44.27 -22.06
C GLY E 173 -35.64 -43.11 -21.88
N VAL E 174 -34.37 -43.39 -22.15
CA VAL E 174 -33.30 -42.41 -22.03
C VAL E 174 -32.89 -42.00 -23.44
N ILE E 175 -32.95 -40.71 -23.72
CA ILE E 175 -32.64 -40.16 -25.04
C ILE E 175 -31.64 -39.03 -24.88
N THR E 176 -30.70 -38.94 -25.81
CA THR E 176 -29.71 -37.88 -25.84
C THR E 176 -29.51 -37.42 -27.28
N VAL E 177 -28.68 -36.39 -27.45
CA VAL E 177 -28.44 -35.79 -28.76
C VAL E 177 -26.94 -35.75 -29.01
N LYS E 178 -26.57 -35.68 -30.29
CA LYS E 178 -25.18 -35.69 -30.69
C LYS E 178 -25.08 -35.13 -32.10
N ASP E 179 -23.90 -34.60 -32.42
CA ASP E 179 -23.64 -34.11 -33.78
C ASP E 179 -23.55 -35.31 -34.72
N GLY E 180 -24.36 -35.28 -35.78
CA GLY E 180 -24.40 -36.40 -36.71
C GLY E 180 -23.36 -36.34 -37.81
N LYS E 181 -22.66 -35.22 -37.95
CA LYS E 181 -21.67 -35.03 -39.01
C LYS E 181 -22.18 -35.59 -40.33
N THR E 182 -23.45 -35.31 -40.64
CA THR E 182 -24.05 -35.75 -41.90
C THR E 182 -25.11 -34.72 -42.29
N LEU E 183 -25.72 -34.95 -43.45
CA LEU E 183 -26.70 -34.03 -44.00
C LEU E 183 -28.12 -34.29 -43.50
N ASN E 184 -28.35 -35.37 -42.75
CA ASN E 184 -29.67 -35.71 -42.27
C ASN E 184 -29.60 -36.15 -40.81
N ASP E 185 -30.52 -35.67 -40.00
CA ASP E 185 -30.61 -36.10 -38.61
C ASP E 185 -31.11 -37.55 -38.57
N GLU E 186 -30.52 -38.35 -37.70
CA GLU E 186 -30.78 -39.78 -37.68
C GLU E 186 -30.86 -40.24 -36.23
N LEU E 187 -30.84 -41.55 -36.03
CA LEU E 187 -31.01 -42.19 -34.73
C LEU E 187 -29.99 -43.30 -34.57
N GLU E 188 -29.72 -43.66 -33.32
CA GLU E 188 -28.83 -44.78 -33.03
C GLU E 188 -29.05 -45.22 -31.58
N ILE E 189 -28.84 -46.51 -31.34
CA ILE E 189 -28.99 -47.09 -30.01
C ILE E 189 -27.69 -47.81 -29.66
N ILE E 190 -27.25 -47.67 -28.41
CA ILE E 190 -26.10 -48.38 -27.90
C ILE E 190 -26.40 -48.80 -26.46
N GLU E 191 -25.46 -49.54 -25.87
CA GLU E 191 -25.55 -49.89 -24.46
C GLU E 191 -25.12 -48.69 -23.63
N GLY E 192 -25.93 -48.34 -22.63
CA GLY E 192 -25.65 -47.18 -21.82
C GLY E 192 -26.17 -47.34 -20.41
N MET E 193 -25.97 -46.29 -19.61
CA MET E 193 -26.39 -46.27 -18.22
C MET E 193 -26.61 -44.84 -17.80
N LYS E 194 -27.61 -44.61 -16.95
CA LYS E 194 -27.90 -43.27 -16.48
C LYS E 194 -28.37 -43.32 -15.03
N PHE E 195 -28.17 -42.22 -14.31
CA PHE E 195 -28.54 -42.11 -12.92
C PHE E 195 -29.02 -40.70 -12.63
N ASP E 196 -29.86 -40.58 -11.61
CA ASP E 196 -30.31 -39.28 -11.12
C ASP E 196 -29.31 -38.71 -10.11
N ARG E 197 -28.04 -38.65 -10.52
CA ARG E 197 -26.96 -38.15 -9.68
C ARG E 197 -26.12 -37.20 -10.52
N GLY E 198 -26.08 -35.93 -10.12
CA GLY E 198 -25.25 -34.96 -10.80
C GLY E 198 -23.80 -35.05 -10.37
N TYR E 199 -22.98 -34.21 -10.99
CA TYR E 199 -21.60 -34.08 -10.58
C TYR E 199 -21.51 -33.70 -9.11
N ILE E 200 -20.33 -33.91 -8.53
CA ILE E 200 -20.10 -33.52 -7.14
C ILE E 200 -19.46 -32.15 -7.04
N SER E 201 -18.40 -31.91 -7.80
CA SER E 201 -17.65 -30.68 -7.67
C SER E 201 -18.34 -29.54 -8.40
N PRO E 202 -18.69 -28.45 -7.73
CA PRO E 202 -19.38 -27.35 -8.44
C PRO E 202 -18.55 -26.73 -9.56
N TYR E 203 -17.23 -26.78 -9.47
CA TYR E 203 -16.37 -26.11 -10.43
C TYR E 203 -15.81 -27.06 -11.49
N PHE E 204 -16.26 -28.31 -11.52
CA PHE E 204 -15.80 -29.29 -12.51
C PHE E 204 -16.82 -29.33 -13.64
N ILE E 205 -16.70 -28.38 -14.57
CA ILE E 205 -17.55 -28.30 -15.74
C ILE E 205 -16.61 -28.27 -16.94
N ASN E 206 -16.37 -29.43 -17.55
CA ASN E 206 -15.40 -29.51 -18.62
C ASN E 206 -15.81 -28.64 -19.80
N THR E 207 -17.09 -28.66 -20.17
CA THR E 207 -17.62 -27.87 -21.27
C THR E 207 -18.41 -26.71 -20.65
N SER E 208 -17.75 -25.57 -20.48
CA SER E 208 -18.39 -24.42 -19.84
C SER E 208 -19.58 -23.93 -20.66
N LYS E 209 -19.43 -23.89 -21.98
CA LYS E 209 -20.51 -23.38 -22.82
C LYS E 209 -21.78 -24.20 -22.62
N GLY E 210 -21.66 -25.52 -22.59
CA GLY E 210 -22.81 -26.40 -22.48
C GLY E 210 -23.21 -26.75 -21.07
N GLN E 211 -22.55 -26.19 -20.06
CA GLN E 211 -22.86 -26.50 -18.66
C GLN E 211 -22.86 -28.02 -18.46
N LYS E 212 -21.72 -28.63 -18.79
CA LYS E 212 -21.65 -30.07 -18.85
C LYS E 212 -20.23 -30.53 -18.59
N CYS E 213 -20.10 -31.81 -18.23
CA CYS E 213 -18.82 -32.49 -18.12
C CYS E 213 -18.76 -33.55 -19.21
N GLU E 214 -17.77 -33.43 -20.10
CA GLU E 214 -17.67 -34.28 -21.28
C GLU E 214 -16.36 -35.05 -21.24
N PHE E 215 -16.45 -36.35 -21.50
CA PHE E 215 -15.28 -37.20 -21.61
C PHE E 215 -15.62 -38.40 -22.48
N GLN E 216 -14.63 -38.87 -23.23
CA GLN E 216 -14.82 -39.95 -24.19
C GLN E 216 -13.77 -41.04 -23.98
N ASP E 217 -14.20 -42.29 -24.10
CA ASP E 217 -13.33 -43.44 -23.94
C ASP E 217 -12.58 -43.39 -22.62
N ALA E 218 -13.35 -43.47 -21.54
CA ALA E 218 -12.83 -43.35 -20.18
C ALA E 218 -13.01 -44.66 -19.42
N TYR E 219 -12.07 -44.93 -18.52
CA TYR E 219 -12.20 -46.06 -17.60
C TYR E 219 -12.97 -45.61 -16.36
N VAL E 220 -13.44 -46.58 -15.58
CA VAL E 220 -14.25 -46.29 -14.40
C VAL E 220 -13.70 -47.08 -13.21
N LEU E 221 -13.96 -46.54 -12.01
CA LEU E 221 -13.69 -47.21 -10.75
C LEU E 221 -14.90 -47.07 -9.85
N LEU E 222 -15.22 -48.14 -9.12
CA LEU E 222 -16.38 -48.19 -8.25
C LEU E 222 -15.95 -48.66 -6.86
N SER E 223 -16.51 -48.03 -5.83
CA SER E 223 -16.17 -48.37 -4.45
C SER E 223 -17.38 -48.09 -3.57
N GLU E 224 -17.92 -49.15 -2.96
CA GLU E 224 -19.03 -48.99 -2.04
C GLU E 224 -18.64 -48.16 -0.83
N LYS E 225 -17.35 -48.10 -0.52
CA LYS E 225 -16.88 -47.40 0.67
C LYS E 225 -16.92 -45.90 0.46
N LYS E 226 -16.92 -45.17 1.58
CA LYS E 226 -16.80 -43.71 1.55
C LYS E 226 -15.37 -43.33 1.21
N ILE E 227 -15.21 -42.40 0.26
CA ILE E 227 -13.89 -42.03 -0.24
C ILE E 227 -13.67 -40.53 -0.06
N SER E 228 -14.27 -39.97 0.99
CA SER E 228 -14.09 -38.54 1.28
C SER E 228 -12.84 -38.33 2.13
N SER E 229 -12.01 -37.38 1.72
CA SER E 229 -10.82 -37.01 2.48
C SER E 229 -9.83 -38.17 2.58
N ILE E 230 -9.86 -39.08 1.61
CA ILE E 230 -8.99 -40.25 1.59
C ILE E 230 -8.02 -40.10 0.43
N GLN E 231 -6.73 -40.11 0.74
CA GLN E 231 -5.68 -40.06 -0.28
C GLN E 231 -5.31 -41.49 -0.66
N SER E 232 -4.17 -41.67 -1.34
CA SER E 232 -3.74 -42.94 -1.92
C SER E 232 -4.54 -43.30 -3.16
N ILE E 233 -5.27 -42.34 -3.72
CA ILE E 233 -5.94 -42.51 -5.00
C ILE E 233 -4.91 -42.37 -6.13
N VAL E 234 -3.66 -42.08 -5.75
CA VAL E 234 -2.66 -41.68 -6.74
C VAL E 234 -2.47 -42.75 -7.81
N PRO E 235 -2.40 -44.05 -7.51
CA PRO E 235 -2.17 -45.03 -8.58
C PRO E 235 -3.19 -44.95 -9.70
N ALA E 236 -4.45 -44.66 -9.37
CA ALA E 236 -5.44 -44.42 -10.40
C ALA E 236 -5.01 -43.27 -11.31
N LEU E 237 -4.52 -42.18 -10.71
CA LEU E 237 -4.01 -41.07 -11.50
C LEU E 237 -2.78 -41.48 -12.30
N GLU E 238 -1.98 -42.41 -11.80
CA GLU E 238 -0.81 -42.87 -12.53
C GLU E 238 -1.23 -43.60 -13.80
N ILE E 239 -2.19 -44.52 -13.68
CA ILE E 239 -2.67 -45.21 -14.87
C ILE E 239 -3.47 -44.28 -15.77
N ALA E 240 -4.04 -43.21 -15.21
CA ALA E 240 -4.70 -42.20 -16.03
C ALA E 240 -3.69 -41.35 -16.80
N ASN E 241 -2.50 -41.13 -16.23
CA ASN E 241 -1.47 -40.40 -16.95
C ASN E 241 -0.80 -41.28 -18.00
N ALA E 242 -0.55 -42.54 -17.68
CA ALA E 242 -0.01 -43.47 -18.67
C ALA E 242 -1.01 -43.68 -19.80
N HIS E 243 -2.21 -44.14 -19.47
CA HIS E 243 -3.30 -44.22 -20.43
C HIS E 243 -4.02 -42.87 -20.43
N ARG E 244 -3.87 -42.12 -21.51
CA ARG E 244 -4.49 -40.80 -21.61
C ARG E 244 -6.01 -40.85 -21.48
N LYS E 245 -6.60 -42.04 -21.42
CA LYS E 245 -8.04 -42.15 -21.28
C LYS E 245 -8.49 -41.49 -19.98
N PRO E 246 -9.63 -40.82 -19.96
CA PRO E 246 -10.13 -40.26 -18.71
C PRO E 246 -10.56 -41.37 -17.76
N LEU E 247 -10.71 -40.99 -16.49
CA LEU E 247 -11.16 -41.90 -15.44
C LEU E 247 -12.35 -41.27 -14.74
N VAL E 248 -13.23 -42.13 -14.23
CA VAL E 248 -14.42 -41.67 -13.51
C VAL E 248 -14.61 -42.55 -12.28
N ILE E 249 -14.95 -41.92 -11.16
CA ILE E 249 -15.03 -42.58 -9.87
C ILE E 249 -16.47 -42.54 -9.38
N ILE E 250 -16.94 -43.67 -8.87
CA ILE E 250 -18.25 -43.76 -8.24
C ILE E 250 -18.04 -44.27 -6.82
N ALA E 251 -18.53 -43.52 -5.84
CA ALA E 251 -18.43 -43.91 -4.43
C ALA E 251 -19.65 -43.36 -3.70
N GLU E 252 -19.66 -43.52 -2.38
CA GLU E 252 -20.74 -42.95 -1.59
C GLU E 252 -20.72 -41.43 -1.67
N ASP E 253 -19.56 -40.83 -1.46
CA ASP E 253 -19.38 -39.39 -1.63
C ASP E 253 -17.90 -39.06 -1.45
N VAL E 254 -17.51 -37.91 -1.99
CA VAL E 254 -16.15 -37.39 -1.86
C VAL E 254 -16.24 -35.98 -1.31
N ASP E 255 -15.44 -35.69 -0.28
CA ASP E 255 -15.50 -34.41 0.39
C ASP E 255 -14.18 -34.17 1.12
N GLY E 256 -13.97 -32.91 1.52
CA GLY E 256 -12.83 -32.56 2.33
C GLY E 256 -11.50 -32.54 1.58
N GLU E 257 -10.54 -33.34 2.05
CA GLU E 257 -9.19 -33.27 1.49
C GLU E 257 -9.18 -33.70 0.03
N ALA E 258 -9.81 -34.83 -0.29
CA ALA E 258 -9.82 -35.31 -1.67
C ALA E 258 -10.56 -34.33 -2.57
N LEU E 259 -11.70 -33.82 -2.10
CA LEU E 259 -12.46 -32.85 -2.88
C LEU E 259 -11.61 -31.62 -3.18
N SER E 260 -10.95 -31.07 -2.16
CA SER E 260 -10.14 -29.88 -2.35
C SER E 260 -8.99 -30.15 -3.31
N THR E 261 -8.30 -31.28 -3.12
CA THR E 261 -7.16 -31.59 -3.99
C THR E 261 -7.60 -31.73 -5.44
N LEU E 262 -8.69 -32.47 -5.67
CA LEU E 262 -9.12 -32.71 -7.05
C LEU E 262 -9.67 -31.44 -7.67
N VAL E 263 -10.39 -30.61 -6.92
CA VAL E 263 -10.91 -29.37 -7.49
C VAL E 263 -9.77 -28.41 -7.80
N LEU E 264 -8.72 -28.38 -6.95
CA LEU E 264 -7.56 -27.55 -7.26
C LEU E 264 -6.87 -28.04 -8.52
N ASN E 265 -6.70 -29.37 -8.65
CA ASN E 265 -6.07 -29.91 -9.85
C ASN E 265 -6.89 -29.60 -11.09
N ARG E 266 -8.21 -29.70 -10.98
CA ARG E 266 -9.08 -29.35 -12.10
C ARG E 266 -8.95 -27.88 -12.46
N LEU E 267 -8.91 -27.01 -11.45
CA LEU E 267 -8.80 -25.57 -11.71
C LEU E 267 -7.49 -25.24 -12.41
N LYS E 268 -6.38 -25.81 -11.93
CA LYS E 268 -5.07 -25.52 -12.48
C LYS E 268 -4.64 -26.54 -13.53
N VAL E 269 -4.58 -27.82 -13.15
CA VAL E 269 -4.10 -28.84 -14.07
C VAL E 269 -5.20 -29.26 -15.03
N GLY E 270 -6.45 -29.26 -14.58
CA GLY E 270 -7.54 -29.71 -15.43
C GLY E 270 -7.43 -31.18 -15.80
N LEU E 271 -7.05 -32.03 -14.86
CA LEU E 271 -6.89 -33.44 -15.16
C LEU E 271 -8.24 -34.09 -15.46
N GLN E 272 -8.18 -35.21 -16.18
CA GLN E 272 -9.37 -35.85 -16.74
C GLN E 272 -9.94 -36.92 -15.82
N VAL E 273 -10.23 -36.55 -14.57
CA VAL E 273 -10.82 -37.47 -13.60
C VAL E 273 -11.93 -36.73 -12.87
N VAL E 274 -13.11 -37.35 -12.80
CA VAL E 274 -14.24 -36.81 -12.07
C VAL E 274 -14.86 -37.93 -11.24
N ALA E 275 -15.54 -37.54 -10.16
CA ALA E 275 -16.16 -38.49 -9.26
C ALA E 275 -17.62 -38.11 -9.04
N VAL E 276 -18.46 -39.13 -8.86
CA VAL E 276 -19.89 -38.92 -8.63
C VAL E 276 -20.36 -39.87 -7.54
N LYS E 277 -21.46 -39.49 -6.89
CA LYS E 277 -21.99 -40.25 -5.77
C LYS E 277 -22.69 -41.52 -6.25
N ALA E 278 -22.77 -42.49 -5.36
CA ALA E 278 -23.48 -43.72 -5.68
C ALA E 278 -24.96 -43.44 -5.86
N PRO E 279 -25.62 -44.09 -6.83
CA PRO E 279 -27.03 -43.77 -7.10
C PRO E 279 -28.03 -44.41 -6.14
N GLY E 280 -27.72 -45.61 -5.66
CA GLY E 280 -28.68 -46.38 -4.89
C GLY E 280 -28.65 -46.08 -3.41
N PHE E 281 -29.19 -47.01 -2.64
CA PHE E 281 -29.28 -46.86 -1.18
C PHE E 281 -29.23 -48.24 -0.55
N GLY E 282 -28.30 -48.43 0.38
CA GLY E 282 -28.24 -49.69 1.12
C GLY E 282 -28.07 -50.88 0.19
N ASP E 283 -28.91 -51.89 0.38
CA ASP E 283 -28.84 -53.08 -0.45
C ASP E 283 -29.07 -52.73 -1.92
N ASN E 284 -29.96 -51.78 -2.19
CA ASN E 284 -30.12 -51.29 -3.55
C ASN E 284 -28.82 -50.70 -4.07
N ARG E 285 -28.11 -49.95 -3.22
CA ARG E 285 -26.82 -49.39 -3.63
C ARG E 285 -25.84 -50.50 -3.97
N LYS E 286 -25.80 -51.55 -3.16
CA LYS E 286 -24.88 -52.66 -3.44
C LYS E 286 -25.23 -53.35 -4.75
N ASN E 287 -26.52 -53.62 -4.96
CA ASN E 287 -26.94 -54.26 -6.21
C ASN E 287 -26.57 -53.41 -7.41
N GLN E 288 -26.78 -52.09 -7.30
CA GLN E 288 -26.47 -51.20 -8.41
C GLN E 288 -24.97 -51.12 -8.64
N LEU E 289 -24.17 -51.11 -7.58
CA LEU E 289 -22.72 -51.10 -7.76
C LEU E 289 -22.27 -52.35 -8.49
N LYS E 290 -22.82 -53.52 -8.11
CA LYS E 290 -22.48 -54.75 -8.81
C LYS E 290 -22.91 -54.68 -10.27
N ASP E 291 -24.11 -54.16 -10.53
CA ASP E 291 -24.58 -54.02 -11.89
C ASP E 291 -23.64 -53.17 -12.72
N MET E 292 -23.25 -52.01 -12.19
CA MET E 292 -22.34 -51.13 -12.92
C MET E 292 -21.01 -51.82 -13.17
N ALA E 293 -20.44 -52.45 -12.14
CA ALA E 293 -19.16 -53.13 -12.30
C ALA E 293 -19.24 -54.15 -13.42
N ILE E 294 -20.29 -54.98 -13.44
CA ILE E 294 -20.41 -55.99 -14.48
C ILE E 294 -20.63 -55.33 -15.83
N ALA E 295 -21.34 -54.21 -15.88
CA ALA E 295 -21.61 -53.55 -17.15
C ALA E 295 -20.40 -52.83 -17.71
N THR E 296 -19.38 -52.58 -16.87
CA THR E 296 -18.19 -51.89 -17.33
C THR E 296 -16.94 -52.76 -17.36
N GLY E 297 -17.04 -54.02 -16.92
CA GLY E 297 -15.88 -54.88 -16.87
C GLY E 297 -14.99 -54.69 -15.67
N GLY E 298 -15.37 -53.81 -14.75
CA GLY E 298 -14.61 -53.55 -13.55
C GLY E 298 -15.18 -54.27 -12.34
N ALA E 299 -14.77 -53.80 -11.17
CA ALA E 299 -15.23 -54.39 -9.91
C ALA E 299 -15.35 -53.29 -8.88
N VAL E 300 -16.37 -53.40 -8.03
CA VAL E 300 -16.49 -52.50 -6.89
C VAL E 300 -15.39 -52.83 -5.89
N PHE E 301 -14.68 -51.82 -5.43
CA PHE E 301 -13.51 -52.00 -4.59
C PHE E 301 -13.84 -51.99 -3.10
N GLY E 302 -15.09 -52.28 -2.74
CA GLY E 302 -15.45 -52.40 -1.35
C GLY E 302 -14.64 -53.49 -0.66
N GLU E 303 -14.00 -53.15 0.46
CA GLU E 303 -13.12 -54.10 1.12
C GLU E 303 -13.88 -55.31 1.67
N GLU E 304 -15.19 -55.19 1.87
CA GLU E 304 -15.98 -56.32 2.30
C GLU E 304 -16.02 -57.37 1.19
N GLY E 305 -15.94 -58.64 1.58
CA GLY E 305 -15.87 -59.70 0.61
C GLY E 305 -14.57 -59.62 -0.18
N LEU E 306 -14.67 -59.19 -1.44
CA LEU E 306 -13.47 -59.03 -2.26
C LEU E 306 -12.48 -58.11 -1.57
N THR E 307 -11.20 -58.48 -1.64
CA THR E 307 -10.13 -57.70 -1.02
C THR E 307 -9.44 -56.87 -2.10
N LEU E 308 -10.12 -55.80 -2.52
CA LEU E 308 -9.56 -54.83 -3.45
C LEU E 308 -9.68 -53.44 -2.83
N ASN E 309 -8.63 -52.64 -2.98
CA ASN E 309 -8.56 -51.32 -2.38
C ASN E 309 -8.07 -50.31 -3.40
N LEU E 310 -8.40 -49.04 -3.14
CA LEU E 310 -7.89 -47.96 -3.97
C LEU E 310 -6.37 -47.85 -3.90
N GLU E 311 -5.74 -48.48 -2.91
CA GLU E 311 -4.29 -48.42 -2.78
C GLU E 311 -3.61 -49.00 -4.01
N ASP E 312 -4.22 -49.99 -4.65
CA ASP E 312 -3.70 -50.60 -5.86
C ASP E 312 -4.72 -50.53 -6.97
N VAL E 313 -4.26 -50.25 -8.18
CA VAL E 313 -5.11 -50.17 -9.37
C VAL E 313 -4.47 -50.99 -10.48
N GLN E 314 -5.33 -51.53 -11.34
CA GLN E 314 -4.88 -52.24 -12.54
C GLN E 314 -5.69 -51.77 -13.73
N PRO E 315 -5.09 -51.77 -14.93
CA PRO E 315 -5.86 -51.37 -16.11
C PRO E 315 -7.08 -52.25 -16.37
N HIS E 316 -6.98 -53.54 -16.07
CA HIS E 316 -8.06 -54.48 -16.34
C HIS E 316 -9.03 -54.65 -15.18
N ASP E 317 -8.58 -54.42 -13.94
CA ASP E 317 -9.49 -54.50 -12.81
C ASP E 317 -10.46 -53.34 -12.79
N LEU E 318 -10.19 -52.27 -13.53
CA LEU E 318 -11.09 -51.14 -13.67
C LEU E 318 -11.90 -51.29 -14.96
N GLY E 319 -13.16 -50.92 -14.88
CA GLY E 319 -14.03 -51.05 -16.03
C GLY E 319 -13.80 -49.99 -17.08
N LYS E 320 -14.21 -50.32 -18.31
CA LYS E 320 -14.08 -49.43 -19.45
C LYS E 320 -15.46 -49.04 -19.95
N VAL E 321 -15.59 -47.79 -20.37
CA VAL E 321 -16.84 -47.26 -20.92
C VAL E 321 -16.51 -46.37 -22.10
N GLY E 322 -17.30 -46.49 -23.17
CA GLY E 322 -16.98 -45.79 -24.41
C GLY E 322 -17.04 -44.28 -24.25
N GLU E 323 -18.02 -43.77 -23.51
CA GLU E 323 -18.17 -42.34 -23.35
C GLU E 323 -18.89 -42.05 -22.04
N VAL E 324 -18.59 -40.89 -21.46
CA VAL E 324 -19.15 -40.45 -20.20
C VAL E 324 -19.73 -39.06 -20.37
N ILE E 325 -20.94 -38.87 -19.87
CA ILE E 325 -21.57 -37.55 -19.78
C ILE E 325 -22.07 -37.38 -18.36
N VAL E 326 -21.67 -36.29 -17.71
CA VAL E 326 -22.11 -35.97 -16.36
C VAL E 326 -22.69 -34.56 -16.38
N THR E 327 -23.88 -34.40 -15.80
CA THR E 327 -24.59 -33.14 -15.79
C THR E 327 -24.95 -32.78 -14.35
N LYS E 328 -25.64 -31.66 -14.19
CA LYS E 328 -26.24 -31.31 -12.91
C LYS E 328 -27.46 -32.18 -12.67
N ASP E 329 -27.54 -32.77 -11.47
CA ASP E 329 -28.62 -33.64 -11.04
C ASP E 329 -28.66 -34.96 -11.83
N ASP E 330 -27.75 -35.18 -12.78
CA ASP E 330 -27.82 -36.35 -13.62
C ASP E 330 -26.42 -36.73 -14.09
N ALA E 331 -26.17 -38.04 -14.16
CA ALA E 331 -24.96 -38.58 -14.75
C ALA E 331 -25.34 -39.73 -15.67
N MET E 332 -24.51 -39.97 -16.69
CA MET E 332 -24.87 -40.91 -17.73
C MET E 332 -23.62 -41.51 -18.35
N LEU E 333 -23.67 -42.82 -18.59
CA LEU E 333 -22.55 -43.59 -19.12
C LEU E 333 -22.97 -44.25 -20.43
N LEU E 334 -22.02 -44.38 -21.36
CA LEU E 334 -22.31 -44.87 -22.70
C LEU E 334 -21.33 -45.96 -23.09
N LYS E 335 -21.85 -47.06 -23.65
CA LYS E 335 -21.02 -48.10 -24.27
C LYS E 335 -20.04 -48.70 -23.26
N GLY E 336 -20.62 -49.36 -22.25
CA GLY E 336 -19.81 -50.07 -21.28
C GLY E 336 -19.14 -51.28 -21.89
N LYS E 337 -18.19 -51.82 -21.13
CA LYS E 337 -17.41 -52.98 -21.55
C LYS E 337 -17.69 -54.15 -20.61
N GLY E 338 -16.98 -55.25 -20.83
CA GLY E 338 -17.16 -56.47 -20.07
C GLY E 338 -17.66 -57.59 -20.97
N ASP E 339 -17.93 -58.72 -20.33
CA ASP E 339 -18.38 -59.92 -21.04
C ASP E 339 -19.90 -59.91 -21.16
N LYS E 340 -20.39 -59.96 -22.40
CA LYS E 340 -21.83 -59.93 -22.62
C LYS E 340 -22.50 -61.16 -22.05
N ALA E 341 -21.77 -62.28 -21.94
CA ALA E 341 -22.29 -63.43 -21.22
C ALA E 341 -22.52 -63.09 -19.75
N GLN E 342 -21.61 -62.32 -19.16
CA GLN E 342 -21.81 -61.81 -17.81
C GLN E 342 -23.06 -60.94 -17.74
N ILE E 343 -23.26 -60.11 -18.76
CA ILE E 343 -24.46 -59.28 -18.81
C ILE E 343 -25.70 -60.14 -18.84
N GLU E 344 -25.71 -61.19 -19.67
CA GLU E 344 -26.87 -62.06 -19.76
C GLU E 344 -27.12 -62.77 -18.44
N LYS E 345 -26.05 -63.24 -17.78
CA LYS E 345 -26.21 -63.90 -16.49
C LYS E 345 -26.80 -62.94 -15.46
N ARG E 346 -26.30 -61.71 -15.41
CA ARG E 346 -26.87 -60.73 -14.48
C ARG E 346 -28.33 -60.45 -14.81
N ILE E 347 -28.65 -60.36 -16.10
CA ILE E 347 -30.04 -60.11 -16.50
C ILE E 347 -30.93 -61.25 -16.04
N GLN E 348 -30.48 -62.48 -16.24
CA GLN E 348 -31.30 -63.64 -15.86
C GLN E 348 -31.48 -63.71 -14.36
N GLU E 349 -30.43 -63.44 -13.58
CA GLU E 349 -30.60 -63.47 -12.13
C GLU E 349 -31.45 -62.31 -11.64
N ILE E 350 -31.38 -61.16 -12.30
CA ILE E 350 -32.29 -60.07 -11.97
C ILE E 350 -33.73 -60.47 -12.27
N ILE E 351 -33.95 -61.14 -13.40
CA ILE E 351 -35.29 -61.57 -13.77
C ILE E 351 -35.83 -62.57 -12.74
N GLU E 352 -35.01 -63.53 -12.32
CA GLU E 352 -35.48 -64.51 -11.35
C GLU E 352 -35.72 -63.84 -10.00
N GLN E 353 -34.89 -62.86 -9.63
CA GLN E 353 -35.16 -62.08 -8.43
C GLN E 353 -36.51 -61.38 -8.52
N LEU E 354 -36.80 -60.78 -9.68
CA LEU E 354 -38.08 -60.12 -9.88
C LEU E 354 -39.24 -61.10 -9.73
N ASP E 355 -39.10 -62.28 -10.35
CA ASP E 355 -40.18 -63.26 -10.30
C ASP E 355 -40.42 -63.75 -8.87
N VAL E 356 -39.34 -64.07 -8.14
CA VAL E 356 -39.52 -64.56 -6.78
C VAL E 356 -40.02 -63.46 -5.87
N THR E 357 -39.53 -62.23 -6.05
CA THR E 357 -39.97 -61.13 -5.21
C THR E 357 -41.45 -60.82 -5.46
N THR E 358 -42.11 -60.34 -4.41
CA THR E 358 -43.52 -60.00 -4.47
C THR E 358 -43.86 -58.62 -3.92
N SER E 359 -43.02 -58.04 -3.06
CA SER E 359 -43.28 -56.71 -2.56
C SER E 359 -43.30 -55.70 -3.69
N GLU E 360 -44.23 -54.75 -3.64
CA GLU E 360 -44.34 -53.76 -4.70
C GLU E 360 -43.05 -52.98 -4.84
N TYR E 361 -42.46 -52.54 -3.71
CA TYR E 361 -41.22 -51.79 -3.78
C TYR E 361 -40.10 -52.62 -4.41
N GLU E 362 -39.93 -53.86 -3.93
CA GLU E 362 -38.89 -54.70 -4.47
C GLU E 362 -39.13 -55.00 -5.93
N LYS E 363 -40.38 -55.30 -6.30
CA LYS E 363 -40.69 -55.58 -7.70
C LYS E 363 -40.35 -54.39 -8.58
N GLU E 364 -40.73 -53.19 -8.15
CA GLU E 364 -40.47 -51.99 -8.95
C GLU E 364 -38.98 -51.72 -9.07
N LYS E 365 -38.25 -51.82 -7.97
CA LYS E 365 -36.81 -51.56 -8.01
C LYS E 365 -36.11 -52.57 -8.90
N LEU E 366 -36.51 -53.85 -8.84
CA LEU E 366 -35.91 -54.84 -9.71
C LEU E 366 -36.31 -54.61 -11.16
N ASN E 367 -37.54 -54.15 -11.41
CA ASN E 367 -37.92 -53.76 -12.77
C ASN E 367 -36.97 -52.71 -13.32
N GLU E 368 -36.72 -51.66 -12.54
CA GLU E 368 -35.83 -50.61 -13.03
C GLU E 368 -34.40 -51.11 -13.19
N ARG E 369 -33.92 -51.93 -12.25
CA ARG E 369 -32.58 -52.48 -12.37
C ARG E 369 -32.46 -53.32 -13.63
N LEU E 370 -33.48 -54.11 -13.94
CA LEU E 370 -33.49 -54.89 -15.17
C LEU E 370 -33.46 -53.98 -16.38
N ALA E 371 -34.38 -53.02 -16.44
CA ALA E 371 -34.45 -52.12 -17.59
C ALA E 371 -33.16 -51.35 -17.79
N LYS E 372 -32.40 -51.09 -16.73
CA LYS E 372 -31.18 -50.31 -16.86
C LYS E 372 -30.16 -50.98 -17.78
N LEU E 373 -30.29 -52.29 -18.01
CA LEU E 373 -29.37 -53.00 -18.89
C LEU E 373 -30.08 -53.66 -20.06
N SER E 374 -31.27 -54.22 -19.84
CA SER E 374 -32.00 -54.84 -20.93
C SER E 374 -32.37 -53.82 -22.00
N ASP E 375 -32.79 -52.63 -21.58
CA ASP E 375 -33.08 -51.57 -22.53
C ASP E 375 -31.81 -50.81 -22.89
N GLY E 376 -31.86 -50.14 -24.05
CA GLY E 376 -30.77 -49.34 -24.53
C GLY E 376 -31.02 -47.85 -24.34
N VAL E 377 -30.09 -47.07 -24.87
CA VAL E 377 -30.15 -45.61 -24.81
C VAL E 377 -30.14 -45.06 -26.23
N ALA E 378 -31.01 -44.08 -26.48
CA ALA E 378 -31.12 -43.47 -27.80
C ALA E 378 -30.27 -42.22 -27.88
N VAL E 379 -29.49 -42.11 -28.96
CA VAL E 379 -28.72 -40.91 -29.27
C VAL E 379 -29.18 -40.38 -30.61
N LEU E 380 -29.54 -39.10 -30.66
CA LEU E 380 -30.04 -38.47 -31.87
C LEU E 380 -28.87 -37.76 -32.55
N LYS E 381 -28.41 -38.33 -33.66
CA LYS E 381 -27.26 -37.79 -34.39
C LYS E 381 -27.75 -36.70 -35.33
N VAL E 382 -28.05 -35.55 -34.74
CA VAL E 382 -28.51 -34.40 -35.51
C VAL E 382 -27.34 -33.86 -36.33
N GLY E 383 -27.56 -33.66 -37.63
CA GLY E 383 -26.52 -33.25 -38.54
C GLY E 383 -26.98 -32.16 -39.48
N GLY E 384 -26.03 -31.66 -40.26
CA GLY E 384 -26.31 -30.59 -41.19
C GLY E 384 -25.04 -30.19 -41.93
N THR E 385 -25.18 -29.11 -42.71
CA THR E 385 -24.07 -28.69 -43.56
C THR E 385 -22.94 -28.06 -42.74
N SER E 386 -23.29 -27.25 -41.75
CA SER E 386 -22.30 -26.46 -41.02
C SER E 386 -22.47 -26.65 -39.52
N ASP E 387 -21.36 -26.54 -38.79
CA ASP E 387 -21.37 -26.82 -37.36
C ASP E 387 -22.31 -25.88 -36.61
N VAL E 388 -22.34 -24.60 -36.98
CA VAL E 388 -23.19 -23.66 -36.26
C VAL E 388 -24.66 -23.99 -36.45
N GLU E 389 -25.06 -24.32 -37.68
CA GLU E 389 -26.47 -24.64 -37.91
C GLU E 389 -26.87 -25.93 -37.22
N VAL E 390 -25.99 -26.93 -37.19
CA VAL E 390 -26.33 -28.14 -36.45
C VAL E 390 -26.38 -27.86 -34.96
N ASN E 391 -25.57 -26.93 -34.47
CA ASN E 391 -25.68 -26.55 -33.06
C ASN E 391 -27.05 -25.94 -32.78
N GLU E 392 -27.51 -25.04 -33.66
CA GLU E 392 -28.83 -24.45 -33.49
C GLU E 392 -29.93 -25.51 -33.55
N LYS E 393 -29.84 -26.41 -34.53
CA LYS E 393 -30.81 -27.49 -34.64
C LYS E 393 -30.77 -28.38 -33.40
N LYS E 394 -29.58 -28.63 -32.86
CA LYS E 394 -29.45 -29.46 -31.66
C LYS E 394 -30.13 -28.79 -30.47
N ASP E 395 -29.92 -27.49 -30.31
CA ASP E 395 -30.59 -26.78 -29.23
C ASP E 395 -32.10 -26.90 -29.36
N ARG E 396 -32.62 -26.68 -30.57
CA ARG E 396 -34.07 -26.77 -30.74
C ARG E 396 -34.56 -28.20 -30.54
N VAL E 397 -33.76 -29.19 -30.93
CA VAL E 397 -34.15 -30.58 -30.74
C VAL E 397 -34.23 -30.91 -29.27
N THR E 398 -33.25 -30.46 -28.48
CA THR E 398 -33.31 -30.67 -27.04
C THR E 398 -34.55 -30.00 -26.46
N ASP E 399 -34.83 -28.78 -26.89
CA ASP E 399 -36.02 -28.07 -26.41
C ASP E 399 -37.28 -28.88 -26.68
N ALA E 400 -37.46 -29.31 -27.93
CA ALA E 400 -38.67 -30.03 -28.29
C ALA E 400 -38.74 -31.38 -27.56
N LEU E 401 -37.60 -32.05 -27.42
CA LEU E 401 -37.57 -33.32 -26.71
C LEU E 401 -38.03 -33.14 -25.28
N ASN E 402 -37.51 -32.12 -24.60
CA ASN E 402 -37.92 -31.88 -23.22
C ASN E 402 -39.40 -31.54 -23.14
N ALA E 403 -39.89 -30.71 -24.06
CA ALA E 403 -41.30 -30.34 -24.03
C ALA E 403 -42.19 -31.55 -24.19
N THR E 404 -41.90 -32.40 -25.18
CA THR E 404 -42.74 -33.56 -25.41
C THR E 404 -42.60 -34.60 -24.30
N ARG E 405 -41.40 -34.72 -23.71
CA ARG E 405 -41.25 -35.63 -22.59
C ARG E 405 -42.10 -35.17 -21.41
N ALA E 406 -42.11 -33.86 -21.14
CA ALA E 406 -42.99 -33.36 -20.09
C ALA E 406 -44.46 -33.63 -20.44
N ALA E 407 -44.83 -33.40 -21.70
CA ALA E 407 -46.22 -33.60 -22.09
C ALA E 407 -46.64 -35.05 -21.87
N VAL E 408 -45.80 -36.00 -22.27
CA VAL E 408 -46.15 -37.40 -22.09
C VAL E 408 -46.13 -37.78 -20.61
N GLU E 409 -45.26 -37.14 -19.82
CA GLU E 409 -45.26 -37.40 -18.38
C GLU E 409 -46.59 -37.00 -17.77
N GLU E 410 -47.11 -35.82 -18.13
CA GLU E 410 -48.34 -35.31 -17.52
C GLU E 410 -49.26 -34.70 -18.56
N GLY E 411 -49.42 -35.35 -19.70
CA GLY E 411 -50.45 -34.93 -20.63
C GLY E 411 -50.21 -33.53 -21.18
N ILE E 412 -51.32 -32.90 -21.60
CA ILE E 412 -51.30 -31.57 -22.20
C ILE E 412 -52.54 -30.82 -21.77
N VAL E 413 -52.50 -29.50 -21.93
CA VAL E 413 -53.64 -28.63 -21.66
C VAL E 413 -53.54 -27.42 -22.59
N LEU E 414 -54.61 -26.62 -22.62
CA LEU E 414 -54.66 -25.44 -23.47
C LEU E 414 -53.46 -24.54 -23.21
N GLY E 415 -52.85 -24.04 -24.28
CA GLY E 415 -51.76 -23.12 -24.19
C GLY E 415 -52.21 -21.67 -24.11
N GLY E 416 -51.29 -20.77 -24.44
CA GLY E 416 -51.61 -19.36 -24.47
C GLY E 416 -52.11 -18.80 -23.16
N GLY E 417 -51.78 -19.44 -22.04
CA GLY E 417 -52.21 -18.94 -20.75
C GLY E 417 -53.69 -19.02 -20.50
N CYS E 418 -54.44 -19.72 -21.35
CA CYS E 418 -55.87 -19.84 -21.17
C CYS E 418 -56.27 -21.05 -20.33
N ALA E 419 -55.32 -21.97 -20.08
CA ALA E 419 -55.64 -23.14 -19.27
C ALA E 419 -56.17 -22.72 -17.90
N LEU E 420 -55.46 -21.83 -17.22
CA LEU E 420 -55.91 -21.36 -15.92
C LEU E 420 -57.25 -20.66 -16.04
N LEU E 421 -57.43 -19.85 -17.09
CA LEU E 421 -58.70 -19.17 -17.28
C LEU E 421 -59.86 -20.14 -17.31
N ARG E 422 -59.62 -21.37 -17.78
CA ARG E 422 -60.67 -22.38 -17.80
C ARG E 422 -61.01 -22.90 -16.41
N CYS E 423 -60.19 -22.59 -15.41
CA CYS E 423 -60.40 -23.10 -14.05
C CYS E 423 -61.14 -22.11 -13.17
N ILE E 424 -61.57 -20.97 -13.71
CA ILE E 424 -62.29 -19.97 -12.90
C ILE E 424 -63.51 -20.58 -12.23
N PRO E 425 -64.38 -21.34 -12.92
CA PRO E 425 -65.59 -21.84 -12.25
C PRO E 425 -65.30 -22.72 -11.04
N ALA E 426 -64.21 -23.49 -11.08
CA ALA E 426 -63.94 -24.42 -9.98
C ALA E 426 -63.84 -23.72 -8.64
N LEU E 427 -63.48 -22.43 -8.62
CA LEU E 427 -63.41 -21.70 -7.36
C LEU E 427 -64.78 -21.41 -6.79
N ASP E 428 -65.82 -21.36 -7.64
CA ASP E 428 -67.15 -21.04 -7.13
C ASP E 428 -67.69 -22.14 -6.23
N SER E 429 -67.26 -23.38 -6.45
CA SER E 429 -67.73 -24.48 -5.59
C SER E 429 -67.27 -24.29 -4.16
N LEU E 430 -66.03 -23.81 -3.98
CA LEU E 430 -65.46 -23.73 -2.64
C LEU E 430 -66.24 -22.76 -1.77
N THR E 431 -66.21 -23.02 -0.46
CA THR E 431 -66.91 -22.21 0.53
C THR E 431 -65.93 -21.82 1.63
N PRO E 432 -65.83 -20.55 1.99
CA PRO E 432 -64.88 -20.14 3.03
C PRO E 432 -65.48 -20.17 4.42
N ALA E 433 -64.70 -20.70 5.37
CA ALA E 433 -65.15 -20.73 6.76
C ALA E 433 -65.29 -19.32 7.33
N ASN E 434 -64.34 -18.44 7.03
CA ASN E 434 -64.33 -17.08 7.54
C ASN E 434 -64.27 -16.10 6.36
N GLU E 435 -64.12 -14.81 6.68
CA GLU E 435 -64.03 -13.78 5.65
C GLU E 435 -62.64 -13.68 5.06
N ASP E 436 -61.60 -13.81 5.89
CA ASP E 436 -60.24 -13.76 5.38
C ASP E 436 -60.01 -14.85 4.34
N GLN E 437 -60.60 -16.03 4.56
CA GLN E 437 -60.50 -17.09 3.56
C GLN E 437 -61.17 -16.66 2.27
N LYS E 438 -62.33 -16.01 2.36
CA LYS E 438 -62.99 -15.51 1.17
C LYS E 438 -62.10 -14.51 0.43
N ILE E 439 -61.40 -13.67 1.17
CA ILE E 439 -60.50 -12.71 0.54
C ILE E 439 -59.37 -13.44 -0.16
N GLY E 440 -58.85 -14.52 0.45
CA GLY E 440 -57.86 -15.32 -0.23
C GLY E 440 -58.38 -15.91 -1.53
N ILE E 441 -59.61 -16.43 -1.49
CA ILE E 441 -60.21 -17.01 -2.69
C ILE E 441 -60.32 -15.95 -3.78
N GLU E 442 -60.79 -14.75 -3.42
CA GLU E 442 -60.96 -13.72 -4.43
C GLU E 442 -59.61 -13.22 -4.96
N ILE E 443 -58.58 -13.20 -4.11
CA ILE E 443 -57.26 -12.83 -4.60
C ILE E 443 -56.78 -13.85 -5.63
N ILE E 444 -56.93 -15.13 -5.34
CA ILE E 444 -56.49 -16.14 -6.30
C ILE E 444 -57.30 -16.05 -7.58
N LYS E 445 -58.60 -15.78 -7.46
CA LYS E 445 -59.44 -15.62 -8.64
C LYS E 445 -58.96 -14.46 -9.48
N ARG E 446 -58.59 -13.34 -8.84
CA ARG E 446 -58.06 -12.21 -9.58
C ARG E 446 -56.75 -12.57 -10.27
N THR E 447 -55.85 -13.26 -9.55
CA THR E 447 -54.49 -13.43 -10.03
C THR E 447 -54.34 -14.54 -11.07
N LEU E 448 -55.27 -15.49 -11.13
CA LEU E 448 -55.12 -16.56 -12.11
C LEU E 448 -55.11 -16.02 -13.54
N LYS E 449 -55.65 -14.83 -13.77
CA LYS E 449 -55.71 -14.23 -15.09
C LYS E 449 -54.44 -13.48 -15.46
N ILE E 450 -53.46 -13.42 -14.56
CA ILE E 450 -52.26 -12.64 -14.82
C ILE E 450 -51.50 -13.12 -16.04
N PRO E 451 -51.25 -14.43 -16.24
CA PRO E 451 -50.42 -14.82 -17.38
C PRO E 451 -51.03 -14.49 -18.74
N ALA E 452 -52.33 -14.76 -18.92
CA ALA E 452 -52.97 -14.41 -20.19
C ALA E 452 -52.97 -12.90 -20.40
N MET E 453 -53.24 -12.15 -19.34
CA MET E 453 -53.19 -10.68 -19.43
C MET E 453 -51.81 -10.22 -19.87
N THR E 454 -50.76 -10.81 -19.27
CA THR E 454 -49.40 -10.43 -19.61
C THR E 454 -49.07 -10.77 -21.06
N ILE E 455 -49.50 -11.95 -21.52
CA ILE E 455 -49.23 -12.34 -22.90
C ILE E 455 -49.94 -11.39 -23.86
N ALA E 456 -51.19 -11.05 -23.56
CA ALA E 456 -51.91 -10.11 -24.41
C ALA E 456 -51.22 -8.76 -24.44
N LYS E 457 -50.77 -8.28 -23.27
CA LYS E 457 -50.05 -7.00 -23.23
C LYS E 457 -48.78 -7.06 -24.06
N ASN E 458 -48.05 -8.18 -23.97
CA ASN E 458 -46.87 -8.35 -24.80
C ASN E 458 -47.23 -8.28 -26.27
N ALA E 459 -48.34 -8.91 -26.66
CA ALA E 459 -48.81 -8.76 -28.03
C ALA E 459 -49.20 -7.32 -28.33
N GLY E 460 -49.57 -6.55 -27.31
CA GLY E 460 -49.90 -5.16 -27.46
C GLY E 460 -51.39 -4.86 -27.42
N VAL E 461 -52.24 -5.85 -27.67
CA VAL E 461 -53.68 -5.63 -27.60
C VAL E 461 -54.09 -5.54 -26.13
N GLU E 462 -55.17 -4.79 -25.88
CA GLU E 462 -55.64 -4.60 -24.52
C GLU E 462 -56.01 -5.94 -23.90
N GLY E 463 -55.29 -6.32 -22.85
CA GLY E 463 -55.47 -7.64 -22.27
C GLY E 463 -56.84 -7.84 -21.65
N SER E 464 -57.42 -6.81 -21.07
CA SER E 464 -58.69 -6.95 -20.37
C SER E 464 -59.78 -7.46 -21.30
N LEU E 465 -59.91 -6.82 -22.47
CA LEU E 465 -60.91 -7.26 -23.44
C LEU E 465 -60.65 -8.69 -23.88
N ILE E 466 -59.38 -9.03 -24.09
CA ILE E 466 -59.04 -10.38 -24.55
C ILE E 466 -59.47 -11.41 -23.52
N VAL E 467 -59.12 -11.18 -22.25
CA VAL E 467 -59.46 -12.16 -21.21
C VAL E 467 -60.96 -12.24 -21.01
N GLU E 468 -61.66 -11.10 -21.13
CA GLU E 468 -63.12 -11.13 -21.06
C GLU E 468 -63.69 -12.00 -22.18
N LYS E 469 -63.17 -11.84 -23.39
CA LYS E 469 -63.60 -12.69 -24.50
C LYS E 469 -63.33 -14.16 -24.21
N ILE E 470 -62.14 -14.45 -23.69
CA ILE E 470 -61.76 -15.85 -23.45
C ILE E 470 -62.69 -16.48 -22.42
N MET E 471 -62.90 -15.80 -21.29
CA MET E 471 -63.77 -16.36 -20.26
C MET E 471 -65.20 -16.49 -20.76
N GLN E 472 -65.68 -15.49 -21.52
CA GLN E 472 -67.05 -15.53 -22.02
C GLN E 472 -67.23 -16.49 -23.19
N SER E 473 -66.15 -16.85 -23.88
CA SER E 473 -66.25 -17.71 -25.06
C SER E 473 -66.38 -19.17 -24.62
N SER E 474 -66.36 -20.08 -25.58
CA SER E 474 -66.49 -21.50 -25.27
C SER E 474 -65.25 -22.01 -24.56
N SER E 475 -65.31 -23.27 -24.13
CA SER E 475 -64.22 -23.91 -23.41
C SER E 475 -63.26 -24.64 -24.34
N GLU E 476 -63.20 -24.26 -25.61
CA GLU E 476 -62.34 -24.93 -26.57
C GLU E 476 -61.45 -23.96 -27.34
N VAL E 477 -61.92 -22.73 -27.54
CA VAL E 477 -61.20 -21.76 -28.36
C VAL E 477 -60.66 -20.65 -27.49
N GLY E 478 -59.44 -20.20 -27.81
CA GLY E 478 -58.79 -19.13 -27.10
C GLY E 478 -58.10 -18.16 -28.04
N TYR E 479 -57.36 -17.21 -27.50
CA TYR E 479 -56.71 -16.18 -28.30
C TYR E 479 -55.27 -16.60 -28.61
N ASP E 480 -54.89 -16.50 -29.88
CA ASP E 480 -53.54 -16.79 -30.32
C ASP E 480 -52.80 -15.49 -30.58
N ALA E 481 -51.63 -15.35 -29.96
CA ALA E 481 -50.86 -14.11 -30.13
C ALA E 481 -50.34 -13.97 -31.56
N MET E 482 -49.75 -15.04 -32.10
CA MET E 482 -49.16 -14.95 -33.42
C MET E 482 -50.22 -14.65 -34.48
N ALA E 483 -51.38 -15.28 -34.39
CA ALA E 483 -52.47 -15.01 -35.31
C ALA E 483 -53.29 -13.78 -34.93
N GLY E 484 -53.11 -13.27 -33.73
CA GLY E 484 -53.81 -12.05 -33.34
C GLY E 484 -55.32 -12.17 -33.42
N ASP E 485 -55.88 -13.25 -32.93
CA ASP E 485 -57.32 -13.47 -33.00
C ASP E 485 -57.69 -14.60 -32.05
N PHE E 486 -58.98 -14.94 -32.04
CA PHE E 486 -59.50 -16.01 -31.20
C PHE E 486 -59.67 -17.26 -32.05
N VAL E 487 -58.94 -18.32 -31.68
CA VAL E 487 -58.86 -19.54 -32.47
C VAL E 487 -59.00 -20.74 -31.55
N ASN E 488 -59.12 -21.91 -32.16
CA ASN E 488 -59.16 -23.18 -31.43
C ASN E 488 -57.72 -23.64 -31.21
N MET E 489 -57.25 -23.51 -29.97
CA MET E 489 -55.84 -23.74 -29.67
C MET E 489 -55.44 -25.19 -29.97
N VAL E 490 -56.27 -26.14 -29.56
CA VAL E 490 -55.87 -27.55 -29.61
C VAL E 490 -55.52 -27.96 -31.03
N GLU E 491 -56.38 -27.62 -31.99
CA GLU E 491 -56.07 -27.95 -33.38
C GLU E 491 -55.04 -27.00 -33.97
N LYS E 492 -55.00 -25.75 -33.50
CA LYS E 492 -54.04 -24.79 -34.01
C LYS E 492 -52.63 -25.02 -33.47
N GLY E 493 -52.45 -25.98 -32.57
CA GLY E 493 -51.13 -26.27 -32.04
C GLY E 493 -50.61 -25.24 -31.05
N ILE E 494 -51.47 -24.73 -30.19
CA ILE E 494 -51.07 -23.84 -29.09
C ILE E 494 -51.42 -24.56 -27.80
N ILE E 495 -50.43 -25.18 -27.17
CA ILE E 495 -50.63 -26.06 -26.03
C ILE E 495 -49.47 -25.87 -25.06
N ASP E 496 -49.53 -26.60 -23.94
CA ASP E 496 -48.43 -26.61 -22.97
C ASP E 496 -48.62 -27.78 -22.02
N PRO E 497 -47.56 -28.49 -21.65
CA PRO E 497 -47.70 -29.61 -20.71
C PRO E 497 -48.23 -29.12 -19.37
N THR E 498 -49.10 -29.94 -18.77
CA THR E 498 -49.71 -29.57 -17.50
C THR E 498 -48.69 -29.54 -16.36
N LYS E 499 -47.67 -30.38 -16.43
CA LYS E 499 -46.68 -30.43 -15.36
C LYS E 499 -46.07 -29.06 -15.11
N VAL E 500 -45.70 -28.36 -16.18
CA VAL E 500 -45.07 -27.05 -16.03
C VAL E 500 -46.03 -26.07 -15.36
N VAL E 501 -47.29 -26.04 -15.82
CA VAL E 501 -48.25 -25.10 -15.26
C VAL E 501 -48.48 -25.40 -13.78
N ARG E 502 -48.65 -26.67 -13.45
CA ARG E 502 -48.90 -27.05 -12.06
C ARG E 502 -47.73 -26.67 -11.17
N THR E 503 -46.51 -27.00 -11.61
CA THR E 503 -45.33 -26.68 -10.80
C THR E 503 -45.18 -25.18 -10.64
N ALA E 504 -45.38 -24.42 -11.71
CA ALA E 504 -45.27 -22.97 -11.62
C ALA E 504 -46.29 -22.40 -10.64
N LEU E 505 -47.53 -22.87 -10.71
CA LEU E 505 -48.55 -22.36 -9.81
C LEU E 505 -48.22 -22.71 -8.36
N LEU E 506 -47.76 -23.94 -8.11
CA LEU E 506 -47.41 -24.33 -6.75
C LEU E 506 -46.27 -23.47 -6.21
N ASP E 507 -45.23 -23.26 -7.03
CA ASP E 507 -44.10 -22.45 -6.58
C ASP E 507 -44.54 -21.02 -6.32
N ALA E 508 -45.37 -20.46 -7.19
CA ALA E 508 -45.86 -19.12 -6.97
C ALA E 508 -46.66 -19.03 -5.67
N ALA E 509 -47.51 -20.02 -5.41
CA ALA E 509 -48.29 -20.01 -4.17
C ALA E 509 -47.38 -20.05 -2.96
N GLY E 510 -46.38 -20.94 -2.98
CA GLY E 510 -45.46 -21.03 -1.85
C GLY E 510 -44.71 -19.72 -1.64
N VAL E 511 -44.22 -19.13 -2.72
CA VAL E 511 -43.44 -17.90 -2.60
C VAL E 511 -44.31 -16.77 -2.08
N ALA E 512 -45.53 -16.65 -2.60
CA ALA E 512 -46.41 -15.58 -2.14
C ALA E 512 -46.76 -15.76 -0.67
N SER E 513 -47.04 -16.99 -0.25
CA SER E 513 -47.31 -17.22 1.16
C SER E 513 -46.11 -16.83 2.01
N LEU E 514 -44.91 -17.22 1.57
CA LEU E 514 -43.71 -16.89 2.33
C LEU E 514 -43.54 -15.38 2.45
N LEU E 515 -43.75 -14.66 1.35
CA LEU E 515 -43.50 -13.22 1.33
C LEU E 515 -44.64 -12.40 1.90
N THR E 516 -45.80 -12.99 2.13
CA THR E 516 -46.91 -12.30 2.79
C THR E 516 -47.06 -12.69 4.25
N THR E 517 -46.42 -13.77 4.69
CA THR E 517 -46.45 -14.15 6.09
C THR E 517 -45.16 -13.78 6.82
N ALA E 518 -44.11 -13.41 6.09
CA ALA E 518 -42.85 -13.04 6.74
C ALA E 518 -43.08 -11.85 7.66
N GLU E 519 -42.48 -11.92 8.85
CA GLU E 519 -42.68 -10.92 9.89
C GLU E 519 -41.45 -10.07 10.15
N VAL E 520 -40.29 -10.67 10.33
CA VAL E 520 -39.06 -9.95 10.64
C VAL E 520 -37.95 -10.46 9.74
N VAL E 521 -37.19 -9.53 9.17
CA VAL E 521 -36.08 -9.84 8.27
C VAL E 521 -34.83 -9.17 8.82
N VAL E 522 -33.72 -9.89 8.82
CA VAL E 522 -32.43 -9.37 9.28
C VAL E 522 -31.49 -9.30 8.09
N THR E 523 -30.78 -8.18 7.96
CA THR E 523 -29.85 -7.96 6.88
C THR E 523 -28.54 -7.42 7.43
N GLU E 524 -27.43 -7.84 6.82
CA GLU E 524 -26.13 -7.35 7.24
C GLU E 524 -25.95 -5.89 6.82
N ILE E 525 -25.42 -5.09 7.72
CA ILE E 525 -25.19 -3.66 7.41
C ILE E 525 -24.07 -3.56 6.39
N PRO E 526 -24.15 -2.64 5.41
CA PRO E 526 -23.03 -2.48 4.48
C PRO E 526 -21.72 -2.13 5.18
N SER F 2 -23.48 -8.54 -9.66
CA SER F 2 -23.43 -7.40 -8.74
C SER F 2 -24.71 -6.57 -8.85
N ALA F 3 -24.74 -5.45 -8.13
CA ALA F 3 -25.91 -4.58 -8.16
C ALA F 3 -26.13 -4.05 -9.57
N LYS F 4 -27.39 -4.05 -9.99
CA LYS F 4 -27.76 -3.63 -11.33
C LYS F 4 -28.86 -2.58 -11.27
N ASP F 5 -28.88 -1.71 -12.27
CA ASP F 5 -29.91 -0.70 -12.42
C ASP F 5 -30.74 -1.00 -13.66
N VAL F 6 -32.06 -0.83 -13.54
CA VAL F 6 -32.99 -1.19 -14.60
C VAL F 6 -33.85 0.02 -14.93
N LYS F 7 -34.02 0.27 -16.22
CA LYS F 7 -34.93 1.30 -16.71
C LYS F 7 -35.93 0.68 -17.67
N PHE F 8 -37.10 1.29 -17.79
CA PHE F 8 -38.23 0.71 -18.49
C PHE F 8 -38.72 1.64 -19.60
N GLY F 9 -38.99 1.04 -20.76
CA GLY F 9 -39.72 1.74 -21.81
C GLY F 9 -39.04 3.02 -22.24
N ALA F 10 -39.86 4.08 -22.36
CA ALA F 10 -39.35 5.34 -22.87
C ALA F 10 -38.16 5.84 -22.08
N ASP F 11 -38.10 5.53 -20.78
CA ASP F 11 -36.98 5.98 -19.96
C ASP F 11 -35.66 5.50 -20.54
N ALA F 12 -35.55 4.20 -20.81
CA ALA F 12 -34.32 3.67 -21.37
C ALA F 12 -34.19 4.00 -22.86
N ARG F 13 -35.30 4.06 -23.58
CA ARG F 13 -35.23 4.35 -25.01
C ARG F 13 -34.66 5.73 -25.25
N ALA F 14 -35.06 6.73 -24.46
CA ALA F 14 -34.53 8.07 -24.65
C ALA F 14 -33.04 8.12 -24.36
N LEU F 15 -32.60 7.44 -23.30
CA LEU F 15 -31.18 7.41 -22.99
C LEU F 15 -30.38 6.77 -24.12
N MET F 16 -30.88 5.66 -24.66
CA MET F 16 -30.19 4.99 -25.76
C MET F 16 -30.19 5.88 -27.01
N LEU F 17 -31.29 6.59 -27.25
CA LEU F 17 -31.34 7.49 -28.40
C LEU F 17 -30.34 8.62 -28.26
N GLN F 18 -30.21 9.18 -27.05
CA GLN F 18 -29.17 10.18 -26.83
C GLN F 18 -27.79 9.59 -27.08
N GLY F 19 -27.56 8.38 -26.60
CA GLY F 19 -26.26 7.74 -26.82
C GLY F 19 -25.95 7.57 -28.29
N VAL F 20 -26.94 7.16 -29.07
CA VAL F 20 -26.70 6.95 -30.50
C VAL F 20 -26.64 8.26 -31.27
N ASP F 21 -27.25 9.33 -30.76
CA ASP F 21 -27.21 10.61 -31.49
C ASP F 21 -25.79 11.13 -31.59
N LEU F 22 -25.01 11.02 -30.52
CA LEU F 22 -23.63 11.50 -30.57
C LEU F 22 -22.82 10.71 -31.58
N LEU F 23 -22.97 9.38 -31.59
CA LEU F 23 -22.26 8.56 -32.58
C LEU F 23 -22.70 8.92 -33.99
N ALA F 24 -24.01 9.12 -34.19
CA ALA F 24 -24.50 9.45 -35.51
C ALA F 24 -23.92 10.77 -35.99
N ASP F 25 -23.88 11.77 -35.13
CA ASP F 25 -23.28 13.05 -35.52
C ASP F 25 -21.80 12.89 -35.81
N ALA F 26 -21.10 12.11 -34.98
CA ALA F 26 -19.67 11.94 -35.19
C ALA F 26 -19.37 11.27 -36.52
N VAL F 27 -20.21 10.32 -36.94
CA VAL F 27 -19.98 9.61 -38.19
C VAL F 27 -20.63 10.29 -39.39
N ALA F 28 -21.56 11.22 -39.17
CA ALA F 28 -22.26 11.86 -40.28
C ALA F 28 -21.30 12.68 -41.15
N VAL F 29 -20.38 13.42 -40.52
CA VAL F 29 -19.55 14.35 -41.26
C VAL F 29 -18.49 13.67 -42.11
N THR F 30 -18.29 12.37 -41.92
CA THR F 30 -17.20 11.64 -42.57
C THR F 30 -17.69 10.69 -43.66
N MET F 31 -18.69 11.12 -44.44
CA MET F 31 -19.14 10.37 -45.59
C MET F 31 -19.15 11.27 -46.81
N GLY F 32 -18.80 10.70 -47.96
CA GLY F 32 -18.77 11.44 -49.20
C GLY F 32 -17.41 12.05 -49.46
N PRO F 33 -17.16 12.46 -50.71
CA PRO F 33 -15.89 13.14 -50.99
C PRO F 33 -15.69 14.40 -50.18
N LYS F 34 -16.76 15.10 -49.83
CA LYS F 34 -16.68 16.34 -49.08
C LYS F 34 -16.79 16.12 -47.57
N GLY F 35 -16.43 14.93 -47.09
CA GLY F 35 -16.44 14.69 -45.66
C GLY F 35 -15.43 15.58 -44.96
N ARG F 36 -15.82 16.08 -43.79
CA ARG F 36 -14.95 16.94 -43.01
C ARG F 36 -13.96 16.08 -42.24
N THR F 37 -13.23 16.70 -41.32
CA THR F 37 -12.19 16.02 -40.55
C THR F 37 -12.60 15.93 -39.09
N VAL F 38 -12.30 14.80 -38.47
CA VAL F 38 -12.56 14.57 -37.05
C VAL F 38 -11.25 14.25 -36.38
N ILE F 39 -10.98 14.88 -35.24
CA ILE F 39 -9.70 14.77 -34.55
C ILE F 39 -9.88 13.78 -33.43
N ILE F 40 -9.16 12.66 -33.49
CA ILE F 40 -9.15 11.67 -32.41
C ILE F 40 -7.94 11.91 -31.54
N GLU F 41 -8.16 12.04 -30.24
CA GLU F 41 -7.06 12.23 -29.31
C GLU F 41 -6.31 10.91 -29.10
N GLN F 42 -5.00 11.02 -28.92
CA GLN F 42 -4.16 9.89 -28.59
C GLN F 42 -3.38 10.23 -27.32
N SER F 43 -3.64 9.48 -26.25
CA SER F 43 -3.03 9.77 -24.96
C SER F 43 -1.51 9.60 -24.97
N TRP F 44 -0.96 8.95 -26.00
CA TRP F 44 0.48 8.70 -26.07
C TRP F 44 1.16 9.49 -27.17
N GLY F 45 0.45 9.84 -28.24
CA GLY F 45 1.05 10.57 -29.33
C GLY F 45 0.22 11.74 -29.81
N SER F 46 0.61 12.31 -30.94
CA SER F 46 -0.12 13.44 -31.49
C SER F 46 -1.50 13.00 -31.98
N PRO F 47 -2.47 13.91 -32.04
CA PRO F 47 -3.79 13.54 -32.53
C PRO F 47 -3.73 13.06 -33.96
N LYS F 48 -4.61 12.12 -34.29
CA LYS F 48 -4.76 11.62 -35.65
C LYS F 48 -5.94 12.32 -36.30
N VAL F 49 -5.74 12.83 -37.51
CA VAL F 49 -6.80 13.43 -38.29
C VAL F 49 -7.29 12.39 -39.28
N THR F 50 -8.56 12.04 -39.18
CA THR F 50 -9.11 10.97 -40.00
C THR F 50 -10.38 11.44 -40.69
N LYS F 51 -10.61 10.88 -41.87
CA LYS F 51 -11.81 11.11 -42.66
C LYS F 51 -12.47 9.78 -42.97
N ASP F 52 -12.50 8.89 -41.99
CA ASP F 52 -12.97 7.52 -42.17
C ASP F 52 -14.10 7.25 -41.19
N GLY F 53 -15.22 6.74 -41.71
CA GLY F 53 -16.34 6.44 -40.85
C GLY F 53 -16.05 5.33 -39.86
N VAL F 54 -15.41 4.25 -40.33
CA VAL F 54 -15.13 3.12 -39.45
C VAL F 54 -14.23 3.55 -38.30
N THR F 55 -13.27 4.43 -38.59
CA THR F 55 -12.35 4.89 -37.55
C THR F 55 -13.09 5.63 -36.44
N VAL F 56 -13.89 6.63 -36.81
CA VAL F 56 -14.63 7.36 -35.79
C VAL F 56 -15.60 6.45 -35.07
N ALA F 57 -16.21 5.51 -35.79
CA ALA F 57 -17.15 4.59 -35.15
C ALA F 57 -16.47 3.76 -34.08
N LYS F 58 -15.36 3.10 -34.44
CA LYS F 58 -14.63 2.29 -33.46
C LYS F 58 -13.92 3.14 -32.43
N SER F 59 -13.85 4.45 -32.62
CA SER F 59 -13.14 5.31 -31.68
C SER F 59 -13.97 5.59 -30.42
N ILE F 60 -15.13 6.22 -30.59
CA ILE F 60 -15.82 6.79 -29.44
C ILE F 60 -16.35 5.69 -28.53
N ASP F 61 -16.53 6.05 -27.26
CA ASP F 61 -17.11 5.15 -26.26
C ASP F 61 -17.65 6.03 -25.15
N LEU F 62 -18.97 6.07 -25.01
CA LEU F 62 -19.60 7.02 -24.11
C LEU F 62 -19.38 6.63 -22.65
N LYS F 63 -19.65 7.58 -21.76
CA LYS F 63 -19.51 7.38 -20.33
C LYS F 63 -20.78 6.85 -19.69
N ASP F 64 -21.90 7.54 -19.90
CA ASP F 64 -23.17 7.10 -19.33
C ASP F 64 -23.47 5.67 -19.79
N LYS F 65 -23.86 4.82 -18.84
CA LYS F 65 -24.00 3.41 -19.14
C LYS F 65 -25.05 3.17 -20.22
N TYR F 66 -26.21 3.79 -20.09
CA TYR F 66 -27.26 3.59 -21.10
C TYR F 66 -26.81 4.12 -22.46
N LYS F 67 -26.28 5.33 -22.49
CA LYS F 67 -25.78 5.89 -23.74
C LYS F 67 -24.65 5.04 -24.30
N ASN F 68 -23.76 4.56 -23.43
CA ASN F 68 -22.66 3.72 -23.88
C ASN F 68 -23.17 2.44 -24.51
N ILE F 69 -24.14 1.78 -23.88
CA ILE F 69 -24.62 0.51 -24.43
C ILE F 69 -25.37 0.75 -25.73
N GLY F 70 -26.10 1.85 -25.84
CA GLY F 70 -26.74 2.16 -27.11
C GLY F 70 -25.74 2.36 -28.23
N ALA F 71 -24.72 3.19 -27.96
CA ALA F 71 -23.71 3.45 -28.97
C ALA F 71 -22.96 2.18 -29.36
N LYS F 72 -22.59 1.38 -28.36
CA LYS F 72 -21.86 0.14 -28.62
C LYS F 72 -22.74 -0.88 -29.33
N LEU F 73 -24.04 -0.89 -29.03
CA LEU F 73 -24.95 -1.77 -29.76
C LEU F 73 -24.97 -1.42 -31.23
N VAL F 74 -25.09 -0.13 -31.54
CA VAL F 74 -25.06 0.26 -32.95
C VAL F 74 -23.71 -0.09 -33.57
N GLN F 75 -22.63 0.23 -32.86
CA GLN F 75 -21.29 0.01 -33.39
C GLN F 75 -21.06 -1.45 -33.73
N ASP F 76 -21.34 -2.35 -32.78
CA ASP F 76 -20.99 -3.75 -32.96
C ASP F 76 -21.63 -4.31 -34.22
N VAL F 77 -22.94 -4.14 -34.35
CA VAL F 77 -23.65 -4.72 -35.48
C VAL F 77 -23.25 -4.02 -36.77
N ALA F 78 -23.31 -2.68 -36.78
CA ALA F 78 -23.02 -1.96 -38.02
C ALA F 78 -21.61 -2.22 -38.52
N ASN F 79 -20.69 -2.55 -37.62
CA ASN F 79 -19.30 -2.77 -38.00
C ASN F 79 -19.04 -4.22 -38.37
N ASN F 80 -19.39 -5.16 -37.49
CA ASN F 80 -19.14 -6.57 -37.77
C ASN F 80 -19.90 -7.03 -39.00
N THR F 81 -21.17 -6.61 -39.13
CA THR F 81 -21.96 -7.03 -40.28
C THR F 81 -21.43 -6.42 -41.57
N ASN F 82 -21.06 -5.14 -41.54
CA ASN F 82 -20.63 -4.42 -42.72
C ASN F 82 -19.33 -3.69 -42.42
N GLU F 83 -18.23 -4.18 -43.00
CA GLU F 83 -16.95 -3.48 -42.88
C GLU F 83 -16.16 -3.50 -44.17
N GLU F 84 -16.74 -3.97 -45.29
CA GLU F 84 -16.00 -4.04 -46.54
C GLU F 84 -15.77 -2.66 -47.13
N ALA F 85 -16.82 -1.83 -47.16
CA ALA F 85 -16.74 -0.49 -47.71
C ALA F 85 -16.98 0.54 -46.60
N GLY F 86 -16.18 1.60 -46.60
CA GLY F 86 -16.29 2.60 -45.55
C GLY F 86 -17.63 3.29 -45.52
N ASP F 87 -18.11 3.74 -46.68
CA ASP F 87 -19.35 4.50 -46.74
C ASP F 87 -20.56 3.67 -46.33
N GLY F 88 -20.52 2.35 -46.55
CA GLY F 88 -21.66 1.53 -46.18
C GLY F 88 -21.96 1.57 -44.70
N THR F 89 -20.93 1.46 -43.86
CA THR F 89 -21.14 1.48 -42.42
C THR F 89 -21.71 2.83 -41.97
N THR F 90 -21.19 3.92 -42.52
CA THR F 90 -21.69 5.24 -42.16
C THR F 90 -23.15 5.37 -42.56
N THR F 91 -23.49 4.93 -43.77
CA THR F 91 -24.87 4.98 -44.20
C THR F 91 -25.76 4.16 -43.27
N ALA F 92 -25.29 2.98 -42.90
CA ALA F 92 -26.06 2.14 -41.98
C ALA F 92 -26.32 2.88 -40.67
N THR F 93 -25.28 3.47 -40.10
CA THR F 93 -25.41 4.12 -38.80
C THR F 93 -26.36 5.30 -38.88
N VAL F 94 -26.22 6.14 -39.90
CA VAL F 94 -27.06 7.33 -39.97
C VAL F 94 -28.51 6.95 -40.25
N LEU F 95 -28.75 6.00 -41.15
CA LEU F 95 -30.11 5.55 -41.38
C LEU F 95 -30.71 4.96 -40.11
N ALA F 96 -29.91 4.18 -39.36
CA ALA F 96 -30.41 3.61 -38.11
C ALA F 96 -30.79 4.70 -37.14
N ARG F 97 -29.96 5.73 -37.01
CA ARG F 97 -30.30 6.82 -36.10
C ARG F 97 -31.59 7.50 -36.52
N SER F 98 -31.74 7.76 -37.82
CA SER F 98 -32.95 8.44 -38.29
C SER F 98 -34.18 7.60 -37.99
N ILE F 99 -34.12 6.32 -38.32
CA ILE F 99 -35.26 5.43 -38.06
C ILE F 99 -35.58 5.42 -36.58
N ALA F 100 -34.56 5.25 -35.74
CA ALA F 100 -34.80 5.16 -34.30
C ALA F 100 -35.45 6.43 -33.78
N LYS F 101 -34.92 7.59 -34.17
CA LYS F 101 -35.46 8.85 -33.67
C LYS F 101 -36.91 9.03 -34.10
N GLU F 102 -37.18 8.90 -35.39
CA GLU F 102 -38.54 9.13 -35.86
C GLU F 102 -39.52 8.12 -35.28
N GLY F 103 -39.11 6.85 -35.19
CA GLY F 103 -39.99 5.85 -34.62
C GLY F 103 -40.23 6.06 -33.14
N PHE F 104 -39.21 6.50 -32.41
CA PHE F 104 -39.40 6.83 -31.00
C PHE F 104 -40.36 7.99 -30.84
N GLU F 105 -40.25 8.99 -31.72
CA GLU F 105 -41.21 10.10 -31.67
C GLU F 105 -42.63 9.60 -31.91
N LYS F 106 -42.81 8.74 -32.92
CA LYS F 106 -44.15 8.24 -33.20
C LYS F 106 -44.67 7.38 -32.06
N ILE F 107 -43.78 6.61 -31.42
CA ILE F 107 -44.18 5.84 -30.25
C ILE F 107 -44.63 6.77 -29.13
N SER F 108 -43.89 7.85 -28.93
CA SER F 108 -44.29 8.86 -27.94
C SER F 108 -45.66 9.43 -28.29
N LYS F 109 -45.99 9.50 -29.58
CA LYS F 109 -47.35 9.88 -29.96
C LYS F 109 -48.38 8.84 -29.56
N GLY F 110 -47.96 7.64 -29.17
CA GLY F 110 -48.85 6.60 -28.72
C GLY F 110 -49.05 5.45 -29.69
N ALA F 111 -48.16 5.25 -30.65
CA ALA F 111 -48.32 4.21 -31.64
C ALA F 111 -48.03 2.84 -31.03
N ASN F 112 -48.39 1.79 -31.77
CA ASN F 112 -48.13 0.43 -31.35
C ASN F 112 -46.76 0.01 -31.90
N PRO F 113 -45.74 -0.17 -31.05
CA PRO F 113 -44.41 -0.44 -31.58
C PRO F 113 -44.34 -1.67 -32.49
N VAL F 114 -45.11 -2.72 -32.19
CA VAL F 114 -45.03 -3.93 -32.98
C VAL F 114 -45.49 -3.66 -34.42
N GLU F 115 -46.63 -2.98 -34.58
CA GLU F 115 -47.11 -2.70 -35.93
C GLU F 115 -46.25 -1.65 -36.62
N ILE F 116 -45.67 -0.72 -35.86
CA ILE F 116 -44.73 0.22 -36.44
C ILE F 116 -43.55 -0.53 -37.04
N ARG F 117 -42.99 -1.47 -36.29
CA ARG F 117 -41.90 -2.28 -36.81
C ARG F 117 -42.36 -3.10 -38.00
N ARG F 118 -43.60 -3.59 -37.97
CA ARG F 118 -44.11 -4.37 -39.09
C ARG F 118 -44.12 -3.54 -40.36
N GLY F 119 -44.68 -2.34 -40.29
CA GLY F 119 -44.68 -1.47 -41.46
C GLY F 119 -43.28 -1.08 -41.91
N VAL F 120 -42.39 -0.83 -40.94
CA VAL F 120 -41.01 -0.50 -41.29
C VAL F 120 -40.36 -1.65 -42.06
N MET F 121 -40.52 -2.88 -41.57
CA MET F 121 -39.92 -4.02 -42.25
C MET F 121 -40.55 -4.24 -43.62
N LEU F 122 -41.86 -4.03 -43.74
CA LEU F 122 -42.50 -4.17 -45.05
C LEU F 122 -41.93 -3.16 -46.03
N ALA F 123 -41.76 -1.92 -45.60
CA ALA F 123 -41.17 -0.91 -46.48
C ALA F 123 -39.74 -1.28 -46.85
N VAL F 124 -38.98 -1.81 -45.89
CA VAL F 124 -37.61 -2.23 -46.19
C VAL F 124 -37.62 -3.32 -47.25
N ASP F 125 -38.52 -4.29 -47.12
CA ASP F 125 -38.61 -5.35 -48.11
C ASP F 125 -38.97 -4.79 -49.47
N ALA F 126 -39.93 -3.87 -49.52
CA ALA F 126 -40.33 -3.29 -50.79
C ALA F 126 -39.17 -2.55 -51.45
N VAL F 127 -38.43 -1.76 -50.67
CA VAL F 127 -37.35 -0.97 -51.24
C VAL F 127 -36.19 -1.86 -51.69
N ILE F 128 -35.90 -2.92 -50.93
CA ILE F 128 -34.84 -3.82 -51.36
C ILE F 128 -35.26 -4.56 -52.62
N ALA F 129 -36.52 -4.93 -52.74
CA ALA F 129 -36.99 -5.55 -53.97
C ALA F 129 -36.84 -4.60 -55.15
N GLU F 130 -37.24 -3.34 -54.97
CA GLU F 130 -37.12 -2.37 -56.06
C GLU F 130 -35.66 -2.17 -56.44
N LEU F 131 -34.77 -2.05 -55.44
CA LEU F 131 -33.35 -1.88 -55.73
C LEU F 131 -32.80 -3.07 -56.48
N LYS F 132 -33.17 -4.28 -56.08
CA LYS F 132 -32.75 -5.47 -56.81
C LYS F 132 -33.23 -5.42 -58.24
N LYS F 133 -34.48 -4.97 -58.44
CA LYS F 133 -35.02 -4.88 -59.80
C LYS F 133 -34.22 -3.89 -60.65
N GLN F 134 -33.87 -2.75 -60.08
CA GLN F 134 -33.28 -1.66 -60.84
C GLN F 134 -31.75 -1.68 -60.82
N SER F 135 -31.14 -2.69 -60.22
CA SER F 135 -29.69 -2.78 -60.16
C SER F 135 -29.16 -3.34 -61.47
N LYS F 136 -28.59 -2.48 -62.31
CA LYS F 136 -27.99 -2.96 -63.54
C LYS F 136 -26.71 -3.73 -63.23
N PRO F 137 -26.42 -4.80 -63.96
CA PRO F 137 -25.26 -5.64 -63.61
C PRO F 137 -24.01 -5.24 -64.38
N VAL F 138 -22.91 -5.89 -64.01
CA VAL F 138 -21.63 -5.78 -64.72
C VAL F 138 -21.15 -7.19 -64.98
N THR F 139 -20.92 -7.52 -66.26
CA THR F 139 -20.53 -8.87 -66.63
C THR F 139 -19.50 -8.93 -67.75
N THR F 140 -18.94 -7.81 -68.19
CA THR F 140 -18.09 -7.82 -69.36
C THR F 140 -16.74 -7.19 -69.05
N PRO F 141 -15.67 -7.64 -69.72
CA PRO F 141 -14.34 -7.08 -69.42
C PRO F 141 -14.25 -5.57 -69.56
N GLU F 142 -14.95 -4.99 -70.55
CA GLU F 142 -14.99 -3.54 -70.61
C GLU F 142 -15.67 -2.97 -69.37
N GLU F 143 -16.74 -3.61 -68.92
CA GLU F 143 -17.43 -3.13 -67.72
C GLU F 143 -16.54 -3.24 -66.49
N ILE F 144 -15.83 -4.35 -66.33
CA ILE F 144 -14.97 -4.50 -65.17
C ILE F 144 -13.84 -3.47 -65.22
N ALA F 145 -13.28 -3.23 -66.40
CA ALA F 145 -12.25 -2.20 -66.51
C ALA F 145 -12.80 -0.84 -66.12
N GLN F 146 -13.99 -0.50 -66.62
CA GLN F 146 -14.56 0.80 -66.30
C GLN F 146 -14.80 0.95 -64.81
N VAL F 147 -15.42 -0.06 -64.19
CA VAL F 147 -15.75 0.03 -62.77
C VAL F 147 -14.48 0.06 -61.93
N ALA F 148 -13.46 -0.72 -62.31
CA ALA F 148 -12.21 -0.70 -61.57
C ALA F 148 -11.55 0.67 -61.65
N THR F 149 -11.52 1.26 -62.86
CA THR F 149 -10.94 2.59 -63.00
C THR F 149 -11.71 3.60 -62.17
N ILE F 150 -13.04 3.50 -62.16
CA ILE F 150 -13.85 4.44 -61.37
C ILE F 150 -13.56 4.27 -59.89
N SER F 151 -13.53 3.02 -59.42
CA SER F 151 -13.25 2.76 -58.01
C SER F 151 -11.82 3.14 -57.65
N ALA F 152 -10.91 3.10 -58.62
CA ALA F 152 -9.54 3.55 -58.42
C ALA F 152 -9.41 5.06 -58.57
N ASN F 153 -10.51 5.80 -58.51
CA ASN F 153 -10.50 7.25 -58.65
C ASN F 153 -9.87 7.67 -59.98
N GLY F 154 -10.19 6.92 -61.03
CA GLY F 154 -9.76 7.26 -62.36
C GLY F 154 -8.42 6.68 -62.79
N ASP F 155 -7.70 6.01 -61.88
CA ASP F 155 -6.43 5.41 -62.26
C ASP F 155 -6.66 4.33 -63.31
N LYS F 156 -5.82 4.32 -64.34
CA LYS F 156 -6.01 3.43 -65.47
C LYS F 156 -5.27 2.11 -65.29
N GLU F 157 -3.97 2.15 -64.99
CA GLU F 157 -3.20 0.91 -64.90
C GLU F 157 -3.71 0.02 -63.78
N ILE F 158 -4.16 0.61 -62.66
CA ILE F 158 -4.70 -0.20 -61.58
C ILE F 158 -5.90 -1.00 -62.05
N GLY F 159 -6.85 -0.31 -62.70
CA GLY F 159 -8.01 -1.01 -63.23
C GLY F 159 -7.64 -2.04 -64.27
N ASN F 160 -6.64 -1.72 -65.10
CA ASN F 160 -6.20 -2.67 -66.11
C ASN F 160 -5.69 -3.96 -65.48
N ILE F 161 -4.81 -3.83 -64.48
CA ILE F 161 -4.25 -5.03 -63.86
C ILE F 161 -5.33 -5.78 -63.09
N ILE F 162 -6.27 -5.06 -62.47
CA ILE F 162 -7.34 -5.72 -61.73
C ILE F 162 -8.20 -6.54 -62.69
N SER F 163 -8.59 -5.93 -63.81
CA SER F 163 -9.40 -6.64 -64.80
C SER F 163 -8.66 -7.83 -65.36
N ASP F 164 -7.36 -7.65 -65.65
CA ASP F 164 -6.56 -8.75 -66.17
C ASP F 164 -6.52 -9.90 -65.18
N ALA F 165 -6.27 -9.60 -63.90
CA ALA F 165 -6.21 -10.65 -62.89
C ALA F 165 -7.53 -11.38 -62.80
N MET F 166 -8.64 -10.64 -62.75
CA MET F 166 -9.94 -11.29 -62.59
C MET F 166 -10.26 -12.16 -63.79
N LYS F 167 -10.14 -11.62 -65.01
CA LYS F 167 -10.41 -12.40 -66.19
C LYS F 167 -9.47 -13.60 -66.32
N LYS F 168 -8.25 -13.49 -65.78
CA LYS F 168 -7.31 -14.59 -65.87
C LYS F 168 -7.63 -15.69 -64.86
N VAL F 169 -8.12 -15.34 -63.67
CA VAL F 169 -8.44 -16.32 -62.65
C VAL F 169 -9.94 -16.64 -62.64
N GLY F 170 -10.79 -15.61 -62.69
CA GLY F 170 -12.22 -15.84 -62.72
C GLY F 170 -13.00 -14.88 -61.85
N ARG F 171 -14.31 -14.80 -62.07
CA ARG F 171 -15.15 -13.90 -61.28
C ARG F 171 -15.08 -14.25 -59.80
N LYS F 172 -15.18 -15.54 -59.48
CA LYS F 172 -15.07 -16.02 -58.11
C LYS F 172 -13.67 -16.50 -57.78
N GLY F 173 -12.65 -15.93 -58.43
CA GLY F 173 -11.28 -16.31 -58.20
C GLY F 173 -10.72 -15.72 -56.92
N VAL F 174 -9.43 -15.99 -56.70
CA VAL F 174 -8.70 -15.52 -55.53
C VAL F 174 -7.59 -14.61 -55.99
N ILE F 175 -7.48 -13.43 -55.38
CA ILE F 175 -6.48 -12.43 -55.71
C ILE F 175 -5.89 -11.89 -54.42
N THR F 176 -4.57 -11.73 -54.40
CA THR F 176 -3.87 -11.12 -53.28
C THR F 176 -2.87 -10.11 -53.81
N VAL F 177 -2.32 -9.31 -52.90
CA VAL F 177 -1.38 -8.25 -53.25
C VAL F 177 -0.05 -8.53 -52.60
N LYS F 178 1.00 -7.94 -53.17
CA LYS F 178 2.36 -8.11 -52.68
C LYS F 178 3.19 -6.90 -53.09
N ASP F 179 4.46 -6.90 -52.71
CA ASP F 179 5.40 -5.87 -53.10
C ASP F 179 6.16 -6.32 -54.34
N GLY F 180 6.13 -5.51 -55.38
CA GLY F 180 6.83 -5.83 -56.62
C GLY F 180 8.30 -5.51 -56.62
N LYS F 181 8.77 -4.72 -55.66
CA LYS F 181 10.16 -4.28 -55.60
C LYS F 181 10.67 -3.92 -56.99
N THR F 182 9.84 -3.23 -57.76
CA THR F 182 10.20 -2.79 -59.10
C THR F 182 9.52 -1.44 -59.35
N LEU F 183 9.79 -0.88 -60.54
CA LEU F 183 9.23 0.42 -60.89
C LEU F 183 7.79 0.33 -61.37
N ASN F 184 7.32 -0.85 -61.77
CA ASN F 184 6.00 -1.00 -62.36
C ASN F 184 5.26 -2.16 -61.70
N ASP F 185 4.00 -1.92 -61.34
CA ASP F 185 3.17 -3.00 -60.82
C ASP F 185 2.96 -4.06 -61.88
N GLU F 186 2.99 -5.32 -61.45
CA GLU F 186 2.89 -6.45 -62.38
C GLU F 186 2.15 -7.59 -61.69
N LEU F 187 1.80 -8.61 -62.48
CA LEU F 187 0.95 -9.70 -62.06
C LEU F 187 1.71 -11.01 -62.14
N GLU F 188 1.28 -11.98 -61.34
CA GLU F 188 1.83 -13.33 -61.39
C GLU F 188 0.79 -14.31 -60.91
N ILE F 189 0.95 -15.56 -61.32
CA ILE F 189 0.09 -16.66 -60.90
C ILE F 189 0.96 -17.72 -60.24
N ILE F 190 0.54 -18.17 -59.05
CA ILE F 190 1.18 -19.26 -58.35
C ILE F 190 0.08 -20.15 -57.77
N GLU F 191 0.49 -21.28 -57.19
CA GLU F 191 -0.48 -22.22 -56.66
C GLU F 191 -0.89 -21.80 -55.25
N GLY F 192 -2.21 -21.69 -55.03
CA GLY F 192 -2.74 -21.28 -53.76
C GLY F 192 -3.80 -22.24 -53.27
N MET F 193 -4.19 -22.05 -52.01
CA MET F 193 -5.17 -22.91 -51.36
C MET F 193 -5.84 -22.08 -50.27
N LYS F 194 -7.04 -21.58 -50.55
CA LYS F 194 -7.73 -20.64 -49.69
C LYS F 194 -8.98 -21.25 -49.09
N PHE F 195 -9.25 -20.89 -47.84
CA PHE F 195 -10.49 -21.24 -47.17
C PHE F 195 -10.87 -20.09 -46.23
N ASP F 196 -12.15 -20.08 -45.84
CA ASP F 196 -12.72 -18.97 -45.07
C ASP F 196 -12.60 -19.19 -43.56
N ARG F 197 -11.60 -19.93 -43.10
CA ARG F 197 -11.37 -20.13 -41.67
C ARG F 197 -10.26 -19.19 -41.23
N GLY F 198 -10.58 -18.27 -40.32
CA GLY F 198 -9.61 -17.33 -39.82
C GLY F 198 -8.83 -17.88 -38.64
N TYR F 199 -7.89 -17.07 -38.17
CA TYR F 199 -7.10 -17.45 -37.01
C TYR F 199 -7.98 -17.60 -35.78
N ILE F 200 -7.70 -18.63 -34.99
CA ILE F 200 -8.54 -18.93 -33.83
C ILE F 200 -8.30 -17.93 -32.70
N SER F 201 -7.04 -17.56 -32.47
CA SER F 201 -6.69 -16.74 -31.33
C SER F 201 -6.82 -15.27 -31.68
N PRO F 202 -7.75 -14.52 -31.07
CA PRO F 202 -7.84 -13.08 -31.38
C PRO F 202 -6.55 -12.32 -31.12
N TYR F 203 -5.80 -12.71 -30.10
CA TYR F 203 -4.55 -12.03 -29.74
C TYR F 203 -3.35 -12.55 -30.51
N PHE F 204 -3.58 -13.20 -31.66
CA PHE F 204 -2.50 -13.82 -32.42
C PHE F 204 -2.32 -13.13 -33.77
N ILE F 205 -2.32 -11.80 -33.76
CA ILE F 205 -2.04 -11.02 -34.97
C ILE F 205 -0.54 -10.86 -35.10
N ASN F 206 0.03 -11.38 -36.20
CA ASN F 206 1.48 -11.31 -36.38
C ASN F 206 1.91 -9.92 -36.84
N THR F 207 1.41 -9.49 -37.99
CA THR F 207 1.72 -8.17 -38.50
C THR F 207 0.87 -7.15 -37.75
N SER F 208 1.50 -6.45 -36.81
CA SER F 208 0.77 -5.50 -35.98
C SER F 208 0.04 -4.47 -36.84
N LYS F 209 0.77 -3.84 -37.77
CA LYS F 209 0.16 -2.84 -38.64
C LYS F 209 -0.86 -3.49 -39.59
N GLY F 210 -0.55 -4.69 -40.08
CA GLY F 210 -1.36 -5.31 -41.11
C GLY F 210 -2.66 -5.92 -40.65
N GLN F 211 -2.89 -6.05 -39.35
CA GLN F 211 -4.07 -6.75 -38.84
C GLN F 211 -4.15 -8.14 -39.48
N LYS F 212 -3.01 -8.82 -39.49
CA LYS F 212 -2.84 -10.02 -40.31
C LYS F 212 -1.79 -10.90 -39.66
N CYS F 213 -1.73 -12.15 -40.12
CA CYS F 213 -0.72 -13.11 -39.70
C CYS F 213 0.16 -13.44 -40.89
N GLU F 214 1.48 -13.45 -40.68
CA GLU F 214 2.44 -13.60 -41.76
C GLU F 214 3.52 -14.61 -41.37
N PHE F 215 3.77 -15.56 -42.25
CA PHE F 215 4.95 -16.43 -42.17
C PHE F 215 5.32 -16.85 -43.58
N GLN F 216 6.55 -17.36 -43.72
CA GLN F 216 7.03 -17.86 -45.01
C GLN F 216 7.76 -19.17 -44.79
N ASP F 217 7.90 -19.92 -45.87
CA ASP F 217 8.58 -21.22 -45.89
C ASP F 217 8.21 -22.05 -44.66
N ALA F 218 6.92 -22.36 -44.57
CA ALA F 218 6.36 -23.06 -43.43
C ALA F 218 5.91 -24.48 -43.81
N TYR F 219 5.86 -25.35 -42.80
CA TYR F 219 5.21 -26.65 -42.92
C TYR F 219 3.80 -26.55 -42.35
N VAL F 220 3.09 -27.67 -42.34
CA VAL F 220 1.67 -27.71 -41.98
C VAL F 220 1.39 -28.92 -41.12
N LEU F 221 0.52 -28.75 -40.12
CA LEU F 221 -0.03 -29.84 -39.34
C LEU F 221 -1.47 -30.07 -39.76
N LEU F 222 -1.81 -31.33 -40.04
CA LEU F 222 -3.14 -31.68 -40.55
C LEU F 222 -3.65 -32.90 -39.77
N SER F 223 -4.57 -32.67 -38.84
CA SER F 223 -5.24 -33.74 -38.11
C SER F 223 -6.74 -33.50 -38.19
N GLU F 224 -7.49 -34.57 -38.44
CA GLU F 224 -8.95 -34.43 -38.50
C GLU F 224 -9.53 -34.14 -37.13
N LYS F 225 -9.08 -34.87 -36.11
CA LYS F 225 -9.66 -34.73 -34.78
C LYS F 225 -9.30 -33.39 -34.17
N LYS F 226 -10.19 -32.89 -33.31
CA LYS F 226 -9.86 -31.72 -32.52
C LYS F 226 -8.63 -31.98 -31.67
N ILE F 227 -7.75 -30.98 -31.61
CA ILE F 227 -6.53 -31.06 -30.81
C ILE F 227 -6.72 -30.13 -29.63
N SER F 228 -7.96 -29.96 -29.20
CA SER F 228 -8.27 -29.09 -28.07
C SER F 228 -7.80 -29.72 -26.77
N SER F 229 -7.09 -28.94 -25.96
CA SER F 229 -6.63 -29.37 -24.65
C SER F 229 -5.77 -30.62 -24.72
N ILE F 230 -5.05 -30.78 -25.83
CA ILE F 230 -4.21 -31.96 -26.06
C ILE F 230 -2.76 -31.52 -26.15
N GLN F 231 -1.94 -32.05 -25.26
CA GLN F 231 -0.51 -31.75 -25.22
C GLN F 231 0.21 -32.71 -26.17
N SER F 232 1.54 -32.78 -26.05
CA SER F 232 2.37 -33.56 -26.96
C SER F 232 2.44 -32.91 -28.34
N ILE F 233 2.31 -31.58 -28.38
CA ILE F 233 2.53 -30.83 -29.61
C ILE F 233 3.97 -30.35 -29.75
N VAL F 234 4.74 -30.38 -28.68
CA VAL F 234 6.13 -29.92 -28.69
C VAL F 234 6.97 -30.77 -29.64
N PRO F 235 6.61 -32.02 -29.92
CA PRO F 235 7.32 -32.74 -31.00
C PRO F 235 7.39 -31.96 -32.30
N ALA F 236 6.34 -31.20 -32.63
CA ALA F 236 6.45 -30.32 -33.79
C ALA F 236 7.36 -29.14 -33.51
N LEU F 237 7.33 -28.63 -32.27
CA LEU F 237 8.14 -27.46 -31.93
C LEU F 237 9.63 -27.76 -32.04
N GLU F 238 10.05 -28.99 -31.75
CA GLU F 238 11.48 -29.29 -31.78
C GLU F 238 12.05 -29.06 -33.18
N ILE F 239 11.32 -29.47 -34.21
CA ILE F 239 11.79 -29.24 -35.58
C ILE F 239 11.45 -27.83 -36.04
N ALA F 240 10.36 -27.24 -35.55
CA ALA F 240 10.08 -25.84 -35.88
C ALA F 240 11.17 -24.91 -35.39
N ASN F 241 11.86 -25.28 -34.31
CA ASN F 241 12.97 -24.49 -33.77
C ASN F 241 14.33 -24.93 -34.30
N ALA F 242 14.59 -26.23 -34.35
CA ALA F 242 15.83 -26.71 -34.97
C ALA F 242 15.96 -26.17 -36.38
N HIS F 243 15.00 -26.50 -37.24
CA HIS F 243 14.85 -25.77 -38.48
C HIS F 243 14.32 -24.38 -38.17
N ARG F 244 14.67 -23.43 -39.03
CA ARG F 244 14.15 -22.07 -38.94
C ARG F 244 12.75 -21.94 -39.51
N LYS F 245 12.05 -23.06 -39.70
CA LYS F 245 10.79 -23.12 -40.42
C LYS F 245 9.62 -22.72 -39.52
N PRO F 246 8.74 -21.82 -39.97
CA PRO F 246 7.48 -21.61 -39.27
C PRO F 246 6.49 -22.74 -39.55
N LEU F 247 5.48 -22.84 -38.68
CA LEU F 247 4.51 -23.92 -38.76
C LEU F 247 3.09 -23.38 -38.68
N VAL F 248 2.15 -24.13 -39.25
CA VAL F 248 0.73 -23.84 -39.18
C VAL F 248 0.00 -25.08 -38.69
N ILE F 249 -1.05 -24.90 -37.89
CA ILE F 249 -1.80 -25.98 -37.31
C ILE F 249 -3.24 -25.90 -37.80
N ILE F 250 -3.77 -27.03 -38.25
CA ILE F 250 -5.15 -27.14 -38.72
C ILE F 250 -5.78 -28.36 -38.08
N ALA F 251 -6.94 -28.18 -37.47
CA ALA F 251 -7.68 -29.28 -36.86
C ALA F 251 -9.13 -28.86 -36.72
N GLU F 252 -9.93 -29.71 -36.09
CA GLU F 252 -11.33 -29.38 -35.86
C GLU F 252 -11.44 -28.15 -34.95
N ASP F 253 -10.66 -28.11 -33.89
CA ASP F 253 -10.63 -26.97 -32.98
C ASP F 253 -9.56 -27.21 -31.93
N VAL F 254 -9.03 -26.11 -31.39
CA VAL F 254 -8.06 -26.15 -30.29
C VAL F 254 -8.51 -25.18 -29.21
N ASP F 255 -8.61 -25.67 -27.98
CA ASP F 255 -9.00 -24.85 -26.85
C ASP F 255 -8.49 -25.51 -25.57
N GLY F 256 -8.42 -24.72 -24.51
CA GLY F 256 -8.00 -25.24 -23.22
C GLY F 256 -6.51 -25.07 -23.00
N GLU F 257 -5.86 -26.11 -22.47
CA GLU F 257 -4.46 -25.99 -22.09
C GLU F 257 -3.57 -25.77 -23.31
N ALA F 258 -3.85 -26.43 -24.43
CA ALA F 258 -3.05 -26.24 -25.63
C ALA F 258 -3.13 -24.79 -26.11
N LEU F 259 -4.34 -24.24 -26.17
CA LEU F 259 -4.52 -22.86 -26.60
C LEU F 259 -3.84 -21.90 -25.63
N SER F 260 -3.98 -22.14 -24.32
CA SER F 260 -3.35 -21.28 -23.34
C SER F 260 -1.82 -21.33 -23.49
N THR F 261 -1.26 -22.52 -23.66
CA THR F 261 0.18 -22.65 -23.79
C THR F 261 0.68 -21.94 -25.04
N LEU F 262 0.02 -22.13 -26.17
CA LEU F 262 0.50 -21.52 -27.40
C LEU F 262 0.35 -20.00 -27.37
N VAL F 263 -0.76 -19.49 -26.82
CA VAL F 263 -0.95 -18.05 -26.77
C VAL F 263 0.03 -17.42 -25.78
N LEU F 264 0.29 -18.08 -24.65
CA LEU F 264 1.29 -17.58 -23.72
C LEU F 264 2.68 -17.57 -24.36
N ASN F 265 3.03 -18.65 -25.07
CA ASN F 265 4.33 -18.69 -25.75
C ASN F 265 4.44 -17.56 -26.77
N ARG F 266 3.36 -17.31 -27.50
CA ARG F 266 3.35 -16.20 -28.45
C ARG F 266 3.55 -14.87 -27.74
N LEU F 267 2.84 -14.65 -26.63
CA LEU F 267 2.89 -13.37 -25.95
C LEU F 267 4.26 -13.12 -25.32
N LYS F 268 4.90 -14.17 -24.81
CA LYS F 268 6.20 -14.05 -24.16
C LYS F 268 7.36 -14.37 -25.10
N VAL F 269 7.35 -15.56 -25.70
CA VAL F 269 8.46 -15.98 -26.55
C VAL F 269 8.23 -15.56 -28.00
N GLY F 270 7.00 -15.59 -28.48
CA GLY F 270 6.70 -15.22 -29.85
C GLY F 270 7.13 -16.25 -30.87
N LEU F 271 6.92 -17.54 -30.57
CA LEU F 271 7.25 -18.58 -31.53
C LEU F 271 6.33 -18.51 -32.74
N GLN F 272 6.84 -19.01 -33.86
CA GLN F 272 6.13 -18.91 -35.15
C GLN F 272 5.36 -20.20 -35.43
N VAL F 273 4.29 -20.40 -34.68
CA VAL F 273 3.35 -21.49 -34.91
C VAL F 273 1.94 -20.92 -34.78
N VAL F 274 1.06 -21.29 -35.72
CA VAL F 274 -0.29 -20.74 -35.80
C VAL F 274 -1.28 -21.89 -35.94
N ALA F 275 -2.48 -21.71 -35.38
CA ALA F 275 -3.52 -22.73 -35.41
C ALA F 275 -4.81 -22.15 -35.99
N VAL F 276 -5.44 -22.92 -36.90
CA VAL F 276 -6.68 -22.53 -37.54
C VAL F 276 -7.60 -23.76 -37.59
N LYS F 277 -8.85 -23.52 -37.99
CA LYS F 277 -9.87 -24.56 -38.01
C LYS F 277 -10.00 -25.18 -39.40
N ALA F 278 -10.56 -26.38 -39.43
CA ALA F 278 -10.79 -27.06 -40.71
C ALA F 278 -11.92 -26.38 -41.47
N PRO F 279 -11.85 -26.36 -42.80
CA PRO F 279 -12.87 -25.64 -43.59
C PRO F 279 -14.17 -26.41 -43.79
N GLY F 280 -14.08 -27.74 -43.91
CA GLY F 280 -15.21 -28.55 -44.32
C GLY F 280 -16.05 -29.05 -43.16
N PHE F 281 -16.76 -30.16 -43.42
CA PHE F 281 -17.67 -30.72 -42.43
C PHE F 281 -17.79 -32.22 -42.65
N GLY F 282 -17.46 -32.99 -41.60
CA GLY F 282 -17.65 -34.44 -41.67
C GLY F 282 -16.82 -35.08 -42.77
N ASP F 283 -17.47 -35.92 -43.56
CA ASP F 283 -16.77 -36.57 -44.68
C ASP F 283 -16.25 -35.53 -45.66
N ASN F 284 -17.00 -34.46 -45.86
CA ASN F 284 -16.52 -33.36 -46.70
C ASN F 284 -15.26 -32.76 -46.09
N ARG F 285 -15.23 -32.62 -44.76
CA ARG F 285 -14.03 -32.13 -44.08
C ARG F 285 -12.85 -33.05 -44.32
N LYS F 286 -13.06 -34.36 -44.22
CA LYS F 286 -11.98 -35.31 -44.46
C LYS F 286 -11.47 -35.17 -45.89
N ASN F 287 -12.39 -34.98 -46.84
CA ASN F 287 -11.99 -34.83 -48.23
C ASN F 287 -11.09 -33.61 -48.40
N GLN F 288 -11.47 -32.47 -47.82
CA GLN F 288 -10.59 -31.31 -47.91
C GLN F 288 -9.27 -31.52 -47.18
N LEU F 289 -9.30 -32.23 -46.05
CA LEU F 289 -8.07 -32.50 -45.32
C LEU F 289 -7.09 -33.26 -46.20
N LYS F 290 -7.56 -34.34 -46.83
CA LYS F 290 -6.71 -35.06 -47.77
C LYS F 290 -6.30 -34.17 -48.93
N ASP F 291 -7.22 -33.32 -49.40
CA ASP F 291 -6.93 -32.46 -50.53
C ASP F 291 -5.69 -31.60 -50.26
N MET F 292 -5.73 -30.79 -49.20
CA MET F 292 -4.60 -29.91 -48.99
C MET F 292 -3.41 -30.62 -48.36
N ALA F 293 -3.61 -31.79 -47.76
CA ALA F 293 -2.46 -32.62 -47.40
C ALA F 293 -1.68 -33.03 -48.63
N ILE F 294 -2.41 -33.43 -49.70
CA ILE F 294 -1.76 -33.72 -50.97
C ILE F 294 -1.14 -32.44 -51.55
N ALA F 295 -1.85 -31.33 -51.44
CA ALA F 295 -1.32 -30.06 -51.95
C ALA F 295 0.01 -29.70 -51.30
N THR F 296 0.15 -29.96 -50.01
CA THR F 296 1.30 -29.51 -49.23
C THR F 296 2.43 -30.54 -49.18
N GLY F 297 2.18 -31.78 -49.56
CA GLY F 297 3.15 -32.83 -49.38
C GLY F 297 3.09 -33.53 -48.04
N GLY F 298 1.98 -33.40 -47.32
CA GLY F 298 1.79 -34.04 -46.04
C GLY F 298 0.66 -35.06 -46.05
N ALA F 299 0.25 -35.46 -44.85
CA ALA F 299 -0.81 -36.44 -44.69
C ALA F 299 -1.64 -36.09 -43.46
N VAL F 300 -2.92 -36.47 -43.51
CA VAL F 300 -3.79 -36.29 -42.36
C VAL F 300 -3.29 -37.14 -41.21
N PHE F 301 -3.32 -36.58 -40.00
CA PHE F 301 -2.83 -37.27 -38.81
C PHE F 301 -3.95 -37.87 -37.98
N GLY F 302 -5.01 -38.34 -38.62
CA GLY F 302 -6.07 -39.04 -37.91
C GLY F 302 -5.62 -40.45 -37.56
N GLU F 303 -5.84 -40.84 -36.30
CA GLU F 303 -5.40 -42.16 -35.86
C GLU F 303 -6.12 -43.27 -36.62
N GLU F 304 -7.36 -43.03 -37.02
CA GLU F 304 -8.10 -44.03 -37.79
C GLU F 304 -7.42 -44.25 -39.14
N GLY F 305 -7.58 -45.45 -39.67
CA GLY F 305 -6.90 -45.81 -40.90
C GLY F 305 -5.39 -45.82 -40.70
N LEU F 306 -4.72 -44.82 -41.26
CA LEU F 306 -3.28 -44.71 -41.07
C LEU F 306 -2.96 -44.52 -39.59
N THR F 307 -1.84 -45.13 -39.17
CA THR F 307 -1.37 -45.03 -37.79
C THR F 307 -0.30 -43.95 -37.72
N LEU F 308 -0.71 -42.74 -37.37
CA LEU F 308 0.23 -41.62 -37.27
C LEU F 308 -0.35 -40.62 -36.28
N ASN F 309 0.42 -40.27 -35.26
CA ASN F 309 -0.05 -39.42 -34.18
C ASN F 309 0.88 -38.23 -34.00
N LEU F 310 0.40 -37.24 -33.24
CA LEU F 310 1.19 -36.06 -32.93
C LEU F 310 2.38 -36.36 -32.03
N GLU F 311 2.43 -37.56 -31.44
CA GLU F 311 3.55 -37.90 -30.58
C GLU F 311 4.87 -37.85 -31.34
N ASP F 312 4.90 -38.38 -32.56
CA ASP F 312 6.10 -38.47 -33.37
C ASP F 312 5.99 -37.55 -34.58
N VAL F 313 7.08 -36.86 -34.89
CA VAL F 313 7.15 -35.99 -36.06
C VAL F 313 8.39 -36.36 -36.86
N GLN F 314 8.41 -35.91 -38.11
CA GLN F 314 9.56 -36.06 -38.98
C GLN F 314 9.41 -34.99 -40.05
N PRO F 315 10.50 -34.31 -40.43
CA PRO F 315 10.37 -33.25 -41.45
C PRO F 315 9.72 -33.74 -42.73
N HIS F 316 9.96 -34.98 -43.13
CA HIS F 316 9.34 -35.51 -44.34
C HIS F 316 7.90 -35.95 -44.12
N ASP F 317 7.46 -36.09 -42.86
CA ASP F 317 6.07 -36.47 -42.61
C ASP F 317 5.13 -35.30 -42.86
N LEU F 318 5.50 -34.11 -42.42
CA LEU F 318 4.65 -32.94 -42.58
C LEU F 318 4.83 -32.33 -43.96
N GLY F 319 3.77 -31.71 -44.46
CA GLY F 319 3.84 -31.04 -45.74
C GLY F 319 4.48 -29.67 -45.65
N LYS F 320 4.91 -29.17 -46.81
CA LYS F 320 5.64 -27.93 -46.92
C LYS F 320 4.85 -26.95 -47.76
N VAL F 321 4.77 -25.69 -47.32
CA VAL F 321 4.06 -24.64 -48.03
C VAL F 321 4.94 -23.39 -48.05
N GLY F 322 4.97 -22.72 -49.19
CA GLY F 322 5.88 -21.58 -49.35
C GLY F 322 5.60 -20.47 -48.36
N GLU F 323 4.33 -20.12 -48.18
CA GLU F 323 3.99 -19.05 -47.25
C GLU F 323 2.54 -19.17 -46.85
N VAL F 324 2.23 -18.63 -45.67
CA VAL F 324 0.89 -18.68 -45.10
C VAL F 324 0.49 -17.28 -44.69
N ILE F 325 -0.76 -16.91 -44.98
CA ILE F 325 -1.34 -15.64 -44.57
C ILE F 325 -2.69 -15.93 -43.95
N VAL F 326 -2.90 -15.43 -42.73
CA VAL F 326 -4.13 -15.69 -41.99
C VAL F 326 -4.67 -14.38 -41.45
N THR F 327 -5.99 -14.24 -41.46
CA THR F 327 -6.64 -13.02 -40.98
C THR F 327 -8.06 -13.37 -40.56
N LYS F 328 -8.87 -12.33 -40.35
CA LYS F 328 -10.25 -12.51 -39.92
C LYS F 328 -11.01 -13.39 -40.89
N ASP F 329 -11.47 -14.54 -40.39
CA ASP F 329 -12.35 -15.44 -41.14
C ASP F 329 -11.74 -15.88 -42.46
N ASP F 330 -10.42 -15.78 -42.62
CA ASP F 330 -9.80 -16.13 -43.88
C ASP F 330 -8.39 -16.64 -43.64
N ALA F 331 -7.93 -17.49 -44.56
CA ALA F 331 -6.57 -18.02 -44.54
C ALA F 331 -6.32 -18.72 -45.87
N MET F 332 -5.13 -18.52 -46.42
CA MET F 332 -4.78 -19.12 -47.70
C MET F 332 -3.37 -19.68 -47.66
N LEU F 333 -3.19 -20.85 -48.26
CA LEU F 333 -1.93 -21.56 -48.30
C LEU F 333 -1.38 -21.47 -49.71
N LEU F 334 -0.16 -20.95 -49.84
CA LEU F 334 0.42 -20.64 -51.14
C LEU F 334 1.73 -21.39 -51.34
N LYS F 335 1.95 -21.86 -52.56
CA LYS F 335 3.18 -22.53 -52.94
C LYS F 335 3.40 -23.80 -52.11
N GLY F 336 2.45 -24.71 -52.22
CA GLY F 336 2.57 -26.00 -51.56
C GLY F 336 3.69 -26.82 -52.16
N LYS F 337 3.93 -27.96 -51.54
CA LYS F 337 5.01 -28.85 -51.97
C LYS F 337 4.50 -30.26 -52.20
N GLY F 338 5.40 -31.19 -52.47
CA GLY F 338 5.07 -32.53 -52.87
C GLY F 338 5.34 -32.74 -54.35
N ASP F 339 4.96 -33.92 -54.83
CA ASP F 339 5.13 -34.28 -56.23
C ASP F 339 3.85 -33.96 -56.99
N LYS F 340 4.02 -33.42 -58.19
CA LYS F 340 2.86 -33.09 -59.03
C LYS F 340 2.11 -34.33 -59.49
N ALA F 341 2.69 -35.52 -59.34
CA ALA F 341 1.99 -36.74 -59.73
C ALA F 341 0.74 -36.95 -58.89
N GLN F 342 0.86 -36.82 -57.57
CA GLN F 342 -0.30 -36.98 -56.71
C GLN F 342 -1.29 -35.84 -56.92
N ILE F 343 -0.80 -34.64 -57.21
CA ILE F 343 -1.70 -33.54 -57.55
C ILE F 343 -2.55 -33.91 -58.77
N GLU F 344 -1.89 -34.38 -59.83
CA GLU F 344 -2.58 -34.70 -61.07
C GLU F 344 -3.57 -35.84 -60.87
N LYS F 345 -3.16 -36.90 -60.16
CA LYS F 345 -4.08 -38.01 -59.97
C LYS F 345 -5.24 -37.63 -59.07
N ARG F 346 -5.02 -36.78 -58.07
CA ARG F 346 -6.13 -36.30 -57.26
C ARG F 346 -7.11 -35.50 -58.11
N ILE F 347 -6.60 -34.65 -58.99
CA ILE F 347 -7.48 -33.89 -59.87
C ILE F 347 -8.27 -34.83 -60.77
N GLN F 348 -7.61 -35.86 -61.31
CA GLN F 348 -8.31 -36.80 -62.18
C GLN F 348 -9.38 -37.56 -61.41
N GLU F 349 -9.07 -37.98 -60.18
CA GLU F 349 -10.07 -38.64 -59.34
C GLU F 349 -11.26 -37.72 -59.10
N ILE F 350 -10.98 -36.45 -58.80
CA ILE F 350 -12.04 -35.48 -58.60
C ILE F 350 -12.92 -35.39 -59.84
N ILE F 351 -12.29 -35.33 -61.01
CA ILE F 351 -13.04 -35.18 -62.26
C ILE F 351 -13.91 -36.42 -62.51
N GLU F 352 -13.32 -37.60 -62.35
CA GLU F 352 -14.08 -38.82 -62.66
C GLU F 352 -15.25 -38.99 -61.70
N GLN F 353 -15.06 -38.68 -60.41
CA GLN F 353 -16.19 -38.83 -59.50
C GLN F 353 -17.13 -37.63 -59.55
N LEU F 354 -16.73 -36.53 -60.20
CA LEU F 354 -17.70 -35.53 -60.61
C LEU F 354 -18.61 -36.06 -61.70
N ASP F 355 -18.01 -36.73 -62.68
CA ASP F 355 -18.81 -37.36 -63.75
C ASP F 355 -19.73 -38.41 -63.17
N VAL F 356 -19.24 -39.22 -62.22
CA VAL F 356 -20.07 -40.24 -61.61
C VAL F 356 -21.19 -39.59 -60.80
N THR F 357 -20.86 -38.58 -60.00
CA THR F 357 -21.86 -37.97 -59.14
C THR F 357 -22.90 -37.21 -59.95
N THR F 358 -24.15 -37.27 -59.49
CA THR F 358 -25.26 -36.55 -60.11
C THR F 358 -25.97 -35.61 -59.15
N SER F 359 -25.72 -35.71 -57.85
CA SER F 359 -26.38 -34.83 -56.89
C SER F 359 -25.82 -33.42 -56.98
N GLU F 360 -26.72 -32.43 -56.87
CA GLU F 360 -26.33 -31.04 -57.04
C GLU F 360 -25.42 -30.58 -55.91
N TYR F 361 -25.81 -30.86 -54.66
CA TYR F 361 -25.02 -30.39 -53.52
C TYR F 361 -23.61 -30.92 -53.58
N GLU F 362 -23.46 -32.24 -53.73
CA GLU F 362 -22.14 -32.83 -53.91
C GLU F 362 -21.46 -32.27 -55.14
N LYS F 363 -22.24 -31.94 -56.18
CA LYS F 363 -21.63 -31.39 -57.39
C LYS F 363 -20.92 -30.08 -57.10
N GLU F 364 -21.58 -29.16 -56.39
CA GLU F 364 -20.92 -27.88 -56.14
C GLU F 364 -19.83 -28.02 -55.08
N LYS F 365 -20.00 -28.92 -54.11
CA LYS F 365 -18.93 -29.18 -53.16
C LYS F 365 -17.67 -29.66 -53.89
N LEU F 366 -17.85 -30.61 -54.81
CA LEU F 366 -16.73 -31.08 -55.61
C LEU F 366 -16.18 -29.96 -56.47
N ASN F 367 -17.04 -29.10 -57.01
CA ASN F 367 -16.57 -28.02 -57.87
C ASN F 367 -15.64 -27.10 -57.10
N GLU F 368 -16.04 -26.70 -55.89
CA GLU F 368 -15.18 -25.81 -55.11
C GLU F 368 -13.92 -26.53 -54.67
N ARG F 369 -14.01 -27.81 -54.31
CA ARG F 369 -12.82 -28.57 -53.97
C ARG F 369 -11.84 -28.61 -55.15
N LEU F 370 -12.37 -28.84 -56.36
CA LEU F 370 -11.53 -28.87 -57.55
C LEU F 370 -10.87 -27.51 -57.76
N ALA F 371 -11.68 -26.45 -57.76
CA ALA F 371 -11.14 -25.12 -58.02
C ALA F 371 -10.10 -24.73 -56.99
N LYS F 372 -10.20 -25.26 -55.76
CA LYS F 372 -9.22 -24.94 -54.74
C LYS F 372 -7.80 -25.36 -55.15
N LEU F 373 -7.67 -26.31 -56.07
CA LEU F 373 -6.38 -26.84 -56.46
C LEU F 373 -6.05 -26.61 -57.93
N SER F 374 -6.99 -26.92 -58.83
CA SER F 374 -6.73 -26.76 -60.25
C SER F 374 -6.42 -25.32 -60.59
N ASP F 375 -7.19 -24.39 -60.04
CA ASP F 375 -6.93 -22.97 -60.26
C ASP F 375 -5.84 -22.49 -59.31
N GLY F 376 -4.94 -21.66 -59.83
CA GLY F 376 -3.92 -21.02 -59.02
C GLY F 376 -4.47 -19.77 -58.36
N VAL F 377 -3.55 -19.00 -57.78
CA VAL F 377 -3.90 -17.76 -57.11
C VAL F 377 -3.17 -16.61 -57.81
N ALA F 378 -3.88 -15.50 -57.97
CA ALA F 378 -3.30 -14.30 -58.55
C ALA F 378 -2.65 -13.47 -57.44
N VAL F 379 -1.40 -13.08 -57.66
CA VAL F 379 -0.67 -12.20 -56.75
C VAL F 379 -0.33 -10.94 -57.53
N LEU F 380 -0.76 -9.80 -57.00
CA LEU F 380 -0.50 -8.49 -57.62
C LEU F 380 0.63 -7.83 -56.84
N LYS F 381 1.86 -8.04 -57.29
CA LYS F 381 3.02 -7.47 -56.60
C LYS F 381 3.24 -6.06 -57.14
N VAL F 382 2.73 -5.07 -56.40
CA VAL F 382 2.82 -3.69 -56.81
C VAL F 382 4.20 -3.14 -56.49
N GLY F 383 4.80 -2.43 -57.45
CA GLY F 383 6.14 -1.91 -57.29
C GLY F 383 6.16 -0.39 -57.43
N GLY F 384 7.33 0.17 -57.13
CA GLY F 384 7.49 1.61 -57.19
C GLY F 384 8.88 2.00 -56.72
N THR F 385 9.10 3.32 -56.69
CA THR F 385 10.42 3.84 -56.32
C THR F 385 10.72 3.60 -54.86
N SER F 386 9.79 3.93 -53.97
CA SER F 386 10.04 3.96 -52.54
C SER F 386 9.07 3.03 -51.81
N ASP F 387 9.49 2.58 -50.64
CA ASP F 387 8.66 1.66 -49.86
C ASP F 387 7.33 2.31 -49.46
N VAL F 388 7.35 3.57 -49.03
CA VAL F 388 6.12 4.21 -48.57
C VAL F 388 5.14 4.38 -49.73
N GLU F 389 5.63 4.80 -50.89
CA GLU F 389 4.74 5.00 -52.02
C GLU F 389 4.12 3.69 -52.47
N VAL F 390 4.91 2.61 -52.48
CA VAL F 390 4.33 1.32 -52.84
C VAL F 390 3.37 0.85 -51.76
N ASN F 391 3.59 1.23 -50.51
CA ASN F 391 2.64 0.87 -49.45
C ASN F 391 1.30 1.53 -49.68
N GLU F 392 1.29 2.84 -49.93
CA GLU F 392 0.02 3.52 -50.17
C GLU F 392 -0.61 3.04 -51.47
N LYS F 393 0.21 2.74 -52.48
CA LYS F 393 -0.33 2.17 -53.72
C LYS F 393 -0.98 0.82 -53.45
N LYS F 394 -0.37 0.00 -52.60
CA LYS F 394 -0.95 -1.30 -52.26
C LYS F 394 -2.27 -1.12 -51.54
N ASP F 395 -2.35 -0.14 -50.63
CA ASP F 395 -3.61 0.13 -49.94
C ASP F 395 -4.69 0.52 -50.95
N ARG F 396 -4.35 1.43 -51.87
CA ARG F 396 -5.32 1.84 -52.88
C ARG F 396 -5.74 0.67 -53.75
N VAL F 397 -4.78 -0.18 -54.12
CA VAL F 397 -5.09 -1.34 -54.96
C VAL F 397 -6.03 -2.29 -54.23
N THR F 398 -5.78 -2.51 -52.94
CA THR F 398 -6.67 -3.37 -52.17
C THR F 398 -8.07 -2.78 -52.11
N ASP F 399 -8.17 -1.47 -51.89
CA ASP F 399 -9.48 -0.82 -51.86
C ASP F 399 -10.20 -1.01 -53.19
N ALA F 400 -9.51 -0.75 -54.29
CA ALA F 400 -10.12 -0.88 -55.61
C ALA F 400 -10.53 -2.31 -55.89
N LEU F 401 -9.69 -3.28 -55.49
CA LEU F 401 -10.01 -4.68 -55.72
C LEU F 401 -11.26 -5.08 -54.95
N ASN F 402 -11.36 -4.67 -53.68
CA ASN F 402 -12.54 -4.99 -52.90
C ASN F 402 -13.78 -4.36 -53.52
N ALA F 403 -13.67 -3.10 -53.94
CA ALA F 403 -14.81 -2.44 -54.57
C ALA F 403 -15.24 -3.16 -55.84
N THR F 404 -14.27 -3.57 -56.67
CA THR F 404 -14.59 -4.26 -57.90
C THR F 404 -15.24 -5.61 -57.63
N ARG F 405 -14.73 -6.36 -56.67
CA ARG F 405 -15.34 -7.64 -56.33
C ARG F 405 -16.77 -7.45 -55.85
N ALA F 406 -16.99 -6.43 -55.01
CA ALA F 406 -18.35 -6.15 -54.57
C ALA F 406 -19.23 -5.79 -55.76
N ALA F 407 -18.72 -5.00 -56.68
CA ALA F 407 -19.51 -4.61 -57.84
C ALA F 407 -19.91 -5.82 -58.65
N VAL F 408 -18.97 -6.72 -58.93
CA VAL F 408 -19.27 -7.86 -59.79
C VAL F 408 -20.14 -8.88 -59.07
N GLU F 409 -19.99 -9.02 -57.75
CA GLU F 409 -20.75 -10.05 -57.05
C GLU F 409 -22.25 -9.81 -57.14
N GLU F 410 -22.67 -8.53 -57.12
CA GLU F 410 -24.09 -8.22 -57.15
C GLU F 410 -24.47 -7.13 -58.15
N GLY F 411 -23.53 -6.34 -58.65
CA GLY F 411 -23.83 -5.38 -59.69
C GLY F 411 -23.43 -3.98 -59.26
N ILE F 412 -24.15 -2.99 -59.80
CA ILE F 412 -23.82 -1.58 -59.61
C ILE F 412 -25.11 -0.78 -59.64
N VAL F 413 -25.16 0.28 -58.82
CA VAL F 413 -26.27 1.23 -58.83
C VAL F 413 -25.67 2.63 -58.73
N LEU F 414 -26.53 3.64 -58.89
CA LEU F 414 -26.08 5.02 -58.83
C LEU F 414 -25.38 5.30 -57.51
N GLY F 415 -24.23 5.96 -57.59
CA GLY F 415 -23.46 6.32 -56.42
C GLY F 415 -23.90 7.65 -55.84
N GLY F 416 -23.13 8.10 -54.84
CA GLY F 416 -23.41 9.38 -54.21
C GLY F 416 -24.77 9.45 -53.55
N GLY F 417 -25.25 8.34 -53.01
CA GLY F 417 -26.53 8.32 -52.32
C GLY F 417 -27.74 8.44 -53.22
N CYS F 418 -27.55 8.48 -54.53
CA CYS F 418 -28.68 8.61 -55.44
C CYS F 418 -29.48 7.32 -55.58
N ALA F 419 -28.89 6.17 -55.19
CA ALA F 419 -29.56 4.90 -55.43
C ALA F 419 -30.89 4.82 -54.71
N LEU F 420 -30.93 5.22 -53.43
CA LEU F 420 -32.16 5.07 -52.65
C LEU F 420 -33.27 5.94 -53.22
N LEU F 421 -32.95 7.17 -53.61
CA LEU F 421 -34.00 8.10 -54.03
C LEU F 421 -34.77 7.56 -55.23
N ARG F 422 -34.12 6.77 -56.09
CA ARG F 422 -34.81 6.21 -57.24
C ARG F 422 -35.91 5.24 -56.82
N CYS F 423 -35.75 4.59 -55.67
CA CYS F 423 -36.70 3.59 -55.19
C CYS F 423 -37.88 4.20 -54.45
N ILE F 424 -37.87 5.51 -54.22
CA ILE F 424 -38.93 6.13 -53.42
C ILE F 424 -40.31 5.82 -53.98
N PRO F 425 -40.56 5.88 -55.29
CA PRO F 425 -41.91 5.58 -55.78
C PRO F 425 -42.38 4.18 -55.46
N ALA F 426 -41.46 3.23 -55.25
CA ALA F 426 -41.86 1.84 -55.06
C ALA F 426 -42.80 1.68 -53.86
N LEU F 427 -42.63 2.49 -52.82
CA LEU F 427 -43.46 2.34 -51.64
C LEU F 427 -44.92 2.62 -51.92
N ASP F 428 -45.23 3.30 -53.04
CA ASP F 428 -46.63 3.52 -53.39
C ASP F 428 -47.34 2.21 -53.71
N SER F 429 -46.60 1.17 -54.09
CA SER F 429 -47.21 -0.09 -54.46
C SER F 429 -47.91 -0.75 -53.28
N LEU F 430 -47.25 -0.77 -52.12
CA LEU F 430 -47.78 -1.47 -50.96
C LEU F 430 -48.96 -0.71 -50.37
N THR F 431 -49.71 -1.41 -49.51
CA THR F 431 -50.80 -0.82 -48.75
C THR F 431 -50.68 -1.25 -47.30
N PRO F 432 -51.09 -0.39 -46.35
CA PRO F 432 -50.98 -0.75 -44.94
C PRO F 432 -52.24 -1.42 -44.40
N ALA F 433 -52.03 -2.50 -43.66
CA ALA F 433 -53.14 -3.15 -42.99
C ALA F 433 -53.76 -2.25 -41.92
N ASN F 434 -52.91 -1.59 -41.14
CA ASN F 434 -53.36 -0.69 -40.08
C ASN F 434 -52.64 0.65 -40.23
N GLU F 435 -53.07 1.63 -39.45
CA GLU F 435 -52.47 2.95 -39.52
C GLU F 435 -51.01 2.93 -39.08
N ASP F 436 -50.68 2.11 -38.07
CA ASP F 436 -49.30 2.06 -37.61
C ASP F 436 -48.37 1.60 -38.71
N GLN F 437 -48.81 0.63 -39.51
CA GLN F 437 -48.00 0.22 -40.66
C GLN F 437 -47.81 1.36 -41.64
N LYS F 438 -48.86 2.16 -41.84
CA LYS F 438 -48.73 3.34 -42.69
C LYS F 438 -47.68 4.29 -42.12
N ILE F 439 -47.64 4.43 -40.80
CA ILE F 439 -46.63 5.27 -40.17
C ILE F 439 -45.24 4.70 -40.42
N GLY F 440 -45.13 3.37 -40.40
CA GLY F 440 -43.86 2.75 -40.75
C GLY F 440 -43.44 3.09 -42.17
N ILE F 441 -44.39 3.04 -43.10
CA ILE F 441 -44.09 3.42 -44.48
C ILE F 441 -43.62 4.87 -44.54
N GLU F 442 -44.31 5.75 -43.81
CA GLU F 442 -43.97 7.17 -43.83
C GLU F 442 -42.58 7.42 -43.28
N ILE F 443 -42.26 6.80 -42.15
CA ILE F 443 -40.93 6.97 -41.55
C ILE F 443 -39.86 6.48 -42.49
N ILE F 444 -40.08 5.33 -43.13
CA ILE F 444 -39.08 4.83 -44.07
C ILE F 444 -38.94 5.79 -45.25
N LYS F 445 -40.07 6.29 -45.76
CA LYS F 445 -40.03 7.24 -46.87
C LYS F 445 -39.19 8.46 -46.50
N ARG F 446 -39.41 9.01 -45.30
CA ARG F 446 -38.64 10.18 -44.90
C ARG F 446 -37.17 9.84 -44.73
N THR F 447 -36.85 8.66 -44.19
CA THR F 447 -35.45 8.35 -43.95
C THR F 447 -34.68 8.09 -45.24
N LEU F 448 -35.35 7.62 -46.30
CA LEU F 448 -34.61 7.25 -47.50
C LEU F 448 -33.76 8.39 -48.02
N LYS F 449 -34.16 9.64 -47.75
CA LYS F 449 -33.43 10.80 -48.26
C LYS F 449 -32.34 11.29 -47.31
N ILE F 450 -32.17 10.66 -46.15
CA ILE F 450 -31.20 11.15 -45.18
C ILE F 450 -29.78 11.20 -45.75
N PRO F 451 -29.27 10.13 -46.37
CA PRO F 451 -27.89 10.21 -46.89
C PRO F 451 -27.69 11.33 -47.89
N ALA F 452 -28.71 11.62 -48.70
CA ALA F 452 -28.58 12.70 -49.67
C ALA F 452 -28.40 14.05 -48.97
N MET F 453 -29.26 14.35 -47.98
CA MET F 453 -29.10 15.59 -47.25
C MET F 453 -27.76 15.62 -46.51
N THR F 454 -27.34 14.48 -45.98
CA THR F 454 -26.07 14.44 -45.25
C THR F 454 -24.91 14.76 -46.17
N ILE F 455 -24.92 14.19 -47.38
CA ILE F 455 -23.86 14.48 -48.35
C ILE F 455 -23.92 15.94 -48.75
N ALA F 456 -25.12 16.48 -48.95
CA ALA F 456 -25.25 17.89 -49.31
C ALA F 456 -24.66 18.78 -48.21
N LYS F 457 -24.97 18.46 -46.95
CA LYS F 457 -24.43 19.23 -45.84
C LYS F 457 -22.91 19.11 -45.77
N ASN F 458 -22.39 17.91 -46.02
CA ASN F 458 -20.95 17.74 -46.08
C ASN F 458 -20.35 18.63 -47.16
N ALA F 459 -21.02 18.73 -48.31
CA ALA F 459 -20.61 19.69 -49.32
C ALA F 459 -20.97 21.12 -48.94
N GLY F 460 -21.97 21.29 -48.06
CA GLY F 460 -22.36 22.59 -47.57
C GLY F 460 -23.57 23.19 -48.24
N VAL F 461 -23.96 22.69 -49.40
CA VAL F 461 -25.12 23.21 -50.11
C VAL F 461 -26.39 22.66 -49.47
N GLU F 462 -27.48 23.42 -49.60
CA GLU F 462 -28.74 23.05 -48.98
C GLU F 462 -29.20 21.68 -49.47
N GLY F 463 -29.52 20.80 -48.52
CA GLY F 463 -29.90 19.43 -48.88
C GLY F 463 -31.29 19.33 -49.46
N SER F 464 -32.25 20.06 -48.89
CA SER F 464 -33.65 19.91 -49.30
C SER F 464 -33.82 20.25 -50.77
N LEU F 465 -33.25 21.38 -51.21
CA LEU F 465 -33.34 21.77 -52.61
C LEU F 465 -32.70 20.72 -53.51
N ILE F 466 -31.54 20.21 -53.11
CA ILE F 466 -30.84 19.23 -53.94
C ILE F 466 -31.67 17.98 -54.10
N VAL F 467 -32.22 17.47 -53.00
CA VAL F 467 -33.00 16.23 -53.08
C VAL F 467 -34.30 16.47 -53.84
N GLU F 468 -34.92 17.63 -53.69
CA GLU F 468 -36.11 17.92 -54.48
C GLU F 468 -35.79 17.92 -55.96
N LYS F 469 -34.68 18.55 -56.35
CA LYS F 469 -34.26 18.53 -57.73
C LYS F 469 -33.97 17.11 -58.20
N ILE F 470 -33.32 16.31 -57.35
CA ILE F 470 -33.03 14.92 -57.71
C ILE F 470 -34.31 14.17 -58.00
N MET F 471 -35.28 14.28 -57.09
CA MET F 471 -36.54 13.55 -57.26
C MET F 471 -37.27 14.02 -58.51
N GLN F 472 -37.30 15.33 -58.74
CA GLN F 472 -38.00 15.88 -59.90
C GLN F 472 -37.27 15.65 -61.21
N SER F 473 -35.98 15.29 -61.15
CA SER F 473 -35.19 15.08 -62.35
C SER F 473 -35.42 13.67 -62.87
N SER F 474 -34.62 13.26 -63.85
CA SER F 474 -34.75 11.94 -64.45
C SER F 474 -34.16 10.89 -63.52
N SER F 475 -34.06 9.65 -64.01
CA SER F 475 -33.57 8.53 -63.23
C SER F 475 -32.10 8.23 -63.49
N GLU F 476 -31.41 9.11 -64.22
CA GLU F 476 -30.01 8.87 -64.58
C GLU F 476 -29.06 9.93 -64.05
N VAL F 477 -29.49 11.18 -63.96
CA VAL F 477 -28.64 12.26 -63.48
C VAL F 477 -28.99 12.56 -62.03
N GLY F 478 -27.96 12.79 -61.22
CA GLY F 478 -28.10 13.14 -59.83
C GLY F 478 -27.34 14.42 -59.51
N TYR F 479 -26.69 14.42 -58.35
CA TYR F 479 -25.88 15.54 -57.89
C TYR F 479 -24.48 15.04 -57.56
N ASP F 480 -23.47 15.75 -58.08
CA ASP F 480 -22.07 15.42 -57.81
C ASP F 480 -21.52 16.42 -56.81
N ALA F 481 -21.09 15.92 -55.65
CA ALA F 481 -20.51 16.80 -54.64
C ALA F 481 -19.12 17.28 -55.04
N MET F 482 -18.37 16.45 -55.78
CA MET F 482 -17.02 16.83 -56.16
C MET F 482 -17.03 18.10 -57.00
N ALA F 483 -17.97 18.19 -57.94
CA ALA F 483 -18.10 19.37 -58.80
C ALA F 483 -19.29 20.24 -58.41
N GLY F 484 -20.07 19.84 -57.41
CA GLY F 484 -21.16 20.67 -56.92
C GLY F 484 -22.19 21.01 -57.97
N ASP F 485 -22.65 20.01 -58.70
CA ASP F 485 -23.60 20.24 -59.79
C ASP F 485 -24.27 18.91 -60.14
N PHE F 486 -25.19 18.97 -61.09
CA PHE F 486 -25.95 17.79 -61.53
C PHE F 486 -25.31 17.23 -62.79
N VAL F 487 -24.98 15.94 -62.75
CA VAL F 487 -24.36 15.26 -63.88
C VAL F 487 -24.88 13.82 -63.91
N ASN F 488 -24.61 13.15 -65.03
CA ASN F 488 -25.02 11.76 -65.22
C ASN F 488 -23.96 10.84 -64.59
N MET F 489 -24.32 10.20 -63.49
CA MET F 489 -23.33 9.52 -62.65
C MET F 489 -22.61 8.41 -63.42
N VAL F 490 -23.37 7.49 -64.00
CA VAL F 490 -22.78 6.25 -64.52
C VAL F 490 -21.70 6.56 -65.54
N GLU F 491 -21.97 7.52 -66.43
CA GLU F 491 -20.93 7.96 -67.36
C GLU F 491 -19.85 8.77 -66.63
N LYS F 492 -20.25 9.56 -65.65
CA LYS F 492 -19.29 10.35 -64.89
C LYS F 492 -18.55 9.52 -63.85
N GLY F 493 -18.89 8.26 -63.69
CA GLY F 493 -18.15 7.39 -62.80
C GLY F 493 -18.41 7.60 -61.33
N ILE F 494 -19.65 7.89 -60.96
CA ILE F 494 -20.05 7.99 -59.56
C ILE F 494 -21.02 6.84 -59.31
N ILE F 495 -20.47 5.70 -58.85
CA ILE F 495 -21.24 4.47 -58.71
C ILE F 495 -20.79 3.75 -57.45
N ASP F 496 -21.60 2.77 -57.04
CA ASP F 496 -21.33 1.99 -55.85
C ASP F 496 -21.93 0.61 -56.01
N PRO F 497 -21.28 -0.43 -55.49
CA PRO F 497 -21.88 -1.77 -55.55
C PRO F 497 -23.20 -1.82 -54.80
N THR F 498 -24.14 -2.57 -55.35
CA THR F 498 -25.45 -2.75 -54.72
C THR F 498 -25.37 -3.58 -53.45
N LYS F 499 -24.42 -4.51 -53.38
CA LYS F 499 -24.32 -5.38 -52.21
C LYS F 499 -24.11 -4.57 -50.94
N VAL F 500 -23.20 -3.59 -50.99
CA VAL F 500 -22.88 -2.81 -49.80
C VAL F 500 -24.10 -2.04 -49.32
N VAL F 501 -24.78 -1.35 -50.24
CA VAL F 501 -25.94 -0.56 -49.85
C VAL F 501 -27.05 -1.46 -49.32
N ARG F 502 -27.26 -2.61 -49.95
CA ARG F 502 -28.29 -3.53 -49.48
C ARG F 502 -27.99 -4.01 -48.07
N THR F 503 -26.76 -4.46 -47.84
CA THR F 503 -26.38 -4.95 -46.52
C THR F 503 -26.49 -3.84 -45.48
N ALA F 504 -26.06 -2.64 -45.84
CA ALA F 504 -26.12 -1.52 -44.90
C ALA F 504 -27.56 -1.19 -44.54
N LEU F 505 -28.45 -1.17 -45.53
CA LEU F 505 -29.84 -0.87 -45.24
C LEU F 505 -30.46 -1.95 -44.37
N LEU F 506 -30.17 -3.22 -44.66
CA LEU F 506 -30.69 -4.29 -43.81
C LEU F 506 -30.18 -4.15 -42.39
N ASP F 507 -28.89 -3.86 -42.23
CA ASP F 507 -28.32 -3.71 -40.89
C ASP F 507 -28.97 -2.55 -40.16
N ALA F 508 -29.14 -1.42 -40.83
CA ALA F 508 -29.77 -0.27 -40.19
C ALA F 508 -31.19 -0.59 -39.77
N ALA F 509 -31.94 -1.27 -40.64
CA ALA F 509 -33.31 -1.64 -40.29
C ALA F 509 -33.32 -2.52 -39.06
N GLY F 510 -32.46 -3.54 -39.04
CA GLY F 510 -32.44 -4.45 -37.89
C GLY F 510 -32.07 -3.74 -36.61
N VAL F 511 -31.02 -2.92 -36.66
CA VAL F 511 -30.55 -2.25 -35.45
C VAL F 511 -31.60 -1.27 -34.94
N ALA F 512 -32.19 -0.48 -35.84
CA ALA F 512 -33.20 0.47 -35.41
C ALA F 512 -34.43 -0.22 -34.85
N SER F 513 -34.83 -1.33 -35.47
CA SER F 513 -35.97 -2.08 -34.94
C SER F 513 -35.66 -2.62 -33.55
N LEU F 514 -34.45 -3.15 -33.35
CA LEU F 514 -34.07 -3.64 -32.04
C LEU F 514 -34.08 -2.52 -31.02
N LEU F 515 -33.58 -1.34 -31.40
CA LEU F 515 -33.56 -0.22 -30.48
C LEU F 515 -34.97 0.24 -30.12
N THR F 516 -35.86 0.33 -31.11
CA THR F 516 -37.20 0.84 -30.87
C THR F 516 -38.16 -0.20 -30.33
N THR F 517 -37.76 -1.47 -30.28
CA THR F 517 -38.58 -2.50 -29.67
C THR F 517 -38.14 -2.87 -28.25
N ALA F 518 -36.91 -2.54 -27.88
CA ALA F 518 -36.45 -2.82 -26.52
C ALA F 518 -37.34 -2.10 -25.51
N GLU F 519 -37.64 -2.79 -24.41
CA GLU F 519 -38.52 -2.26 -23.38
C GLU F 519 -37.87 -2.16 -22.02
N VAL F 520 -37.02 -3.13 -21.65
CA VAL F 520 -36.38 -3.14 -20.35
C VAL F 520 -34.88 -3.29 -20.55
N VAL F 521 -34.11 -2.46 -19.86
CA VAL F 521 -32.65 -2.44 -19.97
C VAL F 521 -32.07 -2.61 -18.57
N VAL F 522 -31.06 -3.47 -18.45
CA VAL F 522 -30.37 -3.69 -17.20
C VAL F 522 -28.91 -3.28 -17.38
N THR F 523 -28.39 -2.51 -16.43
CA THR F 523 -27.03 -2.01 -16.48
C THR F 523 -26.39 -2.15 -15.10
N GLU F 524 -25.12 -2.52 -15.08
CA GLU F 524 -24.40 -2.61 -13.81
C GLU F 524 -24.26 -1.22 -13.19
N ILE F 525 -24.30 -1.18 -11.86
CA ILE F 525 -24.11 0.09 -11.16
C ILE F 525 -22.62 0.44 -11.15
N PRO F 526 -22.23 1.70 -11.37
CA PRO F 526 -20.80 2.04 -11.31
C PRO F 526 -20.20 1.78 -9.94
N SER G 2 -11.48 3.74 -23.30
CA SER G 2 -12.06 4.40 -22.14
C SER G 2 -13.13 5.39 -22.57
N ALA G 3 -13.79 6.01 -21.59
CA ALA G 3 -14.84 6.96 -21.88
C ALA G 3 -14.28 8.13 -22.69
N LYS G 4 -15.06 8.61 -23.65
CA LYS G 4 -14.64 9.66 -24.55
C LYS G 4 -15.63 10.81 -24.54
N ASP G 5 -15.09 12.03 -24.54
CA ASP G 5 -15.90 13.24 -24.63
C ASP G 5 -15.78 13.82 -26.04
N VAL G 6 -16.90 14.28 -26.58
CA VAL G 6 -16.98 14.73 -27.97
C VAL G 6 -17.58 16.12 -28.01
N LYS G 7 -17.00 16.99 -28.83
CA LYS G 7 -17.53 18.32 -29.10
C LYS G 7 -17.73 18.48 -30.60
N PHE G 8 -18.57 19.44 -30.98
CA PHE G 8 -18.99 19.60 -32.36
C PHE G 8 -18.82 21.04 -32.82
N GLY G 9 -18.22 21.21 -34.00
CA GLY G 9 -18.30 22.47 -34.71
C GLY G 9 -17.65 23.62 -33.99
N ALA G 10 -18.29 24.79 -34.08
CA ALA G 10 -17.70 26.02 -33.57
C ALA G 10 -17.33 25.89 -32.09
N ASP G 11 -18.09 25.11 -31.33
CA ASP G 11 -17.76 24.94 -29.92
C ASP G 11 -16.36 24.36 -29.76
N ALA G 12 -16.05 23.31 -30.51
CA ALA G 12 -14.71 22.72 -30.44
C ALA G 12 -13.66 23.62 -31.10
N ARG G 13 -14.02 24.27 -32.20
CA ARG G 13 -13.07 25.15 -32.87
C ARG G 13 -12.64 26.29 -31.96
N ALA G 14 -13.54 26.78 -31.11
CA ALA G 14 -13.16 27.84 -30.18
C ALA G 14 -12.10 27.36 -29.21
N LEU G 15 -12.25 26.15 -28.68
CA LEU G 15 -11.23 25.61 -27.79
C LEU G 15 -9.91 25.41 -28.54
N MET G 16 -9.99 24.94 -29.78
CA MET G 16 -8.77 24.78 -30.57
C MET G 16 -8.05 26.11 -30.73
N LEU G 17 -8.80 27.15 -31.08
CA LEU G 17 -8.20 28.46 -31.30
C LEU G 17 -7.61 29.01 -30.01
N GLN G 18 -8.33 28.85 -28.89
CA GLN G 18 -7.80 29.31 -27.62
C GLN G 18 -6.50 28.59 -27.27
N GLY G 19 -6.46 27.28 -27.49
CA GLY G 19 -5.23 26.55 -27.22
C GLY G 19 -4.07 27.01 -28.07
N VAL G 20 -4.32 27.17 -29.38
CA VAL G 20 -3.23 27.57 -30.26
C VAL G 20 -2.77 29.00 -29.96
N ASP G 21 -3.68 29.84 -29.45
CA ASP G 21 -3.32 31.23 -29.20
C ASP G 21 -2.21 31.34 -28.17
N LEU G 22 -2.27 30.52 -27.12
CA LEU G 22 -1.24 30.57 -26.08
C LEU G 22 0.13 30.28 -26.67
N LEU G 23 0.25 29.18 -27.42
CA LEU G 23 1.52 28.83 -28.03
C LEU G 23 1.96 29.90 -29.02
N ALA G 24 1.03 30.44 -29.80
CA ALA G 24 1.38 31.45 -30.79
C ALA G 24 1.96 32.68 -30.12
N ASP G 25 1.33 33.15 -29.05
CA ASP G 25 1.84 34.32 -28.36
C ASP G 25 3.14 34.01 -27.63
N ALA G 26 3.30 32.77 -27.15
CA ALA G 26 4.54 32.41 -26.48
C ALA G 26 5.70 32.37 -27.45
N VAL G 27 5.45 32.02 -28.71
CA VAL G 27 6.54 31.91 -29.67
C VAL G 27 6.78 33.21 -30.41
N ALA G 28 5.75 34.04 -30.58
CA ALA G 28 5.88 35.25 -31.39
C ALA G 28 6.91 36.21 -30.81
N VAL G 29 7.18 36.15 -29.51
CA VAL G 29 8.11 37.09 -28.90
C VAL G 29 9.56 36.70 -29.10
N THR G 30 9.84 35.54 -29.67
CA THR G 30 11.20 35.03 -29.82
C THR G 30 11.63 35.00 -31.28
N MET G 31 11.22 36.00 -32.05
CA MET G 31 11.60 36.09 -33.46
C MET G 31 12.00 37.52 -33.79
N GLY G 32 12.86 37.65 -34.79
CA GLY G 32 13.47 38.92 -35.12
C GLY G 32 14.75 39.11 -34.32
N PRO G 33 15.70 39.86 -34.86
CA PRO G 33 16.96 40.06 -34.13
C PRO G 33 16.74 40.71 -32.78
N LYS G 34 15.66 41.48 -32.62
CA LYS G 34 15.28 42.05 -31.33
C LYS G 34 14.37 41.13 -30.53
N GLY G 35 14.43 39.82 -30.80
CA GLY G 35 13.59 38.88 -30.09
C GLY G 35 13.79 38.93 -28.59
N ARG G 36 12.69 38.88 -27.84
CA ARG G 36 12.75 38.93 -26.39
C ARG G 36 13.24 37.58 -25.87
N THR G 37 13.23 37.42 -24.55
CA THR G 37 13.68 36.19 -23.93
C THR G 37 12.53 35.56 -23.14
N VAL G 38 12.54 34.24 -23.07
CA VAL G 38 11.56 33.47 -22.32
C VAL G 38 12.31 32.59 -21.33
N ILE G 39 11.81 32.53 -20.11
CA ILE G 39 12.44 31.73 -19.05
C ILE G 39 11.68 30.43 -18.92
N ILE G 40 12.42 29.34 -18.74
CA ILE G 40 11.87 28.00 -18.74
C ILE G 40 11.98 27.42 -17.33
N GLU G 41 10.86 26.97 -16.78
CA GLU G 41 10.88 26.26 -15.52
C GLU G 41 11.63 24.95 -15.68
N GLN G 42 12.46 24.63 -14.70
CA GLN G 42 13.15 23.35 -14.65
C GLN G 42 12.84 22.69 -13.30
N SER G 43 12.19 21.53 -13.35
CA SER G 43 11.74 20.87 -12.13
C SER G 43 12.88 20.28 -11.32
N TRP G 44 14.08 20.20 -11.88
CA TRP G 44 15.20 19.56 -11.20
C TRP G 44 16.27 20.54 -10.74
N GLY G 45 16.57 21.56 -11.54
CA GLY G 45 17.61 22.50 -11.18
C GLY G 45 17.25 23.94 -11.50
N SER G 46 18.26 24.76 -11.77
CA SER G 46 18.01 26.15 -12.07
C SER G 46 17.26 26.31 -13.39
N PRO G 47 16.48 27.37 -13.55
CA PRO G 47 15.75 27.56 -14.80
C PRO G 47 16.68 27.72 -15.98
N LYS G 48 16.13 27.52 -17.17
CA LYS G 48 16.84 27.75 -18.42
C LYS G 48 16.23 28.95 -19.12
N VAL G 49 17.03 29.98 -19.34
CA VAL G 49 16.61 31.17 -20.08
C VAL G 49 16.97 30.97 -21.54
N THR G 50 16.08 31.37 -22.44
CA THR G 50 16.31 31.16 -23.86
C THR G 50 15.50 32.16 -24.66
N LYS G 51 15.89 32.31 -25.93
CA LYS G 51 15.17 33.11 -26.91
C LYS G 51 15.05 32.34 -28.20
N ASP G 52 14.80 31.03 -28.09
CA ASP G 52 14.75 30.12 -29.22
C ASP G 52 13.31 29.68 -29.47
N GLY G 53 12.84 29.90 -30.70
CA GLY G 53 11.46 29.56 -31.02
C GLY G 53 11.18 28.08 -30.89
N VAL G 54 12.05 27.23 -31.45
CA VAL G 54 11.79 25.80 -31.43
C VAL G 54 11.81 25.28 -30.00
N THR G 55 12.71 25.80 -29.17
CA THR G 55 12.78 25.33 -27.80
C THR G 55 11.48 25.63 -27.05
N VAL G 56 11.03 26.89 -27.11
CA VAL G 56 9.78 27.24 -26.44
C VAL G 56 8.63 26.43 -27.01
N ALA G 57 8.63 26.21 -28.33
CA ALA G 57 7.54 25.45 -28.93
C ALA G 57 7.50 24.03 -28.39
N LYS G 58 8.62 23.32 -28.43
CA LYS G 58 8.66 21.94 -27.96
C LYS G 58 8.55 21.85 -26.45
N SER G 59 8.69 22.95 -25.72
CA SER G 59 8.71 22.89 -24.27
C SER G 59 7.32 22.90 -23.65
N ILE G 60 6.40 23.72 -24.16
CA ILE G 60 5.13 23.92 -23.46
C ILE G 60 4.18 22.76 -23.75
N ASP G 61 3.23 22.59 -22.83
CA ASP G 61 2.22 21.54 -22.96
C ASP G 61 1.04 21.96 -22.10
N LEU G 62 -0.10 22.23 -22.73
CA LEU G 62 -1.25 22.74 -22.01
C LEU G 62 -1.87 21.64 -21.15
N LYS G 63 -2.84 22.05 -20.33
CA LYS G 63 -3.56 21.15 -19.44
C LYS G 63 -4.91 20.71 -20.01
N ASP G 64 -5.76 21.67 -20.38
CA ASP G 64 -7.07 21.33 -20.92
C ASP G 64 -6.91 20.49 -22.18
N LYS G 65 -7.74 19.46 -22.30
CA LYS G 65 -7.55 18.48 -23.36
C LYS G 65 -7.67 19.11 -24.74
N TYR G 66 -8.69 19.96 -24.95
CA TYR G 66 -8.88 20.55 -26.26
C TYR G 66 -7.80 21.58 -26.57
N LYS G 67 -7.50 22.46 -25.63
CA LYS G 67 -6.43 23.42 -25.84
C LYS G 67 -5.10 22.69 -26.04
N ASN G 68 -4.85 21.66 -25.22
CA ASN G 68 -3.60 20.92 -25.35
C ASN G 68 -3.50 20.23 -26.70
N ILE G 69 -4.60 19.64 -27.18
CA ILE G 69 -4.53 18.93 -28.44
C ILE G 69 -4.32 19.90 -29.59
N GLY G 70 -4.95 21.09 -29.52
CA GLY G 70 -4.68 22.10 -30.53
C GLY G 70 -3.22 22.52 -30.54
N ALA G 71 -2.67 22.80 -29.36
CA ALA G 71 -1.28 23.23 -29.27
C ALA G 71 -0.34 22.15 -29.81
N LYS G 72 -0.56 20.90 -29.40
CA LYS G 72 0.28 19.81 -29.88
C LYS G 72 0.11 19.59 -31.37
N LEU G 73 -1.10 19.79 -31.89
CA LEU G 73 -1.32 19.68 -33.32
C LEU G 73 -0.44 20.67 -34.07
N VAL G 74 -0.49 21.94 -33.66
CA VAL G 74 0.36 22.93 -34.34
C VAL G 74 1.82 22.58 -34.17
N GLN G 75 2.21 22.18 -32.96
CA GLN G 75 3.62 21.90 -32.68
C GLN G 75 4.14 20.80 -33.59
N ASP G 76 3.42 19.69 -33.69
CA ASP G 76 3.95 18.52 -34.39
C ASP G 76 4.29 18.86 -35.83
N VAL G 77 3.33 19.44 -36.56
CA VAL G 77 3.56 19.76 -37.96
C VAL G 77 4.63 20.85 -38.07
N ALA G 78 4.48 21.94 -37.32
CA ALA G 78 5.39 23.06 -37.47
C ALA G 78 6.84 22.62 -37.26
N ASN G 79 7.09 21.75 -36.27
CA ASN G 79 8.46 21.33 -36.00
C ASN G 79 8.91 20.24 -36.97
N ASN G 80 8.21 19.11 -37.00
CA ASN G 80 8.68 17.99 -37.80
C ASN G 80 8.83 18.38 -39.27
N THR G 81 7.82 19.08 -39.83
CA THR G 81 7.89 19.43 -41.24
C THR G 81 8.84 20.58 -41.51
N ASN G 82 9.07 21.45 -40.52
CA ASN G 82 9.97 22.59 -40.68
C ASN G 82 10.82 22.71 -39.42
N GLU G 83 12.11 22.40 -39.53
CA GLU G 83 13.04 22.59 -38.43
C GLU G 83 14.38 23.15 -38.88
N GLU G 84 14.52 23.53 -40.15
CA GLU G 84 15.81 24.00 -40.66
C GLU G 84 16.21 25.32 -40.00
N ALA G 85 15.28 26.26 -39.91
CA ALA G 85 15.53 27.57 -39.32
C ALA G 85 14.45 27.86 -38.28
N GLY G 86 14.88 28.24 -37.08
CA GLY G 86 13.92 28.56 -36.04
C GLY G 86 12.95 29.65 -36.46
N ASP G 87 13.45 30.67 -37.15
CA ASP G 87 12.58 31.70 -37.67
C ASP G 87 11.53 31.10 -38.61
N GLY G 88 11.90 30.07 -39.36
CA GLY G 88 10.91 29.43 -40.22
C GLY G 88 9.75 28.85 -39.43
N THR G 89 10.05 28.08 -38.39
CA THR G 89 8.98 27.49 -37.58
C THR G 89 8.17 28.56 -36.87
N THR G 90 8.85 29.59 -36.36
CA THR G 90 8.14 30.66 -35.67
C THR G 90 7.18 31.37 -36.61
N THR G 91 7.66 31.72 -37.81
CA THR G 91 6.79 32.35 -38.80
C THR G 91 5.63 31.44 -39.17
N ALA G 92 5.92 30.15 -39.32
CA ALA G 92 4.84 29.19 -39.62
C ALA G 92 3.77 29.23 -38.55
N THR G 93 4.18 29.19 -37.29
CA THR G 93 3.22 29.19 -36.20
C THR G 93 2.41 30.49 -36.16
N VAL G 94 3.08 31.63 -36.34
CA VAL G 94 2.39 32.91 -36.28
C VAL G 94 1.38 33.02 -37.41
N LEU G 95 1.81 32.67 -38.62
CA LEU G 95 0.90 32.71 -39.76
C LEU G 95 -0.28 31.77 -39.54
N ALA G 96 -0.01 30.57 -39.01
CA ALA G 96 -1.09 29.63 -38.75
C ALA G 96 -2.10 30.20 -37.78
N ARG G 97 -1.62 30.81 -36.69
CA ARG G 97 -2.56 31.39 -35.73
C ARG G 97 -3.37 32.50 -36.36
N SER G 98 -2.71 33.37 -37.13
CA SER G 98 -3.42 34.49 -37.74
C SER G 98 -4.51 33.99 -38.68
N ILE G 99 -4.15 33.05 -39.56
CA ILE G 99 -5.13 32.52 -40.52
C ILE G 99 -6.26 31.84 -39.78
N ALA G 100 -5.94 31.04 -38.75
CA ALA G 100 -6.98 30.33 -38.02
C ALA G 100 -7.95 31.30 -37.37
N LYS G 101 -7.43 32.34 -36.71
CA LYS G 101 -8.31 33.30 -36.06
C LYS G 101 -9.19 34.01 -37.07
N GLU G 102 -8.60 34.48 -38.17
CA GLU G 102 -9.38 35.20 -39.17
C GLU G 102 -10.45 34.31 -39.79
N GLY G 103 -10.08 33.06 -40.12
CA GLY G 103 -11.05 32.15 -40.71
C GLY G 103 -12.16 31.78 -39.74
N PHE G 104 -11.81 31.56 -38.47
CA PHE G 104 -12.83 31.27 -37.48
C PHE G 104 -13.80 32.44 -37.35
N GLU G 105 -13.27 33.66 -37.33
CA GLU G 105 -14.15 34.83 -37.26
C GLU G 105 -15.08 34.89 -38.46
N LYS G 106 -14.53 34.74 -39.66
CA LYS G 106 -15.36 34.85 -40.86
C LYS G 106 -16.39 33.73 -40.93
N ILE G 107 -16.01 32.52 -40.51
CA ILE G 107 -16.98 31.44 -40.45
C ILE G 107 -18.09 31.77 -39.47
N SER G 108 -17.73 32.35 -38.32
CA SER G 108 -18.76 32.81 -37.40
C SER G 108 -19.65 33.85 -38.05
N LYS G 109 -19.12 34.62 -39.00
CA LYS G 109 -19.95 35.55 -39.77
C LYS G 109 -20.90 34.83 -40.71
N GLY G 110 -20.72 33.52 -40.92
CA GLY G 110 -21.61 32.74 -41.74
C GLY G 110 -21.05 32.29 -43.08
N ALA G 111 -19.73 32.15 -43.21
CA ALA G 111 -19.13 31.78 -44.48
C ALA G 111 -19.14 30.27 -44.68
N ASN G 112 -18.75 29.85 -45.88
CA ASN G 112 -18.65 28.43 -46.21
C ASN G 112 -17.22 27.98 -45.93
N PRO G 113 -16.99 27.11 -44.93
CA PRO G 113 -15.59 26.76 -44.60
C PRO G 113 -14.82 26.18 -45.77
N VAL G 114 -15.46 25.32 -46.58
CA VAL G 114 -14.72 24.67 -47.66
C VAL G 114 -14.30 25.68 -48.72
N GLU G 115 -15.20 26.58 -49.11
CA GLU G 115 -14.85 27.58 -50.11
C GLU G 115 -13.90 28.63 -49.54
N ILE G 116 -14.01 28.92 -48.24
CA ILE G 116 -13.03 29.78 -47.60
C ILE G 116 -11.65 29.16 -47.72
N ARG G 117 -11.56 27.85 -47.44
CA ARG G 117 -10.29 27.14 -47.59
C ARG G 117 -9.83 27.18 -49.04
N ARG G 118 -10.75 27.03 -49.98
CA ARG G 118 -10.38 27.07 -51.39
C ARG G 118 -9.73 28.41 -51.74
N GLY G 119 -10.35 29.51 -51.29
CA GLY G 119 -9.80 30.82 -51.54
C GLY G 119 -8.45 31.01 -50.87
N VAL G 120 -8.31 30.54 -49.63
CA VAL G 120 -7.04 30.66 -48.93
C VAL G 120 -5.95 29.91 -49.68
N MET G 121 -6.24 28.69 -50.12
CA MET G 121 -5.25 27.91 -50.85
C MET G 121 -4.91 28.56 -52.18
N LEU G 122 -5.91 29.11 -52.87
CA LEU G 122 -5.63 29.79 -54.13
C LEU G 122 -4.70 30.98 -53.92
N ALA G 123 -4.99 31.79 -52.90
CA ALA G 123 -4.12 32.92 -52.59
C ALA G 123 -2.72 32.45 -52.22
N VAL G 124 -2.63 31.35 -51.47
CA VAL G 124 -1.33 30.82 -51.07
C VAL G 124 -0.54 30.39 -52.30
N ASP G 125 -1.21 29.73 -53.24
CA ASP G 125 -0.53 29.30 -54.46
C ASP G 125 -0.05 30.50 -55.27
N ALA G 126 -0.88 31.52 -55.39
CA ALA G 126 -0.44 32.73 -56.08
C ALA G 126 0.77 33.34 -55.38
N VAL G 127 0.73 33.38 -54.05
CA VAL G 127 1.82 33.99 -53.29
C VAL G 127 3.11 33.21 -53.49
N ILE G 128 3.04 31.89 -53.43
CA ILE G 128 4.25 31.09 -53.59
C ILE G 128 4.81 31.23 -55.00
N ALA G 129 3.92 31.27 -56.00
CA ALA G 129 4.40 31.50 -57.37
C ALA G 129 5.12 32.83 -57.47
N GLU G 130 4.52 33.88 -56.92
CA GLU G 130 5.15 35.20 -56.96
C GLU G 130 6.49 35.18 -56.23
N LEU G 131 6.54 34.52 -55.07
CA LEU G 131 7.78 34.46 -54.32
C LEU G 131 8.87 33.77 -55.12
N LYS G 132 8.57 32.60 -55.69
CA LYS G 132 9.55 31.91 -56.52
C LYS G 132 9.99 32.78 -57.68
N LYS G 133 9.08 33.61 -58.21
CA LYS G 133 9.48 34.56 -59.24
C LYS G 133 10.50 35.57 -58.68
N GLN G 134 10.27 36.03 -57.45
CA GLN G 134 11.12 37.07 -56.88
C GLN G 134 12.45 36.53 -56.35
N SER G 135 12.64 35.21 -56.33
CA SER G 135 13.86 34.64 -55.77
C SER G 135 15.07 34.99 -56.61
N LYS G 136 16.16 35.40 -55.96
CA LYS G 136 17.42 35.64 -56.65
C LYS G 136 18.31 34.43 -56.46
N PRO G 137 18.76 33.76 -57.52
CA PRO G 137 19.61 32.58 -57.33
C PRO G 137 20.97 32.95 -56.78
N VAL G 138 21.63 31.95 -56.19
CA VAL G 138 23.01 32.06 -55.75
C VAL G 138 23.75 30.88 -56.37
N THR G 139 24.64 31.18 -57.33
CA THR G 139 25.26 30.14 -58.12
C THR G 139 26.77 30.34 -58.30
N THR G 140 27.35 31.43 -57.79
CA THR G 140 28.77 31.65 -57.95
C THR G 140 29.47 31.67 -56.60
N PRO G 141 30.73 31.25 -56.52
CA PRO G 141 31.41 31.24 -55.22
C PRO G 141 31.45 32.58 -54.54
N GLU G 142 31.43 33.69 -55.29
CA GLU G 142 31.45 35.00 -54.67
C GLU G 142 30.20 35.23 -53.83
N GLU G 143 29.02 35.07 -54.44
CA GLU G 143 27.78 35.17 -53.68
C GLU G 143 27.74 34.12 -52.57
N ILE G 144 28.36 32.96 -52.80
CA ILE G 144 28.39 31.92 -51.78
C ILE G 144 29.12 32.42 -50.54
N ALA G 145 30.30 33.02 -50.74
CA ALA G 145 31.03 33.58 -49.62
C ALA G 145 30.25 34.69 -48.95
N GLN G 146 29.62 35.54 -49.76
CA GLN G 146 28.85 36.65 -49.19
C GLN G 146 27.75 36.13 -48.28
N VAL G 147 26.98 35.15 -48.76
CA VAL G 147 25.88 34.62 -47.96
C VAL G 147 26.40 33.85 -46.76
N ALA G 148 27.52 33.13 -46.91
CA ALA G 148 28.08 32.41 -45.77
C ALA G 148 28.49 33.37 -44.67
N THR G 149 29.16 34.48 -45.04
CA THR G 149 29.52 35.47 -44.04
C THR G 149 28.27 36.09 -43.42
N ILE G 150 27.27 36.41 -44.24
CA ILE G 150 26.06 37.05 -43.73
C ILE G 150 25.36 36.13 -42.73
N SER G 151 25.22 34.85 -43.08
CA SER G 151 24.64 33.89 -42.15
C SER G 151 25.51 33.67 -40.94
N ALA G 152 26.82 33.93 -41.06
CA ALA G 152 27.73 33.93 -39.93
C ALA G 152 27.76 35.27 -39.20
N ASN G 153 26.73 36.09 -39.40
CA ASN G 153 26.66 37.42 -38.78
C ASN G 153 27.87 38.26 -39.15
N GLY G 154 28.30 38.16 -40.40
CA GLY G 154 29.42 38.94 -40.89
C GLY G 154 30.78 38.33 -40.67
N ASP G 155 30.87 37.14 -40.07
CA ASP G 155 32.15 36.51 -39.86
C ASP G 155 32.80 36.17 -41.20
N LYS G 156 34.11 36.39 -41.29
CA LYS G 156 34.82 36.28 -42.56
C LYS G 156 35.44 34.89 -42.75
N GLU G 157 36.23 34.44 -41.78
CA GLU G 157 36.90 33.14 -41.91
C GLU G 157 35.89 32.01 -42.06
N ILE G 158 34.78 32.08 -41.33
CA ILE G 158 33.78 31.03 -41.43
C ILE G 158 33.22 30.97 -42.84
N GLY G 159 32.89 32.13 -43.41
CA GLY G 159 32.39 32.15 -44.78
C GLY G 159 33.42 31.63 -45.76
N ASN G 160 34.69 31.99 -45.56
CA ASN G 160 35.74 31.51 -46.46
C ASN G 160 35.83 29.99 -46.43
N ILE G 161 35.86 29.40 -45.24
CA ILE G 161 35.99 27.95 -45.16
C ILE G 161 34.74 27.27 -45.70
N ILE G 162 33.56 27.86 -45.47
CA ILE G 162 32.34 27.27 -45.99
C ILE G 162 32.37 27.27 -47.52
N SER G 163 32.76 28.40 -48.11
CA SER G 163 32.85 28.46 -49.57
C SER G 163 33.88 27.47 -50.08
N ASP G 164 35.02 27.36 -49.41
CA ASP G 164 36.03 26.40 -49.83
C ASP G 164 35.50 24.98 -49.78
N ALA G 165 34.80 24.63 -48.71
CA ALA G 165 34.26 23.27 -48.61
C ALA G 165 33.25 22.99 -49.71
N MET G 166 32.29 23.88 -49.90
CA MET G 166 31.26 23.63 -50.91
C MET G 166 31.86 23.55 -52.30
N LYS G 167 32.80 24.45 -52.63
CA LYS G 167 33.41 24.42 -53.95
C LYS G 167 34.37 23.25 -54.12
N LYS G 168 34.92 22.71 -53.03
CA LYS G 168 35.86 21.61 -53.10
C LYS G 168 35.17 20.26 -53.13
N VAL G 169 33.94 20.16 -52.63
CA VAL G 169 33.16 18.93 -52.68
C VAL G 169 32.03 19.04 -53.69
N GLY G 170 31.37 20.18 -53.76
CA GLY G 170 30.28 20.37 -54.71
C GLY G 170 29.04 20.94 -54.06
N ARG G 171 28.10 21.41 -54.88
CA ARG G 171 26.89 22.01 -54.34
C ARG G 171 26.11 21.02 -53.51
N LYS G 172 25.91 19.80 -54.03
CA LYS G 172 25.16 18.77 -53.34
C LYS G 172 26.06 17.80 -52.61
N GLY G 173 27.30 18.18 -52.36
CA GLY G 173 28.20 17.37 -51.56
C GLY G 173 27.77 17.34 -50.12
N VAL G 174 28.52 16.59 -49.32
CA VAL G 174 28.29 16.48 -47.89
C VAL G 174 29.45 17.16 -47.17
N ILE G 175 29.11 17.99 -46.18
CA ILE G 175 30.10 18.68 -45.36
C ILE G 175 29.74 18.47 -43.90
N THR G 176 30.73 18.09 -43.09
CA THR G 176 30.53 17.83 -41.68
C THR G 176 31.59 18.56 -40.87
N VAL G 177 31.38 18.62 -39.57
CA VAL G 177 32.23 19.40 -38.67
C VAL G 177 32.81 18.47 -37.60
N LYS G 178 33.99 18.85 -37.10
CA LYS G 178 34.67 18.08 -36.07
C LYS G 178 35.53 19.03 -35.26
N ASP G 179 35.90 18.58 -34.05
CA ASP G 179 36.73 19.39 -33.18
C ASP G 179 38.16 19.43 -33.71
N GLY G 180 38.76 20.62 -33.72
CA GLY G 180 40.06 20.79 -34.35
C GLY G 180 41.24 20.54 -33.44
N LYS G 181 41.05 20.71 -32.13
CA LYS G 181 42.15 20.53 -31.18
C LYS G 181 43.34 21.41 -31.57
N THR G 182 43.05 22.62 -32.03
CA THR G 182 44.07 23.55 -32.49
C THR G 182 43.51 24.97 -32.40
N LEU G 183 44.28 25.93 -32.92
CA LEU G 183 43.90 27.33 -32.88
C LEU G 183 43.25 27.81 -34.17
N ASN G 184 43.24 27.00 -35.22
CA ASN G 184 42.72 27.40 -36.52
C ASN G 184 41.77 26.35 -37.04
N ASP G 185 40.66 26.78 -37.64
CA ASP G 185 39.73 25.86 -38.26
C ASP G 185 40.33 25.30 -39.53
N GLU G 186 40.25 23.98 -39.70
CA GLU G 186 40.87 23.29 -40.81
C GLU G 186 39.81 22.60 -41.65
N LEU G 187 40.12 22.43 -42.94
CA LEU G 187 39.25 21.76 -43.89
C LEU G 187 39.96 20.54 -44.43
N GLU G 188 39.31 19.39 -44.34
CA GLU G 188 39.89 18.13 -44.76
C GLU G 188 38.84 17.29 -45.47
N ILE G 189 39.28 16.39 -46.34
CA ILE G 189 38.40 15.53 -47.12
C ILE G 189 38.90 14.10 -47.02
N ILE G 190 37.98 13.18 -46.74
CA ILE G 190 38.23 11.75 -46.74
C ILE G 190 37.06 11.05 -47.43
N GLU G 191 37.18 9.73 -47.58
CA GLU G 191 36.11 8.96 -48.18
C GLU G 191 34.94 8.82 -47.19
N GLY G 192 33.72 8.97 -47.69
CA GLY G 192 32.55 8.88 -46.85
C GLY G 192 31.40 8.22 -47.57
N MET G 193 30.42 7.80 -46.78
CA MET G 193 29.22 7.12 -47.27
C MET G 193 28.02 7.70 -46.56
N LYS G 194 27.17 8.42 -47.30
CA LYS G 194 26.04 9.14 -46.73
C LYS G 194 24.74 8.65 -47.35
N PHE G 195 23.72 8.47 -46.51
CA PHE G 195 22.38 8.13 -46.97
C PHE G 195 21.37 8.71 -45.99
N ASP G 196 20.09 8.62 -46.36
CA ASP G 196 19.01 9.32 -45.67
C ASP G 196 18.24 8.41 -44.72
N ARG G 197 18.90 7.42 -44.12
CA ARG G 197 18.25 6.49 -43.20
C ARG G 197 18.81 6.72 -41.81
N GLY G 198 17.97 7.27 -40.92
CA GLY G 198 18.37 7.52 -39.56
C GLY G 198 18.27 6.29 -38.68
N TYR G 199 18.58 6.50 -37.40
CA TYR G 199 18.51 5.41 -36.43
C TYR G 199 17.11 4.80 -36.42
N ILE G 200 17.06 3.47 -36.34
CA ILE G 200 15.77 2.80 -36.24
C ILE G 200 15.22 2.92 -34.83
N SER G 201 16.09 3.04 -33.83
CA SER G 201 15.67 3.09 -32.44
C SER G 201 15.64 4.54 -31.98
N PRO G 202 14.47 5.14 -31.77
CA PRO G 202 14.45 6.52 -31.25
C PRO G 202 15.14 6.63 -29.90
N TYR G 203 15.06 5.59 -29.07
CA TYR G 203 15.75 5.62 -27.79
C TYR G 203 17.26 5.63 -27.95
N PHE G 204 17.77 4.95 -28.99
CA PHE G 204 19.20 4.84 -29.20
C PHE G 204 19.77 6.19 -29.57
N ILE G 205 20.41 6.85 -28.61
CA ILE G 205 21.09 8.11 -28.85
C ILE G 205 22.40 8.10 -28.05
N ASN G 206 23.51 7.84 -28.73
CA ASN G 206 24.79 7.71 -28.04
C ASN G 206 25.19 9.01 -27.37
N THR G 207 25.17 10.11 -28.12
CA THR G 207 25.60 11.41 -27.61
C THR G 207 24.39 12.08 -26.96
N SER G 208 24.35 12.07 -25.63
CA SER G 208 23.27 12.74 -24.92
C SER G 208 23.28 14.24 -25.22
N LYS G 209 24.47 14.84 -25.27
CA LYS G 209 24.59 16.26 -25.58
C LYS G 209 24.43 16.55 -27.07
N GLY G 210 24.54 15.55 -27.93
CA GLY G 210 24.56 15.78 -29.35
C GLY G 210 23.25 15.55 -30.09
N GLN G 211 22.28 14.87 -29.47
CA GLN G 211 21.07 14.47 -30.17
C GLN G 211 21.45 13.64 -31.40
N LYS G 212 22.41 12.74 -31.20
CA LYS G 212 22.99 11.96 -32.29
C LYS G 212 23.51 10.65 -31.73
N CYS G 213 24.11 9.85 -32.60
CA CYS G 213 24.81 8.63 -32.23
C CYS G 213 26.22 8.69 -32.78
N GLU G 214 27.18 8.25 -31.97
CA GLU G 214 28.60 8.43 -32.26
C GLU G 214 29.35 7.15 -31.96
N PHE G 215 30.11 6.67 -32.95
CA PHE G 215 30.98 5.51 -32.77
C PHE G 215 32.12 5.62 -33.77
N GLN G 216 33.27 5.05 -33.40
CA GLN G 216 34.49 5.18 -34.19
C GLN G 216 35.09 3.82 -34.46
N ASP G 217 35.83 3.74 -35.57
CA ASP G 217 36.60 2.55 -35.96
C ASP G 217 35.82 1.27 -35.66
N ALA G 218 34.60 1.21 -36.19
CA ALA G 218 33.70 0.09 -35.97
C ALA G 218 33.71 -0.83 -37.17
N TYR G 219 33.29 -2.08 -36.94
CA TYR G 219 32.99 -2.98 -38.04
C TYR G 219 31.56 -2.73 -38.53
N VAL G 220 31.21 -3.40 -39.63
CA VAL G 220 29.90 -3.25 -40.24
C VAL G 220 29.34 -4.63 -40.55
N LEU G 221 28.05 -4.79 -40.32
CA LEU G 221 27.32 -5.99 -40.70
C LEU G 221 26.35 -5.64 -41.83
N LEU G 222 26.43 -6.37 -42.93
CA LEU G 222 25.62 -6.11 -44.11
C LEU G 222 24.89 -7.40 -44.48
N SER G 223 23.56 -7.32 -44.58
CA SER G 223 22.74 -8.46 -44.95
C SER G 223 21.46 -7.94 -45.56
N GLU G 224 21.27 -8.17 -46.87
CA GLU G 224 20.10 -7.64 -47.55
C GLU G 224 18.81 -8.21 -46.97
N LYS G 225 18.83 -9.46 -46.54
CA LYS G 225 17.63 -10.09 -46.01
C LYS G 225 17.16 -9.36 -44.75
N LYS G 226 15.84 -9.29 -44.59
CA LYS G 226 15.25 -8.65 -43.42
C LYS G 226 15.54 -9.48 -42.17
N ILE G 227 16.00 -8.80 -41.12
CA ILE G 227 16.49 -9.49 -39.93
C ILE G 227 15.69 -9.03 -38.71
N SER G 228 14.42 -8.68 -38.91
CA SER G 228 13.58 -8.32 -37.78
C SER G 228 13.14 -9.58 -37.03
N SER G 229 13.24 -9.54 -35.71
CA SER G 229 12.71 -10.61 -34.85
C SER G 229 13.47 -11.92 -35.08
N ILE G 230 14.77 -11.83 -35.28
CA ILE G 230 15.60 -12.99 -35.58
C ILE G 230 16.81 -13.01 -34.66
N GLN G 231 17.07 -14.17 -34.06
CA GLN G 231 18.22 -14.37 -33.20
C GLN G 231 19.39 -14.87 -34.06
N SER G 232 20.47 -15.32 -33.41
CA SER G 232 21.71 -15.71 -34.09
C SER G 232 22.52 -14.50 -34.51
N ILE G 233 22.21 -13.33 -33.95
CA ILE G 233 23.07 -12.16 -34.09
C ILE G 233 24.19 -12.17 -33.06
N VAL G 234 24.04 -12.96 -32.00
CA VAL G 234 25.00 -13.01 -30.89
C VAL G 234 26.40 -13.33 -31.41
N PRO G 235 26.56 -14.18 -32.42
CA PRO G 235 27.91 -14.38 -32.97
C PRO G 235 28.62 -13.08 -33.31
N ALA G 236 27.89 -12.11 -33.87
CA ALA G 236 28.50 -10.80 -34.09
C ALA G 236 28.91 -10.16 -32.77
N LEU G 237 28.06 -10.27 -31.75
CA LEU G 237 28.41 -9.73 -30.44
C LEU G 237 29.67 -10.38 -29.89
N GLU G 238 29.95 -11.63 -30.27
CA GLU G 238 31.15 -12.30 -29.79
C GLU G 238 32.39 -11.51 -30.18
N ILE G 239 32.53 -11.20 -31.47
CA ILE G 239 33.69 -10.43 -31.90
C ILE G 239 33.58 -8.99 -31.42
N ALA G 240 32.36 -8.44 -31.35
CA ALA G 240 32.21 -7.07 -30.85
C ALA G 240 32.74 -6.95 -29.43
N ASN G 241 32.65 -8.01 -28.64
CA ASN G 241 33.17 -8.01 -27.29
C ASN G 241 34.63 -8.42 -27.22
N ALA G 242 35.07 -9.34 -28.08
CA ALA G 242 36.48 -9.72 -28.10
C ALA G 242 37.37 -8.53 -28.37
N HIS G 243 37.21 -7.90 -29.53
CA HIS G 243 37.86 -6.64 -29.83
C HIS G 243 36.90 -5.50 -29.50
N ARG G 244 37.44 -4.43 -28.94
CA ARG G 244 36.61 -3.33 -28.46
C ARG G 244 35.96 -2.54 -29.59
N LYS G 245 36.34 -2.80 -30.84
CA LYS G 245 35.79 -2.03 -31.94
C LYS G 245 34.27 -2.22 -32.01
N PRO G 246 33.50 -1.13 -32.18
CA PRO G 246 32.04 -1.29 -32.25
C PRO G 246 31.57 -1.97 -33.52
N LEU G 247 30.26 -2.11 -33.68
CA LEU G 247 29.67 -2.70 -34.87
C LEU G 247 28.39 -1.96 -35.21
N VAL G 248 28.05 -1.95 -36.51
CA VAL G 248 26.80 -1.39 -36.98
C VAL G 248 26.15 -2.38 -37.93
N ILE G 249 24.83 -2.30 -38.05
CA ILE G 249 24.04 -3.27 -38.81
C ILE G 249 23.23 -2.51 -39.85
N ILE G 250 23.23 -3.03 -41.08
CA ILE G 250 22.36 -2.55 -42.14
C ILE G 250 21.55 -3.74 -42.65
N ALA G 251 20.23 -3.63 -42.57
CA ALA G 251 19.32 -4.67 -43.03
C ALA G 251 18.06 -4.01 -43.58
N GLU G 252 17.15 -4.83 -44.12
CA GLU G 252 15.89 -4.31 -44.62
C GLU G 252 15.10 -3.63 -43.50
N ASP G 253 15.05 -4.25 -42.33
CA ASP G 253 14.38 -3.69 -41.17
C ASP G 253 14.61 -4.60 -39.98
N VAL G 254 14.54 -4.03 -38.78
CA VAL G 254 14.67 -4.77 -37.54
C VAL G 254 13.53 -4.36 -36.62
N ASP G 255 12.87 -5.35 -36.02
CA ASP G 255 11.74 -5.10 -35.13
C ASP G 255 11.41 -6.38 -34.40
N GLY G 256 10.68 -6.23 -33.31
CA GLY G 256 10.19 -7.38 -32.54
C GLY G 256 11.25 -7.91 -31.60
N GLU G 257 11.65 -9.18 -31.80
CA GLU G 257 12.56 -9.82 -30.86
C GLU G 257 13.95 -9.18 -30.91
N ALA G 258 14.49 -9.00 -32.12
CA ALA G 258 15.83 -8.43 -32.23
C ALA G 258 15.86 -6.99 -31.72
N LEU G 259 14.84 -6.21 -32.07
CA LEU G 259 14.77 -4.83 -31.58
C LEU G 259 14.64 -4.80 -30.07
N SER G 260 13.83 -5.71 -29.51
CA SER G 260 13.69 -5.75 -28.06
C SER G 260 15.01 -6.09 -27.39
N THR G 261 15.73 -7.08 -27.91
CA THR G 261 17.01 -7.44 -27.33
C THR G 261 17.99 -6.27 -27.40
N LEU G 262 18.06 -5.63 -28.57
CA LEU G 262 19.00 -4.52 -28.73
C LEU G 262 18.64 -3.37 -27.80
N VAL G 263 17.36 -3.03 -27.68
CA VAL G 263 16.96 -1.89 -26.88
C VAL G 263 17.15 -2.16 -25.40
N LEU G 264 16.82 -3.38 -24.95
CA LEU G 264 17.04 -3.70 -23.55
C LEU G 264 18.53 -3.73 -23.21
N ASN G 265 19.35 -4.29 -24.10
CA ASN G 265 20.78 -4.29 -23.86
C ASN G 265 21.33 -2.87 -23.83
N ARG G 266 20.82 -1.99 -24.69
CA ARG G 266 21.26 -0.61 -24.69
C ARG G 266 20.85 0.10 -23.42
N LEU G 267 19.62 -0.15 -22.95
CA LEU G 267 19.14 0.52 -21.75
C LEU G 267 19.89 0.04 -20.52
N LYS G 268 20.23 -1.24 -20.47
CA LYS G 268 20.91 -1.82 -19.32
C LYS G 268 22.42 -1.84 -19.49
N VAL G 269 22.92 -2.48 -20.54
CA VAL G 269 24.35 -2.72 -20.69
C VAL G 269 24.98 -1.66 -21.59
N GLY G 270 24.19 -1.06 -22.46
CA GLY G 270 24.68 0.01 -23.30
C GLY G 270 25.75 -0.42 -24.29
N LEU G 271 25.54 -1.53 -24.99
CA LEU G 271 26.53 -2.00 -25.95
C LEU G 271 26.68 -0.99 -27.09
N GLN G 272 27.86 -1.00 -27.70
CA GLN G 272 28.20 -0.07 -28.77
C GLN G 272 27.79 -0.62 -30.14
N VAL G 273 26.53 -1.02 -30.26
CA VAL G 273 26.02 -1.63 -31.49
C VAL G 273 24.69 -0.98 -31.83
N VAL G 274 24.54 -0.56 -33.09
CA VAL G 274 23.31 0.03 -33.59
C VAL G 274 22.99 -0.56 -34.95
N ALA G 275 21.72 -0.45 -35.35
CA ALA G 275 21.24 -0.95 -36.63
C ALA G 275 20.51 0.16 -37.37
N VAL G 276 20.54 0.09 -38.70
CA VAL G 276 19.84 1.04 -39.55
C VAL G 276 19.30 0.31 -40.77
N LYS G 277 18.39 0.97 -41.48
CA LYS G 277 17.73 0.39 -42.63
C LYS G 277 18.56 0.58 -43.90
N ALA G 278 18.27 -0.25 -44.89
CA ALA G 278 18.96 -0.13 -46.17
C ALA G 278 18.56 1.17 -46.87
N PRO G 279 19.51 1.87 -47.50
CA PRO G 279 19.17 3.15 -48.14
C PRO G 279 18.29 3.02 -49.38
N GLY G 280 18.68 2.16 -50.31
CA GLY G 280 18.09 2.14 -51.63
C GLY G 280 16.79 1.35 -51.69
N PHE G 281 16.45 0.94 -52.91
CA PHE G 281 15.23 0.19 -53.16
C PHE G 281 15.49 -0.89 -54.20
N GLY G 282 15.12 -2.12 -53.87
CA GLY G 282 15.17 -3.21 -54.84
C GLY G 282 16.56 -3.42 -55.41
N ASP G 283 16.65 -3.44 -56.75
CA ASP G 283 17.93 -3.63 -57.39
C ASP G 283 18.90 -2.52 -57.03
N ASN G 284 18.40 -1.28 -56.94
CA ASN G 284 19.25 -0.19 -56.48
C ASN G 284 19.70 -0.41 -55.04
N ARG G 285 18.81 -0.95 -54.20
CA ARG G 285 19.20 -1.28 -52.84
C ARG G 285 20.36 -2.27 -52.83
N LYS G 286 20.26 -3.33 -53.62
CA LYS G 286 21.33 -4.32 -53.65
C LYS G 286 22.61 -3.72 -54.22
N ASN G 287 22.50 -2.85 -55.23
CA ASN G 287 23.68 -2.21 -55.78
C ASN G 287 24.37 -1.36 -54.73
N GLN G 288 23.60 -0.62 -53.94
CA GLN G 288 24.19 0.22 -52.90
C GLN G 288 24.78 -0.63 -51.78
N LEU G 289 24.14 -1.75 -51.44
CA LEU G 289 24.70 -2.67 -50.46
C LEU G 289 26.04 -3.21 -50.94
N LYS G 290 26.10 -3.61 -52.21
CA LYS G 290 27.36 -4.08 -52.78
C LYS G 290 28.41 -2.97 -52.75
N ASP G 291 28.00 -1.76 -53.11
CA ASP G 291 28.93 -0.62 -53.11
C ASP G 291 29.52 -0.41 -51.73
N MET G 292 28.68 -0.35 -50.70
CA MET G 292 29.19 -0.08 -49.36
C MET G 292 29.99 -1.26 -48.81
N ALA G 293 29.58 -2.49 -49.12
CA ALA G 293 30.35 -3.66 -48.71
C ALA G 293 31.75 -3.62 -49.31
N ILE G 294 31.85 -3.23 -50.58
CA ILE G 294 33.15 -3.10 -51.23
C ILE G 294 33.93 -1.95 -50.61
N ALA G 295 33.25 -0.85 -50.29
CA ALA G 295 33.92 0.30 -49.69
C ALA G 295 34.41 0.03 -48.27
N THR G 296 33.84 -0.98 -47.61
CA THR G 296 34.22 -1.32 -46.25
C THR G 296 35.06 -2.59 -46.14
N GLY G 297 35.30 -3.28 -47.25
CA GLY G 297 36.05 -4.52 -47.22
C GLY G 297 35.25 -5.74 -46.83
N GLY G 298 33.94 -5.59 -46.62
CA GLY G 298 33.08 -6.68 -46.22
C GLY G 298 32.26 -7.22 -47.38
N ALA G 299 31.18 -7.92 -47.03
CA ALA G 299 30.29 -8.51 -48.03
C ALA G 299 28.90 -8.65 -47.44
N VAL G 300 27.90 -8.43 -48.29
CA VAL G 300 26.51 -8.64 -47.87
C VAL G 300 26.28 -10.12 -47.64
N PHE G 301 25.53 -10.44 -46.58
CA PHE G 301 25.26 -11.82 -46.19
C PHE G 301 23.95 -12.34 -46.75
N GLY G 302 23.54 -11.86 -47.92
CA GLY G 302 22.34 -12.38 -48.55
C GLY G 302 22.47 -13.86 -48.83
N GLU G 303 21.49 -14.65 -48.38
CA GLU G 303 21.57 -16.10 -48.57
C GLU G 303 21.46 -16.47 -50.04
N GLU G 304 20.75 -15.68 -50.84
CA GLU G 304 20.74 -15.88 -52.28
C GLU G 304 22.12 -15.62 -52.85
N GLY G 305 22.44 -16.33 -53.93
CA GLY G 305 23.76 -16.23 -54.52
C GLY G 305 24.83 -16.72 -53.57
N LEU G 306 25.61 -15.80 -53.01
CA LEU G 306 26.63 -16.20 -52.05
C LEU G 306 25.99 -16.87 -50.85
N THR G 307 26.67 -17.88 -50.32
CA THR G 307 26.20 -18.62 -49.14
C THR G 307 26.94 -18.08 -47.93
N LEU G 308 26.32 -17.15 -47.23
CA LEU G 308 26.91 -16.55 -46.03
C LEU G 308 25.80 -15.93 -45.21
N ASN G 309 25.69 -16.32 -43.95
CA ASN G 309 24.60 -15.92 -43.08
C ASN G 309 25.15 -15.22 -41.84
N LEU G 310 24.24 -14.76 -40.98
CA LEU G 310 24.62 -14.15 -39.72
C LEU G 310 25.05 -15.18 -38.68
N GLU G 311 24.90 -16.48 -38.97
CA GLU G 311 25.22 -17.50 -37.98
C GLU G 311 26.70 -17.45 -37.60
N ASP G 312 27.57 -17.25 -38.59
CA ASP G 312 29.01 -17.23 -38.38
C ASP G 312 29.57 -15.87 -38.78
N VAL G 313 30.47 -15.34 -37.95
CA VAL G 313 31.12 -14.07 -38.20
C VAL G 313 32.63 -14.25 -38.09
N GLN G 314 33.35 -13.54 -38.95
CA GLN G 314 34.81 -13.55 -38.94
C GLN G 314 35.27 -12.10 -39.05
N PRO G 315 36.39 -11.75 -38.42
CA PRO G 315 36.88 -10.36 -38.56
C PRO G 315 37.12 -9.96 -40.01
N HIS G 316 37.60 -10.89 -40.84
CA HIS G 316 37.84 -10.55 -42.24
C HIS G 316 36.55 -10.50 -43.05
N ASP G 317 35.56 -11.33 -42.70
CA ASP G 317 34.30 -11.31 -43.43
C ASP G 317 33.62 -9.95 -43.30
N LEU G 318 33.60 -9.38 -42.10
CA LEU G 318 32.95 -8.10 -41.89
C LEU G 318 33.79 -6.98 -42.52
N GLY G 319 33.15 -5.82 -42.67
CA GLY G 319 33.81 -4.65 -43.18
C GLY G 319 34.37 -3.79 -42.05
N LYS G 320 35.32 -2.93 -42.41
CA LYS G 320 35.93 -2.01 -41.47
C LYS G 320 35.77 -0.59 -41.98
N VAL G 321 35.49 0.34 -41.07
CA VAL G 321 35.29 1.74 -41.40
C VAL G 321 35.93 2.59 -40.32
N GLY G 322 36.40 3.77 -40.70
CA GLY G 322 37.08 4.63 -39.74
C GLY G 322 36.13 5.18 -38.69
N GLU G 323 35.00 5.74 -39.13
CA GLU G 323 34.05 6.34 -38.19
C GLU G 323 32.64 6.20 -38.73
N VAL G 324 31.68 6.10 -37.81
CA VAL G 324 30.27 6.00 -38.16
C VAL G 324 29.48 6.91 -37.24
N ILE G 325 28.60 7.72 -37.82
CA ILE G 325 27.73 8.61 -37.08
C ILE G 325 26.30 8.40 -37.58
N VAL G 326 25.35 8.36 -36.65
CA VAL G 326 23.94 8.19 -37.00
C VAL G 326 23.14 9.31 -36.33
N THR G 327 22.31 9.98 -37.11
CA THR G 327 21.45 11.04 -36.61
C THR G 327 20.04 10.85 -37.18
N LYS G 328 19.14 11.75 -36.79
CA LYS G 328 17.78 11.70 -37.28
C LYS G 328 17.78 11.81 -38.80
N ASP G 329 17.09 10.88 -39.46
CA ASP G 329 16.89 10.88 -40.91
C ASP G 329 18.19 10.79 -41.68
N ASP G 330 19.33 10.55 -41.03
CA ASP G 330 20.60 10.51 -41.75
C ASP G 330 21.60 9.69 -40.95
N ALA G 331 22.35 8.85 -41.66
CA ALA G 331 23.47 8.11 -41.10
C ALA G 331 24.61 8.14 -42.11
N MET G 332 25.82 8.33 -41.62
CA MET G 332 26.98 8.49 -42.49
C MET G 332 28.14 7.63 -42.01
N LEU G 333 28.91 7.14 -42.97
CA LEU G 333 30.06 6.29 -42.73
C LEU G 333 31.30 6.96 -43.32
N LEU G 334 32.41 6.92 -42.59
CA LEU G 334 33.60 7.68 -42.94
C LEU G 334 34.83 6.76 -42.96
N LYS G 335 35.65 6.90 -44.00
CA LYS G 335 36.94 6.21 -44.11
C LYS G 335 36.76 4.69 -44.07
N GLY G 336 36.10 4.19 -45.11
CA GLY G 336 35.95 2.76 -45.28
C GLY G 336 37.27 2.09 -45.63
N LYS G 337 37.26 0.76 -45.55
CA LYS G 337 38.42 -0.06 -45.82
C LYS G 337 38.14 -0.99 -47.00
N GLY G 338 39.14 -1.77 -47.38
CA GLY G 338 39.03 -2.72 -48.48
C GLY G 338 40.06 -2.44 -49.56
N ASP G 339 40.00 -3.28 -50.59
CA ASP G 339 40.96 -3.19 -51.69
C ASP G 339 40.64 -1.97 -52.55
N LYS G 340 41.53 -0.97 -52.51
CA LYS G 340 41.32 0.22 -53.33
C LYS G 340 41.29 -0.15 -54.82
N ALA G 341 42.00 -1.21 -55.21
CA ALA G 341 41.86 -1.71 -56.57
C ALA G 341 40.45 -2.21 -56.82
N GLN G 342 39.84 -2.88 -55.84
CA GLN G 342 38.44 -3.27 -55.96
C GLN G 342 37.55 -2.04 -56.05
N ILE G 343 37.89 -0.99 -55.31
CA ILE G 343 37.15 0.26 -55.41
C ILE G 343 37.21 0.79 -56.85
N GLU G 344 38.40 0.78 -57.43
CA GLU G 344 38.55 1.27 -58.81
C GLU G 344 37.77 0.43 -59.79
N LYS G 345 37.81 -0.90 -59.61
CA LYS G 345 37.04 -1.77 -60.50
C LYS G 345 35.55 -1.50 -60.39
N ARG G 346 35.06 -1.31 -59.16
CA ARG G 346 33.65 -0.99 -58.98
C ARG G 346 33.31 0.35 -59.63
N ILE G 347 34.20 1.33 -59.51
CA ILE G 347 33.96 2.63 -60.12
C ILE G 347 33.88 2.50 -61.63
N GLN G 348 34.78 1.74 -62.23
CA GLN G 348 34.74 1.54 -63.67
C GLN G 348 33.49 0.77 -64.09
N GLU G 349 33.07 -0.21 -63.28
CA GLU G 349 31.83 -0.91 -63.57
C GLU G 349 30.65 0.04 -63.57
N ILE G 350 30.60 0.94 -62.58
CA ILE G 350 29.52 1.93 -62.52
C ILE G 350 29.59 2.85 -63.73
N ILE G 351 30.80 3.26 -64.12
CA ILE G 351 30.95 4.15 -65.26
C ILE G 351 30.42 3.49 -66.52
N GLU G 352 30.80 2.23 -66.75
CA GLU G 352 30.31 1.52 -67.93
C GLU G 352 28.80 1.33 -67.87
N GLN G 353 28.26 1.03 -66.68
CA GLN G 353 26.82 0.90 -66.54
C GLN G 353 26.11 2.20 -66.90
N LEU G 354 26.65 3.33 -66.44
CA LEU G 354 26.08 4.62 -66.81
C LEU G 354 26.15 4.84 -68.31
N ASP G 355 27.29 4.49 -68.92
CA ASP G 355 27.42 4.66 -70.37
C ASP G 355 26.35 3.86 -71.11
N VAL G 356 26.24 2.56 -70.80
CA VAL G 356 25.29 1.72 -71.52
C VAL G 356 23.86 2.14 -71.22
N THR G 357 23.57 2.45 -69.96
CA THR G 357 22.21 2.86 -69.61
C THR G 357 21.90 4.22 -70.22
N THR G 358 20.65 4.40 -70.62
CA THR G 358 20.19 5.66 -71.20
C THR G 358 18.95 6.21 -70.53
N SER G 359 18.21 5.41 -69.77
CA SER G 359 16.99 5.91 -69.12
C SER G 359 17.35 6.98 -68.10
N GLU G 360 16.57 8.06 -68.09
CA GLU G 360 16.90 9.21 -67.26
C GLU G 360 16.93 8.85 -65.78
N TYR G 361 15.91 8.14 -65.30
CA TYR G 361 15.86 7.76 -63.89
C TYR G 361 17.02 6.84 -63.53
N GLU G 362 17.29 5.84 -64.38
CA GLU G 362 18.39 4.92 -64.13
C GLU G 362 19.72 5.67 -64.16
N LYS G 363 19.89 6.57 -65.14
CA LYS G 363 21.11 7.37 -65.20
C LYS G 363 21.28 8.19 -63.93
N GLU G 364 20.19 8.79 -63.45
CA GLU G 364 20.28 9.62 -62.25
C GLU G 364 20.69 8.80 -61.04
N LYS G 365 20.07 7.64 -60.83
CA LYS G 365 20.43 6.84 -59.67
C LYS G 365 21.86 6.33 -59.80
N LEU G 366 22.30 5.98 -61.01
CA LEU G 366 23.69 5.59 -61.20
C LEU G 366 24.63 6.74 -60.88
N ASN G 367 24.24 7.96 -61.25
CA ASN G 367 25.06 9.13 -60.95
C ASN G 367 25.16 9.33 -59.45
N GLU G 368 24.04 9.17 -58.73
CA GLU G 368 24.11 9.26 -57.27
C GLU G 368 25.05 8.20 -56.71
N ARG G 369 24.95 6.96 -57.22
CA ARG G 369 25.80 5.90 -56.72
C ARG G 369 27.28 6.21 -56.96
N LEU G 370 27.63 6.66 -58.16
CA LEU G 370 29.03 6.94 -58.44
C LEU G 370 29.51 8.13 -57.65
N ALA G 371 28.67 9.14 -57.43
CA ALA G 371 29.06 10.26 -56.60
C ALA G 371 29.29 9.83 -55.16
N LYS G 372 28.54 8.85 -54.68
CA LYS G 372 28.69 8.43 -53.30
C LYS G 372 30.10 7.89 -53.04
N LEU G 373 30.65 7.13 -53.98
CA LEU G 373 31.96 6.52 -53.78
C LEU G 373 33.10 7.41 -54.27
N SER G 374 32.99 7.94 -55.49
CA SER G 374 34.08 8.73 -56.04
C SER G 374 34.33 9.99 -55.21
N ASP G 375 33.28 10.73 -54.89
CA ASP G 375 33.42 11.94 -54.10
C ASP G 375 33.63 11.59 -52.63
N GLY G 376 34.49 12.35 -51.96
CA GLY G 376 34.73 12.18 -50.55
C GLY G 376 33.75 12.99 -49.71
N VAL G 377 34.13 13.18 -48.45
CA VAL G 377 33.36 13.99 -47.51
C VAL G 377 34.29 15.02 -46.89
N ALA G 378 33.81 16.26 -46.84
CA ALA G 378 34.56 17.35 -46.24
C ALA G 378 34.28 17.39 -44.74
N VAL G 379 35.34 17.33 -43.94
CA VAL G 379 35.25 17.47 -42.49
C VAL G 379 35.95 18.76 -42.12
N LEU G 380 35.23 19.62 -41.39
CA LEU G 380 35.76 20.92 -40.98
C LEU G 380 36.19 20.81 -39.53
N LYS G 381 37.50 20.87 -39.31
CA LYS G 381 38.09 20.75 -37.97
C LYS G 381 38.12 22.12 -37.33
N VAL G 382 36.98 22.53 -36.77
CA VAL G 382 36.91 23.83 -36.10
C VAL G 382 37.82 23.80 -34.88
N GLY G 383 38.65 24.83 -34.75
CA GLY G 383 39.63 24.88 -33.68
C GLY G 383 39.51 26.11 -32.80
N GLY G 384 40.03 26.01 -31.58
CA GLY G 384 39.95 27.11 -30.64
C GLY G 384 40.69 26.76 -29.37
N THR G 385 40.85 27.77 -28.51
CA THR G 385 41.64 27.58 -27.30
C THR G 385 40.94 26.64 -26.32
N SER G 386 39.67 26.88 -26.05
CA SER G 386 38.96 26.24 -24.95
C SER G 386 37.90 25.29 -25.47
N ASP G 387 37.60 24.28 -24.66
CA ASP G 387 36.57 23.31 -25.03
C ASP G 387 35.23 24.00 -25.26
N VAL G 388 34.87 24.91 -24.36
CA VAL G 388 33.63 25.66 -24.56
C VAL G 388 33.73 26.54 -25.79
N GLU G 389 34.91 27.11 -26.03
CA GLU G 389 35.10 27.96 -27.21
C GLU G 389 34.91 27.15 -28.49
N VAL G 390 35.54 25.97 -28.57
CA VAL G 390 35.39 25.16 -29.76
C VAL G 390 33.96 24.66 -29.88
N ASN G 391 33.30 24.39 -28.76
CA ASN G 391 31.91 23.94 -28.83
C ASN G 391 31.00 25.01 -29.41
N GLU G 392 31.10 26.25 -28.89
CA GLU G 392 30.26 27.32 -29.42
C GLU G 392 30.61 27.62 -30.87
N LYS G 393 31.91 27.57 -31.22
CA LYS G 393 32.29 27.80 -32.60
C LYS G 393 31.75 26.69 -33.50
N LYS G 394 31.72 25.46 -33.01
CA LYS G 394 31.13 24.37 -33.78
C LYS G 394 29.65 24.61 -34.01
N ASP G 395 28.94 25.06 -32.97
CA ASP G 395 27.53 25.39 -33.15
C ASP G 395 27.35 26.47 -34.21
N ARG G 396 28.17 27.52 -34.15
CA ARG G 396 28.07 28.59 -35.12
C ARG G 396 28.37 28.09 -36.53
N VAL G 397 29.38 27.24 -36.67
CA VAL G 397 29.74 26.73 -37.99
C VAL G 397 28.61 25.87 -38.55
N THR G 398 28.03 25.00 -37.72
CA THR G 398 26.90 24.20 -38.19
C THR G 398 25.72 25.08 -38.59
N ASP G 399 25.44 26.12 -37.81
CA ASP G 399 24.34 27.02 -38.15
C ASP G 399 24.59 27.68 -39.50
N ALA G 400 25.79 28.22 -39.70
CA ALA G 400 26.10 28.86 -40.97
C ALA G 400 26.04 27.87 -42.12
N LEU G 401 26.53 26.65 -41.90
CA LEU G 401 26.51 25.63 -42.94
C LEU G 401 25.09 25.31 -43.35
N ASN G 402 24.20 25.11 -42.38
CA ASN G 402 22.81 24.83 -42.70
C ASN G 402 22.16 25.99 -43.43
N ALA G 403 22.42 27.22 -42.95
CA ALA G 403 21.81 28.39 -43.59
C ALA G 403 22.27 28.53 -45.03
N THR G 404 23.56 28.38 -45.29
CA THR G 404 24.06 28.52 -46.65
C THR G 404 23.56 27.40 -47.55
N ARG G 405 23.45 26.18 -47.01
CA ARG G 405 22.89 25.10 -47.82
C ARG G 405 21.44 25.41 -48.19
N ALA G 406 20.66 25.92 -47.24
CA ALA G 406 19.29 26.30 -47.55
C ALA G 406 19.26 27.39 -48.61
N ALA G 407 20.15 28.37 -48.49
CA ALA G 407 20.18 29.45 -49.47
C ALA G 407 20.49 28.93 -50.87
N VAL G 408 21.53 28.10 -50.99
CA VAL G 408 21.93 27.64 -52.31
C VAL G 408 20.87 26.72 -52.91
N GLU G 409 20.18 25.93 -52.07
CA GLU G 409 19.26 24.94 -52.61
C GLU G 409 18.14 25.60 -53.41
N GLU G 410 17.64 26.75 -52.97
CA GLU G 410 16.58 27.45 -53.69
C GLU G 410 16.81 28.95 -53.72
N GLY G 411 18.06 29.39 -53.67
CA GLY G 411 18.35 30.80 -53.76
C GLY G 411 18.07 31.55 -52.47
N ILE G 412 17.94 32.86 -52.61
CA ILE G 412 17.75 33.76 -51.49
C ILE G 412 16.68 34.80 -51.82
N VAL G 413 16.17 35.44 -50.77
CA VAL G 413 15.16 36.49 -50.90
C VAL G 413 15.32 37.46 -49.74
N LEU G 414 14.63 38.59 -49.83
CA LEU G 414 14.74 39.65 -48.82
C LEU G 414 14.55 39.08 -47.42
N GLY G 415 15.47 39.45 -46.52
CA GLY G 415 15.42 38.97 -45.15
C GLY G 415 14.40 39.72 -44.30
N GLY G 416 14.36 39.34 -43.03
CA GLY G 416 13.52 40.03 -42.06
C GLY G 416 12.05 39.99 -42.40
N GLY G 417 11.61 39.03 -43.20
CA GLY G 417 10.21 38.90 -43.53
C GLY G 417 9.70 39.89 -44.55
N CYS G 418 10.53 40.85 -44.97
CA CYS G 418 10.09 41.78 -46.00
C CYS G 418 9.77 41.09 -47.31
N ALA G 419 10.34 39.90 -47.53
CA ALA G 419 10.04 39.15 -48.74
C ALA G 419 8.54 38.88 -48.87
N LEU G 420 7.92 38.44 -47.78
CA LEU G 420 6.49 38.14 -47.84
C LEU G 420 5.69 39.38 -48.19
N LEU G 421 6.04 40.53 -47.59
CA LEU G 421 5.31 41.76 -47.87
C LEU G 421 5.36 42.11 -49.35
N ARG G 422 6.43 41.71 -50.05
CA ARG G 422 6.58 42.06 -51.45
C ARG G 422 5.51 41.42 -52.33
N CYS G 423 4.90 40.33 -51.88
CA CYS G 423 3.97 39.55 -52.70
C CYS G 423 2.56 40.10 -52.69
N ILE G 424 2.29 41.18 -51.96
CA ILE G 424 0.93 41.71 -51.88
C ILE G 424 0.34 41.96 -53.26
N PRO G 425 1.06 42.58 -54.20
CA PRO G 425 0.42 42.87 -55.50
C PRO G 425 -0.05 41.62 -56.24
N ALA G 426 0.65 40.50 -56.10
CA ALA G 426 0.31 39.31 -56.86
C ALA G 426 -1.11 38.83 -56.58
N LEU G 427 -1.67 39.19 -55.42
CA LEU G 427 -3.04 38.79 -55.12
C LEU G 427 -4.06 39.48 -56.00
N ASP G 428 -3.76 40.70 -56.48
CA ASP G 428 -4.71 41.41 -57.31
C ASP G 428 -5.01 40.66 -58.60
N SER G 429 -4.06 39.84 -59.07
CA SER G 429 -4.29 39.05 -60.27
C SER G 429 -5.42 38.05 -60.07
N LEU G 430 -5.47 37.42 -58.89
CA LEU G 430 -6.47 36.41 -58.63
C LEU G 430 -7.88 37.00 -58.68
N THR G 431 -8.82 36.18 -59.13
CA THR G 431 -10.23 36.55 -59.15
C THR G 431 -11.04 35.35 -58.66
N PRO G 432 -11.92 35.52 -57.67
CA PRO G 432 -12.62 34.36 -57.10
C PRO G 432 -13.93 34.05 -57.78
N ALA G 433 -14.26 32.76 -57.82
CA ALA G 433 -15.55 32.34 -58.36
C ALA G 433 -16.69 32.77 -57.45
N ASN G 434 -16.51 32.67 -56.13
CA ASN G 434 -17.53 33.01 -55.16
C ASN G 434 -16.98 34.00 -54.14
N GLU G 435 -17.90 34.55 -53.35
CA GLU G 435 -17.51 35.51 -52.32
C GLU G 435 -16.60 34.88 -51.27
N ASP G 436 -16.88 33.63 -50.88
CA ASP G 436 -16.05 32.98 -49.87
C ASP G 436 -14.58 32.95 -50.30
N GLN G 437 -14.33 32.69 -51.58
CA GLN G 437 -12.97 32.72 -52.07
C GLN G 437 -12.37 34.11 -51.93
N LYS G 438 -13.18 35.15 -52.18
CA LYS G 438 -12.71 36.52 -51.99
C LYS G 438 -12.32 36.77 -50.54
N ILE G 439 -13.14 36.29 -49.61
CA ILE G 439 -12.86 36.48 -48.19
C ILE G 439 -11.58 35.76 -47.81
N GLY G 440 -11.38 34.55 -48.34
CA GLY G 440 -10.12 33.86 -48.12
C GLY G 440 -8.94 34.65 -48.66
N ILE G 441 -9.11 35.27 -49.83
CA ILE G 441 -8.05 36.08 -50.41
C ILE G 441 -7.71 37.24 -49.48
N GLU G 442 -8.73 37.92 -48.98
CA GLU G 442 -8.46 39.04 -48.07
C GLU G 442 -7.85 38.58 -46.76
N ILE G 443 -8.24 37.40 -46.28
CA ILE G 443 -7.63 36.85 -45.07
C ILE G 443 -6.14 36.64 -45.29
N ILE G 444 -5.79 36.05 -46.44
CA ILE G 444 -4.38 35.85 -46.75
C ILE G 444 -3.66 37.19 -46.86
N LYS G 445 -4.30 38.17 -47.52
CA LYS G 445 -3.70 39.49 -47.63
C LYS G 445 -3.40 40.08 -46.26
N ARG G 446 -4.34 39.95 -45.33
CA ARG G 446 -4.13 40.46 -43.99
C ARG G 446 -2.98 39.74 -43.30
N THR G 447 -2.99 38.41 -43.34
CA THR G 447 -1.98 37.66 -42.60
C THR G 447 -0.59 37.83 -43.20
N LEU G 448 -0.50 38.23 -44.46
CA LEU G 448 0.80 38.26 -45.13
C LEU G 448 1.78 39.21 -44.46
N LYS G 449 1.30 40.15 -43.63
CA LYS G 449 2.16 41.16 -43.03
C LYS G 449 2.45 40.88 -41.55
N ILE G 450 1.87 39.83 -40.97
CA ILE G 450 2.02 39.61 -39.53
C ILE G 450 3.48 39.46 -39.12
N PRO G 451 4.32 38.69 -39.81
CA PRO G 451 5.71 38.56 -39.33
C PRO G 451 6.41 39.90 -39.19
N ALA G 452 6.13 40.85 -40.08
CA ALA G 452 6.66 42.19 -39.91
C ALA G 452 6.11 42.83 -38.63
N MET G 453 4.81 42.62 -38.36
CA MET G 453 4.23 43.12 -37.12
C MET G 453 5.01 42.61 -35.92
N THR G 454 5.24 41.30 -35.87
CA THR G 454 5.94 40.71 -34.74
C THR G 454 7.38 41.21 -34.66
N ILE G 455 8.04 41.35 -35.80
CA ILE G 455 9.41 41.85 -35.80
C ILE G 455 9.45 43.24 -35.19
N ALA G 456 8.52 44.11 -35.61
CA ALA G 456 8.49 45.46 -35.08
C ALA G 456 8.20 45.47 -33.59
N LYS G 457 7.22 44.67 -33.16
CA LYS G 457 6.86 44.66 -31.74
C LYS G 457 8.02 44.15 -30.90
N ASN G 458 8.72 43.12 -31.36
CA ASN G 458 9.91 42.67 -30.66
C ASN G 458 10.96 43.77 -30.62
N ALA G 459 11.12 44.50 -31.72
CA ALA G 459 11.95 45.69 -31.70
C ALA G 459 11.29 46.83 -30.93
N GLY G 460 9.98 46.80 -30.78
CA GLY G 460 9.25 47.79 -30.03
C GLY G 460 8.63 48.88 -30.87
N VAL G 461 9.07 49.05 -32.11
CA VAL G 461 8.51 50.09 -32.96
C VAL G 461 7.10 49.69 -33.40
N GLU G 462 6.27 50.70 -33.65
CA GLU G 462 4.90 50.45 -34.10
C GLU G 462 4.93 49.75 -35.45
N GLY G 463 4.34 48.56 -35.53
CA GLY G 463 4.41 47.78 -36.75
C GLY G 463 3.64 48.39 -37.90
N SER G 464 2.50 49.02 -37.61
CA SER G 464 1.62 49.52 -38.68
C SER G 464 2.35 50.53 -39.55
N LEU G 465 2.98 51.53 -38.93
CA LEU G 465 3.70 52.53 -39.71
C LEU G 465 4.88 51.91 -40.44
N ILE G 466 5.54 50.93 -39.83
CA ILE G 466 6.67 50.28 -40.46
C ILE G 466 6.23 49.60 -41.75
N VAL G 467 5.17 48.79 -41.68
CA VAL G 467 4.72 48.08 -42.87
C VAL G 467 4.17 49.06 -43.90
N GLU G 468 3.52 50.13 -43.45
CA GLU G 468 3.03 51.13 -44.39
C GLU G 468 4.20 51.75 -45.17
N LYS G 469 5.27 52.09 -44.46
CA LYS G 469 6.45 52.63 -45.14
C LYS G 469 7.03 51.62 -46.11
N ILE G 470 7.15 50.35 -45.68
CA ILE G 470 7.77 49.35 -46.54
C ILE G 470 6.95 49.14 -47.81
N MET G 471 5.64 49.02 -47.66
CA MET G 471 4.79 48.83 -48.84
C MET G 471 4.82 50.06 -49.73
N GLN G 472 4.89 51.25 -49.14
CA GLN G 472 5.02 52.47 -49.94
C GLN G 472 6.44 52.69 -50.43
N SER G 473 7.42 51.94 -49.91
CA SER G 473 8.81 52.12 -50.27
C SER G 473 9.13 51.30 -51.53
N SER G 474 10.39 51.30 -51.93
CA SER G 474 10.80 50.58 -53.12
C SER G 474 10.81 49.08 -52.87
N SER G 475 11.13 48.33 -53.91
CA SER G 475 11.21 46.88 -53.85
C SER G 475 12.59 46.38 -53.42
N GLU G 476 13.49 47.29 -53.06
CA GLU G 476 14.86 46.93 -52.70
C GLU G 476 15.23 47.25 -51.26
N VAL G 477 14.61 48.27 -50.66
CA VAL G 477 15.01 48.77 -49.35
C VAL G 477 13.89 48.50 -48.36
N GLY G 478 14.24 47.99 -47.18
CA GLY G 478 13.27 47.67 -46.15
C GLY G 478 13.81 47.99 -44.76
N TYR G 479 12.96 47.75 -43.77
CA TYR G 479 13.29 48.08 -42.39
C TYR G 479 14.26 47.07 -41.81
N ASP G 480 15.29 47.58 -41.13
CA ASP G 480 16.23 46.74 -40.39
C ASP G 480 15.99 46.94 -38.90
N ALA G 481 15.66 45.86 -38.21
CA ALA G 481 15.43 45.94 -36.78
C ALA G 481 16.74 46.15 -36.02
N MET G 482 17.83 45.55 -36.49
CA MET G 482 19.10 45.69 -35.80
C MET G 482 19.55 47.14 -35.78
N ALA G 483 19.44 47.84 -36.92
CA ALA G 483 19.79 49.25 -37.00
C ALA G 483 18.59 50.17 -36.86
N GLY G 484 17.38 49.62 -36.81
CA GLY G 484 16.20 50.44 -36.58
C GLY G 484 15.96 51.50 -37.64
N ASP G 485 16.05 51.12 -38.92
CA ASP G 485 15.82 52.06 -40.00
C ASP G 485 15.54 51.29 -41.28
N PHE G 486 15.12 52.03 -42.30
CA PHE G 486 14.81 51.45 -43.60
C PHE G 486 16.08 51.48 -44.46
N VAL G 487 16.64 50.31 -44.72
CA VAL G 487 17.92 50.16 -45.39
C VAL G 487 17.76 49.16 -46.54
N ASN G 488 18.87 48.92 -47.23
CA ASN G 488 18.94 47.90 -48.28
C ASN G 488 19.61 46.67 -47.69
N MET G 489 18.82 45.63 -47.43
CA MET G 489 19.32 44.49 -46.68
C MET G 489 20.39 43.71 -47.43
N VAL G 490 20.21 43.53 -48.75
CA VAL G 490 21.02 42.57 -49.48
C VAL G 490 22.51 42.87 -49.29
N GLU G 491 22.88 44.14 -49.42
CA GLU G 491 24.28 44.50 -49.20
C GLU G 491 24.64 44.47 -47.72
N LYS G 492 23.75 45.01 -46.87
CA LYS G 492 24.02 45.03 -45.44
C LYS G 492 24.04 43.63 -44.83
N GLY G 493 23.38 42.66 -45.47
CA GLY G 493 23.44 41.29 -45.02
C GLY G 493 22.29 40.86 -44.13
N ILE G 494 21.06 41.12 -44.56
CA ILE G 494 19.87 40.64 -43.85
C ILE G 494 19.04 39.90 -44.91
N ILE G 495 19.28 38.59 -45.03
CA ILE G 495 18.71 37.79 -46.10
C ILE G 495 18.28 36.45 -45.53
N ASP G 496 17.18 35.91 -46.06
CA ASP G 496 16.71 34.60 -45.65
C ASP G 496 16.54 33.68 -46.86
N PRO G 497 16.88 32.40 -46.74
CA PRO G 497 16.68 31.48 -47.86
C PRO G 497 15.20 31.37 -48.22
N THR G 498 14.96 31.17 -49.52
CA THR G 498 13.58 31.08 -50.00
C THR G 498 12.91 29.78 -49.56
N LYS G 499 13.69 28.70 -49.45
CA LYS G 499 13.10 27.41 -49.09
C LYS G 499 12.41 27.47 -47.73
N VAL G 500 13.04 28.12 -46.75
CA VAL G 500 12.44 28.21 -45.42
C VAL G 500 11.13 28.97 -45.49
N VAL G 501 11.11 30.09 -46.21
CA VAL G 501 9.88 30.88 -46.30
C VAL G 501 8.79 30.07 -46.96
N ARG G 502 9.11 29.39 -48.06
CA ARG G 502 8.12 28.60 -48.77
C ARG G 502 7.56 27.51 -47.88
N THR G 503 8.44 26.77 -47.21
CA THR G 503 7.99 25.68 -46.35
C THR G 503 7.13 26.20 -45.22
N ALA G 504 7.54 27.30 -44.60
CA ALA G 504 6.78 27.85 -43.48
C ALA G 504 5.39 28.28 -43.93
N LEU G 505 5.32 29.03 -45.04
CA LEU G 505 4.01 29.48 -45.50
C LEU G 505 3.11 28.30 -45.86
N LEU G 506 3.66 27.30 -46.56
CA LEU G 506 2.86 26.14 -46.94
C LEU G 506 2.34 25.42 -45.70
N ASP G 507 3.22 25.18 -44.73
CA ASP G 507 2.83 24.48 -43.52
C ASP G 507 1.77 25.24 -42.74
N ALA G 508 1.95 26.56 -42.60
CA ALA G 508 0.98 27.36 -41.88
C ALA G 508 -0.37 27.30 -42.57
N ALA G 509 -0.37 27.45 -43.90
CA ALA G 509 -1.63 27.37 -44.64
C ALA G 509 -2.30 26.03 -44.41
N GLY G 510 -1.54 24.95 -44.51
CA GLY G 510 -2.13 23.62 -44.37
C GLY G 510 -2.70 23.39 -42.99
N VAL G 511 -1.93 23.73 -41.95
CA VAL G 511 -2.40 23.47 -40.59
C VAL G 511 -3.60 24.35 -40.25
N ALA G 512 -3.57 25.62 -40.66
CA ALA G 512 -4.71 26.49 -40.39
C ALA G 512 -5.95 26.01 -41.13
N SER G 513 -5.79 25.52 -42.36
CA SER G 513 -6.91 24.95 -43.09
C SER G 513 -7.47 23.74 -42.34
N LEU G 514 -6.59 22.87 -41.87
CA LEU G 514 -7.04 21.70 -41.12
C LEU G 514 -7.81 22.13 -39.88
N LEU G 515 -7.33 23.17 -39.20
CA LEU G 515 -8.00 23.65 -38.00
C LEU G 515 -9.38 24.21 -38.34
N THR G 516 -9.47 25.02 -39.39
CA THR G 516 -10.73 25.70 -39.70
C THR G 516 -11.73 24.79 -40.41
N THR G 517 -11.30 23.63 -40.91
CA THR G 517 -12.22 22.68 -41.51
C THR G 517 -12.69 21.60 -40.56
N ALA G 518 -12.03 21.45 -39.41
CA ALA G 518 -12.43 20.41 -38.47
C ALA G 518 -13.85 20.65 -37.98
N GLU G 519 -14.57 19.57 -37.71
CA GLU G 519 -15.97 19.63 -37.34
C GLU G 519 -16.28 18.93 -36.03
N VAL G 520 -15.57 17.86 -35.69
CA VAL G 520 -15.81 17.13 -34.45
C VAL G 520 -14.48 16.78 -33.82
N VAL G 521 -14.39 16.90 -32.50
CA VAL G 521 -13.21 16.57 -31.74
C VAL G 521 -13.62 15.62 -30.61
N VAL G 522 -12.86 14.55 -30.44
CA VAL G 522 -13.08 13.57 -29.38
C VAL G 522 -11.82 13.50 -28.52
N THR G 523 -12.00 13.62 -27.21
CA THR G 523 -10.89 13.60 -26.25
C THR G 523 -11.25 12.69 -25.09
N GLU G 524 -10.25 11.95 -24.60
CA GLU G 524 -10.47 11.07 -23.47
C GLU G 524 -10.82 11.88 -22.23
N ILE G 525 -11.80 11.38 -21.48
CA ILE G 525 -12.28 12.04 -20.26
C ILE G 525 -11.11 12.08 -19.27
N PRO G 526 -10.96 13.16 -18.48
CA PRO G 526 -9.89 13.19 -17.47
C PRO G 526 -9.89 11.96 -16.57
#